data_2QKY
#
_entry.id   2QKY
#
_cell.length_a   73.178
_cell.length_b   106.115
_cell.length_c   132.051
_cell.angle_alpha   76.300
_cell.angle_beta   78.620
_cell.angle_gamma   80.110
#
_symmetry.space_group_name_H-M   'P 1'
#
loop_
_entity.id
_entity.type
_entity.pdbx_description
1 polymer 'Dipeptidyl peptidase 4 (EC 3.4.14.5) (Dipeptidyl peptidase IV) (DPP IV) (T-cell activation antigen CD26) (TP103) (Adenosine deaminase complexing protein 2) (ADABP) (Dipeptidyl peptidase 4 soluble form) (Dipeptidyl peptidase IV soluble form)'
2 non-polymer 2-[(2-{(2S,4S)-2-[(R)-(5-tert-butyl-1,3,4-oxadiazol-2-yl)(hydroxy)methyl]-4-fluoropyrrolidin-1-yl}-2-oxoethyl)amino]-2-methylpropan-1-ol
3 water water
#
_entity_poly.entity_id   1
_entity_poly.type   'polypeptide(L)'
_entity_poly.pdbx_seq_one_letter_code
;TRKTYTLTDYLKNTYRLKLYSLRWISDHEYLYKQENNILVFNAEYGNSSVFLENSTFDEFGHSINDYSISPDGQFILLEY
NYVKQWRHSYTASYDIYDLNKRQLITEERIPNNTQWVTWSPVGHKLAYVWNNDIYVKIEPNLPSYRITWTGKEDIIYNGI
TDWVYEEEVFSAYSALWWSPNGTFLAYAQFNDTEVPLIEYSFYSDESLQYPKTVRVPYPKAGAVNPTVKFFVVNTDSLSS
VTNATSIQITAPASMLIGDHYLCDVTWATQERISLQWLRRIQNYSVMDICDYDESSGRWNCLVARQHIEMSTTGWVGRFR
PSEPHFTLDGNSFYKIISNEEGYRHICYFQIDKKDCTFITKGTWEVIGIEALTSDYLYYISNEYKGMPGGRNLYKIQLSD
YTKVTCLSCELNPERCQYYSVSFSKEAKYYQLRCSGPGLPLYTLHSSVNDKGLRVLEDNSALDKMLQNVQMPSKKLDFII
LNETKFWYQMILPPHFDKSKKYPLLLDVYAGPCSQKADTVFRLNWATYLASTENIIVASFDGRGSGYQGDKIMHAINRRL
GTFEVEDQIEAARQFSKMGFVDNKRIAIWGWSYGGYVTSMVLGSGSGVFKCGIAVAPVSRWEYYDSVYTERYMGLPTPED
NLDHYRNSTVMSRAENFKQVEYLLIHGTADDNVHFQQSAQISKALVDVGVDFQAMWYTDEDHGIASSTAHQHIYTHMSHF
IKQCFSLP
;
_entity_poly.pdbx_strand_id   A,B,C,D
#
loop_
_chem_comp.id
_chem_comp.type
_chem_comp.name
_chem_comp.formula
13Z non-polymer 2-[(2-{(2S,4S)-2-[(R)-(5-tert-butyl-1,3,4-oxadiazol-2-yl)(hydroxy)methyl]-4-fluoropyrrolidin-1-yl}-2-oxoethyl)amino]-2-methylpropan-1-ol 'C17 H29 F N4 O4'
#
# COMPACT_ATOMS: atom_id res chain seq x y z
N THR A 1 31.96 28.40 -37.13
CA THR A 1 32.52 27.03 -37.37
C THR A 1 32.52 26.23 -36.06
N ARG A 2 33.43 26.59 -35.15
CA ARG A 2 33.51 25.94 -33.85
C ARG A 2 32.35 26.43 -33.00
N LYS A 3 31.92 25.58 -32.06
CA LYS A 3 30.84 25.96 -31.19
C LYS A 3 31.34 27.04 -30.23
N THR A 4 30.40 27.73 -29.59
CA THR A 4 30.77 28.76 -28.65
C THR A 4 30.42 28.20 -27.28
N TYR A 5 30.66 28.97 -26.23
CA TYR A 5 30.34 28.52 -24.90
C TYR A 5 28.88 28.86 -24.76
N THR A 6 28.00 27.86 -24.70
CA THR A 6 26.57 28.14 -24.57
C THR A 6 26.06 28.08 -23.15
N LEU A 7 24.92 28.73 -22.92
CA LEU A 7 24.28 28.76 -21.60
C LEU A 7 24.02 27.34 -21.12
N THR A 8 23.78 26.45 -22.08
CA THR A 8 23.52 25.06 -21.77
C THR A 8 24.82 24.48 -21.21
N ASP A 9 25.94 24.85 -21.83
CA ASP A 9 27.27 24.38 -21.40
C ASP A 9 27.66 24.91 -20.03
N TYR A 10 26.93 25.92 -19.58
CA TYR A 10 27.17 26.53 -18.28
C TYR A 10 26.30 25.85 -17.23
N LEU A 11 25.00 26.05 -17.33
CA LEU A 11 24.11 25.46 -16.36
C LEU A 11 24.38 23.95 -16.26
N LYS A 12 24.96 23.33 -17.30
CA LYS A 12 25.21 21.89 -17.20
C LYS A 12 26.60 21.43 -16.75
N ASN A 13 27.63 22.21 -17.07
CA ASN A 13 29.02 21.89 -16.70
C ASN A 13 29.67 21.03 -17.72
N THR A 14 29.26 21.19 -18.96
CA THR A 14 29.87 20.39 -19.99
C THR A 14 31.39 20.43 -19.74
N TYR A 15 31.92 21.61 -19.41
CA TYR A 15 33.36 21.82 -19.15
C TYR A 15 33.71 22.04 -17.67
N ARG A 16 34.05 20.95 -16.99
CA ARG A 16 34.36 20.96 -15.56
C ARG A 16 35.83 21.25 -15.25
N LEU A 17 36.06 22.24 -14.38
CA LEU A 17 37.39 22.67 -13.95
C LEU A 17 37.93 21.74 -12.88
N LYS A 18 39.12 21.18 -13.11
CA LYS A 18 39.76 20.25 -12.16
C LYS A 18 40.44 20.94 -10.99
N LEU A 19 40.21 20.39 -9.81
CA LEU A 19 40.79 20.92 -8.59
C LEU A 19 41.77 19.88 -8.06
N TYR A 20 42.20 20.06 -6.83
CA TYR A 20 43.09 19.10 -6.17
C TYR A 20 42.98 19.38 -4.69
N SER A 21 41.95 18.82 -4.07
CA SER A 21 41.81 19.06 -2.66
C SER A 21 42.52 18.00 -1.88
N LEU A 22 43.45 18.46 -1.05
CA LEU A 22 44.22 17.60 -0.19
C LEU A 22 44.16 18.13 1.24
N ARG A 23 44.27 17.24 2.21
CA ARG A 23 44.23 17.64 3.62
C ARG A 23 45.48 17.09 4.31
N TRP A 24 46.33 17.99 4.80
CA TRP A 24 47.56 17.59 5.46
C TRP A 24 47.23 16.96 6.77
N ILE A 25 47.71 15.74 7.01
CA ILE A 25 47.46 15.02 8.25
C ILE A 25 48.69 15.07 9.15
N SER A 26 49.86 15.09 8.52
CA SER A 26 51.13 15.17 9.24
C SER A 26 51.86 16.37 8.65
N ASP A 27 53.16 16.47 8.87
CA ASP A 27 53.87 17.59 8.29
C ASP A 27 54.46 17.20 6.94
N HIS A 28 54.09 16.03 6.45
CA HIS A 28 54.61 15.55 5.17
C HIS A 28 53.69 14.56 4.51
N GLU A 29 52.44 14.49 4.95
CA GLU A 29 51.50 13.57 4.34
C GLU A 29 50.12 14.21 4.28
N TYR A 30 49.44 14.02 3.16
CA TYR A 30 48.11 14.58 2.98
C TYR A 30 47.21 13.52 2.39
N LEU A 31 45.92 13.68 2.65
CA LEU A 31 44.95 12.74 2.14
C LEU A 31 44.34 13.36 0.91
N TYR A 32 43.96 12.51 -0.03
CA TYR A 32 43.37 12.96 -1.27
C TYR A 32 42.41 11.91 -1.73
N LYS A 33 41.17 12.30 -2.01
CA LYS A 33 40.20 11.33 -2.47
C LYS A 33 40.42 11.13 -3.96
N GLN A 34 40.35 9.88 -4.40
CA GLN A 34 40.53 9.61 -5.80
C GLN A 34 39.70 8.40 -6.17
N GLU A 35 38.61 8.65 -6.89
CA GLU A 35 37.66 7.62 -7.30
C GLU A 35 36.98 7.08 -6.03
N ASN A 36 36.39 7.99 -5.24
CA ASN A 36 35.70 7.64 -4.00
C ASN A 36 36.59 6.90 -2.97
N ASN A 37 37.80 6.55 -3.42
CA ASN A 37 38.78 5.86 -2.58
C ASN A 37 39.80 6.89 -2.07
N ILE A 38 39.82 7.10 -0.75
CA ILE A 38 40.77 8.07 -0.17
C ILE A 38 42.18 7.52 -0.10
N LEU A 39 43.13 8.21 -0.74
CA LEU A 39 44.52 7.79 -0.69
C LEU A 39 45.34 8.70 0.23
N VAL A 40 46.48 8.18 0.67
CA VAL A 40 47.38 8.92 1.53
C VAL A 40 48.63 9.26 0.68
N PHE A 41 49.13 10.48 0.81
CA PHE A 41 50.27 10.90 0.04
C PHE A 41 51.49 11.38 0.80
N ASN A 42 52.66 11.05 0.25
CA ASN A 42 53.96 11.44 0.76
C ASN A 42 54.38 12.66 -0.06
N ALA A 43 54.35 13.83 0.55
CA ALA A 43 54.69 15.06 -0.16
C ALA A 43 56.06 15.09 -0.81
N GLU A 44 56.99 14.24 -0.37
CA GLU A 44 58.33 14.27 -0.94
C GLU A 44 58.48 13.59 -2.29
N TYR A 45 58.19 12.30 -2.33
CA TYR A 45 58.34 11.56 -3.56
C TYR A 45 57.03 11.58 -4.32
N GLY A 46 55.92 11.61 -3.58
CA GLY A 46 54.63 11.64 -4.22
C GLY A 46 54.00 10.26 -4.30
N ASN A 47 54.61 9.28 -3.66
CA ASN A 47 54.03 7.93 -3.66
C ASN A 47 52.74 7.98 -2.79
N SER A 48 51.88 6.98 -2.96
CA SER A 48 50.63 6.94 -2.22
C SER A 48 50.12 5.53 -1.89
N SER A 49 49.15 5.46 -0.99
CA SER A 49 48.59 4.17 -0.59
C SER A 49 47.09 4.29 -0.35
N VAL A 50 46.38 3.19 -0.50
CA VAL A 50 44.94 3.22 -0.30
C VAL A 50 44.55 3.30 1.17
N PHE A 51 44.46 4.51 1.68
CA PHE A 51 44.08 4.68 3.06
C PHE A 51 42.72 4.04 3.30
N LEU A 52 41.71 4.47 2.56
CA LEU A 52 40.39 3.89 2.77
C LEU A 52 39.67 3.53 1.47
N GLU A 53 39.72 2.24 1.10
CA GLU A 53 39.07 1.73 -0.12
C GLU A 53 37.69 2.36 -0.26
N ASN A 54 37.39 2.84 -1.46
CA ASN A 54 36.12 3.49 -1.76
C ASN A 54 34.94 2.56 -1.48
N SER A 55 35.24 1.28 -1.28
CA SER A 55 34.26 0.21 -1.01
C SER A 55 33.99 -0.07 0.47
N THR A 56 34.80 0.49 1.36
CA THR A 56 34.68 0.22 2.79
C THR A 56 33.22 0.17 3.28
N PHE A 57 32.48 1.28 3.16
CA PHE A 57 31.07 1.26 3.60
C PHE A 57 30.12 0.99 2.42
N ASP A 58 30.49 0.00 1.60
CA ASP A 58 29.72 -0.40 0.42
C ASP A 58 28.33 -0.84 0.82
N GLU A 59 28.10 -0.97 2.12
CA GLU A 59 26.79 -1.33 2.67
C GLU A 59 26.66 -0.77 4.08
N PHE A 60 26.98 0.54 4.16
CA PHE A 60 26.93 1.33 5.37
C PHE A 60 25.45 1.46 5.70
N GLY A 61 24.69 1.78 4.65
CA GLY A 61 23.25 1.95 4.73
C GLY A 61 22.80 3.36 4.36
N HIS A 62 23.67 4.34 4.59
CA HIS A 62 23.32 5.71 4.28
C HIS A 62 24.32 6.31 3.34
N SER A 63 23.91 7.39 2.67
CA SER A 63 24.80 8.08 1.76
C SER A 63 25.69 8.97 2.62
N ILE A 64 26.99 8.74 2.52
CA ILE A 64 27.97 9.48 3.33
C ILE A 64 28.41 10.85 2.80
N ASN A 65 27.73 11.86 3.30
CA ASN A 65 27.96 13.25 2.94
C ASN A 65 29.42 13.72 3.05
N ASP A 66 30.07 13.44 4.17
CA ASP A 66 31.45 13.87 4.35
C ASP A 66 32.14 13.16 5.52
N TYR A 67 33.46 13.11 5.46
CA TYR A 67 34.28 12.43 6.49
C TYR A 67 35.40 13.30 7.06
N SER A 68 35.62 13.16 8.36
CA SER A 68 36.66 13.87 9.05
C SER A 68 37.46 12.85 9.82
N ILE A 69 38.76 12.71 9.50
CA ILE A 69 39.61 11.76 10.21
C ILE A 69 40.28 12.45 11.39
N SER A 70 40.14 11.82 12.57
CA SER A 70 40.72 12.34 13.82
C SER A 70 42.20 12.69 13.70
N PRO A 71 42.62 13.78 14.33
CA PRO A 71 44.02 14.22 14.29
C PRO A 71 45.02 13.07 14.24
N ASP A 72 45.00 12.18 15.24
CA ASP A 72 45.92 11.05 15.24
C ASP A 72 45.52 10.04 14.18
N GLY A 73 44.30 10.11 13.69
CA GLY A 73 43.87 9.16 12.68
C GLY A 73 43.26 7.86 13.17
N GLN A 74 43.24 7.66 14.49
CA GLN A 74 42.69 6.43 15.06
C GLN A 74 41.18 6.30 14.85
N PHE A 75 40.59 7.32 14.21
CA PHE A 75 39.16 7.32 13.94
C PHE A 75 38.85 8.20 12.75
N ILE A 76 37.64 8.02 12.21
CA ILE A 76 37.18 8.78 11.05
C ILE A 76 35.70 9.08 11.23
N LEU A 77 35.36 10.36 11.41
CA LEU A 77 33.97 10.77 11.60
C LEU A 77 33.12 10.53 10.34
N LEU A 78 31.87 10.13 10.50
CA LEU A 78 31.04 9.91 9.33
C LEU A 78 29.74 10.72 9.34
N GLU A 79 29.64 11.61 8.35
CA GLU A 79 28.50 12.51 8.24
C GLU A 79 27.43 12.10 7.23
N TYR A 80 26.19 12.04 7.69
CA TYR A 80 25.09 11.70 6.82
C TYR A 80 23.84 12.44 7.27
N ASN A 81 22.75 12.25 6.53
CA ASN A 81 21.51 12.93 6.83
C ASN A 81 21.76 14.42 6.98
N TYR A 82 22.42 14.97 5.98
CA TYR A 82 22.77 16.37 5.98
C TYR A 82 21.59 17.24 5.64
N VAL A 83 21.42 18.33 6.37
CA VAL A 83 20.34 19.28 6.07
C VAL A 83 20.81 20.72 6.31
N LYS A 84 21.15 21.37 5.20
CA LYS A 84 21.62 22.73 5.18
C LYS A 84 20.69 23.66 5.93
N GLN A 85 21.26 24.66 6.61
CA GLN A 85 20.47 25.66 7.32
C GLN A 85 20.77 26.98 6.63
N TRP A 86 21.65 27.80 7.20
CA TRP A 86 21.95 29.07 6.54
C TRP A 86 23.13 28.90 5.60
N ARG A 87 24.10 29.80 5.71
CA ARG A 87 25.26 29.76 4.87
C ARG A 87 26.29 28.76 5.34
N HIS A 88 26.40 28.59 6.66
CA HIS A 88 27.42 27.69 7.21
C HIS A 88 26.92 26.62 8.16
N SER A 89 25.68 26.72 8.59
CA SER A 89 25.16 25.74 9.51
C SER A 89 24.41 24.62 8.80
N TYR A 90 24.12 23.58 9.58
CA TYR A 90 23.36 22.42 9.13
C TYR A 90 23.31 21.40 10.27
N THR A 91 22.37 20.46 10.19
CA THR A 91 22.28 19.43 11.21
C THR A 91 22.47 18.12 10.44
N ALA A 92 23.16 17.19 11.08
CA ALA A 92 23.45 15.93 10.44
C ALA A 92 23.60 14.88 11.49
N SER A 93 23.67 13.64 11.03
CA SER A 93 23.82 12.47 11.88
C SER A 93 25.21 11.94 11.63
N TYR A 94 25.84 11.43 12.67
CA TYR A 94 27.21 10.93 12.55
C TYR A 94 27.38 9.50 13.02
N ASP A 95 28.58 8.97 12.82
CA ASP A 95 28.96 7.63 13.23
C ASP A 95 30.48 7.59 13.23
N ILE A 96 31.07 6.96 14.24
CA ILE A 96 32.52 6.90 14.35
C ILE A 96 33.06 5.51 14.11
N TYR A 97 33.96 5.43 13.15
CA TYR A 97 34.56 4.16 12.77
C TYR A 97 36.00 4.12 13.28
N ASP A 98 36.25 3.14 14.15
CA ASP A 98 37.58 2.93 14.72
C ASP A 98 38.39 2.36 13.55
N LEU A 99 39.26 3.21 12.99
CA LEU A 99 40.07 2.81 11.85
C LEU A 99 41.06 1.70 12.11
N ASN A 100 41.06 1.18 13.34
CA ASN A 100 41.94 0.08 13.75
C ASN A 100 41.13 -1.22 13.69
N LYS A 101 40.43 -1.48 14.80
CA LYS A 101 39.61 -2.66 14.99
C LYS A 101 38.48 -2.71 13.97
N ARG A 102 38.62 -1.88 12.93
CA ARG A 102 37.64 -1.78 11.83
C ARG A 102 36.19 -1.92 12.29
N GLN A 103 35.82 -1.15 13.31
CA GLN A 103 34.49 -1.24 13.85
C GLN A 103 33.78 0.10 13.96
N LEU A 104 32.54 0.09 13.49
CA LEU A 104 31.71 1.28 13.49
C LEU A 104 31.17 1.39 14.89
N ILE A 105 31.94 2.04 15.75
CA ILE A 105 31.52 2.21 17.13
C ILE A 105 29.99 2.23 17.23
N THR A 106 29.45 1.65 18.29
CA THR A 106 28.01 1.62 18.45
C THR A 106 27.57 1.97 19.87
N GLU A 107 28.42 1.74 20.86
CA GLU A 107 28.00 2.06 22.21
C GLU A 107 28.18 3.54 22.49
N GLU A 108 27.06 4.25 22.66
CA GLU A 108 27.11 5.67 22.92
C GLU A 108 27.61 6.31 21.63
N ARG A 109 26.66 6.81 20.83
CA ARG A 109 27.03 7.48 19.57
C ARG A 109 26.46 8.87 19.56
N ILE A 110 26.85 9.64 18.56
CA ILE A 110 26.39 11.02 18.47
C ILE A 110 24.92 11.13 18.06
N PRO A 111 24.06 11.62 18.97
CA PRO A 111 22.63 11.80 18.74
C PRO A 111 22.33 12.29 17.33
N ASN A 112 21.10 12.06 16.87
CA ASN A 112 20.67 12.49 15.53
C ASN A 112 20.33 13.98 15.60
N ASN A 113 20.53 14.69 14.52
CA ASN A 113 20.26 16.12 14.53
C ASN A 113 21.37 16.88 15.27
N THR A 114 22.60 16.46 15.07
CA THR A 114 23.73 17.11 15.72
C THR A 114 24.08 18.42 15.02
N GLN A 115 24.02 19.52 15.75
CA GLN A 115 24.31 20.83 15.19
C GLN A 115 25.75 21.09 14.72
N TRP A 116 26.73 20.43 15.33
CA TRP A 116 28.15 20.60 14.94
C TRP A 116 29.06 19.72 15.77
N VAL A 117 30.06 19.11 15.15
CA VAL A 117 30.93 18.27 15.94
C VAL A 117 32.37 18.54 15.54
N THR A 118 33.27 18.44 16.52
CA THR A 118 34.68 18.73 16.30
C THR A 118 35.64 17.89 17.13
N TRP A 119 36.70 17.43 16.48
CA TRP A 119 37.71 16.67 17.18
C TRP A 119 38.56 17.70 17.95
N SER A 120 39.41 17.21 18.84
CA SER A 120 40.29 18.10 19.56
C SER A 120 41.31 18.38 18.46
N PRO A 121 42.30 19.25 18.73
CA PRO A 121 43.30 19.55 17.71
C PRO A 121 44.35 18.45 17.64
N VAL A 122 44.33 17.58 18.65
CA VAL A 122 45.27 16.46 18.71
C VAL A 122 44.69 15.25 19.41
N GLY A 123 44.91 14.08 18.83
CA GLY A 123 44.39 12.87 19.43
C GLY A 123 43.06 12.50 18.82
N HIS A 124 42.06 12.23 19.67
CA HIS A 124 40.74 11.88 19.17
C HIS A 124 39.55 12.32 20.03
N LYS A 125 39.73 13.37 20.84
CA LYS A 125 38.61 13.84 21.64
C LYS A 125 37.57 14.46 20.72
N LEU A 126 36.29 14.23 21.00
CA LEU A 126 35.22 14.81 20.21
C LEU A 126 34.57 15.92 21.01
N ALA A 127 33.87 16.82 20.33
CA ALA A 127 33.16 17.90 20.99
C ALA A 127 31.95 18.18 20.12
N TYR A 128 30.77 18.22 20.71
CA TYR A 128 29.62 18.50 19.88
C TYR A 128 28.44 19.16 20.54
N VAL A 129 27.76 19.96 19.73
CA VAL A 129 26.58 20.70 20.11
C VAL A 129 25.33 20.01 19.56
N TRP A 130 24.31 19.88 20.40
CA TRP A 130 23.03 19.23 20.06
C TRP A 130 21.97 19.79 21.01
N ASN A 131 20.97 20.46 20.47
CA ASN A 131 19.94 21.07 21.31
C ASN A 131 20.56 22.26 22.00
N ASN A 132 21.53 22.87 21.33
CA ASN A 132 22.24 24.06 21.80
C ASN A 132 23.19 23.84 22.95
N ASP A 133 23.41 22.58 23.32
CA ASP A 133 24.31 22.29 24.42
C ASP A 133 25.55 21.55 23.97
N ILE A 134 26.67 21.99 24.54
CA ILE A 134 27.99 21.41 24.26
C ILE A 134 28.15 20.08 24.99
N TYR A 135 28.62 19.08 24.26
CA TYR A 135 28.85 17.77 24.86
C TYR A 135 30.29 17.40 24.53
N VAL A 136 31.00 16.78 25.47
CA VAL A 136 32.36 16.36 25.18
C VAL A 136 32.45 14.85 25.39
N LYS A 137 33.27 14.19 24.58
CA LYS A 137 33.48 12.74 24.64
C LYS A 137 34.98 12.47 24.56
N ILE A 138 35.57 12.01 25.67
CA ILE A 138 37.02 11.72 25.67
C ILE A 138 37.27 10.48 24.83
N GLU A 139 36.34 9.53 24.83
CA GLU A 139 36.47 8.31 24.03
C GLU A 139 35.27 8.11 23.12
N PRO A 140 35.53 7.75 21.86
CA PRO A 140 34.49 7.53 20.85
C PRO A 140 33.32 6.66 21.32
N ASN A 141 33.58 5.76 22.26
CA ASN A 141 32.56 4.85 22.74
C ASN A 141 31.96 5.24 24.08
N LEU A 142 32.74 5.93 24.89
CA LEU A 142 32.30 6.33 26.23
C LEU A 142 31.23 7.43 26.22
N PRO A 143 30.33 7.43 27.21
CA PRO A 143 29.29 8.47 27.26
C PRO A 143 29.89 9.87 27.14
N SER A 144 29.06 10.90 27.23
CA SER A 144 29.59 12.25 27.09
C SER A 144 29.13 13.27 28.12
N TYR A 145 30.10 14.01 28.62
CA TYR A 145 29.89 15.04 29.63
C TYR A 145 29.12 16.25 29.07
N ARG A 146 27.87 16.40 29.48
CA ARG A 146 27.10 17.52 29.03
C ARG A 146 27.73 18.72 29.74
N ILE A 147 28.41 19.57 28.97
CA ILE A 147 29.08 20.76 29.52
C ILE A 147 28.10 21.90 29.88
N THR A 148 27.02 22.02 29.11
CA THR A 148 26.07 23.08 29.34
C THR A 148 24.64 22.57 29.38
N TRP A 149 23.79 23.30 30.09
CA TRP A 149 22.39 22.89 30.28
C TRP A 149 21.41 24.01 29.96
N THR A 150 21.94 25.07 29.36
CA THR A 150 21.13 26.21 29.00
C THR A 150 20.55 26.15 27.59
N GLY A 151 20.99 25.16 26.82
CA GLY A 151 20.50 25.00 25.46
C GLY A 151 19.00 25.16 25.39
N LYS A 152 18.52 25.96 24.45
CA LYS A 152 17.09 26.22 24.26
C LYS A 152 16.90 26.92 22.93
N GLU A 153 16.57 26.11 21.91
CA GLU A 153 16.32 26.52 20.53
C GLU A 153 15.88 27.98 20.35
N ASP A 154 16.60 28.72 19.52
CA ASP A 154 16.26 30.11 19.22
C ASP A 154 16.39 31.13 20.33
N ILE A 155 17.05 30.79 21.43
CA ILE A 155 17.20 31.74 22.52
C ILE A 155 18.63 31.71 23.02
N ILE A 156 19.09 30.54 23.44
CA ILE A 156 20.44 30.44 23.94
C ILE A 156 21.24 29.60 22.97
N TYR A 157 22.48 30.00 22.73
CA TYR A 157 23.33 29.27 21.81
C TYR A 157 24.70 29.09 22.43
N ASN A 158 25.02 27.86 22.80
CA ASN A 158 26.32 27.54 23.40
C ASN A 158 27.12 26.76 22.40
N GLY A 159 28.24 27.30 21.97
CA GLY A 159 29.08 26.56 21.04
C GLY A 159 28.68 26.63 19.59
N ILE A 160 27.64 27.40 19.32
CA ILE A 160 27.18 27.58 17.95
C ILE A 160 26.71 29.02 17.93
N THR A 161 26.93 29.69 16.82
CA THR A 161 26.54 31.09 16.69
C THR A 161 25.06 31.17 16.39
N ASP A 162 24.55 32.39 16.20
CA ASP A 162 23.16 32.56 15.86
C ASP A 162 23.15 33.01 14.40
N TRP A 163 22.03 33.53 13.90
CA TRP A 163 22.00 33.92 12.50
C TRP A 163 23.03 34.97 12.19
N VAL A 164 23.05 36.01 13.01
CA VAL A 164 23.93 37.13 12.80
C VAL A 164 25.41 36.83 12.98
N TYR A 165 25.79 36.14 14.04
CA TYR A 165 27.20 35.85 14.23
C TYR A 165 27.75 34.90 13.19
N GLU A 166 26.92 33.95 12.75
CA GLU A 166 27.33 32.97 11.75
C GLU A 166 27.61 33.54 10.38
N GLU A 167 26.86 34.59 10.03
CA GLU A 167 27.01 35.21 8.73
C GLU A 167 28.04 36.30 8.75
N GLU A 168 27.70 37.36 9.46
CA GLU A 168 28.54 38.55 9.55
C GLU A 168 29.68 38.57 10.55
N VAL A 169 29.91 37.48 11.29
CA VAL A 169 31.01 37.51 12.24
C VAL A 169 31.97 36.32 12.22
N PHE A 170 31.44 35.10 12.22
CA PHE A 170 32.32 33.95 12.23
C PHE A 170 32.26 33.08 11.01
N SER A 171 31.59 33.55 9.97
CA SER A 171 31.47 32.78 8.73
C SER A 171 31.53 31.29 9.01
N ALA A 172 30.81 30.89 10.07
CA ALA A 172 30.74 29.51 10.50
C ALA A 172 29.73 29.34 11.63
N TYR A 173 29.10 28.18 11.66
CA TYR A 173 28.09 27.87 12.66
C TYR A 173 28.73 27.66 14.04
N SER A 174 29.89 27.04 14.03
CA SER A 174 30.66 26.71 15.21
C SER A 174 31.03 27.91 16.09
N ALA A 175 31.30 27.67 17.37
CA ALA A 175 31.69 28.72 18.28
C ALA A 175 32.30 28.11 19.55
N LEU A 176 33.37 27.36 19.36
CA LEU A 176 34.07 26.72 20.47
C LEU A 176 35.44 26.39 19.91
N TRP A 177 36.47 26.82 20.60
CA TRP A 177 37.82 26.59 20.14
C TRP A 177 38.62 25.77 21.15
N TRP A 178 38.96 24.56 20.75
CA TRP A 178 39.76 23.69 21.59
C TRP A 178 41.06 24.44 21.84
N SER A 179 41.90 23.92 22.71
CA SER A 179 43.21 24.51 22.96
C SER A 179 44.14 23.61 22.13
N PRO A 180 45.39 24.05 21.86
CA PRO A 180 46.38 23.30 21.05
C PRO A 180 46.50 21.78 21.20
N ASN A 181 46.60 21.29 22.44
CA ASN A 181 46.73 19.85 22.69
C ASN A 181 45.39 19.26 23.14
N GLY A 182 44.39 20.11 23.31
CA GLY A 182 43.08 19.61 23.69
C GLY A 182 42.83 19.47 25.17
N THR A 183 43.25 20.45 25.95
CA THR A 183 43.03 20.43 27.38
C THR A 183 41.86 21.33 27.73
N PHE A 184 41.81 22.48 27.06
CA PHE A 184 40.76 23.48 27.29
C PHE A 184 39.74 23.64 26.17
N LEU A 185 38.47 23.55 26.50
CA LEU A 185 37.47 23.76 25.49
C LEU A 185 36.84 25.12 25.75
N ALA A 186 37.15 26.10 24.90
CA ALA A 186 36.57 27.41 25.08
C ALA A 186 35.32 27.43 24.21
N TYR A 187 34.36 28.27 24.58
CA TYR A 187 33.15 28.34 23.80
C TYR A 187 32.40 29.64 24.09
N ALA A 188 31.74 30.16 23.08
CA ALA A 188 31.01 31.40 23.24
C ALA A 188 29.57 31.07 23.49
N GLN A 189 28.84 32.04 24.04
CA GLN A 189 27.42 31.86 24.34
C GLN A 189 26.64 33.07 23.93
N PHE A 190 25.59 32.82 23.13
CA PHE A 190 24.70 33.87 22.61
C PHE A 190 23.27 33.74 23.13
N ASN A 191 22.74 34.87 23.61
CA ASN A 191 21.39 34.94 24.17
C ASN A 191 20.51 35.86 23.32
N ASP A 192 19.84 35.31 22.29
CA ASP A 192 18.96 36.10 21.42
C ASP A 192 17.63 36.60 22.00
N THR A 193 17.28 36.17 23.21
CA THR A 193 16.01 36.56 23.85
C THR A 193 15.25 37.83 23.41
N GLU A 194 15.83 39.02 23.54
CA GLU A 194 15.08 40.21 23.14
C GLU A 194 15.35 40.68 21.70
N VAL A 195 15.81 39.75 20.87
CA VAL A 195 16.08 40.00 19.46
C VAL A 195 14.82 39.79 18.64
N PRO A 196 14.39 40.80 17.86
CA PRO A 196 13.18 40.72 17.02
C PRO A 196 13.30 39.61 15.97
N LEU A 197 12.19 38.98 15.61
CA LEU A 197 12.22 37.90 14.62
C LEU A 197 11.76 38.27 13.22
N ILE A 198 12.38 37.69 12.22
CA ILE A 198 11.93 37.91 10.86
C ILE A 198 11.08 36.66 10.65
N GLU A 199 9.98 36.81 9.92
CA GLU A 199 9.06 35.70 9.70
C GLU A 199 8.64 35.57 8.24
N TYR A 200 8.75 34.38 7.65
CA TYR A 200 8.32 34.26 6.28
C TYR A 200 7.72 32.91 5.98
N SER A 201 6.71 32.90 5.14
CA SER A 201 6.03 31.67 4.80
C SER A 201 7.00 30.78 4.05
N PHE A 202 6.88 29.49 4.30
CA PHE A 202 7.66 28.50 3.58
C PHE A 202 6.51 27.63 3.08
N TYR A 203 6.47 27.33 1.80
CA TYR A 203 5.37 26.57 1.26
C TYR A 203 5.62 25.08 1.10
N SER A 204 6.83 24.67 1.45
CA SER A 204 7.21 23.25 1.39
C SER A 204 6.74 22.54 0.14
N ASP A 205 6.57 21.23 0.25
CA ASP A 205 6.14 20.46 -0.88
C ASP A 205 4.83 21.02 -1.48
N GLU A 206 4.09 20.18 -2.19
CA GLU A 206 2.85 20.61 -2.81
C GLU A 206 1.75 20.06 -1.93
N SER A 207 2.14 19.16 -1.05
CA SER A 207 1.20 18.51 -0.16
C SER A 207 0.93 19.26 1.13
N LEU A 208 1.86 20.11 1.55
CA LEU A 208 1.68 20.88 2.77
C LEU A 208 0.48 21.78 2.58
N GLN A 209 -0.66 21.37 3.10
CA GLN A 209 -1.92 22.11 2.96
C GLN A 209 -1.88 23.55 3.45
N TYR A 210 -1.08 23.82 4.48
CA TYR A 210 -0.95 25.17 5.02
C TYR A 210 0.52 25.62 5.10
N PRO A 211 0.88 26.69 4.38
CA PRO A 211 2.25 27.18 4.40
C PRO A 211 2.77 27.42 5.82
N LYS A 212 4.03 27.02 6.08
CA LYS A 212 4.59 27.19 7.41
C LYS A 212 5.29 28.50 7.55
N THR A 213 5.33 29.03 8.76
CA THR A 213 5.96 30.30 8.97
C THR A 213 7.27 30.19 9.70
N VAL A 214 8.34 30.32 8.93
CA VAL A 214 9.70 30.27 9.42
C VAL A 214 9.93 31.56 10.21
N ARG A 215 10.38 31.43 11.47
CA ARG A 215 10.60 32.60 12.32
C ARG A 215 12.02 32.63 12.89
N VAL A 216 12.91 33.45 12.34
CA VAL A 216 14.27 33.46 12.90
C VAL A 216 14.73 34.70 13.71
N PRO A 217 15.51 34.47 14.77
CA PRO A 217 15.99 35.61 15.55
C PRO A 217 17.01 36.33 14.66
N TYR A 218 16.67 37.52 14.20
CA TYR A 218 17.52 38.24 13.29
C TYR A 218 17.47 39.71 13.64
N PRO A 219 18.62 40.34 13.94
CA PRO A 219 18.63 41.77 14.28
C PRO A 219 18.86 42.62 13.06
N LYS A 220 17.97 43.59 12.85
CA LYS A 220 18.08 44.52 11.72
C LYS A 220 18.73 45.79 12.23
N ALA A 221 19.14 46.67 11.32
CA ALA A 221 19.81 47.90 11.70
C ALA A 221 19.08 48.59 12.84
N GLY A 222 19.85 49.00 13.86
CA GLY A 222 19.28 49.69 15.00
C GLY A 222 18.51 48.84 15.99
N ALA A 223 18.29 47.58 15.64
CA ALA A 223 17.52 46.66 16.49
C ALA A 223 18.15 46.37 17.86
N VAL A 224 17.78 45.22 18.41
CA VAL A 224 18.27 44.73 19.71
C VAL A 224 19.21 43.59 19.39
N ASN A 225 20.50 43.79 19.58
CA ASN A 225 21.49 42.75 19.28
C ASN A 225 21.60 41.60 20.30
N PRO A 226 22.03 40.42 19.84
CA PRO A 226 22.19 39.26 20.72
C PRO A 226 23.35 39.50 21.70
N THR A 227 23.28 38.94 22.91
CA THR A 227 24.35 39.08 23.89
C THR A 227 25.25 37.89 23.77
N VAL A 228 26.49 38.05 24.24
CA VAL A 228 27.47 36.99 24.16
C VAL A 228 28.25 36.80 25.46
N LYS A 229 28.78 35.59 25.63
CA LYS A 229 29.61 35.25 26.79
C LYS A 229 30.65 34.20 26.40
N PHE A 230 31.81 34.25 27.05
CA PHE A 230 32.91 33.35 26.76
C PHE A 230 33.18 32.55 28.00
N PHE A 231 33.29 31.24 27.85
CA PHE A 231 33.59 30.38 28.97
C PHE A 231 34.67 29.43 28.48
N VAL A 232 35.39 28.84 29.43
CA VAL A 232 36.45 27.88 29.15
C VAL A 232 36.31 26.79 30.22
N VAL A 233 36.61 25.55 29.87
CA VAL A 233 36.48 24.45 30.81
C VAL A 233 37.62 23.48 30.64
N ASN A 234 38.10 22.89 31.72
CA ASN A 234 39.18 21.93 31.58
C ASN A 234 38.56 20.60 31.15
N THR A 235 38.94 20.09 29.98
CA THR A 235 38.39 18.84 29.48
C THR A 235 38.95 17.64 30.23
N ASP A 236 40.22 17.75 30.62
CA ASP A 236 40.86 16.66 31.34
C ASP A 236 40.19 16.37 32.69
N SER A 237 39.68 17.41 33.35
CA SER A 237 39.04 17.25 34.65
C SER A 237 37.51 17.33 34.64
N LEU A 238 36.83 16.30 34.13
CA LEU A 238 35.36 16.31 34.07
C LEU A 238 34.76 15.11 34.76
N SER A 239 34.05 15.35 35.87
CA SER A 239 33.42 14.26 36.63
C SER A 239 32.20 13.66 35.99
N SER A 240 32.14 12.33 35.99
CA SER A 240 30.98 11.63 35.43
C SER A 240 29.89 11.80 36.48
N VAL A 241 30.34 12.11 37.70
CA VAL A 241 29.45 12.29 38.84
C VAL A 241 28.93 13.71 38.97
N THR A 242 29.76 14.67 38.59
CA THR A 242 29.38 16.07 38.70
C THR A 242 29.46 16.92 37.43
N ASN A 243 28.83 18.09 37.50
CA ASN A 243 28.78 19.00 36.39
C ASN A 243 29.98 19.93 36.24
N ALA A 244 30.51 19.95 35.02
CA ALA A 244 31.65 20.77 34.68
C ALA A 244 31.52 22.16 35.20
N THR A 245 32.66 22.82 35.32
CA THR A 245 32.70 24.20 35.75
C THR A 245 33.43 24.90 34.62
N SER A 246 32.71 25.75 33.90
CA SER A 246 33.28 26.50 32.81
C SER A 246 33.57 27.84 33.46
N ILE A 247 34.80 28.30 33.33
CA ILE A 247 35.16 29.58 33.89
C ILE A 247 34.94 30.65 32.84
N GLN A 248 34.12 31.62 33.19
CA GLN A 248 33.83 32.71 32.31
C GLN A 248 35.02 33.65 32.19
N ILE A 249 35.13 34.29 31.04
CA ILE A 249 36.17 35.27 30.81
C ILE A 249 35.43 36.50 30.32
N THR A 250 35.06 37.36 31.27
CA THR A 250 34.32 38.59 30.99
C THR A 250 35.00 39.52 30.02
N ALA A 251 34.22 40.33 29.33
CA ALA A 251 34.82 41.25 28.40
C ALA A 251 35.36 42.40 29.20
N PRO A 252 36.28 43.17 28.60
CA PRO A 252 36.85 44.32 29.30
C PRO A 252 35.85 45.41 29.69
N ALA A 253 36.37 46.42 30.37
CA ALA A 253 35.58 47.56 30.88
C ALA A 253 35.09 48.56 29.85
N SER A 254 35.84 48.76 28.77
CA SER A 254 35.44 49.71 27.75
C SER A 254 34.52 49.02 26.78
N MET A 255 34.49 47.71 26.91
CA MET A 255 33.67 46.91 26.04
C MET A 255 32.27 46.62 26.60
N LEU A 256 32.15 46.54 27.94
CA LEU A 256 30.88 46.26 28.61
C LEU A 256 29.98 47.46 28.82
N ILE A 257 30.48 48.66 28.53
CA ILE A 257 29.69 49.88 28.69
C ILE A 257 28.53 49.99 27.72
N GLY A 258 28.60 49.27 26.61
CA GLY A 258 27.53 49.30 25.63
C GLY A 258 27.50 48.04 24.81
N ASP A 259 26.51 47.95 23.93
CA ASP A 259 26.36 46.80 23.06
C ASP A 259 27.72 46.45 22.43
N HIS A 260 28.04 45.17 22.33
CA HIS A 260 29.33 44.78 21.77
C HIS A 260 29.20 43.42 21.10
N TYR A 261 30.33 42.88 20.63
CA TYR A 261 30.37 41.58 19.96
C TYR A 261 31.69 40.88 20.28
N LEU A 262 31.73 39.57 20.04
CA LEU A 262 32.97 38.83 20.22
C LEU A 262 33.39 38.61 18.77
N CYS A 263 34.37 39.38 18.31
CA CYS A 263 34.80 39.29 16.93
C CYS A 263 35.90 38.32 16.54
N ASP A 264 36.64 37.77 17.50
CA ASP A 264 37.70 36.82 17.16
C ASP A 264 38.36 36.15 18.34
N VAL A 265 38.48 34.83 18.27
CA VAL A 265 39.10 34.01 19.32
C VAL A 265 40.32 33.28 18.77
N THR A 266 41.40 33.29 19.54
CA THR A 266 42.60 32.64 19.10
C THR A 266 43.44 32.19 20.27
N TRP A 267 43.83 30.92 20.24
CA TRP A 267 44.69 30.40 21.28
C TRP A 267 46.13 30.76 20.94
N ALA A 268 46.88 31.15 21.98
CA ALA A 268 48.28 31.54 21.87
C ALA A 268 49.14 30.33 22.20
N THR A 269 49.00 29.86 23.44
CA THR A 269 49.76 28.73 23.97
C THR A 269 48.85 27.76 24.70
N GLN A 270 49.38 26.60 25.07
CA GLN A 270 48.59 25.60 25.77
C GLN A 270 47.92 26.10 27.03
N GLU A 271 48.31 27.30 27.47
CA GLU A 271 47.71 27.91 28.65
C GLU A 271 47.33 29.38 28.45
N ARG A 272 47.52 29.90 27.24
CA ARG A 272 47.17 31.29 26.96
C ARG A 272 46.21 31.47 25.79
N ILE A 273 45.27 32.40 25.94
CA ILE A 273 44.29 32.63 24.90
C ILE A 273 44.18 34.13 24.67
N SER A 274 43.80 34.54 23.47
CA SER A 274 43.64 35.96 23.19
C SER A 274 42.22 36.19 22.65
N LEU A 275 41.57 37.22 23.13
CA LEU A 275 40.21 37.51 22.69
C LEU A 275 40.17 38.92 22.16
N GLN A 276 39.49 39.11 21.03
CA GLN A 276 39.35 40.45 20.47
C GLN A 276 37.86 40.80 20.56
N TRP A 277 37.54 41.97 21.14
CA TRP A 277 36.14 42.41 21.28
C TRP A 277 35.93 43.63 20.39
N LEU A 278 34.75 43.70 19.76
CA LEU A 278 34.44 44.83 18.89
C LEU A 278 33.23 45.56 19.42
N ARG A 279 33.26 46.88 19.39
CA ARG A 279 32.15 47.69 19.88
C ARG A 279 31.02 47.77 18.87
N ARG A 280 29.79 47.91 19.34
CA ARG A 280 28.68 47.96 18.39
C ARG A 280 29.01 49.05 17.37
N ILE A 281 29.71 50.08 17.82
CA ILE A 281 30.14 51.15 16.93
C ILE A 281 31.52 50.66 16.50
N GLN A 282 31.50 49.81 15.48
CA GLN A 282 32.69 49.16 14.96
C GLN A 282 33.96 49.93 14.53
N ASN A 283 34.27 51.02 15.21
CA ASN A 283 35.51 51.68 14.88
C ASN A 283 36.48 51.50 16.07
N TYR A 284 36.10 50.64 17.01
CA TYR A 284 36.90 50.40 18.22
C TYR A 284 36.84 48.93 18.68
N SER A 285 38.01 48.31 18.87
CA SER A 285 38.08 46.90 19.28
C SER A 285 39.26 46.63 20.21
N VAL A 286 39.09 45.75 21.21
CA VAL A 286 40.17 45.44 22.16
C VAL A 286 40.51 43.96 22.37
N MET A 287 41.78 43.63 22.14
CA MET A 287 42.26 42.27 22.28
C MET A 287 42.84 42.00 23.66
N ASP A 288 42.29 40.98 24.32
CA ASP A 288 42.74 40.57 25.63
C ASP A 288 43.55 39.30 25.46
N ILE A 289 44.51 39.12 26.35
CA ILE A 289 45.32 37.93 26.32
C ILE A 289 45.25 37.37 27.72
N CYS A 290 44.43 36.33 27.86
CA CYS A 290 44.25 35.70 29.15
C CYS A 290 45.16 34.48 29.30
N ASP A 291 45.82 34.45 30.46
CA ASP A 291 46.72 33.38 30.84
C ASP A 291 45.94 32.54 31.85
N TYR A 292 46.40 31.31 32.10
CA TYR A 292 45.73 30.42 33.03
C TYR A 292 46.46 30.36 34.35
N ASP A 293 45.80 30.75 35.43
CA ASP A 293 46.45 30.70 36.74
C ASP A 293 46.19 29.36 37.45
N GLU A 294 47.09 28.42 37.18
CA GLU A 294 47.09 27.04 37.73
C GLU A 294 46.47 26.98 39.12
N SER A 295 46.87 27.91 39.98
CA SER A 295 46.36 27.94 41.34
C SER A 295 44.86 28.19 41.33
N SER A 296 44.48 29.47 41.18
CA SER A 296 43.08 29.90 41.19
C SER A 296 42.07 29.16 40.32
N GLY A 297 42.53 28.35 39.36
CA GLY A 297 41.60 27.66 38.48
C GLY A 297 41.00 28.64 37.47
N ARG A 298 41.04 29.94 37.82
CA ARG A 298 40.52 31.00 36.97
C ARG A 298 41.50 31.39 35.86
N TRP A 299 41.01 32.24 34.96
CA TRP A 299 41.80 32.76 33.86
C TRP A 299 41.94 34.25 34.06
N ASN A 300 43.17 34.73 33.96
CA ASN A 300 43.42 36.15 34.16
C ASN A 300 44.00 36.81 32.92
N CYS A 301 43.60 38.05 32.70
CA CYS A 301 44.03 38.80 31.54
C CYS A 301 44.56 40.14 32.03
N LEU A 302 45.88 40.21 32.16
CA LEU A 302 46.62 41.43 32.60
C LEU A 302 46.44 42.62 31.65
N VAL A 303 45.64 43.59 32.06
CA VAL A 303 45.39 44.78 31.26
C VAL A 303 46.70 45.29 30.64
N ALA A 304 47.82 45.00 31.29
CA ALA A 304 49.13 45.43 30.75
C ALA A 304 49.50 44.57 29.55
N ARG A 305 48.54 43.77 29.10
CA ARG A 305 48.72 42.91 27.96
C ARG A 305 47.53 43.10 27.05
N GLN A 306 46.82 44.18 27.29
CA GLN A 306 45.63 44.53 26.54
C GLN A 306 46.09 45.37 25.35
N HIS A 307 45.49 45.17 24.18
CA HIS A 307 45.86 45.96 23.01
C HIS A 307 44.64 46.54 22.34
N ILE A 308 44.81 47.74 21.77
CA ILE A 308 43.70 48.42 21.12
C ILE A 308 43.88 48.60 19.62
N GLU A 309 42.78 48.45 18.90
CA GLU A 309 42.78 48.65 17.46
C GLU A 309 41.58 49.49 17.14
N MET A 310 41.83 50.69 16.62
CA MET A 310 40.73 51.57 16.30
C MET A 310 40.95 52.22 14.96
N SER A 311 39.92 52.96 14.52
CA SER A 311 39.95 53.63 13.25
C SER A 311 39.19 54.93 13.33
N THR A 312 39.78 55.95 12.71
CA THR A 312 39.23 57.29 12.66
C THR A 312 38.71 57.52 11.25
N THR A 313 39.00 56.62 10.33
CA THR A 313 38.52 56.79 8.96
C THR A 313 37.36 55.85 8.66
N GLY A 314 37.16 54.89 9.56
CA GLY A 314 36.09 53.95 9.39
C GLY A 314 36.03 52.86 10.44
N TRP A 315 35.55 51.71 10.02
CA TRP A 315 35.40 50.55 10.87
C TRP A 315 36.75 49.89 11.08
N VAL A 316 36.78 48.85 11.91
CA VAL A 316 38.04 48.17 12.19
C VAL A 316 38.23 46.95 11.30
N GLY A 317 39.34 46.93 10.57
CA GLY A 317 39.62 45.81 9.71
C GLY A 317 38.96 45.90 8.36
N ARG A 318 38.96 44.78 7.65
CA ARG A 318 38.34 44.71 6.34
C ARG A 318 36.85 44.44 6.52
N PHE A 319 36.56 43.35 7.23
CA PHE A 319 35.21 42.93 7.53
C PHE A 319 35.14 42.70 9.03
N ARG A 320 36.31 42.59 9.64
CA ARG A 320 36.44 42.36 11.07
C ARG A 320 37.90 42.46 11.47
N PRO A 321 38.19 42.90 12.69
CA PRO A 321 39.60 43.00 13.11
C PRO A 321 40.31 41.68 12.86
N SER A 322 41.37 41.70 12.05
CA SER A 322 42.10 40.46 11.70
C SER A 322 42.61 39.67 12.88
N GLU A 323 42.77 38.37 12.67
CA GLU A 323 43.21 37.51 13.74
C GLU A 323 44.71 37.59 13.90
N PRO A 324 45.22 37.25 15.10
CA PRO A 324 46.66 37.29 15.36
C PRO A 324 47.33 35.95 15.02
N HIS A 325 48.66 35.95 15.08
CA HIS A 325 49.49 34.78 14.83
C HIS A 325 50.63 34.76 15.85
N PHE A 326 50.49 33.93 16.88
CA PHE A 326 51.53 33.88 17.90
C PHE A 326 52.75 33.08 17.55
N THR A 327 53.82 33.42 18.25
CA THR A 327 55.11 32.77 18.08
C THR A 327 54.92 31.46 18.80
N LEU A 328 55.92 30.60 18.80
CA LEU A 328 55.77 29.32 19.49
C LEU A 328 55.55 29.50 21.00
N ASP A 329 56.41 30.31 21.60
CA ASP A 329 56.38 30.63 23.02
C ASP A 329 55.21 31.47 23.44
N GLY A 330 54.63 32.20 22.49
CA GLY A 330 53.48 33.04 22.77
C GLY A 330 53.72 34.41 23.39
N ASN A 331 54.89 34.98 23.18
CA ASN A 331 55.19 36.29 23.75
C ASN A 331 55.11 37.39 22.72
N SER A 332 54.62 37.04 21.54
CA SER A 332 54.54 38.01 20.50
C SER A 332 53.76 37.40 19.37
N PHE A 333 52.95 38.23 18.72
CA PHE A 333 52.15 37.80 17.60
C PHE A 333 52.29 38.80 16.48
N TYR A 334 51.94 38.36 15.28
CA TYR A 334 51.97 39.17 14.07
C TYR A 334 50.50 39.31 13.69
N LYS A 335 50.06 40.51 13.36
CA LYS A 335 48.65 40.74 13.03
C LYS A 335 48.47 41.83 11.97
N ILE A 336 47.64 41.57 10.95
CA ILE A 336 47.41 42.54 9.88
C ILE A 336 46.57 43.74 10.26
N ILE A 337 47.15 44.92 10.09
CA ILE A 337 46.45 46.15 10.41
C ILE A 337 46.87 47.26 9.47
N SER A 338 46.06 48.30 9.39
CA SER A 338 46.36 49.39 8.50
C SER A 338 47.28 50.42 9.12
N ASN A 339 48.37 50.70 8.40
CA ASN A 339 49.37 51.66 8.82
C ASN A 339 48.80 53.07 8.74
N GLU A 340 49.68 54.06 8.83
CA GLU A 340 49.24 55.45 8.83
C GLU A 340 48.97 56.05 7.45
N GLU A 341 49.17 55.27 6.40
CA GLU A 341 48.92 55.73 5.02
C GLU A 341 47.67 55.02 4.46
N GLY A 342 46.96 54.33 5.35
CA GLY A 342 45.75 53.62 4.97
C GLY A 342 45.90 52.23 4.39
N TYR A 343 47.07 51.63 4.48
CA TYR A 343 47.20 50.31 3.90
C TYR A 343 47.26 49.25 4.96
N ARG A 344 46.93 48.03 4.59
CA ARG A 344 46.97 46.95 5.54
C ARG A 344 48.20 46.08 5.36
N HIS A 345 49.15 46.23 6.28
CA HIS A 345 50.38 45.46 6.26
C HIS A 345 50.47 44.63 7.53
N ILE A 346 51.57 43.90 7.67
CA ILE A 346 51.79 43.02 8.81
C ILE A 346 52.49 43.71 9.97
N CYS A 347 51.91 43.68 11.17
CA CYS A 347 52.55 44.30 12.30
C CYS A 347 53.03 43.29 13.38
N TYR A 348 54.20 43.56 13.96
CA TYR A 348 54.78 42.68 14.96
C TYR A 348 54.40 43.13 16.36
N PHE A 349 53.92 42.23 17.20
CA PHE A 349 53.45 42.60 18.54
C PHE A 349 54.08 41.85 19.72
N GLN A 350 54.55 42.64 20.69
CA GLN A 350 55.14 42.11 21.91
C GLN A 350 53.93 42.11 22.87
N ILE A 351 53.46 40.93 23.25
CA ILE A 351 52.25 40.81 24.09
C ILE A 351 52.01 41.81 25.23
N ASP A 352 53.06 42.50 25.67
CA ASP A 352 52.89 43.45 26.77
C ASP A 352 53.58 44.79 26.51
N LYS A 353 53.85 45.08 25.23
CA LYS A 353 54.44 46.35 24.79
C LYS A 353 53.38 47.05 23.95
N LYS A 354 53.13 48.31 24.23
CA LYS A 354 52.10 49.03 23.50
C LYS A 354 52.25 49.21 21.97
N ASP A 355 53.47 49.37 21.47
CA ASP A 355 53.67 49.58 20.04
C ASP A 355 54.09 48.40 19.17
N CYS A 356 53.55 48.38 17.95
CA CYS A 356 53.84 47.31 17.02
C CYS A 356 54.71 47.81 15.89
N THR A 357 55.66 46.99 15.49
CA THR A 357 56.59 47.34 14.44
C THR A 357 56.25 46.63 13.13
N PHE A 358 55.66 47.36 12.20
CA PHE A 358 55.30 46.81 10.90
C PHE A 358 56.51 46.22 10.23
N ILE A 359 56.35 45.04 9.60
CA ILE A 359 57.47 44.39 8.89
C ILE A 359 57.33 44.51 7.37
N THR A 360 56.22 45.10 6.94
CA THR A 360 55.97 45.32 5.52
C THR A 360 55.41 46.73 5.39
N LYS A 361 55.47 47.27 4.17
CA LYS A 361 54.94 48.62 3.92
C LYS A 361 54.90 48.87 2.42
N GLY A 362 54.13 49.87 2.03
CA GLY A 362 54.03 50.22 0.62
C GLY A 362 52.61 50.56 0.22
N THR A 363 52.40 50.74 -1.08
CA THR A 363 51.08 51.03 -1.60
C THR A 363 50.43 49.77 -2.17
N TRP A 364 50.36 48.75 -1.32
CA TRP A 364 49.75 47.48 -1.64
C TRP A 364 49.40 46.93 -0.28
N GLU A 365 48.67 45.84 -0.25
CA GLU A 365 48.28 45.32 1.05
C GLU A 365 48.62 43.86 1.23
N VAL A 366 48.25 43.34 2.39
CA VAL A 366 48.51 41.97 2.69
C VAL A 366 47.17 41.30 2.79
N ILE A 367 46.98 40.27 1.98
CA ILE A 367 45.72 39.56 1.99
C ILE A 367 45.63 38.76 3.27
N GLY A 368 46.71 38.05 3.61
CA GLY A 368 46.71 37.27 4.84
C GLY A 368 48.03 36.62 5.19
N ILE A 369 48.26 36.43 6.50
CA ILE A 369 49.48 35.78 6.99
C ILE A 369 49.19 34.29 6.85
N GLU A 370 50.04 33.56 6.16
CA GLU A 370 49.77 32.14 5.95
C GLU A 370 50.59 31.13 6.72
N ALA A 371 51.74 31.54 7.25
CA ALA A 371 52.58 30.60 7.98
C ALA A 371 53.60 31.31 8.82
N LEU A 372 53.86 30.74 9.99
CA LEU A 372 54.84 31.36 10.85
C LEU A 372 55.82 30.38 11.51
N THR A 373 57.02 30.29 10.92
CA THR A 373 58.08 29.45 11.46
C THR A 373 58.92 30.41 12.34
N SER A 374 60.04 29.95 12.86
CA SER A 374 60.87 30.81 13.72
C SER A 374 61.77 31.76 12.93
N ASP A 375 61.83 31.58 11.62
CA ASP A 375 62.69 32.40 10.80
C ASP A 375 61.93 33.09 9.72
N TYR A 376 60.70 32.63 9.53
CA TYR A 376 59.87 33.16 8.48
C TYR A 376 58.39 33.27 8.80
N LEU A 377 57.76 34.20 8.09
CA LEU A 377 56.33 34.47 8.15
C LEU A 377 55.96 34.49 6.68
N TYR A 378 55.12 33.55 6.27
CA TYR A 378 54.72 33.52 4.87
C TYR A 378 53.39 34.21 4.75
N TYR A 379 53.23 34.99 3.69
CA TYR A 379 51.98 35.71 3.51
C TYR A 379 51.67 35.86 2.04
N ILE A 380 50.41 36.19 1.77
CA ILE A 380 49.89 36.39 0.42
C ILE A 380 49.56 37.84 0.24
N SER A 381 50.06 38.43 -0.84
CA SER A 381 49.81 39.84 -1.10
C SER A 381 49.71 40.08 -2.59
N ASN A 382 49.35 41.33 -2.93
CA ASN A 382 49.17 41.76 -4.30
C ASN A 382 50.22 42.80 -4.69
N GLU A 383 51.39 42.69 -4.07
CA GLU A 383 52.50 43.61 -4.31
C GLU A 383 52.98 43.56 -5.75
N TYR A 384 53.32 42.35 -6.17
CA TYR A 384 53.84 42.11 -7.51
C TYR A 384 53.15 42.89 -8.63
N LYS A 385 53.98 43.51 -9.47
CA LYS A 385 53.55 44.29 -10.62
C LYS A 385 52.53 45.37 -10.34
N GLY A 386 52.38 45.74 -9.09
CA GLY A 386 51.45 46.79 -8.73
C GLY A 386 49.97 46.62 -9.05
N MET A 387 49.54 45.42 -9.40
CA MET A 387 48.12 45.14 -9.69
C MET A 387 47.43 44.64 -8.41
N PRO A 388 46.47 45.39 -7.86
CA PRO A 388 45.78 44.94 -6.64
C PRO A 388 44.94 43.66 -6.80
N GLY A 389 44.67 43.28 -8.04
CA GLY A 389 43.87 42.10 -8.32
C GLY A 389 44.64 40.81 -8.54
N GLY A 390 45.91 40.80 -8.18
CA GLY A 390 46.68 39.59 -8.34
C GLY A 390 47.25 39.27 -6.97
N ARG A 391 47.34 38.00 -6.61
CA ARG A 391 47.87 37.63 -5.31
C ARG A 391 49.07 36.68 -5.41
N ASN A 392 50.03 36.88 -4.53
CA ASN A 392 51.21 36.02 -4.55
C ASN A 392 51.76 35.68 -3.17
N LEU A 393 52.33 34.49 -3.08
CA LEU A 393 52.92 34.06 -1.84
C LEU A 393 54.30 34.69 -1.69
N TYR A 394 54.57 35.15 -0.48
CA TYR A 394 55.84 35.75 -0.16
C TYR A 394 56.22 35.23 1.24
N LYS A 395 57.48 35.46 1.60
CA LYS A 395 58.01 35.09 2.90
C LYS A 395 58.99 36.18 3.30
N ILE A 396 58.86 36.65 4.52
CA ILE A 396 59.71 37.70 5.02
C ILE A 396 60.57 37.10 6.15
N GLN A 397 61.89 37.28 6.05
CA GLN A 397 62.84 36.77 7.05
C GLN A 397 62.63 37.60 8.34
N LEU A 398 62.05 36.95 9.33
CA LEU A 398 61.74 37.62 10.59
C LEU A 398 62.94 38.34 11.21
N SER A 399 64.15 37.86 10.92
CA SER A 399 65.37 38.46 11.48
C SER A 399 65.90 39.66 10.67
N ASP A 400 65.39 39.84 9.44
CA ASP A 400 65.80 40.95 8.57
C ASP A 400 64.70 41.38 7.57
N TYR A 401 63.70 42.11 8.04
CA TYR A 401 62.58 42.57 7.22
C TYR A 401 62.79 43.10 5.81
N THR A 402 64.00 42.97 5.26
CA THR A 402 64.28 43.45 3.90
C THR A 402 64.62 42.30 2.99
N LYS A 403 64.63 41.11 3.53
CA LYS A 403 64.96 39.94 2.75
C LYS A 403 63.69 39.19 2.35
N VAL A 404 62.78 39.90 1.70
CA VAL A 404 61.51 39.32 1.25
C VAL A 404 61.71 38.55 -0.04
N THR A 405 61.01 37.44 -0.15
CA THR A 405 61.15 36.58 -1.32
C THR A 405 59.77 36.12 -1.84
N CYS A 406 59.42 36.53 -3.07
CA CYS A 406 58.13 36.14 -3.67
C CYS A 406 58.28 34.72 -4.22
N LEU A 407 57.75 33.73 -3.52
CA LEU A 407 57.88 32.35 -3.99
C LEU A 407 56.97 32.00 -5.16
N SER A 408 56.13 32.94 -5.60
CA SER A 408 55.23 32.62 -6.70
C SER A 408 55.28 33.53 -7.93
N CYS A 409 55.60 34.80 -7.75
CA CYS A 409 55.64 35.72 -8.86
C CYS A 409 56.07 35.14 -10.20
N GLU A 410 57.36 34.85 -10.33
CA GLU A 410 57.89 34.34 -11.58
C GLU A 410 57.68 32.87 -11.94
N LEU A 411 56.94 32.12 -11.12
CA LEU A 411 56.73 30.71 -11.37
C LEU A 411 56.20 30.47 -12.78
N ASN A 412 55.30 31.34 -13.19
CA ASN A 412 54.71 31.32 -14.51
C ASN A 412 53.84 32.56 -14.56
N PRO A 413 54.48 33.72 -14.85
CA PRO A 413 53.85 35.03 -14.93
C PRO A 413 52.73 35.05 -15.96
N GLU A 414 52.96 34.38 -17.08
CA GLU A 414 51.98 34.32 -18.15
C GLU A 414 50.69 33.71 -17.65
N ARG A 415 50.74 32.44 -17.24
CA ARG A 415 49.55 31.71 -16.79
C ARG A 415 49.02 32.05 -15.40
N CYS A 416 49.94 32.32 -14.48
CA CYS A 416 49.51 32.57 -13.14
C CYS A 416 49.77 33.97 -12.62
N GLN A 417 48.78 34.52 -11.90
CA GLN A 417 48.84 35.84 -11.33
C GLN A 417 48.02 35.92 -10.04
N TYR A 418 47.24 34.87 -9.78
CA TYR A 418 46.38 34.79 -8.59
C TYR A 418 46.68 33.46 -7.88
N TYR A 419 47.32 33.56 -6.72
CA TYR A 419 47.67 32.39 -5.94
C TYR A 419 46.94 32.27 -4.61
N SER A 420 46.90 31.03 -4.16
CA SER A 420 46.27 30.63 -2.92
C SER A 420 47.18 29.52 -2.44
N VAL A 421 47.21 29.28 -1.13
CA VAL A 421 48.14 28.27 -0.60
C VAL A 421 47.64 27.33 0.50
N SER A 422 48.45 26.29 0.76
CA SER A 422 48.18 25.32 1.80
C SER A 422 49.51 24.83 2.34
N PHE A 423 49.67 24.96 3.65
CA PHE A 423 50.89 24.51 4.33
C PHE A 423 50.59 23.29 5.20
N SER A 424 51.48 22.31 5.18
CA SER A 424 51.31 21.14 6.01
C SER A 424 51.52 21.61 7.44
N LYS A 425 51.47 20.66 8.38
CA LYS A 425 51.61 20.92 9.84
C LYS A 425 52.62 21.94 10.35
N GLU A 426 53.87 21.72 10.00
CA GLU A 426 54.94 22.60 10.39
C GLU A 426 55.45 23.32 9.16
N ALA A 427 54.53 23.75 8.31
CA ALA A 427 54.88 24.47 7.10
C ALA A 427 56.09 23.84 6.45
N LYS A 428 56.25 22.53 6.56
CA LYS A 428 57.40 21.89 5.95
C LYS A 428 57.26 22.00 4.45
N TYR A 429 56.11 21.53 3.95
CA TYR A 429 55.80 21.55 2.53
C TYR A 429 54.61 22.48 2.31
N TYR A 430 54.35 22.81 1.06
CA TYR A 430 53.22 23.66 0.73
C TYR A 430 52.77 23.47 -0.72
N GLN A 431 51.47 23.60 -0.92
CA GLN A 431 50.83 23.47 -2.23
C GLN A 431 50.43 24.87 -2.71
N LEU A 432 50.73 25.20 -3.97
CA LEU A 432 50.35 26.50 -4.50
C LEU A 432 49.17 26.36 -5.45
N ARG A 433 48.10 27.10 -5.17
CA ARG A 433 46.88 27.05 -5.97
C ARG A 433 46.81 28.22 -6.94
N CYS A 434 47.13 27.97 -8.20
CA CYS A 434 47.08 29.02 -9.20
C CYS A 434 45.74 28.95 -9.91
N SER A 435 44.90 29.95 -9.68
CA SER A 435 43.57 29.96 -10.25
C SER A 435 43.27 30.91 -11.40
N GLY A 436 44.31 31.39 -12.07
CA GLY A 436 44.12 32.29 -13.18
C GLY A 436 45.36 33.13 -13.47
N PRO A 437 45.39 33.87 -14.59
CA PRO A 437 44.36 34.01 -15.63
C PRO A 437 44.20 32.80 -16.54
N GLY A 438 45.21 31.95 -16.58
CA GLY A 438 45.15 30.75 -17.40
C GLY A 438 44.48 29.67 -16.59
N LEU A 439 44.21 28.50 -17.17
CA LEU A 439 43.54 27.43 -16.43
C LEU A 439 44.31 27.12 -15.16
N PRO A 440 43.59 26.83 -14.07
CA PRO A 440 44.18 26.52 -12.76
C PRO A 440 45.39 25.55 -12.81
N LEU A 441 46.32 25.76 -11.89
CA LEU A 441 47.50 24.96 -11.84
C LEU A 441 47.84 24.64 -10.41
N TYR A 442 47.82 23.37 -10.05
CA TYR A 442 48.15 22.99 -8.68
C TYR A 442 49.53 22.31 -8.62
N THR A 443 50.39 22.83 -7.74
CA THR A 443 51.75 22.33 -7.57
C THR A 443 52.15 22.28 -6.09
N LEU A 444 52.96 21.28 -5.71
CA LEU A 444 53.41 21.09 -4.33
C LEU A 444 54.87 21.57 -4.17
N HIS A 445 55.17 22.24 -3.06
CA HIS A 445 56.52 22.74 -2.85
C HIS A 445 57.02 22.41 -1.44
N SER A 446 58.31 22.63 -1.16
CA SER A 446 58.92 22.37 0.15
C SER A 446 59.59 23.63 0.67
N SER A 447 59.40 23.91 1.95
CA SER A 447 59.95 25.10 2.60
C SER A 447 61.47 25.22 2.67
N VAL A 448 62.12 24.10 2.96
CA VAL A 448 63.59 24.05 3.07
C VAL A 448 64.34 24.91 2.03
N ASN A 449 63.88 24.89 0.78
CA ASN A 449 64.53 25.66 -0.25
C ASN A 449 63.63 26.15 -1.37
N ASP A 450 62.32 25.96 -1.20
CA ASP A 450 61.39 26.42 -2.21
C ASP A 450 61.63 25.72 -3.55
N LYS A 451 61.66 24.38 -3.50
CA LYS A 451 61.86 23.54 -4.68
C LYS A 451 60.47 23.00 -5.03
N GLY A 452 60.15 23.04 -6.33
CA GLY A 452 58.85 22.59 -6.81
C GLY A 452 58.68 21.09 -7.03
N LEU A 453 58.58 20.38 -5.92
CA LEU A 453 58.41 18.93 -5.94
C LEU A 453 57.78 18.41 -7.23
N ARG A 454 56.49 18.67 -7.42
CA ARG A 454 55.81 18.21 -8.63
C ARG A 454 54.51 18.99 -8.93
N VAL A 455 53.88 18.69 -10.07
CA VAL A 455 52.63 19.34 -10.44
C VAL A 455 51.51 18.37 -10.15
N LEU A 456 50.54 18.79 -9.33
CA LEU A 456 49.46 17.90 -8.97
C LEU A 456 48.29 17.91 -9.96
N GLU A 457 48.02 19.06 -10.58
CA GLU A 457 46.94 19.19 -11.58
C GLU A 457 47.18 20.37 -12.46
N ASP A 458 46.88 20.18 -13.74
CA ASP A 458 47.09 21.17 -14.80
C ASP A 458 45.93 21.34 -15.79
N ASN A 459 44.76 20.82 -15.44
CA ASN A 459 43.58 20.92 -16.30
C ASN A 459 43.87 20.72 -17.79
N SER A 460 44.88 19.90 -18.11
CA SER A 460 45.21 19.65 -19.51
C SER A 460 43.94 19.19 -20.23
N ALA A 461 43.18 18.29 -19.60
CA ALA A 461 41.95 17.79 -20.19
C ALA A 461 41.14 18.97 -20.66
N LEU A 462 40.58 19.71 -19.70
CA LEU A 462 39.78 20.89 -19.99
C LEU A 462 40.41 21.55 -21.19
N ASP A 463 41.61 22.07 -20.96
CA ASP A 463 42.37 22.73 -22.00
C ASP A 463 42.09 22.19 -23.41
N LYS A 464 42.46 20.93 -23.64
CA LYS A 464 42.28 20.23 -24.92
C LYS A 464 40.88 20.41 -25.47
N MET A 465 39.90 20.44 -24.57
CA MET A 465 38.52 20.62 -24.99
C MET A 465 38.30 22.06 -25.47
N LEU A 466 38.57 23.02 -24.57
CA LEU A 466 38.44 24.46 -24.81
C LEU A 466 39.10 24.99 -26.09
N GLN A 467 39.95 24.18 -26.71
CA GLN A 467 40.58 24.65 -27.91
C GLN A 467 39.64 24.42 -29.09
N ASN A 468 38.53 23.72 -28.86
CA ASN A 468 37.54 23.49 -29.93
C ASN A 468 36.35 24.44 -29.80
N VAL A 469 36.35 25.21 -28.72
CA VAL A 469 35.29 26.17 -28.48
C VAL A 469 35.86 27.58 -28.39
N GLN A 470 35.20 28.53 -29.05
CA GLN A 470 35.62 29.92 -29.10
C GLN A 470 35.43 30.64 -27.79
N MET A 471 36.32 30.45 -26.84
CA MET A 471 36.17 31.15 -25.56
C MET A 471 36.37 32.65 -25.69
N PRO A 472 35.78 33.42 -24.78
CA PRO A 472 35.92 34.87 -24.82
C PRO A 472 37.30 35.24 -24.30
N SER A 473 37.64 36.52 -24.36
CA SER A 473 38.93 36.98 -23.89
C SER A 473 38.76 37.97 -22.76
N LYS A 474 39.78 38.06 -21.92
CA LYS A 474 39.74 38.97 -20.79
C LYS A 474 40.78 40.09 -20.86
N LYS A 475 40.39 41.25 -20.37
CA LYS A 475 41.25 42.41 -20.35
C LYS A 475 41.14 43.03 -18.97
N LEU A 476 42.26 43.12 -18.27
CA LEU A 476 42.29 43.75 -16.95
C LEU A 476 43.14 44.99 -17.14
N ASP A 477 42.51 46.15 -17.16
CA ASP A 477 43.21 47.40 -17.37
C ASP A 477 42.56 48.35 -16.37
N PHE A 478 42.85 49.65 -16.43
CA PHE A 478 42.23 50.60 -15.50
C PHE A 478 41.98 52.02 -16.03
N ILE A 479 41.44 52.87 -15.17
CA ILE A 479 41.15 54.27 -15.51
C ILE A 479 41.47 55.21 -14.35
N ILE A 480 42.18 56.27 -14.65
CA ILE A 480 42.58 57.21 -13.63
C ILE A 480 41.56 58.28 -13.26
N LEU A 481 41.08 58.24 -12.03
CA LEU A 481 40.12 59.23 -11.59
C LEU A 481 40.71 59.95 -10.38
N ASN A 482 40.83 61.26 -10.47
CA ASN A 482 41.41 62.05 -9.40
C ASN A 482 42.84 61.62 -9.08
N GLU A 483 43.57 61.21 -10.11
CA GLU A 483 44.95 60.77 -10.00
C GLU A 483 44.98 59.41 -9.36
N THR A 484 43.81 58.83 -9.15
CA THR A 484 43.76 57.52 -8.55
C THR A 484 43.21 56.59 -9.57
N LYS A 485 43.87 55.43 -9.70
CA LYS A 485 43.43 54.45 -10.65
C LYS A 485 42.44 53.50 -10.01
N PHE A 486 41.44 53.12 -10.80
CA PHE A 486 40.41 52.19 -10.38
C PHE A 486 40.45 51.15 -11.49
N TRP A 487 40.53 49.88 -11.13
CA TRP A 487 40.63 48.86 -12.15
C TRP A 487 39.32 48.32 -12.61
N TYR A 488 39.37 47.69 -13.78
CA TYR A 488 38.20 47.08 -14.38
C TYR A 488 38.64 45.92 -15.25
N GLN A 489 37.67 45.12 -15.65
CA GLN A 489 37.94 43.98 -16.50
C GLN A 489 36.80 43.83 -17.45
N MET A 490 37.11 43.40 -18.66
CA MET A 490 36.09 43.20 -19.67
C MET A 490 36.21 41.85 -20.22
N ILE A 491 35.09 41.15 -20.33
CA ILE A 491 35.10 39.83 -20.93
C ILE A 491 34.81 40.13 -22.39
N LEU A 492 35.78 39.92 -23.27
CA LEU A 492 35.55 40.22 -24.65
C LEU A 492 35.16 38.96 -25.37
N PRO A 493 34.44 39.08 -26.48
CA PRO A 493 33.98 37.95 -27.28
C PRO A 493 35.15 37.42 -28.10
N PRO A 494 34.96 36.30 -28.81
CA PRO A 494 36.04 35.75 -29.63
C PRO A 494 36.10 36.65 -30.84
N HIS A 495 37.19 36.62 -31.57
CA HIS A 495 37.30 37.47 -32.76
C HIS A 495 36.90 38.93 -32.49
N PHE A 496 36.89 39.32 -31.23
CA PHE A 496 36.53 40.69 -30.89
C PHE A 496 37.17 41.64 -31.89
N ASP A 497 36.32 42.27 -32.69
CA ASP A 497 36.74 43.21 -33.72
C ASP A 497 36.45 44.66 -33.28
N LYS A 498 37.49 45.39 -32.87
CA LYS A 498 37.33 46.76 -32.39
C LYS A 498 36.65 47.71 -33.36
N SER A 499 36.49 47.29 -34.60
CA SER A 499 35.88 48.17 -35.57
C SER A 499 34.37 48.05 -35.50
N LYS A 500 33.87 47.37 -34.49
CA LYS A 500 32.44 47.21 -34.40
C LYS A 500 31.83 47.75 -33.14
N LYS A 501 30.52 47.62 -33.04
CA LYS A 501 29.82 48.08 -31.87
C LYS A 501 29.18 46.89 -31.14
N TYR A 502 29.75 46.56 -29.99
CA TYR A 502 29.28 45.46 -29.18
C TYR A 502 28.44 46.02 -28.05
N PRO A 503 27.29 45.40 -27.75
CA PRO A 503 26.49 45.95 -26.65
C PRO A 503 27.26 45.59 -25.39
N LEU A 504 27.05 46.29 -24.29
CA LEU A 504 27.79 45.96 -23.08
C LEU A 504 26.90 45.84 -21.84
N LEU A 505 27.27 44.87 -20.99
CA LEU A 505 26.58 44.56 -19.73
C LEU A 505 27.57 44.74 -18.60
N LEU A 506 27.26 45.63 -17.67
CA LEU A 506 28.14 45.86 -16.53
C LEU A 506 27.76 44.93 -15.41
N ASP A 507 28.68 44.03 -15.06
CA ASP A 507 28.52 43.04 -14.00
C ASP A 507 28.95 43.73 -12.71
N VAL A 508 28.00 44.00 -11.81
CA VAL A 508 28.30 44.70 -10.56
C VAL A 508 28.00 44.07 -9.19
N TYR A 509 28.87 44.34 -8.22
CA TYR A 509 28.65 43.90 -6.86
C TYR A 509 28.83 45.17 -6.06
N ALA A 510 29.91 45.86 -6.36
CA ALA A 510 30.26 47.14 -5.77
C ALA A 510 30.05 47.31 -4.29
N GLY A 511 30.16 46.24 -3.52
CA GLY A 511 29.99 46.38 -2.09
C GLY A 511 31.28 46.84 -1.42
N PRO A 512 31.26 47.10 -0.10
CA PRO A 512 32.47 47.54 0.60
C PRO A 512 33.55 46.44 0.76
N CYS A 513 34.78 46.78 0.37
CA CYS A 513 35.93 45.89 0.39
C CYS A 513 35.78 44.75 -0.58
N SER A 514 35.01 44.99 -1.63
CA SER A 514 34.78 43.99 -2.65
C SER A 514 35.86 44.21 -3.67
N GLN A 515 35.91 43.31 -4.65
CA GLN A 515 36.87 43.39 -5.73
C GLN A 515 36.33 42.49 -6.84
N LYS A 516 35.82 43.10 -7.91
CA LYS A 516 35.25 42.34 -9.01
C LYS A 516 36.20 42.28 -10.17
N ALA A 517 37.25 43.09 -10.13
CA ALA A 517 38.24 43.13 -11.20
C ALA A 517 39.55 42.46 -10.77
N ASP A 518 39.71 41.21 -11.16
CA ASP A 518 40.91 40.52 -10.80
C ASP A 518 41.42 39.65 -11.95
N THR A 519 42.37 38.77 -11.61
CA THR A 519 43.01 37.89 -12.57
C THR A 519 42.53 36.45 -12.62
N VAL A 520 41.42 36.14 -11.98
CA VAL A 520 40.98 34.77 -11.97
C VAL A 520 40.29 34.32 -13.24
N PHE A 521 40.34 33.02 -13.50
CA PHE A 521 39.68 32.45 -14.67
C PHE A 521 38.32 31.89 -14.25
N ARG A 522 37.31 32.17 -15.05
CA ARG A 522 35.98 31.70 -14.67
C ARG A 522 35.13 31.12 -15.80
N LEU A 523 34.31 30.13 -15.45
CA LEU A 523 33.38 29.57 -16.41
C LEU A 523 32.06 29.90 -15.74
N ASN A 524 31.47 31.00 -16.23
CA ASN A 524 30.23 31.54 -15.69
C ASN A 524 29.31 32.06 -16.80
N TRP A 525 28.14 32.53 -16.38
CA TRP A 525 27.14 33.07 -17.27
C TRP A 525 27.74 34.03 -18.32
N ALA A 526 28.67 34.89 -17.89
CA ALA A 526 29.29 35.88 -18.78
C ALA A 526 30.11 35.25 -19.89
N THR A 527 30.71 34.11 -19.59
CA THR A 527 31.51 33.40 -20.56
C THR A 527 30.58 33.07 -21.71
N TYR A 528 29.31 32.87 -21.38
CA TYR A 528 28.28 32.56 -22.37
C TYR A 528 27.84 33.85 -23.09
N LEU A 529 27.46 34.84 -22.30
CA LEU A 529 27.07 36.12 -22.85
C LEU A 529 28.12 36.61 -23.85
N ALA A 530 29.37 36.62 -23.42
CA ALA A 530 30.46 37.05 -24.29
C ALA A 530 30.61 36.14 -25.51
N SER A 531 30.79 34.84 -25.27
CA SER A 531 30.98 33.85 -26.33
C SER A 531 29.88 33.59 -27.33
N THR A 532 28.64 33.48 -26.88
CA THR A 532 27.53 33.19 -27.81
C THR A 532 26.70 34.39 -28.17
N GLU A 533 26.59 35.34 -27.25
CA GLU A 533 25.79 36.50 -27.51
C GLU A 533 26.61 37.71 -27.92
N ASN A 534 27.93 37.56 -27.93
CA ASN A 534 28.79 38.66 -28.33
C ASN A 534 28.41 39.90 -27.53
N ILE A 535 28.46 39.77 -26.23
CA ILE A 535 28.14 40.86 -25.35
C ILE A 535 29.33 41.05 -24.45
N ILE A 536 29.78 42.29 -24.35
CA ILE A 536 30.92 42.60 -23.52
C ILE A 536 30.38 42.74 -22.11
N VAL A 537 30.96 42.00 -21.18
CA VAL A 537 30.54 42.02 -19.79
C VAL A 537 31.67 42.71 -19.07
N ALA A 538 31.42 43.79 -18.36
CA ALA A 538 32.52 44.44 -17.66
C ALA A 538 32.43 44.17 -16.17
N SER A 539 33.00 45.09 -15.38
CA SER A 539 33.01 45.03 -13.92
C SER A 539 34.01 46.09 -13.55
N PHE A 540 33.80 46.72 -12.41
CA PHE A 540 34.66 47.82 -12.05
C PHE A 540 34.67 47.97 -10.55
N ASP A 541 35.86 48.12 -9.99
CA ASP A 541 35.98 48.32 -8.56
C ASP A 541 36.31 49.79 -8.39
N GLY A 542 35.36 50.57 -7.88
CA GLY A 542 35.57 52.00 -7.68
C GLY A 542 35.52 52.35 -6.21
N ARG A 543 35.46 53.64 -5.89
CA ARG A 543 35.42 54.03 -4.49
C ARG A 543 34.61 53.01 -3.74
N GLY A 544 35.21 52.45 -2.71
CA GLY A 544 34.53 51.44 -1.92
C GLY A 544 35.30 50.13 -1.89
N SER A 545 35.77 49.70 -3.06
CA SER A 545 36.51 48.46 -3.16
C SER A 545 37.65 48.36 -2.15
N GLY A 546 38.20 47.16 -1.99
CA GLY A 546 39.28 46.98 -1.05
C GLY A 546 40.58 46.51 -1.68
N TYR A 547 41.52 46.15 -0.81
CA TYR A 547 42.83 45.68 -1.21
C TYR A 547 43.67 46.78 -1.86
N GLN A 548 43.30 48.03 -1.60
CA GLN A 548 43.98 49.20 -2.16
C GLN A 548 44.07 50.37 -1.17
N GLY A 549 43.91 50.11 0.13
CA GLY A 549 44.00 51.20 1.08
C GLY A 549 42.69 51.78 1.58
N ASP A 550 42.75 52.45 2.73
CA ASP A 550 41.56 53.00 3.35
C ASP A 550 40.97 54.22 2.67
N LYS A 551 41.81 55.01 2.03
CA LYS A 551 41.35 56.20 1.34
C LYS A 551 40.23 55.84 0.35
N ILE A 552 40.36 54.69 -0.30
CA ILE A 552 39.35 54.19 -1.25
C ILE A 552 38.25 53.39 -0.52
N MET A 553 38.63 52.34 0.19
CA MET A 553 37.68 51.51 0.93
C MET A 553 36.85 52.28 1.94
N HIS A 554 37.43 53.31 2.56
CA HIS A 554 36.67 54.03 3.56
C HIS A 554 35.92 55.20 2.95
N ALA A 555 36.22 55.43 1.68
CA ALA A 555 35.61 56.50 0.92
C ALA A 555 34.10 56.50 1.09
N ILE A 556 33.51 55.35 1.37
CA ILE A 556 32.07 55.28 1.54
C ILE A 556 31.62 55.11 2.96
N ASN A 557 32.48 55.43 3.93
CA ASN A 557 32.10 55.27 5.32
C ASN A 557 30.89 56.16 5.58
N ARG A 558 29.85 55.55 6.14
CA ARG A 558 28.61 56.26 6.46
C ARG A 558 27.78 56.69 5.24
N ARG A 559 28.35 56.56 4.05
CA ARG A 559 27.65 56.97 2.85
C ARG A 559 27.41 55.82 1.88
N LEU A 560 26.87 54.70 2.38
CA LEU A 560 26.61 53.60 1.48
C LEU A 560 25.63 54.11 0.44
N GLY A 561 25.71 53.54 -0.75
CA GLY A 561 24.80 53.96 -1.79
C GLY A 561 25.08 55.31 -2.38
N THR A 562 26.33 55.76 -2.32
CA THR A 562 26.68 57.04 -2.93
C THR A 562 27.82 56.81 -3.92
N PHE A 563 29.02 57.27 -3.60
CA PHE A 563 30.17 57.11 -4.46
C PHE A 563 30.29 55.77 -5.18
N GLU A 564 30.01 54.66 -4.53
CA GLU A 564 30.15 53.38 -5.23
C GLU A 564 29.12 53.20 -6.33
N VAL A 565 28.02 53.96 -6.24
CA VAL A 565 26.94 53.95 -7.23
C VAL A 565 27.46 54.82 -8.35
N GLU A 566 27.72 56.07 -7.99
CA GLU A 566 28.21 57.10 -8.89
C GLU A 566 29.44 56.69 -9.71
N ASP A 567 30.28 55.85 -9.11
CA ASP A 567 31.48 55.38 -9.76
C ASP A 567 31.15 54.28 -10.73
N GLN A 568 30.09 53.53 -10.48
CA GLN A 568 29.73 52.48 -11.44
C GLN A 568 29.33 53.23 -12.70
N ILE A 569 28.46 54.23 -12.52
CA ILE A 569 27.99 55.02 -13.64
C ILE A 569 29.14 55.53 -14.47
N GLU A 570 30.05 56.23 -13.79
CA GLU A 570 31.25 56.83 -14.39
C GLU A 570 31.95 55.90 -15.38
N ALA A 571 32.35 54.74 -14.92
CA ALA A 571 33.03 53.78 -15.78
C ALA A 571 32.16 53.44 -16.99
N ALA A 572 30.86 53.28 -16.74
CA ALA A 572 29.93 52.96 -17.80
C ALA A 572 30.14 54.07 -18.79
N ARG A 573 29.64 55.24 -18.44
CA ARG A 573 29.77 56.41 -19.29
C ARG A 573 31.11 56.37 -20.05
N GLN A 574 32.22 56.35 -19.33
CA GLN A 574 33.52 56.30 -19.98
C GLN A 574 33.52 55.17 -21.01
N PHE A 575 33.01 53.99 -20.63
CA PHE A 575 32.95 52.86 -21.56
C PHE A 575 32.08 53.29 -22.73
N SER A 576 30.88 53.73 -22.38
CA SER A 576 29.87 54.18 -23.31
C SER A 576 30.51 54.91 -24.48
N LYS A 577 31.68 55.49 -24.27
CA LYS A 577 32.26 56.18 -25.38
C LYS A 577 33.32 55.39 -26.14
N MET A 578 33.98 54.42 -25.52
CA MET A 578 34.99 53.70 -26.28
C MET A 578 34.30 53.25 -27.55
N GLY A 579 34.98 53.45 -28.66
CA GLY A 579 34.39 53.10 -29.93
C GLY A 579 33.77 51.74 -30.11
N PHE A 580 34.24 50.72 -29.39
CA PHE A 580 33.73 49.37 -29.57
C PHE A 580 32.49 49.04 -28.77
N VAL A 581 31.94 50.00 -28.06
CA VAL A 581 30.76 49.72 -27.28
C VAL A 581 29.58 50.50 -27.85
N ASP A 582 28.40 49.88 -27.85
CA ASP A 582 27.19 50.50 -28.37
C ASP A 582 26.38 51.21 -27.28
N ASN A 583 26.66 52.48 -27.04
CA ASN A 583 25.97 53.18 -25.98
C ASN A 583 24.44 53.17 -25.96
N LYS A 584 23.80 52.49 -26.90
CA LYS A 584 22.34 52.39 -26.91
C LYS A 584 22.03 50.99 -26.43
N ARG A 585 23.06 50.30 -25.96
CA ARG A 585 22.92 48.94 -25.48
C ARG A 585 23.88 48.67 -24.33
N ILE A 586 23.59 49.33 -23.22
CA ILE A 586 24.36 49.17 -22.02
C ILE A 586 23.38 48.77 -20.92
N ALA A 587 23.61 47.61 -20.33
CA ALA A 587 22.77 47.11 -19.26
C ALA A 587 23.64 47.04 -18.03
N ILE A 588 23.04 46.66 -16.91
CA ILE A 588 23.75 46.51 -15.65
C ILE A 588 22.92 45.64 -14.74
N TRP A 589 23.51 44.58 -14.21
CA TRP A 589 22.75 43.74 -13.31
C TRP A 589 23.56 43.50 -12.06
N GLY A 590 22.93 42.93 -11.05
CA GLY A 590 23.61 42.66 -9.81
C GLY A 590 22.85 41.70 -8.93
N TRP A 591 23.57 41.10 -7.99
CA TRP A 591 23.01 40.15 -7.07
C TRP A 591 23.33 40.67 -5.70
N SER A 592 22.49 40.34 -4.74
CA SER A 592 22.69 40.78 -3.37
C SER A 592 22.85 42.31 -3.32
N TYR A 593 24.03 42.75 -2.86
CA TYR A 593 24.39 44.15 -2.73
C TYR A 593 24.48 44.74 -4.14
N GLY A 594 24.92 43.91 -5.08
CA GLY A 594 25.04 44.34 -6.46
C GLY A 594 23.66 44.67 -6.94
N GLY A 595 22.71 43.83 -6.58
CA GLY A 595 21.34 44.06 -6.96
C GLY A 595 20.95 45.44 -6.49
N TYR A 596 21.54 45.85 -5.36
CA TYR A 596 21.26 47.14 -4.74
C TYR A 596 21.91 48.27 -5.51
N VAL A 597 23.08 48.00 -6.04
CA VAL A 597 23.76 49.01 -6.79
C VAL A 597 23.05 49.05 -8.12
N THR A 598 22.74 47.88 -8.67
CA THR A 598 22.02 47.82 -9.94
C THR A 598 20.73 48.64 -9.86
N SER A 599 20.04 48.53 -8.73
CA SER A 599 18.82 49.29 -8.52
C SER A 599 19.07 50.79 -8.33
N MET A 600 19.94 51.15 -7.39
CA MET A 600 20.21 52.56 -7.19
C MET A 600 20.63 53.24 -8.50
N VAL A 601 21.35 52.52 -9.36
CA VAL A 601 21.82 53.07 -10.63
C VAL A 601 20.69 53.27 -11.59
N LEU A 602 19.91 52.23 -11.82
CA LEU A 602 18.80 52.34 -12.73
C LEU A 602 17.87 53.45 -12.27
N GLY A 603 17.97 53.86 -11.02
CA GLY A 603 17.13 54.92 -10.52
C GLY A 603 17.86 56.22 -10.34
N SER A 604 19.03 56.31 -10.95
CA SER A 604 19.87 57.50 -10.86
C SER A 604 19.47 58.68 -11.75
N GLY A 605 19.07 58.39 -12.99
CA GLY A 605 18.69 59.44 -13.92
C GLY A 605 19.73 59.67 -15.01
N SER A 606 20.80 58.91 -14.92
CA SER A 606 21.94 58.99 -15.83
C SER A 606 21.63 58.69 -17.27
N GLY A 607 20.51 58.01 -17.53
CA GLY A 607 20.19 57.65 -18.90
C GLY A 607 21.38 56.99 -19.59
N VAL A 608 22.15 56.22 -18.84
CA VAL A 608 23.30 55.54 -19.41
C VAL A 608 22.96 54.08 -19.63
N PHE A 609 22.03 53.59 -18.82
CA PHE A 609 21.66 52.20 -18.88
C PHE A 609 20.31 51.96 -19.51
N LYS A 610 20.28 51.07 -20.48
CA LYS A 610 19.02 50.78 -21.15
C LYS A 610 18.14 49.92 -20.27
N CYS A 611 18.70 48.83 -19.77
CA CYS A 611 17.94 47.93 -18.92
C CYS A 611 18.73 47.53 -17.68
N GLY A 612 18.28 46.47 -17.00
CA GLY A 612 18.98 46.02 -15.81
C GLY A 612 18.26 44.98 -14.97
N ILE A 613 19.02 44.05 -14.42
CA ILE A 613 18.46 42.98 -13.57
C ILE A 613 19.03 43.11 -12.18
N ALA A 614 18.17 43.08 -11.17
CA ALA A 614 18.62 43.18 -9.78
C ALA A 614 18.17 41.91 -9.08
N VAL A 615 19.12 41.10 -8.63
CA VAL A 615 18.75 39.86 -7.97
C VAL A 615 18.93 39.94 -6.46
N ALA A 616 17.88 39.62 -5.72
CA ALA A 616 17.90 39.64 -4.26
C ALA A 616 18.46 40.95 -3.69
N PRO A 617 18.12 42.09 -4.31
CA PRO A 617 18.63 43.38 -3.86
C PRO A 617 18.26 43.79 -2.45
N VAL A 618 18.91 44.86 -2.03
CA VAL A 618 18.69 45.49 -0.73
C VAL A 618 17.95 46.77 -1.13
N SER A 619 16.73 46.98 -0.64
CA SER A 619 16.02 48.19 -1.00
C SER A 619 16.53 49.37 -0.17
N ARG A 620 16.39 49.30 1.15
CA ARG A 620 16.88 50.35 2.05
C ARG A 620 17.75 49.61 3.06
N TRP A 621 18.56 50.34 3.83
CA TRP A 621 19.45 49.67 4.80
C TRP A 621 18.86 49.28 6.13
N GLU A 622 17.78 49.93 6.52
CA GLU A 622 17.20 49.56 7.80
C GLU A 622 16.64 48.14 7.79
N TYR A 623 16.55 47.52 6.61
CA TYR A 623 16.00 46.18 6.50
C TYR A 623 17.02 45.05 6.59
N TYR A 624 18.30 45.41 6.59
CA TYR A 624 19.38 44.41 6.63
C TYR A 624 19.87 44.12 8.06
N ASP A 625 20.77 43.17 8.24
CA ASP A 625 21.20 42.88 9.61
C ASP A 625 22.07 43.98 10.18
N SER A 626 22.12 44.05 11.50
CA SER A 626 22.87 45.08 12.19
C SER A 626 24.36 45.07 11.96
N VAL A 627 25.00 43.98 12.38
CA VAL A 627 26.44 43.86 12.26
C VAL A 627 27.02 44.35 10.96
N TYR A 628 26.45 43.95 9.83
CA TYR A 628 26.99 44.42 8.57
C TYR A 628 26.67 45.88 8.34
N THR A 629 25.39 46.16 8.24
CA THR A 629 24.86 47.50 8.00
C THR A 629 25.45 48.64 8.81
N GLU A 630 25.42 48.49 10.13
CA GLU A 630 25.90 49.51 11.07
C GLU A 630 27.41 49.75 10.96
N ARG A 631 28.12 48.70 10.56
CA ARG A 631 29.55 48.75 10.42
C ARG A 631 29.91 49.84 9.43
N TYR A 632 29.11 49.93 8.38
CA TYR A 632 29.32 50.88 7.31
C TYR A 632 28.40 52.09 7.40
N MET A 633 27.21 51.88 7.95
CA MET A 633 26.22 52.95 8.06
C MET A 633 26.03 53.61 9.41
N GLY A 634 26.42 52.95 10.48
CA GLY A 634 26.25 53.54 11.79
C GLY A 634 24.87 53.26 12.31
N LEU A 635 24.40 54.04 13.27
CA LEU A 635 23.09 53.80 13.85
C LEU A 635 21.92 54.54 13.22
N PRO A 636 20.77 53.85 13.09
CA PRO A 636 19.55 54.41 12.51
C PRO A 636 18.83 55.33 13.48
N THR A 637 19.49 56.42 13.84
CA THR A 637 18.90 57.36 14.76
C THR A 637 19.14 58.79 14.31
N PRO A 638 18.35 59.72 14.84
CA PRO A 638 18.55 61.10 14.46
C PRO A 638 19.90 61.55 14.98
N GLU A 639 20.21 61.16 16.22
CA GLU A 639 21.47 61.51 16.85
C GLU A 639 22.66 60.90 16.11
N ASP A 640 22.40 60.01 15.16
CA ASP A 640 23.50 59.36 14.44
C ASP A 640 23.53 59.42 12.91
N ASN A 641 22.81 58.56 12.21
CA ASN A 641 22.87 58.56 10.74
C ASN A 641 21.54 58.14 10.12
N LEU A 642 20.44 58.76 10.55
CA LEU A 642 19.12 58.42 10.03
C LEU A 642 18.87 59.02 8.67
N ASP A 643 19.23 60.28 8.49
CA ASP A 643 19.06 60.95 7.20
C ASP A 643 19.67 60.15 6.05
N HIS A 644 20.89 59.66 6.22
CA HIS A 644 21.47 58.90 5.13
C HIS A 644 20.86 57.52 5.05
N TYR A 645 20.34 57.02 6.15
CA TYR A 645 19.70 55.73 6.10
C TYR A 645 18.47 55.90 5.23
N ARG A 646 17.77 57.00 5.47
CA ARG A 646 16.55 57.37 4.76
C ARG A 646 16.80 57.80 3.34
N ASN A 647 17.97 58.38 3.10
CA ASN A 647 18.34 58.85 1.78
C ASN A 647 18.76 57.74 0.84
N SER A 648 19.43 56.74 1.41
CA SER A 648 19.97 55.61 0.68
C SER A 648 19.00 54.64 0.02
N THR A 649 17.70 54.79 0.28
CA THR A 649 16.71 53.85 -0.22
C THR A 649 16.43 53.79 -1.72
N VAL A 650 16.22 52.57 -2.22
CA VAL A 650 15.90 52.36 -3.63
C VAL A 650 14.56 53.04 -3.91
N MET A 651 13.57 52.72 -3.08
CA MET A 651 12.22 53.23 -3.21
C MET A 651 12.08 54.69 -3.61
N SER A 652 12.79 55.58 -2.92
CA SER A 652 12.71 57.01 -3.20
C SER A 652 13.16 57.46 -4.59
N ARG A 653 13.54 56.51 -5.43
CA ARG A 653 13.98 56.80 -6.78
C ARG A 653 13.09 56.05 -7.78
N ALA A 654 12.00 55.52 -7.28
CA ALA A 654 11.06 54.73 -8.07
C ALA A 654 10.65 55.35 -9.41
N GLU A 655 10.26 56.62 -9.37
CA GLU A 655 9.83 57.31 -10.58
C GLU A 655 10.89 57.43 -11.67
N ASN A 656 12.16 57.37 -11.29
CA ASN A 656 13.20 57.46 -12.28
C ASN A 656 13.32 56.15 -13.02
N PHE A 657 12.70 55.12 -12.47
CA PHE A 657 12.76 53.84 -13.11
C PHE A 657 12.02 53.86 -14.42
N LYS A 658 11.32 54.97 -14.67
CA LYS A 658 10.54 55.14 -15.89
C LYS A 658 11.35 55.18 -17.19
N GLN A 659 12.63 55.50 -17.07
CA GLN A 659 13.48 55.56 -18.25
C GLN A 659 14.34 54.31 -18.44
N VAL A 660 13.99 53.22 -17.74
CA VAL A 660 14.77 51.99 -17.87
C VAL A 660 13.99 50.67 -17.75
N GLU A 661 14.28 49.71 -18.62
CA GLU A 661 13.63 48.39 -18.59
C GLU A 661 14.26 47.69 -17.38
N TYR A 662 13.45 47.34 -16.38
CA TYR A 662 13.97 46.70 -15.16
C TYR A 662 13.40 45.32 -14.82
N LEU A 663 14.24 44.43 -14.29
CA LEU A 663 13.79 43.09 -13.91
C LEU A 663 14.18 42.75 -12.46
N LEU A 664 13.18 42.42 -11.65
CA LEU A 664 13.37 42.08 -10.24
C LEU A 664 13.16 40.57 -9.91
N ILE A 665 14.14 39.98 -9.24
CA ILE A 665 14.10 38.56 -8.85
C ILE A 665 14.43 38.34 -7.37
N HIS A 666 13.64 37.54 -6.68
CA HIS A 666 13.92 37.26 -5.28
C HIS A 666 13.38 35.92 -4.90
N GLY A 667 13.99 35.28 -3.91
CA GLY A 667 13.58 33.95 -3.47
C GLY A 667 12.83 34.10 -2.17
N THR A 668 11.53 33.80 -2.22
CA THR A 668 10.65 33.94 -1.06
C THR A 668 11.13 33.43 0.31
N ALA A 669 12.10 32.50 0.32
CA ALA A 669 12.63 31.98 1.58
C ALA A 669 14.03 32.51 1.91
N ASP A 670 14.29 33.74 1.49
CA ASP A 670 15.56 34.38 1.71
C ASP A 670 15.63 34.81 3.14
N ASP A 671 16.60 34.28 3.86
CA ASP A 671 16.79 34.62 5.26
C ASP A 671 17.88 35.71 5.40
N ASN A 672 18.63 35.93 4.33
CA ASN A 672 19.73 36.89 4.31
C ASN A 672 19.28 38.28 3.97
N VAL A 673 18.63 38.41 2.81
CA VAL A 673 18.08 39.66 2.30
C VAL A 673 16.61 39.29 2.18
N HIS A 674 15.80 39.80 3.10
CA HIS A 674 14.39 39.46 3.10
C HIS A 674 13.58 39.85 1.90
N PHE A 675 12.77 38.89 1.44
CA PHE A 675 11.90 39.12 0.30
C PHE A 675 11.31 40.48 0.52
N GLN A 676 11.09 40.81 1.79
CA GLN A 676 10.53 42.10 2.22
C GLN A 676 11.19 43.28 1.53
N GLN A 677 12.44 43.09 1.16
CA GLN A 677 13.18 44.15 0.50
C GLN A 677 12.75 44.40 -0.93
N SER A 678 12.54 43.35 -1.72
CA SER A 678 12.09 43.58 -3.08
C SER A 678 10.63 43.93 -2.96
N ALA A 679 9.92 43.13 -2.18
CA ALA A 679 8.51 43.33 -1.95
C ALA A 679 8.23 44.78 -1.74
N GLN A 680 9.21 45.51 -1.19
CA GLN A 680 9.01 46.93 -0.93
C GLN A 680 9.37 47.77 -2.12
N ILE A 681 10.28 47.28 -2.95
CA ILE A 681 10.63 48.03 -4.13
C ILE A 681 9.43 48.08 -5.04
N SER A 682 9.04 46.93 -5.56
CA SER A 682 7.90 46.80 -6.47
C SER A 682 6.68 47.64 -6.10
N LYS A 683 6.28 47.62 -4.84
CA LYS A 683 5.12 48.40 -4.39
C LYS A 683 5.36 49.86 -4.70
N ALA A 684 6.61 50.28 -4.60
CA ALA A 684 6.98 51.64 -4.87
C ALA A 684 6.98 51.85 -6.36
N LEU A 685 7.36 50.84 -7.12
CA LEU A 685 7.35 51.01 -8.54
C LEU A 685 5.92 50.99 -9.07
N VAL A 686 5.01 50.46 -8.29
CA VAL A 686 3.62 50.38 -8.75
C VAL A 686 2.90 51.66 -8.45
N ASP A 687 3.28 52.34 -7.37
CA ASP A 687 2.65 53.59 -6.99
C ASP A 687 3.12 54.80 -7.77
N VAL A 688 4.17 54.64 -8.56
CA VAL A 688 4.69 55.76 -9.35
C VAL A 688 4.37 55.50 -10.78
N GLY A 689 3.89 54.30 -11.04
CA GLY A 689 3.48 53.96 -12.38
C GLY A 689 4.51 53.37 -13.32
N VAL A 690 5.65 52.93 -12.82
CA VAL A 690 6.59 52.35 -13.75
C VAL A 690 6.24 50.92 -13.88
N ASP A 691 6.32 50.43 -15.11
CA ASP A 691 6.07 49.03 -15.39
C ASP A 691 7.45 48.43 -15.37
N PHE A 692 7.51 47.15 -15.03
CA PHE A 692 8.79 46.47 -14.99
C PHE A 692 8.50 44.99 -14.95
N GLN A 693 9.55 44.19 -14.85
CA GLN A 693 9.41 42.75 -14.82
C GLN A 693 9.72 42.26 -13.42
N ALA A 694 9.29 41.05 -13.13
CA ALA A 694 9.55 40.46 -11.83
C ALA A 694 9.37 38.95 -11.89
N MET A 695 9.90 38.28 -10.88
CA MET A 695 9.81 36.85 -10.81
C MET A 695 10.30 36.49 -9.44
N TRP A 696 9.51 35.69 -8.73
CA TRP A 696 9.87 35.27 -7.40
C TRP A 696 10.27 33.85 -7.57
N TYR A 697 10.93 33.29 -6.57
CA TYR A 697 11.37 31.92 -6.60
C TYR A 697 11.00 31.26 -5.30
N THR A 698 9.90 30.51 -5.34
CA THR A 698 9.37 29.78 -4.21
C THR A 698 10.39 28.96 -3.43
N ASP A 699 10.43 29.19 -2.12
CA ASP A 699 11.30 28.49 -1.23
C ASP A 699 12.80 28.53 -1.52
N GLU A 700 13.25 29.42 -2.39
CA GLU A 700 14.70 29.53 -2.65
C GLU A 700 15.27 30.54 -1.65
N ASP A 701 16.56 30.49 -1.36
CA ASP A 701 17.14 31.46 -0.45
C ASP A 701 17.95 32.55 -1.13
N HIS A 702 18.85 33.16 -0.38
CA HIS A 702 19.66 34.22 -0.93
C HIS A 702 20.52 33.68 -2.02
N GLY A 703 20.47 32.37 -2.23
CA GLY A 703 21.26 31.73 -3.26
C GLY A 703 20.55 31.27 -4.51
N ILE A 704 19.24 31.03 -4.43
CA ILE A 704 18.49 30.56 -5.59
C ILE A 704 19.37 29.49 -6.17
N ALA A 705 19.96 28.71 -5.27
CA ALA A 705 20.90 27.67 -5.67
C ALA A 705 20.35 26.34 -6.02
N SER A 706 19.08 26.07 -5.73
CA SER A 706 18.54 24.76 -6.10
C SER A 706 18.79 24.62 -7.60
N SER A 707 19.13 23.42 -8.04
CA SER A 707 19.43 23.17 -9.44
C SER A 707 18.43 23.74 -10.43
N THR A 708 17.21 23.21 -10.41
CA THR A 708 16.16 23.67 -11.31
C THR A 708 15.95 25.18 -11.28
N ALA A 709 15.89 25.76 -10.08
CA ALA A 709 15.71 27.20 -9.89
C ALA A 709 16.92 27.99 -10.39
N HIS A 710 18.06 27.32 -10.49
CA HIS A 710 19.28 27.93 -10.97
C HIS A 710 19.30 28.00 -12.49
N GLN A 711 19.04 26.87 -13.12
CA GLN A 711 19.01 26.83 -14.57
C GLN A 711 17.89 27.73 -15.05
N HIS A 712 16.79 27.77 -14.29
CA HIS A 712 15.65 28.59 -14.65
C HIS A 712 15.91 30.08 -14.52
N ILE A 713 16.58 30.50 -13.44
CA ILE A 713 16.84 31.92 -13.21
C ILE A 713 17.85 32.56 -14.14
N TYR A 714 18.67 31.74 -14.77
CA TYR A 714 19.64 32.24 -15.69
C TYR A 714 18.97 32.24 -17.03
N THR A 715 18.21 31.20 -17.31
CA THR A 715 17.50 31.08 -18.58
C THR A 715 16.54 32.24 -18.74
N HIS A 716 16.00 32.70 -17.63
CA HIS A 716 15.07 33.80 -17.66
C HIS A 716 15.87 35.06 -17.88
N MET A 717 16.97 35.23 -17.13
CA MET A 717 17.78 36.43 -17.27
C MET A 717 18.32 36.64 -18.66
N SER A 718 18.97 35.64 -19.25
CA SER A 718 19.49 35.77 -20.60
C SER A 718 18.41 36.32 -21.52
N HIS A 719 17.24 35.71 -21.48
CA HIS A 719 16.14 36.15 -22.30
C HIS A 719 15.85 37.60 -22.10
N PHE A 720 15.96 38.05 -20.85
CA PHE A 720 15.70 39.45 -20.59
C PHE A 720 16.75 40.31 -21.22
N ILE A 721 17.97 39.79 -21.29
CA ILE A 721 19.09 40.55 -21.88
C ILE A 721 19.00 40.59 -23.40
N LYS A 722 18.88 39.42 -24.02
CA LYS A 722 18.78 39.32 -25.48
C LYS A 722 17.67 40.20 -26.03
N GLN A 723 16.54 40.24 -25.33
CA GLN A 723 15.41 41.05 -25.74
C GLN A 723 15.77 42.53 -25.68
N CYS A 724 16.53 42.90 -24.64
CA CYS A 724 16.94 44.28 -24.44
C CYS A 724 17.99 44.72 -25.45
N PHE A 725 18.91 43.82 -25.79
CA PHE A 725 19.93 44.18 -26.75
C PHE A 725 19.50 43.85 -28.18
N SER A 726 18.32 43.25 -28.31
CA SER A 726 17.75 42.90 -29.61
C SER A 726 18.50 41.78 -30.32
N LEU A 727 19.06 40.85 -29.55
CA LEU A 727 19.80 39.74 -30.13
C LEU A 727 18.90 38.54 -30.49
N PRO A 728 19.22 37.84 -31.61
CA PRO A 728 18.41 36.67 -32.02
C PRO A 728 18.68 35.49 -31.09
N THR B 1 -12.68 58.14 -38.49
CA THR B 1 -11.78 59.29 -38.15
C THR B 1 -11.84 59.60 -36.66
N ARG B 2 -12.85 59.02 -36.00
CA ARG B 2 -13.07 59.18 -34.57
C ARG B 2 -12.06 58.32 -33.80
N LYS B 3 -11.58 58.81 -32.67
CA LYS B 3 -10.63 58.04 -31.86
C LYS B 3 -11.26 56.78 -31.27
N THR B 4 -10.45 55.88 -30.76
CA THR B 4 -10.97 54.63 -30.22
C THR B 4 -11.12 54.72 -28.72
N TYR B 5 -11.69 53.66 -28.12
CA TYR B 5 -11.85 53.58 -26.67
C TYR B 5 -10.53 52.98 -26.27
N THR B 6 -9.72 53.80 -25.63
CA THR B 6 -8.38 53.44 -25.23
C THR B 6 -8.21 52.85 -23.84
N LEU B 7 -7.06 52.23 -23.61
CA LEU B 7 -6.77 51.63 -22.31
C LEU B 7 -6.89 52.67 -21.20
N THR B 8 -6.27 53.83 -21.40
CA THR B 8 -6.33 54.92 -20.42
C THR B 8 -7.78 55.26 -20.12
N ASP B 9 -8.58 55.30 -21.16
CA ASP B 9 -10.00 55.61 -21.01
C ASP B 9 -10.61 54.63 -20.02
N TYR B 10 -10.10 53.40 -20.01
CA TYR B 10 -10.62 52.38 -19.11
C TYR B 10 -10.10 52.60 -17.69
N LEU B 11 -8.80 52.82 -17.56
CA LEU B 11 -8.20 53.04 -16.24
C LEU B 11 -8.59 54.38 -15.64
N LYS B 12 -8.63 55.42 -16.47
CA LYS B 12 -8.99 56.74 -15.98
C LYS B 12 -10.47 57.01 -15.97
N ASN B 13 -11.26 56.01 -16.37
CA ASN B 13 -12.70 56.15 -16.32
C ASN B 13 -13.12 57.42 -17.07
N THR B 14 -12.57 57.64 -18.25
CA THR B 14 -12.94 58.86 -18.99
C THR B 14 -14.42 58.87 -19.36
N TYR B 15 -14.99 57.76 -19.82
CA TYR B 15 -16.41 57.73 -20.20
C TYR B 15 -17.21 57.14 -19.07
N ARG B 16 -17.57 58.03 -18.15
CA ARG B 16 -18.30 57.69 -16.96
C ARG B 16 -19.69 57.23 -17.25
N LEU B 17 -20.04 56.08 -16.70
CA LEU B 17 -21.34 55.47 -16.85
C LEU B 17 -22.13 55.93 -15.63
N LYS B 18 -23.27 56.58 -15.85
CA LYS B 18 -24.03 57.05 -14.72
C LYS B 18 -25.02 56.02 -14.22
N LEU B 19 -25.59 56.35 -13.09
CA LEU B 19 -26.57 55.47 -12.49
C LEU B 19 -27.48 56.26 -11.53
N TYR B 20 -28.29 55.55 -10.75
CA TYR B 20 -29.20 56.20 -9.85
C TYR B 20 -29.48 55.30 -8.69
N SER B 21 -28.62 55.34 -7.68
CA SER B 21 -28.80 54.53 -6.46
C SER B 21 -29.62 55.31 -5.47
N LEU B 22 -30.77 54.76 -5.09
CA LEU B 22 -31.67 55.38 -4.14
C LEU B 22 -31.96 54.44 -2.97
N ARG B 23 -32.42 54.98 -1.84
CA ARG B 23 -32.78 54.15 -0.69
C ARG B 23 -34.19 54.51 -0.20
N TRP B 24 -35.12 53.58 -0.40
CA TRP B 24 -36.49 53.75 0.05
C TRP B 24 -36.52 53.90 1.57
N ILE B 25 -37.24 54.91 2.06
CA ILE B 25 -37.32 55.13 3.50
C ILE B 25 -38.81 55.06 3.88
N SER B 26 -39.62 54.64 2.91
CA SER B 26 -41.05 54.57 3.13
C SER B 26 -41.74 53.90 1.95
N ASP B 27 -43.02 54.15 1.79
CA ASP B 27 -43.72 53.55 0.69
C ASP B 27 -43.81 54.57 -0.43
N HIS B 28 -43.41 55.81 -0.17
CA HIS B 28 -43.52 56.83 -1.21
C HIS B 28 -42.40 57.86 -1.28
N GLU B 29 -41.44 57.75 -0.37
CA GLU B 29 -40.29 58.66 -0.36
C GLU B 29 -38.98 57.87 -0.29
N TYR B 30 -38.04 58.27 -1.14
CA TYR B 30 -36.75 57.63 -1.16
C TYR B 30 -35.67 58.69 -1.04
N LEU B 31 -34.49 58.28 -0.58
CA LEU B 31 -33.39 59.21 -0.38
C LEU B 31 -32.33 59.06 -1.43
N TYR B 32 -31.89 60.20 -1.93
CA TYR B 32 -30.88 60.24 -2.96
C TYR B 32 -29.91 61.38 -2.70
N LYS B 33 -28.65 61.12 -3.00
CA LYS B 33 -27.64 62.15 -2.88
C LYS B 33 -27.80 62.81 -4.23
N GLN B 34 -27.57 64.12 -4.31
CA GLN B 34 -27.66 64.80 -5.59
C GLN B 34 -26.85 66.06 -5.44
N GLU B 35 -25.53 65.86 -5.57
CA GLU B 35 -24.44 66.86 -5.43
C GLU B 35 -24.07 67.06 -3.94
N ASN B 36 -23.70 65.94 -3.31
CA ASN B 36 -23.28 65.90 -1.91
C ASN B 36 -24.38 66.10 -0.88
N ASN B 37 -25.64 66.20 -1.29
CA ASN B 37 -26.67 66.50 -0.29
C ASN B 37 -27.94 65.66 -0.36
N ILE B 38 -28.08 64.74 0.58
CA ILE B 38 -29.23 63.85 0.61
C ILE B 38 -30.53 64.60 0.46
N LEU B 39 -31.28 64.20 -0.57
CA LEU B 39 -32.59 64.79 -0.86
C LEU B 39 -33.68 63.77 -0.51
N VAL B 40 -34.93 64.22 -0.47
CA VAL B 40 -36.00 63.28 -0.16
C VAL B 40 -36.99 63.36 -1.28
N PHE B 41 -36.96 62.35 -2.13
CA PHE B 41 -37.85 62.32 -3.25
C PHE B 41 -39.16 61.71 -2.86
N ASN B 42 -40.22 62.13 -3.55
CA ASN B 42 -41.52 61.50 -3.35
C ASN B 42 -41.87 60.85 -4.69
N ALA B 43 -41.98 59.53 -4.69
CA ALA B 43 -42.27 58.81 -5.91
C ALA B 43 -43.50 59.32 -6.63
N GLU B 44 -44.58 59.55 -5.89
CA GLU B 44 -45.80 60.00 -6.53
C GLU B 44 -45.69 61.27 -7.37
N TYR B 45 -44.89 62.24 -6.91
CA TYR B 45 -44.77 63.49 -7.66
C TYR B 45 -43.39 63.86 -8.19
N GLY B 46 -42.34 63.33 -7.54
CA GLY B 46 -41.00 63.64 -7.99
C GLY B 46 -40.45 64.93 -7.43
N ASN B 47 -41.32 65.75 -6.83
CA ASN B 47 -40.85 66.99 -6.23
C ASN B 47 -39.76 66.58 -5.22
N SER B 48 -39.04 67.55 -4.66
CA SER B 48 -37.98 67.17 -3.73
C SER B 48 -37.33 68.31 -2.95
N SER B 49 -36.96 68.00 -1.72
CA SER B 49 -36.31 68.97 -0.84
C SER B 49 -35.02 68.42 -0.27
N VAL B 50 -34.19 69.35 0.19
CA VAL B 50 -32.93 68.98 0.78
C VAL B 50 -33.21 68.39 2.14
N PHE B 51 -32.72 67.18 2.37
CA PHE B 51 -32.91 66.52 3.64
C PHE B 51 -31.63 66.79 4.44
N LEU B 52 -30.50 66.78 3.74
CA LEU B 52 -29.23 67.03 4.42
C LEU B 52 -28.27 67.84 3.55
N GLU B 53 -28.28 69.16 3.76
CA GLU B 53 -27.44 70.11 3.01
C GLU B 53 -25.99 69.61 3.02
N ASN B 54 -25.36 69.55 1.86
CA ASN B 54 -23.98 69.05 1.78
C ASN B 54 -23.01 69.71 2.77
N SER B 55 -23.11 71.05 2.89
CA SER B 55 -22.25 71.86 3.77
C SER B 55 -22.61 71.77 5.27
N THR B 56 -23.11 70.61 5.69
CA THR B 56 -23.54 70.34 7.06
C THR B 56 -22.36 69.87 7.92
N PHE B 57 -21.76 68.75 7.48
CA PHE B 57 -20.64 68.15 8.18
C PHE B 57 -19.31 68.68 7.67
N ASP B 58 -19.26 69.99 7.42
CA ASP B 58 -18.08 70.71 6.91
C ASP B 58 -17.02 70.87 7.99
N GLU B 59 -17.44 71.37 9.16
CA GLU B 59 -16.51 71.54 10.27
C GLU B 59 -16.49 70.27 11.10
N PHE B 60 -16.78 69.16 10.44
CA PHE B 60 -16.79 67.86 11.11
C PHE B 60 -15.36 67.61 11.56
N GLY B 61 -14.47 67.61 10.57
CA GLY B 61 -13.06 67.39 10.82
C GLY B 61 -12.63 65.97 10.54
N HIS B 62 -13.28 65.33 9.58
CA HIS B 62 -12.96 63.95 9.18
C HIS B 62 -13.59 63.69 7.81
N SER B 63 -13.04 62.77 7.03
CA SER B 63 -13.65 62.51 5.73
C SER B 63 -14.65 61.38 5.94
N ILE B 64 -15.93 61.75 5.91
CA ILE B 64 -17.01 60.78 6.11
C ILE B 64 -17.03 59.81 4.93
N ASN B 65 -17.16 58.53 5.23
CA ASN B 65 -17.18 57.46 4.23
C ASN B 65 -18.61 57.13 3.86
N ASP B 66 -19.53 57.19 4.83
CA ASP B 66 -20.93 56.90 4.54
C ASP B 66 -21.86 57.38 5.64
N TYR B 67 -23.13 57.52 5.31
CA TYR B 67 -24.08 57.95 6.29
C TYR B 67 -25.13 56.87 6.33
N SER B 68 -25.80 56.77 7.46
CA SER B 68 -26.87 55.80 7.66
C SER B 68 -27.92 56.53 8.48
N ILE B 69 -29.05 56.83 7.87
CA ILE B 69 -30.09 57.48 8.62
C ILE B 69 -30.95 56.42 9.27
N SER B 70 -31.38 56.68 10.49
CA SER B 70 -32.23 55.75 11.23
C SER B 70 -33.66 55.67 10.63
N PRO B 71 -34.21 54.45 10.50
CA PRO B 71 -35.53 54.15 9.94
C PRO B 71 -36.60 55.19 10.17
N ASP B 72 -36.57 55.84 11.33
CA ASP B 72 -37.57 56.86 11.66
C ASP B 72 -37.16 58.22 11.13
N GLY B 73 -36.00 58.28 10.52
CA GLY B 73 -35.52 59.53 9.99
C GLY B 73 -35.18 60.52 11.08
N GLN B 74 -35.00 60.02 12.31
CA GLN B 74 -34.67 60.88 13.45
C GLN B 74 -33.19 61.05 13.79
N PHE B 75 -32.35 60.24 13.17
CA PHE B 75 -30.94 60.34 13.41
C PHE B 75 -30.19 59.92 12.17
N ILE B 76 -28.89 60.05 12.21
CA ILE B 76 -28.08 59.65 11.10
C ILE B 76 -26.73 59.21 11.67
N LEU B 77 -26.25 58.07 11.20
CA LEU B 77 -25.00 57.49 11.66
C LEU B 77 -23.85 57.82 10.72
N LEU B 78 -22.96 58.71 11.14
CA LEU B 78 -21.85 59.06 10.26
C LEU B 78 -20.71 58.10 10.50
N GLU B 79 -20.26 57.46 9.44
CA GLU B 79 -19.20 56.48 9.50
C GLU B 79 -17.89 57.04 8.94
N TYR B 80 -16.80 56.91 9.68
CA TYR B 80 -15.50 57.40 9.20
C TYR B 80 -14.30 56.57 9.65
N ASN B 81 -13.13 56.96 9.17
CA ASN B 81 -11.86 56.28 9.46
C ASN B 81 -11.97 54.88 8.93
N TYR B 82 -12.73 54.73 7.85
CA TYR B 82 -12.90 53.43 7.21
C TYR B 82 -11.60 52.65 7.11
N VAL B 83 -11.70 51.36 7.45
CA VAL B 83 -10.56 50.46 7.42
C VAL B 83 -11.14 49.13 6.93
N LYS B 84 -10.88 48.81 5.67
CA LYS B 84 -11.37 47.59 5.05
C LYS B 84 -10.73 46.39 5.68
N GLN B 85 -11.28 45.23 5.33
CA GLN B 85 -10.70 43.98 5.75
C GLN B 85 -10.91 43.04 4.60
N TRP B 86 -11.79 42.07 4.80
CA TRP B 86 -12.09 41.11 3.77
C TRP B 86 -13.18 41.66 2.84
N ARG B 87 -13.63 40.80 1.94
CA ARG B 87 -14.66 41.14 0.98
C ARG B 87 -15.67 42.19 1.41
N HIS B 88 -16.27 41.99 2.58
CA HIS B 88 -17.31 42.89 3.10
C HIS B 88 -16.98 43.48 4.49
N SER B 89 -16.25 42.72 5.30
CA SER B 89 -15.93 43.19 6.63
C SER B 89 -15.14 44.46 6.54
N TYR B 90 -15.11 45.20 7.66
CA TYR B 90 -14.37 46.44 7.77
C TYR B 90 -14.63 47.03 9.13
N THR B 91 -13.74 47.90 9.58
CA THR B 91 -13.85 48.55 10.89
C THR B 91 -13.95 50.06 10.76
N ALA B 92 -14.77 50.67 11.61
CA ALA B 92 -14.96 52.12 11.55
C ALA B 92 -15.23 52.84 12.87
N SER B 93 -15.38 54.14 12.73
CA SER B 93 -15.66 55.01 13.85
C SER B 93 -17.03 55.57 13.52
N TYR B 94 -17.85 55.83 14.52
CA TYR B 94 -19.15 56.34 14.22
C TYR B 94 -19.54 57.53 15.08
N ASP B 95 -20.58 58.22 14.66
CA ASP B 95 -21.06 59.38 15.37
C ASP B 95 -22.52 59.54 14.95
N ILE B 96 -23.39 59.86 15.90
CA ILE B 96 -24.80 60.07 15.60
C ILE B 96 -25.11 61.55 15.65
N TYR B 97 -25.97 62.01 14.75
CA TYR B 97 -26.33 63.41 14.68
C TYR B 97 -27.83 63.56 14.80
N ASP B 98 -28.27 64.15 15.90
CA ASP B 98 -29.70 64.32 16.16
C ASP B 98 -30.41 65.26 15.17
N LEU B 99 -30.54 64.79 13.93
CA LEU B 99 -31.20 65.54 12.86
C LEU B 99 -32.18 66.60 13.35
N ASN B 100 -32.94 66.23 14.38
CA ASN B 100 -33.93 67.15 14.88
C ASN B 100 -33.39 68.30 15.70
N LYS B 101 -32.51 68.03 16.67
CA LYS B 101 -31.95 69.12 17.44
C LYS B 101 -30.69 69.54 16.70
N ARG B 102 -30.60 69.02 15.48
CA ARG B 102 -29.48 69.26 14.57
C ARG B 102 -28.16 69.38 15.33
N GLN B 103 -27.94 68.44 16.24
CA GLN B 103 -26.73 68.45 17.02
C GLN B 103 -26.04 67.10 17.05
N LEU B 104 -24.78 67.12 17.48
CA LEU B 104 -23.93 65.92 17.49
C LEU B 104 -23.65 65.18 18.81
N ILE B 105 -24.52 64.22 19.13
CA ILE B 105 -24.42 63.42 20.36
C ILE B 105 -22.99 63.12 20.81
N THR B 106 -22.62 63.67 21.97
CA THR B 106 -21.28 63.52 22.55
C THR B 106 -21.15 62.61 23.80
N GLU B 107 -22.25 62.31 24.48
CA GLU B 107 -22.15 61.40 25.61
C GLU B 107 -22.29 59.98 25.07
N GLU B 108 -22.15 58.97 25.94
CA GLU B 108 -22.28 57.56 25.52
C GLU B 108 -22.15 57.46 23.99
N ARG B 109 -20.90 57.49 23.53
CA ARG B 109 -20.58 57.43 22.10
C ARG B 109 -20.17 56.05 21.63
N ILE B 110 -20.44 55.75 20.36
CA ILE B 110 -20.09 54.44 19.82
C ILE B 110 -18.59 54.25 19.93
N PRO B 111 -18.14 53.04 20.30
CA PRO B 111 -16.71 52.83 20.42
C PRO B 111 -15.93 52.86 19.10
N ASN B 112 -14.78 53.51 19.13
CA ASN B 112 -13.92 53.54 17.95
C ASN B 112 -13.64 52.04 17.73
N ASN B 113 -13.47 51.63 16.47
CA ASN B 113 -13.18 50.22 16.17
C ASN B 113 -14.40 49.32 16.14
N THR B 114 -15.58 49.89 15.99
CA THR B 114 -16.72 49.02 15.94
C THR B 114 -16.64 48.16 14.66
N GLN B 115 -16.74 46.85 14.80
CA GLN B 115 -16.67 45.99 13.62
C GLN B 115 -18.02 45.96 12.92
N TRP B 116 -19.07 46.40 13.60
CA TRP B 116 -20.42 46.41 12.99
C TRP B 116 -21.49 47.22 13.71
N VAL B 117 -22.44 47.73 12.93
CA VAL B 117 -23.56 48.53 13.44
C VAL B 117 -24.81 48.25 12.59
N THR B 118 -25.97 48.67 13.07
CA THR B 118 -27.23 48.46 12.35
C THR B 118 -28.43 49.04 13.11
N TRP B 119 -29.18 49.93 12.47
CA TRP B 119 -30.35 50.52 13.11
C TRP B 119 -31.37 49.43 13.21
N SER B 120 -32.31 49.59 14.12
CA SER B 120 -33.36 48.60 14.19
C SER B 120 -34.16 49.01 12.94
N PRO B 121 -34.91 48.07 12.33
CA PRO B 121 -35.72 48.31 11.14
C PRO B 121 -36.95 49.17 11.39
N VAL B 122 -36.95 49.89 12.50
CA VAL B 122 -38.07 50.74 12.89
C VAL B 122 -37.55 51.65 14.00
N GLY B 123 -38.10 52.86 14.15
CA GLY B 123 -37.65 53.75 15.20
C GLY B 123 -36.15 54.09 15.13
N HIS B 124 -35.41 53.91 16.23
CA HIS B 124 -33.97 54.22 16.20
C HIS B 124 -33.04 53.44 17.14
N LYS B 125 -33.32 52.16 17.38
CA LYS B 125 -32.46 51.33 18.24
C LYS B 125 -31.16 51.04 17.51
N LEU B 126 -30.09 50.93 18.29
CA LEU B 126 -28.75 50.67 17.76
C LEU B 126 -28.11 49.46 18.37
N ALA B 127 -27.69 48.54 17.51
CA ALA B 127 -27.01 47.33 17.92
C ALA B 127 -25.71 47.29 17.13
N TYR B 128 -24.59 47.35 17.83
CA TYR B 128 -23.29 47.31 17.17
C TYR B 128 -22.41 46.26 17.81
N VAL B 129 -21.48 45.73 17.02
CA VAL B 129 -20.55 44.77 17.54
C VAL B 129 -19.25 45.53 17.75
N TRP B 130 -18.54 45.19 18.82
CA TRP B 130 -17.28 45.83 19.14
C TRP B 130 -16.47 44.87 20.00
N ASN B 131 -15.42 44.30 19.42
CA ASN B 131 -14.58 43.33 20.11
C ASN B 131 -15.30 41.96 20.21
N ASN B 132 -15.93 41.57 19.11
CA ASN B 132 -16.64 40.29 18.99
C ASN B 132 -17.82 40.17 19.94
N ASP B 133 -18.24 41.32 20.47
CA ASP B 133 -19.36 41.40 21.39
C ASP B 133 -20.43 42.43 20.97
N ILE B 134 -21.68 41.99 21.09
CA ILE B 134 -22.86 42.75 20.72
C ILE B 134 -23.21 43.77 21.79
N TYR B 135 -23.68 44.94 21.36
CA TYR B 135 -24.09 45.99 22.28
C TYR B 135 -25.31 46.70 21.73
N VAL B 136 -26.33 46.87 22.56
CA VAL B 136 -27.55 47.53 22.13
C VAL B 136 -27.75 48.90 22.77
N LYS B 137 -28.39 49.80 22.03
CA LYS B 137 -28.67 51.14 22.54
C LYS B 137 -30.09 51.58 22.21
N ILE B 138 -30.91 51.65 23.24
CA ILE B 138 -32.30 52.05 23.09
C ILE B 138 -32.38 53.51 22.60
N GLU B 139 -31.42 54.33 23.02
CA GLU B 139 -31.36 55.73 22.62
C GLU B 139 -29.96 56.12 22.17
N PRO B 140 -29.87 56.84 21.05
CA PRO B 140 -28.55 57.23 20.57
C PRO B 140 -27.67 57.78 21.68
N ASN B 141 -28.27 58.54 22.59
CA ASN B 141 -27.49 59.18 23.67
C ASN B 141 -27.45 58.56 25.06
N LEU B 142 -27.79 57.27 25.18
CA LEU B 142 -27.74 56.55 26.46
C LEU B 142 -26.67 55.48 26.44
N PRO B 143 -26.32 54.92 27.62
CA PRO B 143 -25.30 53.88 27.60
C PRO B 143 -25.78 52.62 26.91
N SER B 144 -24.85 51.73 26.64
CA SER B 144 -25.15 50.49 25.95
C SER B 144 -25.28 49.34 26.95
N TYR B 145 -26.05 48.33 26.58
CA TYR B 145 -26.19 47.17 27.45
C TYR B 145 -25.35 46.13 26.71
N ARG B 146 -24.48 45.41 27.41
CA ARG B 146 -23.69 44.42 26.71
C ARG B 146 -24.48 43.17 26.60
N ILE B 147 -24.53 42.59 25.41
CA ILE B 147 -25.30 41.39 25.22
C ILE B 147 -24.48 40.13 25.40
N THR B 148 -23.22 40.16 24.98
CA THR B 148 -22.43 38.96 25.15
C THR B 148 -21.08 39.29 25.73
N TRP B 149 -20.65 38.42 26.64
CA TRP B 149 -19.40 38.54 27.33
C TRP B 149 -18.45 37.41 26.92
N THR B 150 -18.70 36.77 25.78
CA THR B 150 -17.81 35.70 25.34
C THR B 150 -16.89 36.13 24.22
N GLY B 151 -17.05 37.38 23.77
CA GLY B 151 -16.22 37.88 22.69
C GLY B 151 -14.75 37.60 22.89
N LYS B 152 -14.05 37.25 21.81
CA LYS B 152 -12.61 36.98 21.88
C LYS B 152 -11.99 36.92 20.48
N GLU B 153 -10.96 37.74 20.28
CA GLU B 153 -10.28 37.83 18.98
C GLU B 153 -9.81 36.53 18.38
N ASP B 154 -10.21 36.31 17.13
CA ASP B 154 -9.83 35.12 16.37
C ASP B 154 -10.34 33.80 16.96
N ILE B 155 -11.25 33.89 17.92
CA ILE B 155 -11.80 32.70 18.57
C ILE B 155 -13.32 32.66 18.56
N ILE B 156 -13.95 33.59 19.27
CA ILE B 156 -15.40 33.62 19.35
C ILE B 156 -15.98 34.90 18.76
N TYR B 157 -16.79 34.73 17.72
CA TYR B 157 -17.44 35.85 17.02
C TYR B 157 -18.93 35.91 17.33
N ASN B 158 -19.37 37.02 17.91
CA ASN B 158 -20.78 37.21 18.27
C ASN B 158 -21.45 38.35 17.52
N GLY B 159 -22.22 38.05 16.48
CA GLY B 159 -22.87 39.13 15.76
C GLY B 159 -22.18 39.42 14.44
N ILE B 160 -21.04 38.78 14.25
CA ILE B 160 -20.25 38.92 13.03
C ILE B 160 -19.79 37.53 12.71
N THR B 161 -19.52 37.26 11.43
CA THR B 161 -19.10 35.94 11.03
C THR B 161 -17.58 35.84 11.00
N ASP B 162 -17.05 34.62 10.93
CA ASP B 162 -15.61 34.48 10.85
C ASP B 162 -15.22 34.65 9.36
N TRP B 163 -14.10 34.08 8.91
CA TRP B 163 -13.70 34.26 7.52
C TRP B 163 -14.49 33.49 6.52
N VAL B 164 -14.69 32.21 6.80
CA VAL B 164 -15.43 31.34 5.89
C VAL B 164 -16.93 31.63 5.77
N TYR B 165 -17.56 32.13 6.83
CA TYR B 165 -18.99 32.44 6.79
C TYR B 165 -19.18 33.78 6.12
N GLU B 166 -18.19 34.67 6.29
CA GLU B 166 -18.25 35.99 5.69
C GLU B 166 -18.08 35.94 4.20
N GLU B 167 -17.44 34.90 3.72
CA GLU B 167 -17.19 34.76 2.30
C GLU B 167 -18.10 33.73 1.64
N GLU B 168 -18.07 32.51 2.15
CA GLU B 168 -18.83 31.39 1.58
C GLU B 168 -20.25 31.11 2.03
N VAL B 169 -20.80 31.89 2.96
CA VAL B 169 -22.17 31.61 3.37
C VAL B 169 -23.09 32.83 3.36
N PHE B 170 -22.94 33.71 4.32
CA PHE B 170 -23.81 34.88 4.36
C PHE B 170 -23.46 35.95 3.34
N SER B 171 -22.20 36.03 2.92
CA SER B 171 -21.83 37.06 1.96
C SER B 171 -21.92 38.43 2.62
N ALA B 172 -21.79 38.45 3.93
CA ALA B 172 -21.82 39.71 4.65
C ALA B 172 -21.07 39.55 5.95
N TYR B 173 -20.80 40.65 6.61
CA TYR B 173 -20.08 40.57 7.87
C TYR B 173 -21.10 40.30 8.97
N SER B 174 -22.06 41.20 9.09
CA SER B 174 -23.12 41.14 10.07
C SER B 174 -23.73 39.76 10.26
N ALA B 175 -23.75 39.32 11.51
CA ALA B 175 -24.32 38.04 11.87
C ALA B 175 -25.37 38.22 12.96
N LEU B 176 -26.21 39.23 12.79
CA LEU B 176 -27.30 39.48 13.72
C LEU B 176 -28.49 39.80 12.83
N TRP B 177 -29.69 39.81 13.38
CA TRP B 177 -30.86 40.08 12.58
C TRP B 177 -31.96 40.68 13.44
N TRP B 178 -32.53 41.81 13.03
CA TRP B 178 -33.61 42.38 13.84
C TRP B 178 -35.00 41.90 13.41
N SER B 179 -35.87 41.68 14.40
CA SER B 179 -37.22 41.26 14.10
C SER B 179 -37.97 42.42 13.39
N PRO B 180 -38.98 42.10 12.60
CA PRO B 180 -39.78 43.07 11.87
C PRO B 180 -40.04 44.39 12.55
N ASN B 181 -40.21 44.40 13.85
CA ASN B 181 -40.46 45.67 14.56
C ASN B 181 -39.27 45.93 15.45
N GLY B 182 -38.27 45.07 15.30
CA GLY B 182 -37.04 45.20 16.05
C GLY B 182 -37.18 44.99 17.55
N THR B 183 -38.01 44.06 17.96
CA THR B 183 -38.16 43.84 19.38
C THR B 183 -37.11 42.85 19.81
N PHE B 184 -36.86 41.87 18.95
CA PHE B 184 -35.85 40.87 19.23
C PHE B 184 -34.57 41.13 18.41
N LEU B 185 -33.50 40.46 18.81
CA LEU B 185 -32.26 40.61 18.11
C LEU B 185 -31.69 39.22 18.12
N ALA B 186 -31.78 38.55 16.99
CA ALA B 186 -31.24 37.21 16.88
C ALA B 186 -29.82 37.48 16.45
N TYR B 187 -28.97 36.46 16.55
CA TYR B 187 -27.58 36.59 16.15
C TYR B 187 -26.89 35.27 16.23
N ALA B 188 -26.04 34.99 15.25
CA ALA B 188 -25.31 33.74 15.25
C ALA B 188 -24.07 34.06 16.07
N GLN B 189 -23.31 33.01 16.43
CA GLN B 189 -22.06 33.16 17.18
C GLN B 189 -21.14 32.11 16.63
N PHE B 190 -19.88 32.46 16.37
CA PHE B 190 -18.95 31.48 15.82
C PHE B 190 -17.76 31.18 16.72
N ASN B 191 -17.37 29.90 16.77
CA ASN B 191 -16.26 29.49 17.62
C ASN B 191 -15.19 28.75 16.78
N ASP B 192 -14.20 29.48 16.29
CA ASP B 192 -13.15 28.89 15.48
C ASP B 192 -11.95 28.42 16.28
N THR B 193 -12.18 27.99 17.52
CA THR B 193 -11.08 27.54 18.35
C THR B 193 -10.06 26.63 17.69
N GLU B 194 -10.47 25.47 17.21
CA GLU B 194 -9.51 24.57 16.60
C GLU B 194 -9.39 24.68 15.09
N VAL B 195 -9.88 25.80 14.56
CA VAL B 195 -9.79 26.08 13.13
C VAL B 195 -8.35 26.56 12.84
N PRO B 196 -7.63 25.91 11.91
CA PRO B 196 -6.26 26.29 11.57
C PRO B 196 -6.19 27.74 11.13
N LEU B 197 -4.98 28.29 11.10
CA LEU B 197 -4.77 29.68 10.71
C LEU B 197 -3.94 29.85 9.44
N ILE B 198 -4.43 30.69 8.53
CA ILE B 198 -3.64 30.93 7.34
C ILE B 198 -2.68 32.02 7.81
N GLU B 199 -1.40 31.87 7.47
CA GLU B 199 -0.40 32.83 7.88
C GLU B 199 0.39 33.41 6.71
N TYR B 200 0.09 34.64 6.34
CA TYR B 200 0.83 35.26 5.27
C TYR B 200 1.44 36.50 5.88
N SER B 201 2.36 37.14 5.16
CA SER B 201 3.00 38.34 5.69
C SER B 201 2.44 39.58 5.01
N PHE B 202 2.50 40.70 5.70
CA PHE B 202 2.05 41.96 5.17
C PHE B 202 3.23 42.85 5.45
N TYR B 203 3.86 43.37 4.40
CA TYR B 203 5.06 44.22 4.53
C TYR B 203 4.78 45.63 5.01
N SER B 204 3.53 46.05 4.87
CA SER B 204 3.10 47.35 5.33
C SER B 204 3.64 48.50 4.50
N ASP B 205 3.98 49.58 5.20
CA ASP B 205 4.53 50.74 4.57
C ASP B 205 6.03 50.58 4.65
N GLU B 206 6.75 51.31 3.81
CA GLU B 206 8.20 51.24 3.76
C GLU B 206 8.84 51.53 5.10
N SER B 207 8.10 52.15 6.00
CA SER B 207 8.63 52.47 7.31
C SER B 207 8.53 51.29 8.25
N LEU B 208 7.70 50.32 7.96
CA LEU B 208 7.63 49.17 8.84
C LEU B 208 8.90 48.38 8.62
N GLN B 209 9.78 48.43 9.60
CA GLN B 209 11.06 47.74 9.55
C GLN B 209 10.94 46.23 9.50
N TYR B 210 10.05 45.69 10.33
CA TYR B 210 9.85 44.25 10.40
C TYR B 210 8.46 43.87 9.89
N PRO B 211 8.42 42.96 8.89
CA PRO B 211 7.24 42.44 8.21
C PRO B 211 6.28 41.89 9.23
N LYS B 212 5.00 42.21 9.11
CA LYS B 212 4.01 41.70 10.03
C LYS B 212 3.52 40.41 9.45
N THR B 213 3.02 39.53 10.31
CA THR B 213 2.47 38.28 9.85
C THR B 213 0.99 38.25 10.10
N VAL B 214 0.23 38.02 9.04
CA VAL B 214 -1.21 37.95 9.17
C VAL B 214 -1.55 36.49 9.42
N ARG B 215 -2.31 36.26 10.49
CA ARG B 215 -2.74 34.95 10.89
C ARG B 215 -4.24 35.04 11.01
N VAL B 216 -4.98 34.22 10.27
CA VAL B 216 -6.45 34.25 10.33
C VAL B 216 -7.07 32.86 10.27
N PRO B 217 -8.06 32.56 11.16
CA PRO B 217 -8.77 31.29 11.23
C PRO B 217 -9.45 31.05 9.88
N TYR B 218 -8.96 30.04 9.17
CA TYR B 218 -9.44 29.71 7.84
C TYR B 218 -9.46 28.21 7.69
N PRO B 219 -10.63 27.63 7.41
CA PRO B 219 -10.75 26.18 7.24
C PRO B 219 -10.61 25.80 5.77
N LYS B 220 -9.52 25.12 5.42
CA LYS B 220 -9.27 24.69 4.04
C LYS B 220 -9.94 23.34 3.80
N ALA B 221 -10.13 22.97 2.53
CA ALA B 221 -10.80 21.71 2.20
C ALA B 221 -10.43 20.55 3.13
N GLY B 222 -11.42 19.95 3.76
CA GLY B 222 -11.18 18.83 4.63
C GLY B 222 -10.87 19.15 6.08
N ALA B 223 -10.15 20.23 6.32
CA ALA B 223 -9.77 20.61 7.68
C ALA B 223 -10.92 20.83 8.66
N VAL B 224 -10.56 21.23 9.87
CA VAL B 224 -11.52 21.47 10.94
C VAL B 224 -12.32 22.75 10.78
N ASN B 225 -13.64 22.59 10.60
CA ASN B 225 -14.56 23.71 10.43
C ASN B 225 -15.01 24.40 11.72
N PRO B 226 -15.45 25.63 11.60
CA PRO B 226 -15.91 26.36 12.78
C PRO B 226 -17.35 26.01 13.10
N THR B 227 -17.66 25.77 14.37
CA THR B 227 -19.01 25.43 14.78
C THR B 227 -19.83 26.70 15.00
N VAL B 228 -21.16 26.58 15.03
CA VAL B 228 -22.03 27.73 15.20
C VAL B 228 -23.21 27.53 16.17
N LYS B 229 -23.59 28.60 16.89
CA LYS B 229 -24.72 28.56 17.80
C LYS B 229 -25.58 29.80 17.60
N PHE B 230 -26.91 29.65 17.66
CA PHE B 230 -27.89 30.73 17.44
C PHE B 230 -28.65 31.18 18.69
N PHE B 231 -28.93 32.49 18.81
CA PHE B 231 -29.66 33.02 19.99
C PHE B 231 -30.57 34.19 19.60
N VAL B 232 -31.46 34.58 20.52
CA VAL B 232 -32.37 35.69 20.31
C VAL B 232 -32.56 36.41 21.63
N VAL B 233 -32.37 37.73 21.65
CA VAL B 233 -32.54 38.54 22.86
C VAL B 233 -33.63 39.60 22.67
N ASN B 234 -34.46 39.78 23.70
CA ASN B 234 -35.54 40.76 23.67
C ASN B 234 -34.96 42.09 24.14
N THR B 235 -34.84 43.01 23.19
CA THR B 235 -34.24 44.29 23.47
C THR B 235 -35.06 45.21 24.33
N ASP B 236 -36.37 44.97 24.38
CA ASP B 236 -37.24 45.84 25.17
C ASP B 236 -37.12 45.56 26.66
N SER B 237 -36.74 44.32 27.00
CA SER B 237 -36.60 43.93 28.39
C SER B 237 -35.15 44.00 28.83
N LEU B 238 -34.53 45.18 28.75
CA LEU B 238 -33.13 45.34 29.15
C LEU B 238 -33.04 46.32 30.30
N SER B 239 -33.99 47.25 30.27
CA SER B 239 -34.13 48.34 31.24
C SER B 239 -34.76 48.01 32.64
N SER B 240 -35.33 46.81 32.77
CA SER B 240 -36.00 46.40 34.01
C SER B 240 -35.18 45.44 34.90
N VAL B 241 -34.68 44.35 34.32
CA VAL B 241 -33.88 43.41 35.10
C VAL B 241 -32.41 43.79 34.97
N THR B 242 -31.56 42.87 35.42
CA THR B 242 -30.11 43.02 35.43
C THR B 242 -29.43 42.79 34.09
N ASN B 243 -28.52 41.82 34.12
CA ASN B 243 -27.74 41.40 32.95
C ASN B 243 -28.75 40.90 31.94
N ALA B 244 -28.37 40.84 30.67
CA ALA B 244 -29.31 40.37 29.65
C ALA B 244 -29.23 38.86 29.48
N THR B 245 -30.27 38.28 28.87
CA THR B 245 -30.29 36.85 28.65
C THR B 245 -30.61 36.57 27.21
N SER B 246 -29.99 35.55 26.66
CA SER B 246 -30.20 35.21 25.26
C SER B 246 -30.72 33.79 25.15
N ILE B 247 -31.91 33.64 24.59
CA ILE B 247 -32.48 32.31 24.43
C ILE B 247 -31.85 31.65 23.22
N GLN B 248 -31.26 30.48 23.42
CA GLN B 248 -30.61 29.77 22.33
C GLN B 248 -31.58 28.90 21.54
N ILE B 249 -31.28 28.74 20.26
CA ILE B 249 -32.08 27.91 19.40
C ILE B 249 -31.11 26.89 18.85
N THR B 250 -31.35 25.61 19.09
CA THR B 250 -30.43 24.58 18.61
C THR B 250 -30.90 23.93 17.31
N ALA B 251 -29.94 23.68 16.43
CA ALA B 251 -30.22 23.05 15.14
C ALA B 251 -30.88 21.70 15.32
N PRO B 252 -31.76 21.33 14.37
CA PRO B 252 -32.41 20.03 14.50
C PRO B 252 -31.34 18.97 14.66
N ALA B 253 -31.70 17.84 15.26
CA ALA B 253 -30.71 16.77 15.48
C ALA B 253 -30.24 16.05 14.21
N SER B 254 -30.87 16.31 13.08
CA SER B 254 -30.46 15.67 11.84
C SER B 254 -29.17 16.29 11.37
N MET B 255 -28.82 17.39 12.05
CA MET B 255 -27.63 18.18 11.79
C MET B 255 -26.62 17.95 12.91
N LEU B 256 -27.13 17.87 14.13
CA LEU B 256 -26.32 17.67 15.31
C LEU B 256 -25.47 16.40 15.27
N ILE B 257 -25.76 15.48 14.35
CA ILE B 257 -25.00 14.27 14.32
C ILE B 257 -23.59 14.46 13.81
N GLY B 258 -23.37 15.51 13.03
CA GLY B 258 -22.05 15.75 12.50
C GLY B 258 -21.75 17.23 12.45
N ASP B 259 -20.91 17.65 11.49
CA ASP B 259 -20.61 19.05 11.32
C ASP B 259 -21.75 19.64 10.51
N HIS B 260 -21.99 20.93 10.68
CA HIS B 260 -23.07 21.57 9.96
C HIS B 260 -22.88 23.07 9.91
N TYR B 261 -23.66 23.74 9.08
CA TYR B 261 -23.57 25.19 8.97
C TYR B 261 -24.95 25.80 9.10
N LEU B 262 -24.96 27.10 9.36
CA LEU B 262 -26.17 27.91 9.46
C LEU B 262 -26.11 28.64 8.12
N CYS B 263 -27.10 28.45 7.27
CA CYS B 263 -27.02 29.13 6.00
C CYS B 263 -28.06 30.22 5.73
N ASP B 264 -29.07 30.32 6.57
CA ASP B 264 -30.10 31.32 6.35
C ASP B 264 -30.80 31.65 7.65
N VAL B 265 -31.23 32.89 7.79
CA VAL B 265 -31.91 33.36 8.98
C VAL B 265 -32.95 34.34 8.51
N THR B 266 -34.20 33.90 8.44
CA THR B 266 -35.28 34.77 7.99
C THR B 266 -36.43 34.88 8.97
N TRP B 267 -36.73 36.11 9.36
CA TRP B 267 -37.83 36.40 10.28
C TRP B 267 -39.06 36.32 9.44
N ALA B 268 -40.12 35.70 9.98
CA ALA B 268 -41.35 35.55 9.23
C ALA B 268 -42.45 36.45 9.76
N THR B 269 -42.42 36.71 11.07
CA THR B 269 -43.41 37.55 11.73
C THR B 269 -42.76 38.25 12.91
N GLN B 270 -43.58 38.76 13.82
CA GLN B 270 -43.04 39.43 14.99
C GLN B 270 -42.51 38.39 15.97
N GLU B 271 -42.97 37.15 15.82
CA GLU B 271 -42.55 36.13 16.72
C GLU B 271 -42.37 34.80 16.06
N ARG B 272 -42.08 34.82 14.77
CA ARG B 272 -41.82 33.58 14.06
C ARG B 272 -40.58 33.83 13.24
N ILE B 273 -39.64 32.90 13.30
CA ILE B 273 -38.39 33.01 12.56
C ILE B 273 -38.03 31.67 11.95
N SER B 274 -37.38 31.71 10.80
CA SER B 274 -36.95 30.48 10.16
C SER B 274 -35.43 30.50 10.17
N LEU B 275 -34.86 29.31 10.26
CA LEU B 275 -33.43 29.11 10.25
C LEU B 275 -33.25 28.00 9.25
N GLN B 276 -32.10 27.96 8.58
CA GLN B 276 -31.86 26.90 7.63
C GLN B 276 -30.53 26.23 7.91
N TRP B 277 -30.56 24.92 8.11
CA TRP B 277 -29.34 24.19 8.42
C TRP B 277 -28.88 23.27 7.29
N LEU B 278 -27.60 23.39 6.95
CA LEU B 278 -27.01 22.60 5.89
C LEU B 278 -25.88 21.77 6.48
N ARG B 279 -25.80 20.52 6.06
CA ARG B 279 -24.79 19.59 6.55
C ARG B 279 -23.44 19.77 5.86
N ARG B 280 -22.34 19.55 6.58
CA ARG B 280 -21.03 19.70 5.96
C ARG B 280 -21.06 19.09 4.56
N ILE B 281 -21.93 18.11 4.33
CA ILE B 281 -22.10 17.48 3.00
C ILE B 281 -23.31 18.19 2.42
N GLN B 282 -23.09 19.40 1.94
CA GLN B 282 -24.15 20.27 1.41
C GLN B 282 -25.15 19.77 0.35
N ASN B 283 -25.62 18.54 0.48
CA ASN B 283 -26.63 18.07 -0.45
C ASN B 283 -27.98 17.85 0.26
N TYR B 284 -28.03 18.18 1.56
CA TYR B 284 -29.24 18.02 2.41
C TYR B 284 -29.33 19.14 3.47
N SER B 285 -30.38 19.96 3.37
CA SER B 285 -30.57 21.07 4.29
C SER B 285 -31.95 20.96 4.90
N VAL B 286 -32.14 21.64 6.03
CA VAL B 286 -33.41 21.61 6.75
C VAL B 286 -33.77 23.01 7.16
N MET B 287 -35.07 23.27 7.24
CA MET B 287 -35.56 24.57 7.67
C MET B 287 -36.44 24.40 8.89
N ASP B 288 -36.07 25.06 10.00
CA ASP B 288 -36.89 25.03 11.21
C ASP B 288 -37.62 26.34 11.22
N ILE B 289 -38.84 26.35 11.73
CA ILE B 289 -39.61 27.58 11.78
C ILE B 289 -39.89 27.71 13.26
N CYS B 290 -39.43 28.79 13.87
CA CYS B 290 -39.61 28.94 15.30
C CYS B 290 -40.43 30.13 15.83
N ASP B 291 -41.34 29.81 16.76
CA ASP B 291 -42.23 30.76 17.41
C ASP B 291 -41.74 31.15 18.79
N TYR B 292 -42.15 32.32 19.26
CA TYR B 292 -41.76 32.73 20.60
C TYR B 292 -42.83 32.31 21.60
N ASP B 293 -42.49 31.42 22.52
CA ASP B 293 -43.45 30.96 23.52
C ASP B 293 -43.44 31.89 24.73
N GLU B 294 -44.53 32.62 24.96
CA GLU B 294 -44.58 33.55 26.08
C GLU B 294 -44.60 32.91 27.45
N SER B 295 -45.09 31.68 27.53
CA SER B 295 -45.16 31.01 28.82
C SER B 295 -43.89 30.26 29.21
N SER B 296 -43.00 30.05 28.24
CA SER B 296 -41.75 29.35 28.53
C SER B 296 -40.62 30.34 28.37
N GLY B 297 -40.87 31.39 27.61
CA GLY B 297 -39.86 32.40 27.41
C GLY B 297 -38.80 31.94 26.45
N ARG B 298 -39.02 30.78 25.83
CA ARG B 298 -38.07 30.22 24.89
C ARG B 298 -38.61 30.09 23.47
N TRP B 299 -37.75 29.71 22.53
CA TRP B 299 -38.20 29.55 21.15
C TRP B 299 -38.54 28.10 20.78
N ASN B 300 -39.82 27.85 20.52
CA ASN B 300 -40.29 26.51 20.19
C ASN B 300 -40.33 26.30 18.69
N CYS B 301 -39.73 25.22 18.23
CA CYS B 301 -39.73 24.93 16.80
C CYS B 301 -40.34 23.55 16.52
N LEU B 302 -41.63 23.54 16.22
CA LEU B 302 -42.33 22.32 15.95
C LEU B 302 -41.78 21.52 14.79
N VAL B 303 -41.40 20.28 15.02
CA VAL B 303 -40.85 19.41 13.96
C VAL B 303 -41.83 19.20 12.80
N ALA B 304 -43.08 19.54 13.04
CA ALA B 304 -44.13 19.41 12.04
C ALA B 304 -44.06 20.63 11.12
N ARG B 305 -43.22 21.58 11.51
CA ARG B 305 -43.01 22.78 10.73
C ARG B 305 -41.57 22.71 10.32
N GLN B 306 -41.15 21.51 9.99
CA GLN B 306 -39.77 21.29 9.59
C GLN B 306 -39.77 20.96 8.12
N HIS B 307 -38.91 21.61 7.34
CA HIS B 307 -38.84 21.29 5.92
C HIS B 307 -37.47 20.88 5.48
N ILE B 308 -37.45 19.81 4.68
CA ILE B 308 -36.22 19.27 4.14
C ILE B 308 -36.06 19.72 2.69
N GLU B 309 -34.82 19.88 2.26
CA GLU B 309 -34.51 20.24 0.89
C GLU B 309 -33.17 19.62 0.57
N MET B 310 -33.15 18.64 -0.31
CA MET B 310 -31.91 17.96 -0.65
C MET B 310 -31.80 17.79 -2.14
N SER B 311 -30.62 17.40 -2.61
CA SER B 311 -30.42 17.15 -4.02
C SER B 311 -29.70 15.83 -4.18
N THR B 312 -30.10 15.08 -5.20
CA THR B 312 -29.50 13.77 -5.42
C THR B 312 -28.53 13.87 -6.57
N THR B 313 -28.50 15.04 -7.21
CA THR B 313 -27.60 15.24 -8.32
C THR B 313 -26.38 16.06 -7.94
N GLY B 314 -26.50 16.87 -6.89
CA GLY B 314 -25.38 17.68 -6.46
C GLY B 314 -25.50 18.23 -5.05
N TRP B 315 -25.38 19.55 -4.94
CA TRP B 315 -25.46 20.30 -3.68
C TRP B 315 -26.83 20.96 -3.58
N VAL B 316 -27.04 21.79 -2.57
CA VAL B 316 -28.35 22.42 -2.44
C VAL B 316 -28.32 23.93 -2.68
N GLY B 317 -29.04 24.40 -3.70
CA GLY B 317 -29.06 25.83 -3.99
C GLY B 317 -27.99 26.21 -4.97
N ARG B 318 -28.04 27.43 -5.49
CA ARG B 318 -27.01 27.89 -6.44
C ARG B 318 -25.68 27.90 -5.70
N PHE B 319 -25.64 28.57 -4.56
CA PHE B 319 -24.44 28.58 -3.71
C PHE B 319 -24.91 28.12 -2.33
N ARG B 320 -26.15 28.45 -2.00
CA ARG B 320 -26.74 28.06 -0.73
C ARG B 320 -28.26 27.98 -0.81
N PRO B 321 -28.88 27.16 0.05
CA PRO B 321 -30.33 27.09 -0.02
C PRO B 321 -30.96 28.50 -0.11
N SER B 322 -31.89 28.69 -1.04
CA SER B 322 -32.57 29.99 -1.25
C SER B 322 -33.41 30.35 -0.03
N GLU B 323 -33.81 31.61 0.05
CA GLU B 323 -34.57 32.04 1.21
C GLU B 323 -36.03 32.10 0.95
N PRO B 324 -36.82 32.04 2.03
CA PRO B 324 -38.27 32.10 1.92
C PRO B 324 -38.77 33.54 2.08
N HIS B 325 -39.99 33.73 1.59
CA HIS B 325 -40.70 35.00 1.64
C HIS B 325 -42.07 34.59 2.16
N PHE B 326 -42.35 34.92 3.41
CA PHE B 326 -43.59 34.57 4.06
C PHE B 326 -44.71 35.54 3.75
N THR B 327 -45.95 35.09 3.93
CA THR B 327 -47.09 35.95 3.69
C THR B 327 -47.27 36.66 5.02
N LEU B 328 -47.93 37.81 5.00
CA LEU B 328 -48.10 38.58 6.22
C LEU B 328 -48.32 37.74 7.48
N ASP B 329 -49.34 36.88 7.47
CA ASP B 329 -49.63 36.06 8.64
C ASP B 329 -48.60 34.97 8.92
N GLY B 330 -47.45 35.08 8.27
CA GLY B 330 -46.37 34.14 8.46
C GLY B 330 -46.78 32.68 8.48
N ASN B 331 -47.90 32.35 7.86
CA ASN B 331 -48.36 30.95 7.87
C ASN B 331 -48.00 30.21 6.58
N SER B 332 -47.44 30.93 5.62
CA SER B 332 -47.03 30.32 4.38
C SER B 332 -45.99 31.20 3.69
N PHE B 333 -45.08 30.54 2.98
CA PHE B 333 -44.00 31.21 2.28
C PHE B 333 -43.76 30.68 0.89
N TYR B 334 -42.99 31.46 0.14
CA TYR B 334 -42.62 31.10 -1.21
C TYR B 334 -41.10 31.00 -1.18
N LYS B 335 -40.56 30.06 -1.94
CA LYS B 335 -39.13 29.84 -1.95
C LYS B 335 -38.71 29.21 -3.28
N ILE B 336 -37.63 29.68 -3.88
CA ILE B 336 -37.20 29.09 -5.14
C ILE B 336 -36.50 27.80 -4.84
N ILE B 337 -36.90 26.74 -5.52
CA ILE B 337 -36.23 25.45 -5.33
C ILE B 337 -36.13 24.75 -6.68
N SER B 338 -35.40 23.64 -6.75
CA SER B 338 -35.26 22.94 -8.03
C SER B 338 -36.33 21.88 -8.23
N ASN B 339 -37.21 22.13 -9.22
CA ASN B 339 -38.30 21.20 -9.49
C ASN B 339 -37.84 19.82 -9.91
N GLU B 340 -38.79 19.02 -10.39
CA GLU B 340 -38.57 17.65 -10.81
C GLU B 340 -37.70 17.53 -12.07
N GLU B 341 -37.79 18.55 -12.91
CA GLU B 341 -37.07 18.65 -14.17
C GLU B 341 -35.63 19.01 -13.91
N GLY B 342 -35.42 19.76 -12.84
CA GLY B 342 -34.09 20.20 -12.49
C GLY B 342 -33.96 21.70 -12.63
N TYR B 343 -35.06 22.41 -12.86
CA TYR B 343 -35.00 23.86 -12.99
C TYR B 343 -35.47 24.53 -11.71
N ARG B 344 -34.81 25.61 -11.33
CA ARG B 344 -35.17 26.34 -10.12
C ARG B 344 -36.44 27.16 -10.26
N HIS B 345 -37.42 26.89 -9.39
CA HIS B 345 -38.71 27.60 -9.41
C HIS B 345 -39.36 27.91 -8.04
N ILE B 346 -40.33 28.82 -8.08
CA ILE B 346 -41.01 29.25 -6.87
C ILE B 346 -42.08 28.31 -6.41
N CYS B 347 -41.83 27.61 -5.31
CA CYS B 347 -42.82 26.70 -4.78
C CYS B 347 -43.61 27.35 -3.64
N TYR B 348 -44.81 26.86 -3.41
CA TYR B 348 -45.66 27.40 -2.38
C TYR B 348 -45.67 26.48 -1.17
N PHE B 349 -45.43 27.04 0.02
CA PHE B 349 -45.41 26.25 1.25
C PHE B 349 -46.42 26.65 2.32
N GLN B 350 -46.98 25.64 2.98
CA GLN B 350 -47.91 25.82 4.09
C GLN B 350 -46.97 25.34 5.20
N ILE B 351 -46.63 26.24 6.11
CA ILE B 351 -45.65 25.92 7.16
C ILE B 351 -45.76 24.57 7.80
N ASP B 352 -46.95 24.03 7.87
CA ASP B 352 -47.10 22.72 8.50
C ASP B 352 -47.44 21.57 7.53
N LYS B 353 -47.24 21.79 6.23
CA LYS B 353 -47.48 20.75 5.23
C LYS B 353 -46.15 20.54 4.53
N LYS B 354 -45.80 19.29 4.27
CA LYS B 354 -44.54 19.00 3.63
C LYS B 354 -44.48 19.12 2.09
N ASP B 355 -45.59 18.95 1.40
CA ASP B 355 -45.58 19.10 -0.07
C ASP B 355 -45.85 20.55 -0.37
N CYS B 356 -45.04 21.15 -1.23
CA CYS B 356 -45.23 22.53 -1.63
C CYS B 356 -45.78 22.44 -3.04
N THR B 357 -46.22 23.57 -3.60
CA THR B 357 -46.78 23.57 -4.96
C THR B 357 -46.03 24.58 -5.77
N PHE B 358 -45.55 24.19 -6.92
CA PHE B 358 -44.85 25.18 -7.74
C PHE B 358 -45.84 26.15 -8.34
N ILE B 359 -45.46 27.40 -8.45
CA ILE B 359 -46.36 28.36 -9.04
C ILE B 359 -45.84 28.81 -10.43
N THR B 360 -44.66 28.31 -10.80
CA THR B 360 -44.02 28.61 -12.09
C THR B 360 -43.28 27.35 -12.53
N LYS B 361 -43.10 27.16 -13.84
CA LYS B 361 -42.40 25.99 -14.33
C LYS B 361 -41.94 26.19 -15.76
N GLY B 362 -41.25 25.20 -16.31
CA GLY B 362 -40.78 25.32 -17.68
C GLY B 362 -39.30 25.09 -17.83
N THR B 363 -38.71 25.53 -18.95
CA THR B 363 -37.27 25.36 -19.21
C THR B 363 -36.54 26.71 -19.19
N TRP B 364 -36.61 27.35 -18.04
CA TRP B 364 -35.97 28.64 -17.77
C TRP B 364 -35.90 28.63 -16.26
N GLU B 365 -35.40 29.69 -15.66
CA GLU B 365 -35.31 29.69 -14.21
C GLU B 365 -35.68 31.00 -13.59
N VAL B 366 -36.30 30.91 -12.43
CA VAL B 366 -36.66 32.10 -11.72
C VAL B 366 -35.37 32.45 -11.05
N ILE B 367 -34.97 33.70 -11.18
CA ILE B 367 -33.74 34.17 -10.57
C ILE B 367 -33.94 34.42 -9.08
N GLY B 368 -34.84 35.34 -8.74
CA GLY B 368 -35.10 35.62 -7.34
C GLY B 368 -36.48 36.18 -7.18
N ILE B 369 -36.95 36.25 -5.94
CA ILE B 369 -38.25 36.80 -5.62
C ILE B 369 -37.90 38.19 -5.16
N GLU B 370 -38.63 39.19 -5.61
CA GLU B 370 -38.30 40.57 -5.26
C GLU B 370 -39.21 41.26 -4.27
N ALA B 371 -40.46 40.80 -4.19
CA ALA B 371 -41.41 41.39 -3.28
C ALA B 371 -42.63 40.51 -3.27
N LEU B 372 -43.36 40.57 -2.17
CA LEU B 372 -44.56 39.76 -2.04
C LEU B 372 -45.65 40.56 -1.36
N THR B 373 -46.66 40.91 -2.14
CA THR B 373 -47.77 41.66 -1.59
C THR B 373 -48.97 40.71 -1.43
N SER B 374 -50.09 41.21 -0.90
CA SER B 374 -51.25 40.39 -0.68
C SER B 374 -51.89 39.90 -1.97
N ASP B 375 -51.55 40.50 -3.10
CA ASP B 375 -52.14 40.08 -4.37
C ASP B 375 -51.15 39.48 -5.32
N TYR B 376 -49.95 40.05 -5.33
CA TYR B 376 -48.95 39.58 -6.23
C TYR B 376 -47.66 39.21 -5.53
N LEU B 377 -46.83 38.50 -6.27
CA LEU B 377 -45.52 38.14 -5.79
C LEU B 377 -44.78 38.62 -7.00
N TYR B 378 -43.57 39.13 -6.80
CA TYR B 378 -42.80 39.61 -7.93
C TYR B 378 -41.48 38.91 -8.00
N TYR B 379 -41.10 38.48 -9.18
CA TYR B 379 -39.84 37.79 -9.32
C TYR B 379 -39.12 38.16 -10.61
N ILE B 380 -37.84 37.80 -10.66
CA ILE B 380 -36.99 38.04 -11.83
C ILE B 380 -36.61 36.71 -12.43
N SER B 381 -36.73 36.57 -13.74
CA SER B 381 -36.35 35.31 -14.38
C SER B 381 -35.75 35.54 -15.76
N ASN B 382 -35.21 34.49 -16.34
CA ASN B 382 -34.60 34.60 -17.65
C ASN B 382 -35.45 33.87 -18.69
N GLU B 383 -36.75 33.95 -18.50
CA GLU B 383 -37.69 33.31 -19.40
C GLU B 383 -37.80 34.00 -20.76
N TYR B 384 -38.08 35.30 -20.72
CA TYR B 384 -38.23 36.09 -21.93
C TYR B 384 -37.32 35.72 -23.08
N LYS B 385 -37.93 35.34 -24.19
CA LYS B 385 -37.16 34.97 -25.37
C LYS B 385 -36.25 33.77 -25.15
N GLY B 386 -36.52 33.01 -24.11
CA GLY B 386 -35.70 31.84 -23.86
C GLY B 386 -34.24 32.18 -23.87
N MET B 387 -33.95 33.36 -23.36
CA MET B 387 -32.58 33.82 -23.27
C MET B 387 -32.15 33.79 -21.83
N PRO B 388 -31.25 32.84 -21.49
CA PRO B 388 -30.69 32.62 -20.16
C PRO B 388 -29.86 33.80 -19.67
N GLY B 389 -29.16 34.45 -20.59
CA GLY B 389 -28.35 35.60 -20.20
C GLY B 389 -29.24 36.82 -20.09
N GLY B 390 -30.50 36.60 -19.75
CA GLY B 390 -31.43 37.71 -19.62
C GLY B 390 -31.99 37.88 -18.23
N ARG B 391 -32.75 38.95 -18.07
CA ARG B 391 -33.34 39.26 -16.79
C ARG B 391 -34.51 40.20 -17.00
N ASN B 392 -35.67 39.81 -16.46
CA ASN B 392 -36.89 40.60 -16.55
C ASN B 392 -37.80 40.40 -15.33
N LEU B 393 -38.47 41.47 -14.92
CA LEU B 393 -39.39 41.43 -13.80
C LEU B 393 -40.70 40.83 -14.26
N TYR B 394 -41.26 39.92 -13.45
CA TYR B 394 -42.53 39.29 -13.77
C TYR B 394 -43.50 39.43 -12.64
N LYS B 395 -44.79 39.42 -12.94
CA LYS B 395 -45.80 39.59 -11.92
C LYS B 395 -46.67 38.35 -11.93
N ILE B 396 -46.94 37.79 -10.76
CA ILE B 396 -47.76 36.60 -10.70
C ILE B 396 -48.86 36.85 -9.70
N GLN B 397 -50.07 36.48 -10.07
CA GLN B 397 -51.26 36.66 -9.25
C GLN B 397 -51.47 35.43 -8.40
N LEU B 398 -51.50 35.67 -7.09
CA LEU B 398 -51.65 34.63 -6.07
C LEU B 398 -53.01 33.93 -6.13
N SER B 399 -54.00 34.62 -6.71
CA SER B 399 -55.34 34.04 -6.83
C SER B 399 -55.37 33.16 -8.08
N ASP B 400 -54.56 33.51 -9.07
CA ASP B 400 -54.50 32.75 -10.31
C ASP B 400 -53.05 32.66 -10.85
N TYR B 401 -52.41 31.52 -10.63
CA TYR B 401 -51.03 31.37 -11.08
C TYR B 401 -50.91 31.31 -12.58
N THR B 402 -52.03 31.34 -13.30
CA THR B 402 -52.00 31.29 -14.77
C THR B 402 -51.93 32.73 -15.31
N LYS B 403 -52.17 33.68 -14.42
CA LYS B 403 -52.17 35.11 -14.74
C LYS B 403 -50.81 35.75 -14.46
N VAL B 404 -49.84 35.50 -15.32
CA VAL B 404 -48.51 36.09 -15.15
C VAL B 404 -48.23 37.21 -16.15
N THR B 405 -47.84 38.38 -15.65
CA THR B 405 -47.52 39.56 -16.49
C THR B 405 -46.03 39.90 -16.44
N CYS B 406 -45.38 40.14 -17.58
CA CYS B 406 -43.95 40.51 -17.54
C CYS B 406 -43.80 42.04 -17.57
N LEU B 407 -43.67 42.64 -16.39
CA LEU B 407 -43.61 44.08 -16.26
C LEU B 407 -42.45 44.85 -16.86
N SER B 408 -41.50 44.17 -17.50
CA SER B 408 -40.35 44.88 -18.07
C SER B 408 -40.00 44.55 -19.52
N CYS B 409 -40.18 43.29 -19.87
CA CYS B 409 -39.90 42.73 -21.19
C CYS B 409 -40.04 43.66 -22.40
N GLU B 410 -41.25 44.14 -22.64
CA GLU B 410 -41.54 45.00 -23.78
C GLU B 410 -41.36 46.51 -23.61
N LEU B 411 -40.82 46.95 -22.48
CA LEU B 411 -40.62 48.39 -22.26
C LEU B 411 -39.74 48.98 -23.39
N ASN B 412 -38.51 48.48 -23.54
CA ASN B 412 -37.60 48.88 -24.61
C ASN B 412 -36.80 47.62 -24.84
N PRO B 413 -37.22 46.80 -25.81
CA PRO B 413 -36.63 45.51 -26.20
C PRO B 413 -35.26 45.43 -26.87
N GLU B 414 -34.80 46.48 -27.52
CA GLU B 414 -33.47 46.38 -28.14
C GLU B 414 -32.42 46.89 -27.14
N ARG B 415 -32.79 47.93 -26.40
CA ARG B 415 -31.90 48.53 -25.42
C ARG B 415 -31.84 47.77 -24.09
N CYS B 416 -32.97 47.27 -23.61
CA CYS B 416 -33.02 46.58 -22.32
C CYS B 416 -33.42 45.12 -22.20
N GLN B 417 -32.44 44.28 -21.88
CA GLN B 417 -32.65 42.86 -21.70
C GLN B 417 -32.12 42.32 -20.38
N TYR B 418 -31.65 43.20 -19.49
CA TYR B 418 -31.11 42.78 -18.19
C TYR B 418 -31.59 43.74 -17.10
N TYR B 419 -32.65 43.35 -16.42
CA TYR B 419 -33.23 44.20 -15.41
C TYR B 419 -32.88 43.84 -13.99
N SER B 420 -33.15 44.78 -13.09
CA SER B 420 -32.88 44.63 -11.66
C SER B 420 -33.80 45.63 -11.00
N VAL B 421 -34.47 45.27 -9.91
CA VAL B 421 -35.42 46.21 -9.33
C VAL B 421 -35.36 46.52 -7.85
N SER B 422 -35.93 47.67 -7.50
CA SER B 422 -35.95 48.12 -6.12
C SER B 422 -37.35 48.63 -5.71
N PHE B 423 -38.14 47.79 -5.05
CA PHE B 423 -39.50 48.16 -4.61
C PHE B 423 -39.50 49.07 -3.38
N SER B 424 -40.58 49.82 -3.20
CA SER B 424 -40.73 50.71 -2.05
C SER B 424 -41.14 49.82 -0.86
N LYS B 425 -41.27 50.42 0.33
CA LYS B 425 -41.58 49.65 1.52
C LYS B 425 -42.75 48.69 1.51
N GLU B 426 -43.83 49.02 0.82
CA GLU B 426 -44.96 48.09 0.76
C GLU B 426 -45.15 47.55 -0.66
N ALA B 427 -44.28 47.99 -1.56
CA ALA B 427 -44.30 47.62 -2.97
C ALA B 427 -45.29 48.50 -3.74
N LYS B 428 -45.53 49.73 -3.28
CA LYS B 428 -46.44 50.58 -4.01
C LYS B 428 -45.74 51.16 -5.23
N TYR B 429 -44.42 51.25 -5.15
CA TYR B 429 -43.59 51.77 -6.23
C TYR B 429 -42.39 50.86 -6.50
N TYR B 430 -41.72 51.07 -7.61
CA TYR B 430 -40.52 50.29 -7.89
C TYR B 430 -39.64 50.95 -8.95
N GLN B 431 -38.34 50.67 -8.88
CA GLN B 431 -37.42 51.24 -9.82
C GLN B 431 -36.81 50.09 -10.58
N LEU B 432 -36.91 50.17 -11.90
CA LEU B 432 -36.35 49.16 -12.77
C LEU B 432 -34.98 49.65 -13.14
N ARG B 433 -34.06 48.72 -13.36
CA ARG B 433 -32.70 49.11 -13.72
C ARG B 433 -32.18 48.35 -14.96
N CYS B 434 -32.40 48.94 -16.12
CA CYS B 434 -31.97 48.38 -17.39
C CYS B 434 -30.46 48.41 -17.27
N SER B 435 -29.81 47.28 -17.57
CA SER B 435 -28.35 47.17 -17.49
C SER B 435 -27.70 46.82 -18.81
N GLY B 436 -28.51 46.75 -19.85
CA GLY B 436 -28.00 46.41 -21.17
C GLY B 436 -29.06 45.73 -21.99
N PRO B 437 -28.72 45.29 -23.20
CA PRO B 437 -27.38 45.43 -23.77
C PRO B 437 -27.10 46.86 -24.27
N GLY B 438 -28.10 47.73 -24.20
CA GLY B 438 -27.88 49.10 -24.61
C GLY B 438 -27.36 49.84 -23.38
N LEU B 439 -27.18 51.15 -23.46
CA LEU B 439 -26.70 51.90 -22.30
C LEU B 439 -27.70 51.75 -21.15
N PRO B 440 -27.20 51.60 -19.92
CA PRO B 440 -28.08 51.45 -18.75
C PRO B 440 -29.10 52.56 -18.59
N LEU B 441 -30.33 52.15 -18.28
CA LEU B 441 -31.46 53.09 -18.11
C LEU B 441 -32.23 52.83 -16.81
N TYR B 442 -32.54 53.89 -16.08
CA TYR B 442 -33.28 53.73 -14.84
C TYR B 442 -34.57 54.50 -14.92
N THR B 443 -35.67 53.79 -14.67
CA THR B 443 -37.00 54.38 -14.69
C THR B 443 -37.67 54.20 -13.34
N LEU B 444 -38.89 54.72 -13.20
CA LEU B 444 -39.63 54.60 -11.96
C LEU B 444 -41.05 54.20 -12.29
N HIS B 445 -41.65 53.34 -11.47
CA HIS B 445 -42.98 52.89 -11.78
C HIS B 445 -43.92 52.78 -10.60
N SER B 446 -45.20 52.76 -10.96
CA SER B 446 -46.34 52.67 -10.06
C SER B 446 -46.87 51.22 -10.12
N SER B 447 -46.95 50.55 -8.96
CA SER B 447 -47.40 49.14 -8.84
C SER B 447 -48.87 48.85 -9.15
N VAL B 448 -49.73 49.75 -8.67
CA VAL B 448 -51.17 49.64 -8.85
C VAL B 448 -51.53 49.36 -10.31
N ASN B 449 -50.96 50.16 -11.21
CA ASN B 449 -51.24 50.08 -12.64
C ASN B 449 -50.09 49.66 -13.58
N ASP B 450 -48.87 49.61 -13.04
CA ASP B 450 -47.69 49.25 -13.82
C ASP B 450 -47.48 50.17 -14.99
N LYS B 451 -47.73 51.46 -14.76
CA LYS B 451 -47.54 52.48 -15.80
C LYS B 451 -46.28 53.20 -15.34
N GLY B 452 -45.35 53.43 -16.27
CA GLY B 452 -44.12 54.10 -15.92
C GLY B 452 -44.24 55.57 -15.56
N LEU B 453 -43.98 55.90 -14.30
CA LEU B 453 -44.06 57.29 -13.84
C LEU B 453 -43.11 58.20 -14.59
N ARG B 454 -41.80 58.02 -14.39
CA ARG B 454 -40.85 58.88 -15.06
C ARG B 454 -39.49 58.24 -15.17
N VAL B 455 -38.56 58.98 -15.80
CA VAL B 455 -37.17 58.56 -16.05
C VAL B 455 -36.14 59.19 -15.10
N LEU B 456 -35.40 58.33 -14.41
CA LEU B 456 -34.40 58.80 -13.44
C LEU B 456 -32.98 59.10 -13.99
N GLU B 457 -32.50 58.23 -14.88
CA GLU B 457 -31.19 58.37 -15.50
C GLU B 457 -31.16 57.62 -16.82
N ASP B 458 -31.05 58.34 -17.93
CA ASP B 458 -31.03 57.69 -19.25
C ASP B 458 -29.70 57.72 -19.96
N ASN B 459 -28.64 58.05 -19.22
CA ASN B 459 -27.28 58.07 -19.76
C ASN B 459 -27.08 58.75 -21.11
N SER B 460 -27.99 59.65 -21.46
CA SER B 460 -27.90 60.38 -22.71
C SER B 460 -26.54 61.03 -22.86
N ALA B 461 -26.03 61.61 -21.78
CA ALA B 461 -24.73 62.28 -21.76
C ALA B 461 -23.57 61.40 -22.19
N LEU B 462 -23.56 60.15 -21.74
CA LEU B 462 -22.52 59.22 -22.13
C LEU B 462 -22.76 58.81 -23.61
N ASP B 463 -24.02 58.68 -23.99
CA ASP B 463 -24.40 58.30 -25.34
C ASP B 463 -23.93 59.29 -26.36
N LYS B 464 -23.77 60.54 -25.96
CA LYS B 464 -23.30 61.59 -26.87
C LYS B 464 -21.79 61.42 -27.08
N MET B 465 -21.03 61.35 -26.00
CA MET B 465 -19.58 61.20 -26.11
C MET B 465 -19.19 60.01 -26.98
N LEU B 466 -19.88 58.89 -26.78
CA LEU B 466 -19.62 57.66 -27.50
C LEU B 466 -19.90 57.66 -29.01
N GLN B 467 -20.67 58.62 -29.48
CA GLN B 467 -20.97 58.75 -30.91
C GLN B 467 -19.64 59.08 -31.54
N ASN B 468 -18.82 59.75 -30.75
CA ASN B 468 -17.50 60.19 -31.16
C ASN B 468 -16.39 59.27 -30.67
N VAL B 469 -16.55 57.97 -30.92
CA VAL B 469 -15.54 56.99 -30.54
C VAL B 469 -15.89 55.61 -31.11
N GLN B 470 -14.88 54.91 -31.59
CA GLN B 470 -15.05 53.57 -32.15
C GLN B 470 -15.30 52.52 -31.06
N MET B 471 -16.58 52.29 -30.76
CA MET B 471 -17.00 51.32 -29.76
C MET B 471 -17.16 49.94 -30.40
N PRO B 472 -16.85 48.89 -29.65
CA PRO B 472 -16.97 47.53 -30.18
C PRO B 472 -18.40 47.06 -29.96
N SER B 473 -18.85 46.11 -30.76
CA SER B 473 -20.20 45.57 -30.62
C SER B 473 -20.17 44.24 -29.85
N LYS B 474 -21.33 43.78 -29.41
CA LYS B 474 -21.45 42.52 -28.66
C LYS B 474 -22.45 41.57 -29.30
N LYS B 475 -22.02 40.34 -29.63
CA LYS B 475 -22.92 39.36 -30.22
C LYS B 475 -23.11 38.28 -29.19
N LEU B 476 -24.36 37.87 -28.97
CA LEU B 476 -24.70 36.85 -27.97
C LEU B 476 -25.52 35.70 -28.55
N ASP B 477 -24.86 34.78 -29.22
CA ASP B 477 -25.54 33.64 -29.80
C ASP B 477 -25.12 32.40 -29.05
N PHE B 478 -25.27 31.25 -29.67
CA PHE B 478 -24.89 30.01 -29.00
C PHE B 478 -24.49 28.94 -30.00
N ILE B 479 -24.03 27.81 -29.50
CA ILE B 479 -23.68 26.70 -30.35
C ILE B 479 -24.42 25.49 -29.80
N ILE B 480 -24.26 24.34 -30.44
CA ILE B 480 -24.97 23.17 -29.98
C ILE B 480 -24.06 21.99 -29.70
N LEU B 481 -24.24 21.37 -28.57
CA LEU B 481 -23.43 20.22 -28.22
C LEU B 481 -24.38 19.19 -27.62
N ASN B 482 -24.03 17.92 -27.76
CA ASN B 482 -24.84 16.80 -27.28
C ASN B 482 -26.32 17.15 -27.17
N GLU B 483 -26.86 17.84 -28.18
CA GLU B 483 -28.27 18.27 -28.23
C GLU B 483 -28.54 19.49 -27.37
N THR B 484 -27.59 19.78 -26.50
CA THR B 484 -27.71 20.91 -25.60
C THR B 484 -27.00 22.15 -26.14
N LYS B 485 -27.66 23.30 -26.04
CA LYS B 485 -27.09 24.55 -26.52
C LYS B 485 -26.42 25.30 -25.38
N PHE B 486 -25.21 25.77 -25.66
CA PHE B 486 -24.42 26.50 -24.68
C PHE B 486 -24.20 27.89 -25.20
N TRP B 487 -24.70 28.88 -24.46
CA TRP B 487 -24.60 30.28 -24.86
C TRP B 487 -23.21 30.90 -24.72
N TYR B 488 -22.90 31.85 -25.62
CA TYR B 488 -21.62 32.55 -25.61
C TYR B 488 -21.80 34.02 -25.97
N GLN B 489 -20.73 34.78 -25.81
CA GLN B 489 -20.76 36.21 -26.12
C GLN B 489 -19.40 36.66 -26.59
N MET B 490 -19.37 37.49 -27.63
CA MET B 490 -18.12 38.01 -28.15
C MET B 490 -18.19 39.52 -28.15
N ILE B 491 -17.03 40.14 -27.97
CA ILE B 491 -16.95 41.57 -28.03
C ILE B 491 -16.27 41.71 -29.38
N LEU B 492 -16.90 42.46 -30.29
CA LEU B 492 -16.34 42.62 -31.64
C LEU B 492 -15.85 44.03 -31.92
N PRO B 493 -14.66 44.13 -32.55
CA PRO B 493 -14.02 45.39 -32.92
C PRO B 493 -14.89 46.18 -33.91
N PRO B 494 -14.69 47.50 -33.98
CA PRO B 494 -15.47 48.32 -34.89
C PRO B 494 -15.17 47.98 -36.34
N HIS B 495 -16.21 47.87 -37.15
CA HIS B 495 -16.03 47.55 -38.56
C HIS B 495 -15.54 46.11 -38.73
N PHE B 496 -16.09 45.27 -37.86
CA PHE B 496 -15.81 43.85 -37.83
C PHE B 496 -16.07 43.29 -39.22
N ASP B 497 -15.09 42.59 -39.79
CA ASP B 497 -15.26 42.03 -41.12
C ASP B 497 -15.11 40.50 -41.12
N LYS B 498 -16.23 39.81 -40.95
CA LYS B 498 -16.23 38.37 -40.93
C LYS B 498 -15.46 37.71 -42.07
N SER B 499 -14.88 38.51 -42.96
CA SER B 499 -14.12 37.93 -44.08
C SER B 499 -12.66 37.94 -43.65
N LYS B 500 -12.40 38.61 -42.54
CA LYS B 500 -11.05 38.73 -41.99
C LYS B 500 -10.81 37.78 -40.83
N LYS B 501 -9.54 37.50 -40.56
CA LYS B 501 -9.21 36.65 -39.43
C LYS B 501 -8.73 37.62 -38.35
N TYR B 502 -9.40 37.56 -37.21
CA TYR B 502 -9.08 38.42 -36.12
C TYR B 502 -8.47 37.54 -35.03
N PRO B 503 -7.63 38.14 -34.17
CA PRO B 503 -7.03 37.36 -33.09
C PRO B 503 -8.10 37.28 -32.03
N LEU B 504 -8.09 36.21 -31.22
CA LEU B 504 -9.14 36.01 -30.21
C LEU B 504 -8.67 35.76 -28.80
N LEU B 505 -9.21 36.53 -27.85
CA LEU B 505 -8.90 36.35 -26.43
C LEU B 505 -10.11 35.78 -25.71
N LEU B 506 -9.98 34.54 -25.27
CA LEU B 506 -11.09 33.92 -24.56
C LEU B 506 -11.11 34.38 -23.09
N ASP B 507 -12.21 35.05 -22.71
CA ASP B 507 -12.40 35.49 -21.34
C ASP B 507 -13.19 34.39 -20.63
N VAL B 508 -12.68 33.94 -19.50
CA VAL B 508 -13.33 32.84 -18.81
C VAL B 508 -13.41 32.90 -17.29
N TYR B 509 -14.45 32.25 -16.77
CA TYR B 509 -14.63 32.12 -15.34
C TYR B 509 -14.98 30.65 -15.09
N ALA B 510 -15.98 30.16 -15.79
CA ALA B 510 -16.37 28.76 -15.68
C ALA B 510 -16.73 28.22 -14.30
N GLY B 511 -16.61 29.02 -13.26
CA GLY B 511 -16.98 28.49 -11.96
C GLY B 511 -18.40 27.93 -11.97
N PRO B 512 -18.71 26.94 -11.12
CA PRO B 512 -20.05 26.36 -11.08
C PRO B 512 -21.12 27.40 -10.80
N CYS B 513 -22.06 27.52 -11.73
CA CYS B 513 -23.17 28.45 -11.61
C CYS B 513 -22.72 29.84 -12.00
N SER B 514 -21.74 29.90 -12.89
CA SER B 514 -21.24 31.18 -13.38
C SER B 514 -21.94 31.43 -14.68
N GLN B 515 -22.21 32.70 -14.97
CA GLN B 515 -22.84 33.10 -16.22
C GLN B 515 -21.99 34.24 -16.77
N LYS B 516 -21.11 33.93 -17.70
CA LYS B 516 -20.24 34.92 -18.31
C LYS B 516 -20.82 35.44 -19.61
N ALA B 517 -21.80 34.71 -20.13
CA ALA B 517 -22.49 35.07 -21.37
C ALA B 517 -23.79 35.77 -20.99
N ASP B 518 -23.94 37.02 -21.41
CA ASP B 518 -25.16 37.71 -21.07
C ASP B 518 -25.38 38.97 -21.87
N THR B 519 -26.49 39.63 -21.59
CA THR B 519 -26.85 40.84 -22.31
C THR B 519 -26.55 42.15 -21.60
N VAL B 520 -25.53 42.11 -20.74
CA VAL B 520 -25.13 43.28 -19.96
C VAL B 520 -24.10 44.20 -20.64
N PHE B 521 -24.35 45.52 -20.61
CA PHE B 521 -23.42 46.47 -21.23
C PHE B 521 -22.34 46.81 -20.25
N ARG B 522 -21.10 46.76 -20.71
CA ARG B 522 -19.95 47.03 -19.88
C ARG B 522 -18.87 47.76 -20.63
N LEU B 523 -18.09 48.52 -19.87
CA LEU B 523 -16.94 49.26 -20.38
C LEU B 523 -15.76 48.74 -19.54
N ASN B 524 -15.07 47.73 -20.05
CA ASN B 524 -13.97 47.11 -19.35
C ASN B 524 -12.78 46.87 -20.26
N TRP B 525 -11.77 46.19 -19.75
CA TRP B 525 -10.54 45.89 -20.48
C TRP B 525 -10.78 45.32 -21.87
N ALA B 526 -11.80 44.48 -22.00
CA ALA B 526 -12.13 43.89 -23.30
C ALA B 526 -12.50 45.01 -24.26
N THR B 527 -13.23 45.99 -23.76
CA THR B 527 -13.65 47.15 -24.56
C THR B 527 -12.49 47.68 -25.33
N TYR B 528 -11.44 47.99 -24.57
CA TYR B 528 -10.20 48.52 -25.11
C TYR B 528 -9.57 47.48 -26.03
N LEU B 529 -9.46 46.25 -25.57
CA LEU B 529 -8.86 45.21 -26.39
C LEU B 529 -9.53 45.07 -27.75
N ALA B 530 -10.84 45.21 -27.80
CA ALA B 530 -11.52 45.09 -29.07
C ALA B 530 -11.51 46.43 -29.82
N SER B 531 -11.77 47.52 -29.11
CA SER B 531 -11.80 48.83 -29.75
C SER B 531 -10.47 49.45 -30.13
N THR B 532 -9.39 48.98 -29.57
CA THR B 532 -8.08 49.55 -29.89
C THR B 532 -7.15 48.53 -30.56
N GLU B 533 -7.16 47.30 -30.09
CA GLU B 533 -6.28 46.32 -30.67
C GLU B 533 -6.96 45.37 -31.66
N ASN B 534 -8.19 45.67 -32.03
CA ASN B 534 -8.90 44.81 -32.98
C ASN B 534 -8.79 43.33 -32.62
N ILE B 535 -9.02 43.04 -31.33
CA ILE B 535 -8.97 41.69 -30.82
C ILE B 535 -10.39 41.27 -30.49
N ILE B 536 -10.78 40.08 -30.96
CA ILE B 536 -12.12 39.55 -30.66
C ILE B 536 -12.02 38.91 -29.29
N VAL B 537 -12.90 39.33 -28.38
CA VAL B 537 -12.93 38.81 -27.00
C VAL B 537 -14.21 38.02 -26.68
N ALA B 538 -14.09 36.72 -26.38
CA ALA B 538 -15.28 35.91 -26.10
C ALA B 538 -15.29 35.18 -24.74
N SER B 539 -16.46 34.70 -24.35
CA SER B 539 -16.64 33.98 -23.10
C SER B 539 -17.64 32.88 -23.37
N PHE B 540 -17.56 31.79 -22.61
CA PHE B 540 -18.46 30.68 -22.84
C PHE B 540 -19.00 30.07 -21.55
N ASP B 541 -20.31 29.87 -21.48
CA ASP B 541 -20.89 29.28 -20.28
C ASP B 541 -21.24 27.83 -20.65
N GLY B 542 -20.34 26.90 -20.32
CA GLY B 542 -20.57 25.51 -20.66
C GLY B 542 -21.00 24.70 -19.45
N ARG B 543 -20.67 23.40 -19.44
CA ARG B 543 -21.06 22.57 -18.31
C ARG B 543 -20.57 23.17 -17.00
N GLY B 544 -21.48 23.24 -16.04
CA GLY B 544 -21.14 23.81 -14.75
C GLY B 544 -21.78 25.17 -14.57
N SER B 545 -21.89 25.96 -15.63
CA SER B 545 -22.50 27.27 -15.51
C SER B 545 -23.90 27.05 -14.98
N GLY B 546 -24.59 28.13 -14.60
CA GLY B 546 -25.93 28.01 -14.07
C GLY B 546 -27.03 28.81 -14.75
N TYR B 547 -28.17 28.86 -14.10
CA TYR B 547 -29.33 29.59 -14.60
C TYR B 547 -29.93 28.95 -15.85
N GLN B 548 -29.66 27.66 -16.01
CA GLN B 548 -30.14 26.88 -17.14
C GLN B 548 -30.53 25.46 -16.72
N GLY B 549 -30.63 25.21 -15.42
CA GLY B 549 -31.00 23.87 -15.00
C GLY B 549 -29.87 23.08 -14.41
N ASP B 550 -30.21 22.16 -13.51
CA ASP B 550 -29.19 21.35 -12.83
C ASP B 550 -28.55 20.36 -13.78
N LYS B 551 -29.18 20.08 -14.92
CA LYS B 551 -28.56 19.14 -15.82
C LYS B 551 -27.34 19.76 -16.46
N ILE B 552 -27.23 21.08 -16.39
CA ILE B 552 -26.05 21.77 -16.92
C ILE B 552 -25.16 22.24 -15.77
N MET B 553 -25.77 22.73 -14.69
CA MET B 553 -24.99 23.21 -13.56
C MET B 553 -24.31 22.05 -12.81
N HIS B 554 -25.11 21.09 -12.37
CA HIS B 554 -24.58 19.94 -11.64
C HIS B 554 -23.75 18.97 -12.51
N ALA B 555 -23.46 19.34 -13.74
CA ALA B 555 -22.70 18.46 -14.62
C ALA B 555 -21.33 18.11 -14.06
N ILE B 556 -20.73 19.04 -13.31
CA ILE B 556 -19.40 18.85 -12.71
C ILE B 556 -19.41 18.60 -11.22
N ASN B 557 -20.51 18.13 -10.66
CA ASN B 557 -20.49 17.93 -9.22
C ASN B 557 -19.44 16.88 -8.95
N ARG B 558 -18.58 17.17 -7.97
CA ARG B 558 -17.48 16.28 -7.58
C ARG B 558 -16.35 16.17 -8.61
N ARG B 559 -16.55 16.81 -9.76
CA ARG B 559 -15.55 16.77 -10.80
C ARG B 559 -15.06 18.13 -11.28
N LEU B 560 -14.59 19.01 -10.39
CA LEU B 560 -14.10 20.31 -10.86
C LEU B 560 -12.83 20.13 -11.66
N GLY B 561 -12.55 21.08 -12.53
CA GLY B 561 -11.34 20.99 -13.32
C GLY B 561 -11.45 20.03 -14.47
N THR B 562 -12.68 19.72 -14.87
CA THR B 562 -12.89 18.83 -16.01
C THR B 562 -13.87 19.43 -17.01
N PHE B 563 -15.11 18.97 -17.01
CA PHE B 563 -16.05 19.50 -17.97
C PHE B 563 -15.95 20.98 -18.28
N GLU B 564 -16.06 21.85 -17.29
CA GLU B 564 -16.00 23.28 -17.57
C GLU B 564 -14.70 23.65 -18.31
N VAL B 565 -13.67 22.84 -18.15
CA VAL B 565 -12.39 23.08 -18.81
C VAL B 565 -12.43 22.50 -20.21
N GLU B 566 -12.63 21.19 -20.32
CA GLU B 566 -12.71 20.52 -21.61
C GLU B 566 -13.58 21.36 -22.56
N ASP B 567 -14.68 21.90 -22.02
CA ASP B 567 -15.60 22.70 -22.81
C ASP B 567 -15.04 24.05 -23.29
N GLN B 568 -14.52 24.87 -22.38
CA GLN B 568 -13.99 26.16 -22.78
C GLN B 568 -13.08 26.02 -23.99
N ILE B 569 -12.36 24.90 -24.05
CA ILE B 569 -11.45 24.63 -25.17
C ILE B 569 -12.23 24.43 -26.45
N GLU B 570 -13.20 23.53 -26.39
CA GLU B 570 -14.05 23.20 -27.53
C GLU B 570 -14.61 24.46 -28.15
N ALA B 571 -14.99 25.41 -27.29
CA ALA B 571 -15.55 26.66 -27.73
C ALA B 571 -14.53 27.45 -28.51
N ALA B 572 -13.26 27.29 -28.14
CA ALA B 572 -12.20 27.98 -28.87
C ALA B 572 -12.21 27.31 -30.23
N ARG B 573 -12.22 25.99 -30.23
CA ARG B 573 -12.24 25.22 -31.46
C ARG B 573 -13.47 25.54 -32.28
N GLN B 574 -14.57 25.92 -31.63
CA GLN B 574 -15.81 26.26 -32.33
C GLN B 574 -15.64 27.62 -32.97
N PHE B 575 -15.05 28.53 -32.22
CA PHE B 575 -14.82 29.88 -32.72
C PHE B 575 -13.92 29.94 -33.94
N SER B 576 -12.77 29.28 -33.88
CA SER B 576 -11.83 29.27 -34.99
C SER B 576 -12.48 28.77 -36.27
N LYS B 577 -13.32 27.73 -36.16
CA LYS B 577 -14.02 27.21 -37.33
C LYS B 577 -14.75 28.37 -38.03
N MET B 578 -15.53 29.13 -37.27
CA MET B 578 -16.29 30.27 -37.82
C MET B 578 -15.58 31.04 -38.93
N GLY B 579 -14.25 31.10 -38.90
CA GLY B 579 -13.56 31.76 -39.99
C GLY B 579 -13.06 33.20 -39.95
N PHE B 580 -13.11 33.82 -38.78
CA PHE B 580 -12.59 35.18 -38.65
C PHE B 580 -11.76 35.21 -37.37
N VAL B 581 -11.20 34.03 -37.05
CA VAL B 581 -10.39 33.88 -35.86
C VAL B 581 -9.05 33.27 -36.23
N ASP B 582 -7.98 34.03 -35.97
CA ASP B 582 -6.61 33.61 -36.29
C ASP B 582 -6.12 32.43 -35.42
N ASN B 583 -6.37 31.21 -35.88
CA ASN B 583 -5.92 30.03 -35.15
C ASN B 583 -4.58 30.28 -34.48
N LYS B 584 -3.69 31.01 -35.14
CA LYS B 584 -2.35 31.28 -34.60
C LYS B 584 -2.29 32.27 -33.42
N ARG B 585 -3.39 32.97 -33.19
CA ARG B 585 -3.48 33.95 -32.12
C ARG B 585 -4.73 33.78 -31.30
N ILE B 586 -4.67 32.85 -30.37
CA ILE B 586 -5.80 32.61 -29.49
C ILE B 586 -5.20 32.54 -28.11
N ALA B 587 -5.69 33.39 -27.21
CA ALA B 587 -5.19 33.39 -25.87
C ALA B 587 -6.36 33.35 -24.90
N ILE B 588 -6.08 32.83 -23.71
CA ILE B 588 -7.06 32.69 -22.66
C ILE B 588 -6.51 33.41 -21.42
N TRP B 589 -7.37 33.93 -20.59
CA TRP B 589 -6.94 34.59 -19.36
C TRP B 589 -8.11 34.63 -18.40
N GLY B 590 -7.85 34.18 -17.18
CA GLY B 590 -8.90 34.17 -16.17
C GLY B 590 -8.43 34.88 -14.94
N TRP B 591 -9.21 34.73 -13.88
CA TRP B 591 -8.91 35.36 -12.61
C TRP B 591 -9.75 34.60 -11.58
N SER B 592 -9.11 34.20 -10.49
CA SER B 592 -9.78 33.47 -9.44
C SER B 592 -10.09 32.07 -10.03
N TYR B 593 -11.33 31.61 -9.92
CA TYR B 593 -11.69 30.29 -10.48
C TYR B 593 -11.27 30.33 -11.93
N GLY B 594 -11.58 31.45 -12.58
CA GLY B 594 -11.24 31.63 -13.98
C GLY B 594 -9.77 31.36 -14.12
N GLY B 595 -8.98 32.05 -13.30
CA GLY B 595 -7.54 31.86 -13.33
C GLY B 595 -7.16 30.40 -13.27
N TYR B 596 -7.93 29.62 -12.53
CA TYR B 596 -7.69 28.20 -12.40
C TYR B 596 -7.98 27.48 -13.70
N VAL B 597 -9.05 27.85 -14.38
CA VAL B 597 -9.37 27.17 -15.63
C VAL B 597 -8.40 27.57 -16.74
N THR B 598 -8.02 28.83 -16.76
CA THR B 598 -7.05 29.35 -17.73
C THR B 598 -5.79 28.50 -17.66
N SER B 599 -5.37 28.26 -16.42
CA SER B 599 -4.17 27.49 -16.11
C SER B 599 -4.32 26.06 -16.53
N MET B 600 -5.48 25.49 -16.26
CA MET B 600 -5.74 24.11 -16.61
C MET B 600 -5.74 23.93 -18.11
N VAL B 601 -6.32 24.93 -18.78
CA VAL B 601 -6.45 24.99 -20.23
C VAL B 601 -5.15 25.03 -21.02
N LEU B 602 -4.14 25.68 -20.44
CA LEU B 602 -2.84 25.77 -21.08
C LEU B 602 -1.97 24.52 -20.86
N GLY B 603 -2.24 23.77 -19.80
CA GLY B 603 -1.51 22.54 -19.53
C GLY B 603 -2.28 21.38 -20.13
N SER B 604 -3.47 21.70 -20.62
CA SER B 604 -4.36 20.75 -21.25
C SER B 604 -3.60 19.92 -22.27
N GLY B 605 -2.75 20.63 -23.00
CA GLY B 605 -1.95 20.01 -24.03
C GLY B 605 -2.78 20.02 -25.30
N SER B 606 -3.81 20.86 -25.31
CA SER B 606 -4.70 20.96 -26.45
C SER B 606 -4.13 21.66 -27.67
N GLY B 607 -2.88 22.13 -27.58
CA GLY B 607 -2.29 22.84 -28.71
C GLY B 607 -3.16 23.94 -29.31
N VAL B 608 -4.27 24.21 -28.67
CA VAL B 608 -5.21 25.22 -29.14
C VAL B 608 -4.74 26.66 -28.92
N PHE B 609 -4.28 26.92 -27.71
CA PHE B 609 -3.87 28.27 -27.33
C PHE B 609 -2.40 28.61 -27.47
N LYS B 610 -2.15 29.90 -27.69
CA LYS B 610 -0.80 30.38 -27.82
C LYS B 610 -0.23 30.83 -26.48
N CYS B 611 -0.86 31.83 -25.88
CA CYS B 611 -0.37 32.31 -24.61
C CYS B 611 -1.60 32.46 -23.73
N GLY B 612 -1.40 32.80 -22.46
CA GLY B 612 -2.53 32.96 -21.56
C GLY B 612 -2.11 33.69 -20.31
N ILE B 613 -3.09 34.09 -19.49
CA ILE B 613 -2.83 34.81 -18.25
C ILE B 613 -3.74 34.29 -17.14
N ALA B 614 -3.19 34.07 -15.95
CA ALA B 614 -3.98 33.57 -14.83
C ALA B 614 -3.76 34.36 -13.55
N VAL B 615 -4.60 35.36 -13.30
CA VAL B 615 -4.51 36.19 -12.11
C VAL B 615 -5.15 35.52 -10.91
N ALA B 616 -4.41 35.43 -9.81
CA ALA B 616 -4.87 34.82 -8.56
C ALA B 616 -5.65 33.49 -8.66
N PRO B 617 -5.20 32.57 -9.53
CA PRO B 617 -5.87 31.28 -9.70
C PRO B 617 -5.79 30.33 -8.52
N VAL B 618 -6.65 29.33 -8.51
CA VAL B 618 -6.60 28.32 -7.48
C VAL B 618 -5.74 27.28 -8.16
N SER B 619 -4.70 26.76 -7.50
CA SER B 619 -3.82 25.75 -8.12
C SER B 619 -4.27 24.33 -7.84
N ARG B 620 -4.60 24.07 -6.57
CA ARG B 620 -5.10 22.78 -6.14
C ARG B 620 -6.24 23.11 -5.17
N TRP B 621 -7.21 22.20 -5.08
CA TRP B 621 -8.39 22.44 -4.25
C TRP B 621 -8.29 22.31 -2.75
N GLU B 622 -7.23 21.65 -2.29
CA GLU B 622 -6.99 21.45 -0.88
C GLU B 622 -6.40 22.70 -0.24
N TYR B 623 -6.07 23.68 -1.05
CA TYR B 623 -5.54 24.91 -0.52
C TYR B 623 -6.68 25.90 -0.39
N TYR B 624 -7.86 25.53 -0.85
CA TYR B 624 -9.03 26.42 -0.78
C TYR B 624 -10.02 26.11 0.36
N ASP B 625 -10.80 27.12 0.78
CA ASP B 625 -11.74 26.95 1.90
C ASP B 625 -12.69 25.77 1.79
N SER B 626 -13.04 25.22 2.93
CA SER B 626 -13.91 24.07 2.97
C SER B 626 -15.30 24.32 2.49
N VAL B 627 -15.95 25.31 3.05
CA VAL B 627 -17.32 25.60 2.67
C VAL B 627 -17.56 25.60 1.17
N TYR B 628 -16.66 26.20 0.41
CA TYR B 628 -16.79 26.28 -1.05
C TYR B 628 -16.23 25.07 -1.79
N THR B 629 -14.97 24.72 -1.53
CA THR B 629 -14.29 23.59 -2.18
C THR B 629 -14.99 22.25 -2.01
N GLU B 630 -15.50 22.03 -0.80
CA GLU B 630 -16.20 20.82 -0.42
C GLU B 630 -17.60 20.77 -0.97
N ARG B 631 -18.11 21.91 -1.39
CA ARG B 631 -19.46 21.97 -1.94
C ARG B 631 -19.54 21.37 -3.34
N TYR B 632 -18.40 21.29 -3.99
CA TYR B 632 -18.39 20.74 -5.33
C TYR B 632 -17.41 19.59 -5.44
N MET B 633 -16.52 19.49 -4.44
CA MET B 633 -15.47 18.48 -4.41
C MET B 633 -15.56 17.38 -3.35
N GLY B 634 -16.50 17.51 -2.43
CA GLY B 634 -16.63 16.52 -1.38
C GLY B 634 -15.50 16.68 -0.39
N LEU B 635 -15.08 15.60 0.26
CA LEU B 635 -13.99 15.65 1.24
C LEU B 635 -12.76 14.94 0.68
N PRO B 636 -11.58 15.60 0.71
CA PRO B 636 -10.30 15.07 0.22
C PRO B 636 -9.75 13.79 0.90
N THR B 637 -10.67 12.92 1.32
CA THR B 637 -10.32 11.66 1.98
C THR B 637 -10.36 10.53 0.94
N PRO B 638 -9.67 9.41 1.22
CA PRO B 638 -9.69 8.31 0.26
C PRO B 638 -11.02 7.58 0.34
N GLU B 639 -11.73 7.78 1.45
CA GLU B 639 -13.03 7.15 1.59
C GLU B 639 -14.04 7.93 0.76
N ASP B 640 -13.73 9.21 0.53
CA ASP B 640 -14.59 10.10 -0.25
C ASP B 640 -14.09 10.37 -1.68
N ASN B 641 -13.63 11.60 -1.92
CA ASN B 641 -13.18 12.07 -3.24
C ASN B 641 -11.71 12.50 -3.39
N LEU B 642 -10.82 11.98 -2.55
CA LEU B 642 -9.42 12.35 -2.64
C LEU B 642 -8.88 12.20 -4.07
N ASP B 643 -9.05 11.04 -4.66
CA ASP B 643 -8.60 10.80 -6.03
C ASP B 643 -8.75 11.99 -6.98
N HIS B 644 -9.97 12.53 -7.14
CA HIS B 644 -10.15 13.65 -8.07
C HIS B 644 -9.51 14.93 -7.56
N TYR B 645 -9.35 15.04 -6.24
CA TYR B 645 -8.70 16.22 -5.67
C TYR B 645 -7.29 16.25 -6.23
N ARG B 646 -6.54 15.18 -5.99
CA ARG B 646 -5.17 15.07 -6.46
C ARG B 646 -5.07 15.01 -7.98
N ASN B 647 -6.12 14.54 -8.65
CA ASN B 647 -6.13 14.40 -10.10
C ASN B 647 -6.59 15.67 -10.85
N SER B 648 -6.54 16.82 -10.20
CA SER B 648 -6.99 18.06 -10.83
C SER B 648 -6.23 19.29 -10.38
N THR B 649 -4.92 19.17 -10.23
CA THR B 649 -4.09 20.30 -9.82
C THR B 649 -3.46 20.85 -11.09
N VAL B 650 -2.96 22.06 -11.02
CA VAL B 650 -2.32 22.63 -12.18
C VAL B 650 -0.90 22.07 -12.18
N MET B 651 -0.33 21.99 -10.98
CA MET B 651 1.01 21.50 -10.78
C MET B 651 1.39 20.24 -11.52
N SER B 652 0.42 19.38 -11.87
CA SER B 652 0.76 18.13 -12.57
C SER B 652 0.78 18.29 -14.07
N ARG B 653 0.22 19.39 -14.56
CA ARG B 653 0.21 19.70 -16.00
C ARG B 653 1.33 20.69 -16.29
N ALA B 654 2.32 20.76 -15.41
CA ALA B 654 3.42 21.68 -15.56
C ALA B 654 4.23 21.44 -16.83
N GLU B 655 4.55 20.19 -17.10
CA GLU B 655 5.33 19.81 -18.28
C GLU B 655 4.73 20.31 -19.59
N ASN B 656 3.41 20.51 -19.62
CA ASN B 656 2.72 20.97 -20.81
C ASN B 656 2.72 22.47 -21.04
N PHE B 657 3.15 23.24 -20.08
CA PHE B 657 3.18 24.65 -20.31
C PHE B 657 4.24 24.99 -21.34
N LYS B 658 5.12 24.03 -21.61
CA LYS B 658 6.19 24.23 -22.58
C LYS B 658 5.70 24.69 -23.95
N GLN B 659 4.50 24.24 -24.31
CA GLN B 659 3.90 24.58 -25.60
C GLN B 659 3.21 25.94 -25.62
N VAL B 660 3.30 26.71 -24.54
CA VAL B 660 2.65 28.01 -24.50
C VAL B 660 3.41 29.05 -23.72
N GLU B 661 2.88 30.28 -23.73
CA GLU B 661 3.49 31.39 -23.01
C GLU B 661 2.64 31.76 -21.81
N TYR B 662 3.17 31.50 -20.61
CA TYR B 662 2.42 31.76 -19.40
C TYR B 662 2.71 33.11 -18.74
N LEU B 663 1.79 33.52 -17.88
CA LEU B 663 1.93 34.74 -17.12
C LEU B 663 1.09 34.55 -15.87
N LEU B 664 1.77 34.30 -14.75
CA LEU B 664 1.14 34.11 -13.45
C LEU B 664 1.25 35.40 -12.64
N ILE B 665 0.14 35.84 -12.06
CA ILE B 665 0.13 37.08 -11.28
C ILE B 665 -0.66 36.81 -10.00
N HIS B 666 -0.19 37.35 -8.88
CA HIS B 666 -0.86 37.10 -7.61
C HIS B 666 -0.58 38.18 -6.55
N GLY B 667 -1.57 38.52 -5.74
CA GLY B 667 -1.32 39.50 -4.69
C GLY B 667 -0.61 38.75 -3.57
N THR B 668 0.29 39.40 -2.84
CA THR B 668 1.01 38.73 -1.75
C THR B 668 0.21 38.68 -0.44
N ALA B 669 -0.90 39.42 -0.39
CA ALA B 669 -1.75 39.48 0.79
C ALA B 669 -3.13 38.94 0.45
N ASP B 670 -3.17 38.01 -0.50
CA ASP B 670 -4.43 37.43 -0.90
C ASP B 670 -4.92 36.48 0.18
N ASP B 671 -5.86 36.97 0.98
CA ASP B 671 -6.44 36.19 2.07
C ASP B 671 -7.42 35.13 1.53
N ASN B 672 -8.03 35.39 0.38
CA ASN B 672 -8.99 34.47 -0.23
C ASN B 672 -8.27 33.29 -0.91
N VAL B 673 -7.71 33.53 -2.10
CA VAL B 673 -6.96 32.48 -2.81
C VAL B 673 -5.48 32.76 -2.50
N HIS B 674 -5.04 32.26 -1.36
CA HIS B 674 -3.68 32.46 -0.88
C HIS B 674 -2.57 32.54 -1.93
N PHE B 675 -1.46 33.16 -1.56
CA PHE B 675 -0.36 33.29 -2.47
C PHE B 675 0.11 31.88 -2.66
N GLN B 676 0.03 31.13 -1.59
CA GLN B 676 0.44 29.75 -1.60
C GLN B 676 0.11 29.05 -2.89
N GLN B 677 -0.99 29.43 -3.49
CA GLN B 677 -1.46 28.79 -4.72
C GLN B 677 -0.65 28.99 -6.00
N SER B 678 -0.06 30.17 -6.17
CA SER B 678 0.75 30.44 -7.34
C SER B 678 2.19 30.05 -7.01
N ALA B 679 2.55 30.20 -5.74
CA ALA B 679 3.89 29.86 -5.33
C ALA B 679 4.14 28.38 -5.54
N GLN B 680 3.07 27.61 -5.63
CA GLN B 680 3.18 26.17 -5.86
C GLN B 680 3.14 25.88 -7.35
N ILE B 681 2.55 26.80 -8.11
CA ILE B 681 2.47 26.66 -9.54
C ILE B 681 3.83 26.97 -10.07
N SER B 682 4.36 28.14 -9.74
CA SER B 682 5.71 28.51 -10.20
C SER B 682 6.71 27.41 -9.88
N LYS B 683 6.80 27.06 -8.61
CA LYS B 683 7.70 26.02 -8.15
C LYS B 683 7.54 24.76 -8.95
N ALA B 684 6.33 24.54 -9.47
CA ALA B 684 6.06 23.34 -10.25
C ALA B 684 6.53 23.48 -11.68
N LEU B 685 6.61 24.71 -12.16
CA LEU B 685 7.06 24.94 -13.52
C LEU B 685 8.59 24.98 -13.51
N VAL B 686 9.12 25.67 -12.51
CA VAL B 686 10.56 25.79 -12.33
C VAL B 686 11.20 24.43 -12.21
N ASP B 687 10.48 23.49 -11.62
CA ASP B 687 11.01 22.13 -11.43
C ASP B 687 11.09 21.36 -12.72
N VAL B 688 10.23 21.68 -13.67
CA VAL B 688 10.26 20.97 -14.95
C VAL B 688 10.97 21.85 -15.96
N GLY B 689 11.43 23.00 -15.51
CA GLY B 689 12.16 23.90 -16.39
C GLY B 689 11.29 24.45 -17.50
N VAL B 690 10.29 25.22 -17.10
CA VAL B 690 9.39 25.86 -18.04
C VAL B 690 9.54 27.35 -17.80
N ASP B 691 9.83 28.12 -18.84
CA ASP B 691 9.95 29.56 -18.63
C ASP B 691 8.57 30.22 -18.64
N PHE B 692 8.39 31.24 -17.82
CA PHE B 692 7.13 31.92 -17.78
C PHE B 692 7.26 33.31 -17.21
N GLN B 693 6.17 34.06 -17.25
CA GLN B 693 6.19 35.40 -16.74
C GLN B 693 5.45 35.44 -15.41
N ALA B 694 6.01 36.19 -14.48
CA ALA B 694 5.44 36.32 -13.16
C ALA B 694 5.37 37.78 -12.80
N MET B 695 4.56 38.06 -11.79
CA MET B 695 4.41 39.41 -11.32
C MET B 695 3.60 39.34 -10.05
N TRP B 696 4.25 39.63 -8.91
CA TRP B 696 3.57 39.61 -7.63
C TRP B 696 3.13 41.02 -7.28
N TYR B 697 2.18 41.12 -6.35
CA TYR B 697 1.69 42.43 -5.96
C TYR B 697 1.59 42.61 -4.47
N THR B 698 2.67 43.16 -3.96
CA THR B 698 2.83 43.45 -2.56
C THR B 698 1.59 43.98 -1.86
N ASP B 699 1.10 43.21 -0.89
CA ASP B 699 -0.04 43.59 -0.09
C ASP B 699 -1.36 43.79 -0.80
N GLU B 700 -1.52 43.22 -1.98
CA GLU B 700 -2.80 43.37 -2.67
C GLU B 700 -3.63 42.16 -2.31
N ASP B 701 -4.95 42.28 -2.26
CA ASP B 701 -5.74 41.12 -1.93
C ASP B 701 -6.17 40.37 -3.16
N HIS B 702 -7.28 39.64 -3.08
CA HIS B 702 -7.75 38.83 -4.18
C HIS B 702 -8.33 39.72 -5.27
N GLY B 703 -8.42 41.00 -4.98
CA GLY B 703 -8.96 41.93 -5.95
C GLY B 703 -7.94 42.86 -6.60
N ILE B 704 -6.68 42.81 -6.16
CA ILE B 704 -5.61 43.68 -6.69
C ILE B 704 -6.36 44.89 -7.19
N ALA B 705 -7.05 45.54 -6.26
CA ALA B 705 -7.87 46.68 -6.60
C ALA B 705 -7.27 48.02 -6.30
N SER B 706 -6.07 48.04 -5.73
CA SER B 706 -5.43 49.32 -5.44
C SER B 706 -5.40 50.21 -6.69
N SER B 707 -5.81 51.45 -6.56
CA SER B 707 -5.83 52.31 -7.72
C SER B 707 -4.56 52.19 -8.58
N THR B 708 -3.40 52.26 -7.96
CA THR B 708 -2.16 52.19 -8.70
C THR B 708 -1.87 50.80 -9.22
N ALA B 709 -2.22 49.79 -8.44
CA ALA B 709 -2.00 48.41 -8.82
C ALA B 709 -3.01 48.01 -9.89
N HIS B 710 -4.25 48.46 -9.73
CA HIS B 710 -5.30 48.16 -10.69
C HIS B 710 -4.80 48.65 -12.03
N GLN B 711 -4.27 49.87 -12.01
CA GLN B 711 -3.75 50.46 -13.21
C GLN B 711 -2.51 49.73 -13.64
N HIS B 712 -1.78 49.18 -12.68
CA HIS B 712 -0.56 48.47 -13.00
C HIS B 712 -0.82 47.09 -13.55
N ILE B 713 -1.61 46.29 -12.85
CA ILE B 713 -1.86 44.95 -13.33
C ILE B 713 -2.40 44.95 -14.77
N TYR B 714 -3.35 45.84 -15.09
CA TYR B 714 -3.90 45.87 -16.43
C TYR B 714 -2.97 46.41 -17.50
N THR B 715 -2.06 47.29 -17.12
CA THR B 715 -1.11 47.80 -18.09
C THR B 715 -0.12 46.67 -18.43
N HIS B 716 0.38 45.99 -17.40
CA HIS B 716 1.32 44.89 -17.56
C HIS B 716 0.73 43.76 -18.41
N MET B 717 -0.55 43.46 -18.20
CA MET B 717 -1.23 42.39 -18.95
C MET B 717 -1.41 42.81 -20.37
N SER B 718 -1.71 44.07 -20.57
CA SER B 718 -1.92 44.62 -21.89
C SER B 718 -0.72 44.35 -22.76
N HIS B 719 0.46 44.65 -22.24
CA HIS B 719 1.71 44.44 -22.96
C HIS B 719 1.92 42.98 -23.33
N PHE B 720 1.64 42.09 -22.39
CA PHE B 720 1.75 40.65 -22.60
C PHE B 720 0.90 40.18 -23.78
N ILE B 721 -0.34 40.65 -23.84
CA ILE B 721 -1.25 40.31 -24.94
C ILE B 721 -0.68 40.83 -26.26
N LYS B 722 -0.31 42.12 -26.25
CA LYS B 722 0.24 42.78 -27.41
C LYS B 722 1.37 41.98 -28.05
N GLN B 723 2.36 41.61 -27.24
CA GLN B 723 3.50 40.85 -27.75
C GLN B 723 3.06 39.46 -28.12
N CYS B 724 2.15 38.92 -27.32
CA CYS B 724 1.66 37.60 -27.59
C CYS B 724 1.05 37.62 -28.97
N PHE B 725 0.35 38.70 -29.29
CA PHE B 725 -0.26 38.83 -30.61
C PHE B 725 0.53 39.71 -31.58
N SER B 726 1.78 40.03 -31.24
CA SER B 726 2.69 40.87 -32.04
C SER B 726 1.99 41.87 -33.01
N LEU B 727 0.97 42.57 -32.49
CA LEU B 727 0.21 43.54 -33.30
C LEU B 727 1.05 44.57 -34.03
N PRO B 728 1.87 45.36 -33.29
CA PRO B 728 2.08 45.35 -31.83
C PRO B 728 0.96 46.07 -31.03
N THR C 1 -26.35 -64.05 -31.91
CA THR C 1 -27.31 -63.48 -30.92
C THR C 1 -26.90 -62.04 -30.61
N ARG C 2 -27.83 -61.28 -30.03
CA ARG C 2 -27.67 -59.85 -29.73
C ARG C 2 -26.61 -59.39 -28.75
N LYS C 3 -26.24 -58.11 -28.88
CA LYS C 3 -25.26 -57.49 -28.01
C LYS C 3 -25.89 -57.37 -26.64
N THR C 4 -25.14 -56.88 -25.66
CA THR C 4 -25.65 -56.74 -24.31
C THR C 4 -25.35 -55.35 -23.81
N TYR C 5 -25.99 -54.95 -22.72
CA TYR C 5 -25.70 -53.63 -22.18
C TYR C 5 -24.24 -53.69 -21.78
N THR C 6 -23.37 -52.97 -22.50
CA THR C 6 -21.96 -52.97 -22.14
C THR C 6 -21.66 -51.81 -21.18
N LEU C 7 -20.57 -51.91 -20.45
CA LEU C 7 -20.23 -50.85 -19.51
C LEU C 7 -20.06 -49.54 -20.29
N THR C 8 -19.67 -49.65 -21.56
CA THR C 8 -19.48 -48.48 -22.40
C THR C 8 -20.85 -47.84 -22.63
N ASP C 9 -21.82 -48.68 -23.00
CA ASP C 9 -23.18 -48.21 -23.25
C ASP C 9 -23.75 -47.41 -22.09
N TYR C 10 -23.17 -47.61 -20.91
CA TYR C 10 -23.62 -46.88 -19.73
C TYR C 10 -22.76 -45.64 -19.57
N LEU C 11 -21.45 -45.85 -19.56
CA LEU C 11 -20.46 -44.80 -19.41
C LEU C 11 -20.53 -43.82 -20.55
N LYS C 12 -21.20 -44.20 -21.63
CA LYS C 12 -21.28 -43.33 -22.77
C LYS C 12 -22.70 -43.13 -23.28
N ASN C 13 -23.68 -43.14 -22.38
CA ASN C 13 -25.10 -42.92 -22.76
C ASN C 13 -25.48 -43.36 -24.16
N THR C 14 -25.14 -44.58 -24.56
CA THR C 14 -25.46 -44.98 -25.90
C THR C 14 -26.93 -45.18 -26.05
N TYR C 15 -27.65 -45.32 -24.93
CA TYR C 15 -29.10 -45.48 -24.98
C TYR C 15 -29.72 -44.47 -24.02
N ARG C 16 -30.35 -43.44 -24.57
CA ARG C 16 -30.93 -42.36 -23.78
C ARG C 16 -32.45 -42.34 -23.59
N LEU C 17 -32.90 -42.37 -22.34
CA LEU C 17 -34.33 -42.29 -22.08
C LEU C 17 -34.63 -40.88 -22.51
N LYS C 18 -35.73 -40.69 -23.23
CA LYS C 18 -36.10 -39.35 -23.65
C LYS C 18 -36.95 -38.73 -22.56
N LEU C 19 -36.93 -37.41 -22.47
CA LEU C 19 -37.72 -36.69 -21.50
C LEU C 19 -38.60 -35.71 -22.27
N TYR C 20 -39.48 -35.01 -21.56
CA TYR C 20 -40.35 -34.01 -22.17
C TYR C 20 -40.47 -32.90 -21.17
N SER C 21 -39.34 -32.43 -20.65
CA SER C 21 -39.40 -31.35 -19.68
C SER C 21 -40.15 -30.20 -20.32
N LEU C 22 -41.13 -29.66 -19.61
CA LEU C 22 -41.88 -28.54 -20.13
C LEU C 22 -42.01 -27.50 -19.03
N ARG C 23 -42.48 -26.32 -19.40
CA ARG C 23 -42.67 -25.24 -18.43
C ARG C 23 -44.00 -24.51 -18.55
N TRP C 24 -44.89 -24.75 -17.57
CA TRP C 24 -46.19 -24.10 -17.52
C TRP C 24 -45.89 -22.64 -17.32
N ILE C 25 -46.50 -21.82 -18.17
CA ILE C 25 -46.28 -20.38 -18.10
C ILE C 25 -47.59 -19.63 -17.87
N SER C 26 -48.69 -20.36 -18.03
CA SER C 26 -50.03 -19.82 -17.85
C SER C 26 -50.87 -20.97 -17.42
N ASP C 27 -52.19 -20.79 -17.47
CA ASP C 27 -53.07 -21.86 -17.09
C ASP C 27 -53.36 -22.80 -18.26
N HIS C 28 -52.78 -22.49 -19.40
CA HIS C 28 -52.99 -23.28 -20.59
C HIS C 28 -51.79 -23.37 -21.53
N GLU C 29 -50.65 -22.86 -21.11
CA GLU C 29 -49.50 -22.93 -22.01
C GLU C 29 -48.16 -23.30 -21.39
N TYR C 30 -47.32 -24.02 -22.13
CA TYR C 30 -46.01 -24.38 -21.61
C TYR C 30 -44.92 -24.25 -22.65
N LEU C 31 -43.72 -23.95 -22.19
CA LEU C 31 -42.57 -23.76 -23.06
C LEU C 31 -41.73 -25.02 -23.12
N TYR C 32 -41.65 -25.60 -24.30
CA TYR C 32 -40.88 -26.80 -24.50
C TYR C 32 -39.67 -26.54 -25.38
N LYS C 33 -38.49 -26.79 -24.84
CA LYS C 33 -37.25 -26.55 -25.58
C LYS C 33 -37.04 -27.60 -26.68
N GLN C 34 -37.19 -27.19 -27.93
CA GLN C 34 -37.03 -28.12 -29.05
C GLN C 34 -36.04 -27.61 -30.11
N GLU C 35 -34.90 -28.28 -30.16
CA GLU C 35 -33.79 -27.94 -31.05
C GLU C 35 -33.38 -26.49 -30.72
N ASN C 36 -32.84 -26.31 -29.51
CA ASN C 36 -32.43 -25.01 -28.98
C ASN C 36 -33.40 -23.90 -29.36
N ASN C 37 -34.56 -24.31 -29.84
CA ASN C 37 -35.64 -23.41 -30.19
C ASN C 37 -36.66 -23.56 -29.05
N ILE C 38 -37.13 -22.42 -28.49
CA ILE C 38 -38.11 -22.51 -27.44
C ILE C 38 -39.47 -22.35 -28.08
N LEU C 39 -40.30 -23.38 -27.89
CA LEU C 39 -41.63 -23.40 -28.43
C LEU C 39 -42.63 -23.13 -27.33
N VAL C 40 -43.82 -22.66 -27.70
CA VAL C 40 -44.87 -22.43 -26.73
C VAL C 40 -45.91 -23.44 -27.20
N PHE C 41 -46.58 -24.09 -26.25
CA PHE C 41 -47.58 -25.07 -26.59
C PHE C 41 -48.98 -24.74 -26.14
N ASN C 42 -49.96 -25.23 -26.89
CA ASN C 42 -51.35 -25.02 -26.54
C ASN C 42 -51.86 -26.35 -25.94
N ALA C 43 -51.84 -26.42 -24.62
CA ALA C 43 -52.25 -27.60 -23.87
C ALA C 43 -53.48 -28.32 -24.44
N GLU C 44 -54.57 -27.59 -24.61
CA GLU C 44 -55.82 -28.16 -25.11
C GLU C 44 -55.66 -28.89 -26.44
N TYR C 45 -55.33 -28.16 -27.49
CA TYR C 45 -55.18 -28.73 -28.82
C TYR C 45 -53.80 -29.30 -29.09
N GLY C 46 -52.78 -28.64 -28.55
CA GLY C 46 -51.42 -29.12 -28.72
C GLY C 46 -50.62 -28.51 -29.86
N ASN C 47 -51.14 -27.46 -30.50
CA ASN C 47 -50.40 -26.82 -31.57
C ASN C 47 -49.28 -26.08 -30.86
N SER C 48 -48.20 -25.83 -31.59
CA SER C 48 -47.05 -25.16 -31.01
C SER C 48 -46.58 -24.01 -31.88
N SER C 49 -45.73 -23.18 -31.30
CA SER C 49 -45.18 -22.04 -32.03
C SER C 49 -43.73 -21.85 -31.61
N VAL C 50 -43.08 -20.83 -32.16
CA VAL C 50 -41.71 -20.57 -31.74
C VAL C 50 -41.78 -19.42 -30.76
N PHE C 51 -41.32 -19.64 -29.53
CA PHE C 51 -41.31 -18.56 -28.53
C PHE C 51 -40.02 -17.78 -28.75
N LEU C 52 -38.89 -18.47 -28.58
CA LEU C 52 -37.59 -17.87 -28.80
C LEU C 52 -36.92 -18.63 -29.94
N GLU C 53 -36.14 -17.91 -30.74
CA GLU C 53 -35.45 -18.52 -31.85
C GLU C 53 -34.07 -18.99 -31.42
N ASN C 54 -33.87 -20.30 -31.54
CA ASN C 54 -32.62 -20.95 -31.18
C ASN C 54 -31.42 -20.07 -31.49
N SER C 55 -31.49 -19.39 -32.63
CA SER C 55 -30.43 -18.51 -33.12
C SER C 55 -30.42 -17.07 -32.62
N THR C 56 -31.45 -16.63 -31.88
CA THR C 56 -31.47 -15.23 -31.44
C THR C 56 -30.16 -14.75 -30.81
N PHE C 57 -29.67 -15.48 -29.80
CA PHE C 57 -28.41 -15.14 -29.13
C PHE C 57 -27.22 -15.89 -29.76
N ASP C 58 -27.29 -15.98 -31.10
CA ASP C 58 -26.27 -16.65 -31.93
C ASP C 58 -24.93 -15.89 -31.92
N GLU C 59 -24.99 -14.63 -31.48
CA GLU C 59 -23.80 -13.79 -31.41
C GLU C 59 -23.69 -13.06 -30.08
N PHE C 60 -24.46 -13.56 -29.10
CA PHE C 60 -24.46 -13.01 -27.75
C PHE C 60 -23.01 -13.02 -27.26
N GLY C 61 -22.27 -14.09 -27.64
CA GLY C 61 -20.88 -14.22 -27.27
C GLY C 61 -20.61 -15.38 -26.32
N HIS C 62 -21.01 -15.14 -25.07
CA HIS C 62 -20.86 -16.12 -23.99
C HIS C 62 -21.71 -17.38 -24.23
N SER C 63 -21.34 -18.46 -23.56
CA SER C 63 -22.11 -19.69 -23.69
C SER C 63 -23.22 -19.76 -22.64
N ILE C 64 -24.41 -19.33 -23.05
CA ILE C 64 -25.60 -19.32 -22.19
C ILE C 64 -25.74 -20.67 -21.51
N ASN C 65 -25.86 -20.66 -20.19
CA ASN C 65 -25.99 -21.90 -19.43
C ASN C 65 -27.44 -22.30 -19.17
N ASP C 66 -28.31 -21.30 -19.05
CA ASP C 66 -29.75 -21.45 -18.88
C ASP C 66 -30.39 -20.07 -18.94
N TYR C 67 -31.70 -20.07 -19.02
CA TYR C 67 -32.47 -18.84 -19.09
C TYR C 67 -33.56 -18.88 -18.04
N SER C 68 -34.62 -18.11 -18.24
CA SER C 68 -35.72 -18.05 -17.30
C SER C 68 -36.62 -16.87 -17.65
N ILE C 69 -37.64 -17.11 -18.46
CA ILE C 69 -38.55 -16.03 -18.83
C ILE C 69 -39.21 -15.50 -17.57
N SER C 70 -39.43 -14.19 -17.53
CA SER C 70 -40.12 -13.56 -16.41
C SER C 70 -41.61 -13.94 -16.47
N PRO C 71 -42.26 -14.06 -15.30
CA PRO C 71 -43.68 -14.41 -15.23
C PRO C 71 -44.59 -13.77 -16.29
N ASP C 72 -44.33 -12.52 -16.66
CA ASP C 72 -45.16 -11.85 -17.65
C ASP C 72 -44.71 -11.96 -19.11
N GLY C 73 -43.72 -12.83 -19.37
CA GLY C 73 -43.23 -13.00 -20.72
C GLY C 73 -42.84 -11.68 -21.38
N GLN C 74 -42.06 -10.86 -20.69
CA GLN C 74 -41.62 -9.57 -21.23
C GLN C 74 -40.12 -9.53 -21.26
N PHE C 75 -39.52 -10.37 -20.42
CA PHE C 75 -38.09 -10.41 -20.33
C PHE C 75 -37.61 -11.82 -20.12
N ILE C 76 -36.35 -12.04 -20.44
CA ILE C 76 -35.78 -13.33 -20.24
C ILE C 76 -34.40 -13.16 -19.59
N LEU C 77 -34.18 -13.92 -18.52
CA LEU C 77 -32.93 -13.89 -17.78
C LEU C 77 -31.98 -14.84 -18.46
N LEU C 78 -30.76 -14.38 -18.74
CA LEU C 78 -29.75 -15.21 -19.38
C LEU C 78 -28.62 -15.48 -18.38
N GLU C 79 -28.46 -16.76 -18.04
CA GLU C 79 -27.45 -17.18 -17.08
C GLU C 79 -26.26 -17.86 -17.72
N TYR C 80 -25.11 -17.21 -17.68
CA TYR C 80 -23.91 -17.79 -18.23
C TYR C 80 -22.84 -17.77 -17.16
N ASN C 81 -21.61 -18.08 -17.53
CA ASN C 81 -20.54 -18.07 -16.54
C ASN C 81 -20.92 -18.90 -15.33
N TYR C 82 -21.41 -20.10 -15.61
CA TYR C 82 -21.83 -21.04 -14.57
C TYR C 82 -20.63 -21.63 -13.87
N VAL C 83 -20.77 -21.87 -12.56
CA VAL C 83 -19.72 -22.47 -11.73
C VAL C 83 -20.44 -23.11 -10.57
N LYS C 84 -20.20 -24.40 -10.39
CA LYS C 84 -20.83 -25.15 -9.32
C LYS C 84 -20.18 -24.83 -7.98
N GLN C 85 -20.95 -25.02 -6.91
CA GLN C 85 -20.42 -24.84 -5.56
C GLN C 85 -20.80 -26.11 -4.82
N TRP C 86 -21.85 -26.06 -4.01
CA TRP C 86 -22.27 -27.24 -3.28
C TRP C 86 -23.24 -28.04 -4.12
N ARG C 87 -24.21 -28.69 -3.48
CA ARG C 87 -25.18 -29.50 -4.21
C ARG C 87 -26.13 -28.66 -5.06
N HIS C 88 -26.47 -27.47 -4.56
CA HIS C 88 -27.40 -26.60 -5.28
C HIS C 88 -26.86 -25.20 -5.59
N SER C 89 -26.02 -24.67 -4.72
CA SER C 89 -25.49 -23.33 -4.92
C SER C 89 -24.52 -23.25 -6.09
N TYR C 90 -24.26 -22.02 -6.52
CA TYR C 90 -23.35 -21.76 -7.64
C TYR C 90 -23.35 -20.28 -8.05
N THR C 91 -22.38 -19.92 -8.89
CA THR C 91 -22.32 -18.56 -9.35
C THR C 91 -22.26 -18.54 -10.87
N ALA C 92 -22.87 -17.50 -11.42
CA ALA C 92 -22.94 -17.30 -12.84
C ALA C 92 -23.11 -15.80 -13.05
N SER C 93 -23.02 -15.39 -14.32
CA SER C 93 -23.21 -14.00 -14.66
C SER C 93 -24.60 -13.99 -15.26
N TYR C 94 -25.20 -12.82 -15.33
CA TYR C 94 -26.53 -12.76 -15.87
C TYR C 94 -26.80 -11.51 -16.71
N ASP C 95 -27.56 -11.72 -17.77
CA ASP C 95 -27.93 -10.66 -18.68
C ASP C 95 -29.43 -10.70 -18.79
N ILE C 96 -30.06 -9.57 -19.12
CA ILE C 96 -31.51 -9.51 -19.29
C ILE C 96 -31.86 -9.04 -20.70
N TYR C 97 -32.40 -9.95 -21.51
CA TYR C 97 -32.77 -9.61 -22.88
C TYR C 97 -34.23 -9.14 -22.94
N ASP C 98 -34.46 -7.91 -23.43
CA ASP C 98 -35.82 -7.41 -23.57
C ASP C 98 -36.50 -8.07 -24.79
N LEU C 99 -37.49 -8.91 -24.50
CA LEU C 99 -38.22 -9.61 -25.55
C LEU C 99 -39.02 -8.72 -26.51
N ASN C 100 -39.89 -7.88 -25.95
CA ASN C 100 -40.70 -6.99 -26.79
C ASN C 100 -39.83 -6.08 -27.68
N LYS C 101 -39.01 -5.22 -27.06
CA LYS C 101 -38.17 -4.32 -27.82
C LYS C 101 -36.96 -5.07 -28.40
N ARG C 102 -37.07 -6.39 -28.46
CA ARG C 102 -35.99 -7.23 -29.01
C ARG C 102 -34.55 -6.69 -28.87
N GLN C 103 -34.12 -6.39 -27.64
CA GLN C 103 -32.77 -5.89 -27.37
C GLN C 103 -32.16 -6.55 -26.13
N LEU C 104 -31.01 -6.05 -25.67
CA LEU C 104 -30.35 -6.65 -24.49
C LEU C 104 -29.92 -5.61 -23.42
N ILE C 105 -30.79 -5.38 -22.45
CA ILE C 105 -30.53 -4.42 -21.37
C ILE C 105 -29.06 -4.27 -20.92
N THR C 106 -28.41 -3.21 -21.37
CA THR C 106 -27.00 -2.97 -21.06
C THR C 106 -26.71 -2.13 -19.81
N GLU C 107 -27.66 -1.28 -19.45
CA GLU C 107 -27.51 -0.36 -18.33
C GLU C 107 -28.09 -0.86 -17.01
N GLU C 108 -27.40 -0.56 -15.91
CA GLU C 108 -27.85 -0.96 -14.58
C GLU C 108 -28.09 -2.46 -14.65
N ARG C 109 -27.01 -3.22 -14.75
CA ARG C 109 -27.13 -4.67 -14.87
C ARG C 109 -26.54 -5.45 -13.70
N ILE C 110 -27.03 -6.68 -13.57
CA ILE C 110 -26.60 -7.61 -12.53
C ILE C 110 -25.10 -7.69 -12.50
N PRO C 111 -24.53 -7.68 -11.30
CA PRO C 111 -23.08 -7.75 -11.08
C PRO C 111 -22.55 -9.08 -11.59
N ASN C 112 -21.27 -9.32 -11.37
CA ASN C 112 -20.66 -10.59 -11.75
C ASN C 112 -20.55 -11.41 -10.47
N ASN C 113 -20.46 -12.73 -10.62
CA ASN C 113 -20.35 -13.55 -9.44
C ASN C 113 -21.61 -13.38 -8.62
N THR C 114 -22.75 -13.62 -9.28
CA THR C 114 -24.03 -13.53 -8.62
C THR C 114 -24.27 -14.88 -7.97
N GLN C 115 -24.81 -14.85 -6.76
CA GLN C 115 -25.05 -16.06 -5.98
C GLN C 115 -26.43 -16.64 -6.22
N TRP C 116 -27.40 -15.77 -6.45
CA TRP C 116 -28.74 -16.26 -6.72
C TRP C 116 -29.68 -15.13 -7.18
N VAL C 117 -30.45 -15.42 -8.23
CA VAL C 117 -31.37 -14.41 -8.72
C VAL C 117 -32.73 -15.03 -9.00
N THR C 118 -33.77 -14.24 -8.76
CA THR C 118 -35.13 -14.72 -8.97
C THR C 118 -36.10 -13.61 -9.33
N TRP C 119 -37.02 -13.95 -10.24
CA TRP C 119 -38.06 -13.05 -10.70
C TRP C 119 -39.14 -13.10 -9.64
N SER C 120 -39.90 -12.03 -9.55
CA SER C 120 -41.00 -12.00 -8.61
C SER C 120 -41.92 -13.10 -9.18
N PRO C 121 -42.89 -13.60 -8.40
CA PRO C 121 -43.80 -14.66 -8.88
C PRO C 121 -44.67 -14.14 -10.02
N VAL C 122 -44.85 -12.82 -10.03
CA VAL C 122 -45.63 -12.17 -11.06
C VAL C 122 -44.97 -10.86 -11.47
N GLY C 123 -45.15 -10.50 -12.73
CA GLY C 123 -44.57 -9.27 -13.24
C GLY C 123 -43.18 -9.54 -13.78
N HIS C 124 -42.24 -8.66 -13.41
CA HIS C 124 -40.86 -8.80 -13.86
C HIS C 124 -39.85 -8.22 -12.89
N LYS C 125 -40.11 -8.34 -11.59
CA LYS C 125 -39.18 -7.83 -10.59
C LYS C 125 -38.02 -8.80 -10.46
N LEU C 126 -36.91 -8.33 -9.90
CA LEU C 126 -35.73 -9.16 -9.71
C LEU C 126 -35.09 -8.93 -8.35
N ALA C 127 -34.93 -10.01 -7.59
CA ALA C 127 -34.28 -9.92 -6.29
C ALA C 127 -33.01 -10.72 -6.49
N TYR C 128 -31.88 -10.16 -6.14
CA TYR C 128 -30.66 -10.94 -6.33
C TYR C 128 -29.70 -10.86 -5.17
N VAL C 129 -28.80 -11.83 -5.13
CA VAL C 129 -27.82 -11.86 -4.08
C VAL C 129 -26.43 -11.73 -4.68
N TRP C 130 -25.66 -10.83 -4.07
CA TRP C 130 -24.30 -10.56 -4.48
C TRP C 130 -23.49 -10.13 -3.27
N ASN C 131 -22.56 -10.98 -2.83
CA ASN C 131 -21.73 -10.70 -1.66
C ASN C 131 -22.61 -10.76 -0.43
N ASN C 132 -23.38 -11.83 -0.32
CA ASN C 132 -24.29 -12.06 0.80
C ASN C 132 -25.30 -10.94 1.06
N ASP C 133 -25.63 -10.18 0.02
CA ASP C 133 -26.60 -9.12 0.15
C ASP C 133 -27.78 -9.27 -0.78
N ILE C 134 -28.87 -8.65 -0.40
CA ILE C 134 -30.08 -8.71 -1.19
C ILE C 134 -30.26 -7.40 -1.90
N TYR C 135 -30.53 -7.49 -3.19
CA TYR C 135 -30.77 -6.30 -4.01
C TYR C 135 -32.06 -6.51 -4.75
N VAL C 136 -32.88 -5.47 -4.83
CA VAL C 136 -34.12 -5.60 -5.54
C VAL C 136 -34.22 -4.59 -6.67
N LYS C 137 -34.35 -5.09 -7.90
CA LYS C 137 -34.48 -4.25 -9.08
C LYS C 137 -35.93 -4.35 -9.53
N ILE C 138 -36.63 -3.21 -9.54
CA ILE C 138 -38.02 -3.19 -9.95
C ILE C 138 -38.12 -3.32 -11.46
N GLU C 139 -37.31 -2.54 -12.16
CA GLU C 139 -37.26 -2.57 -13.62
C GLU C 139 -35.81 -2.92 -13.98
N PRO C 140 -35.60 -4.03 -14.72
CA PRO C 140 -34.31 -4.55 -15.18
C PRO C 140 -33.39 -3.54 -15.82
N ASN C 141 -33.89 -2.35 -16.12
CA ASN C 141 -33.06 -1.32 -16.72
C ASN C 141 -32.85 -0.19 -15.71
N LEU C 142 -33.55 -0.29 -14.59
CA LEU C 142 -33.41 0.71 -13.55
C LEU C 142 -32.41 0.17 -12.54
N PRO C 143 -31.95 1.04 -11.62
CA PRO C 143 -30.98 0.70 -10.56
C PRO C 143 -31.56 -0.16 -9.45
N SER C 144 -30.73 -1.05 -8.90
CA SER C 144 -31.17 -1.93 -7.81
C SER C 144 -31.12 -1.26 -6.43
N TYR C 145 -31.87 -1.80 -5.48
CA TYR C 145 -31.90 -1.25 -4.13
C TYR C 145 -31.11 -2.22 -3.21
N ARG C 146 -30.34 -1.67 -2.28
CA ARG C 146 -29.57 -2.50 -1.35
C ARG C 146 -30.47 -2.79 -0.16
N ILE C 147 -30.99 -3.99 -0.07
CA ILE C 147 -31.88 -4.32 1.06
C ILE C 147 -31.09 -4.61 2.33
N THR C 148 -29.97 -5.32 2.17
CA THR C 148 -29.11 -5.68 3.28
C THR C 148 -27.76 -4.98 3.18
N TRP C 149 -27.04 -4.93 4.31
CA TRP C 149 -25.73 -4.29 4.38
C TRP C 149 -24.82 -5.16 5.25
N THR C 150 -25.41 -6.24 5.74
CA THR C 150 -24.75 -7.18 6.62
C THR C 150 -24.13 -8.35 5.88
N GLY C 151 -23.87 -8.19 4.59
CA GLY C 151 -23.30 -9.27 3.81
C GLY C 151 -21.82 -9.50 4.04
N LYS C 152 -21.47 -10.62 4.69
CA LYS C 152 -20.08 -10.93 4.97
C LYS C 152 -19.77 -12.38 4.61
N GLU C 153 -18.67 -12.59 3.88
CA GLU C 153 -18.23 -13.92 3.43
C GLU C 153 -18.04 -14.95 4.55
N ASP C 154 -18.67 -16.10 4.41
CA ASP C 154 -18.55 -17.17 5.38
C ASP C 154 -19.02 -16.81 6.77
N ILE C 155 -19.65 -15.64 6.90
CA ILE C 155 -20.11 -15.18 8.22
C ILE C 155 -21.57 -14.79 8.34
N ILE C 156 -22.04 -13.89 7.50
CA ILE C 156 -23.42 -13.42 7.56
C ILE C 156 -24.10 -13.63 6.19
N TYR C 157 -25.08 -14.54 6.15
CA TYR C 157 -25.79 -14.85 4.92
C TYR C 157 -27.17 -14.24 4.82
N ASN C 158 -27.35 -13.38 3.81
CA ASN C 158 -28.63 -12.72 3.59
C ASN C 158 -29.28 -13.19 2.31
N GLY C 159 -30.28 -14.06 2.41
CA GLY C 159 -30.95 -14.49 1.21
C GLY C 159 -30.39 -15.77 0.66
N ILE C 160 -29.36 -16.25 1.31
CA ILE C 160 -28.77 -17.50 0.90
C ILE C 160 -28.31 -18.24 2.12
N THR C 161 -28.47 -19.55 2.06
CA THR C 161 -28.13 -20.42 3.16
C THR C 161 -26.65 -20.68 3.27
N ASP C 162 -26.18 -21.07 4.47
CA ASP C 162 -24.78 -21.42 4.60
C ASP C 162 -24.74 -22.85 4.04
N TRP C 163 -23.76 -23.65 4.44
CA TRP C 163 -23.67 -25.00 3.88
C TRP C 163 -24.72 -25.95 4.37
N VAL C 164 -24.78 -26.13 5.68
CA VAL C 164 -25.70 -27.06 6.29
C VAL C 164 -27.17 -26.78 5.98
N TYR C 165 -27.55 -25.50 5.94
CA TYR C 165 -28.93 -25.17 5.64
C TYR C 165 -29.33 -25.51 4.20
N GLU C 166 -28.42 -25.27 3.26
CA GLU C 166 -28.62 -25.55 1.85
C GLU C 166 -28.73 -27.03 1.58
N GLU C 167 -28.02 -27.81 2.37
CA GLU C 167 -27.96 -29.25 2.23
C GLU C 167 -29.04 -29.95 3.04
N GLU C 168 -29.01 -29.71 4.35
CA GLU C 168 -29.91 -30.38 5.28
C GLU C 168 -31.29 -29.82 5.62
N VAL C 169 -31.61 -28.60 5.21
CA VAL C 169 -32.93 -28.10 5.56
C VAL C 169 -33.81 -27.59 4.41
N PHE C 170 -33.23 -26.84 3.49
CA PHE C 170 -34.00 -26.28 2.40
C PHE C 170 -33.80 -26.98 1.07
N SER C 171 -32.69 -27.71 0.92
CA SER C 171 -32.39 -28.34 -0.36
C SER C 171 -32.46 -27.28 -1.45
N ALA C 172 -31.73 -26.19 -1.22
CA ALA C 172 -31.67 -25.07 -2.15
C ALA C 172 -30.78 -23.99 -1.57
N TYR C 173 -30.14 -23.21 -2.45
CA TYR C 173 -29.22 -22.13 -2.07
C TYR C 173 -29.96 -20.82 -1.78
N SER C 174 -31.22 -20.75 -2.21
CA SER C 174 -32.05 -19.55 -2.04
C SER C 174 -32.76 -19.45 -0.68
N ALA C 175 -32.75 -18.25 -0.09
CA ALA C 175 -33.38 -18.00 1.19
C ALA C 175 -34.30 -16.76 1.23
N LEU C 176 -35.08 -16.57 0.17
CA LEU C 176 -36.01 -15.45 0.08
C LEU C 176 -37.24 -15.93 -0.66
N TRP C 177 -38.42 -15.46 -0.30
CA TRP C 177 -39.57 -15.96 -1.01
C TRP C 177 -40.57 -14.84 -1.28
N TRP C 178 -40.70 -14.46 -2.54
CA TRP C 178 -41.62 -13.40 -2.89
C TRP C 178 -43.04 -13.79 -2.49
N SER C 179 -43.81 -12.79 -2.10
CA SER C 179 -45.20 -12.99 -1.72
C SER C 179 -45.91 -13.25 -3.03
N PRO C 180 -47.02 -14.01 -3.01
CA PRO C 180 -47.76 -14.30 -4.24
C PRO C 180 -47.75 -13.25 -5.36
N ASN C 181 -47.74 -11.95 -5.01
CA ASN C 181 -47.73 -10.94 -6.06
C ASN C 181 -46.55 -9.96 -6.03
N GLY C 182 -45.40 -10.46 -5.59
CA GLY C 182 -44.20 -9.64 -5.55
C GLY C 182 -44.20 -8.44 -4.64
N THR C 183 -45.34 -8.09 -4.07
CA THR C 183 -45.39 -6.93 -3.19
C THR C 183 -44.41 -7.00 -2.01
N PHE C 184 -44.27 -8.19 -1.43
CA PHE C 184 -43.37 -8.37 -0.29
C PHE C 184 -42.20 -9.28 -0.61
N LEU C 185 -41.12 -9.08 0.12
CA LEU C 185 -39.94 -9.90 -0.01
C LEU C 185 -39.52 -10.33 1.40
N ALA C 186 -39.65 -11.61 1.69
CA ALA C 186 -39.27 -12.11 2.99
C ALA C 186 -38.03 -12.96 2.78
N TYR C 187 -37.00 -12.75 3.60
CA TYR C 187 -35.77 -13.53 3.50
C TYR C 187 -35.29 -13.98 4.85
N ALA C 188 -34.23 -14.75 4.86
CA ALA C 188 -33.66 -15.25 6.09
C ALA C 188 -32.27 -14.64 6.24
N GLN C 189 -31.60 -14.89 7.37
CA GLN C 189 -30.25 -14.39 7.60
C GLN C 189 -29.51 -15.35 8.52
N PHE C 190 -28.36 -15.83 8.07
CA PHE C 190 -27.58 -16.77 8.86
C PHE C 190 -26.29 -16.16 9.41
N ASN C 191 -25.85 -16.63 10.58
CA ASN C 191 -24.65 -16.12 11.24
C ASN C 191 -23.80 -17.33 11.62
N ASP C 192 -22.75 -17.58 10.85
CA ASP C 192 -21.86 -18.70 11.13
C ASP C 192 -20.61 -18.19 11.83
N THR C 193 -20.74 -17.07 12.52
CA THR C 193 -19.63 -16.45 13.24
C THR C 193 -18.80 -17.38 14.12
N GLU C 194 -19.46 -18.29 14.81
CA GLU C 194 -18.78 -19.22 15.70
C GLU C 194 -18.89 -20.68 15.30
N VAL C 195 -19.12 -20.95 14.01
CA VAL C 195 -19.27 -22.33 13.52
C VAL C 195 -17.90 -22.89 13.14
N PRO C 196 -17.56 -24.11 13.61
CA PRO C 196 -16.25 -24.63 13.24
C PRO C 196 -16.17 -24.67 11.71
N LEU C 197 -14.95 -24.73 11.16
CA LEU C 197 -14.72 -24.78 9.72
C LEU C 197 -14.00 -26.04 9.36
N ILE C 198 -14.43 -26.69 8.29
CA ILE C 198 -13.77 -27.87 7.85
C ILE C 198 -12.74 -27.37 6.84
N GLU C 199 -11.53 -27.89 6.88
CA GLU C 199 -10.49 -27.43 5.97
C GLU C 199 -9.86 -28.57 5.20
N TYR C 200 -9.76 -28.44 3.89
CA TYR C 200 -9.14 -29.49 3.08
C TYR C 200 -8.44 -28.94 1.84
N SER C 201 -7.50 -29.71 1.32
CA SER C 201 -6.72 -29.28 0.19
C SER C 201 -7.42 -29.43 -1.13
N PHE C 202 -7.22 -28.43 -1.97
CA PHE C 202 -7.74 -28.43 -3.33
C PHE C 202 -6.47 -28.21 -4.11
N TYR C 203 -6.15 -29.10 -5.05
CA TYR C 203 -4.91 -28.89 -5.75
C TYR C 203 -5.10 -28.22 -7.08
N SER C 204 -6.35 -28.15 -7.53
CA SER C 204 -6.65 -27.47 -8.78
C SER C 204 -5.87 -28.01 -9.97
N ASP C 205 -5.38 -27.12 -10.83
CA ASP C 205 -4.62 -27.53 -12.00
C ASP C 205 -3.19 -27.80 -11.69
N GLU C 206 -2.55 -28.56 -12.56
CA GLU C 206 -1.15 -28.90 -12.45
C GLU C 206 -0.35 -27.59 -12.28
N SER C 207 -0.73 -26.58 -13.05
CA SER C 207 -0.05 -25.29 -13.04
C SER C 207 -0.06 -24.55 -11.72
N LEU C 208 -0.78 -25.07 -10.73
CA LEU C 208 -0.87 -24.41 -9.43
C LEU C 208 0.25 -24.88 -8.52
N GLN C 209 1.22 -24.02 -8.27
CA GLN C 209 2.34 -24.44 -7.46
C GLN C 209 2.11 -24.71 -5.96
N TYR C 210 1.02 -24.20 -5.41
CA TYR C 210 0.76 -24.42 -4.00
C TYR C 210 -0.70 -24.81 -3.73
N PRO C 211 -0.92 -26.06 -3.30
CA PRO C 211 -2.29 -26.48 -3.04
C PRO C 211 -2.99 -25.44 -2.20
N LYS C 212 -4.14 -24.97 -2.66
CA LYS C 212 -4.89 -24.01 -1.86
C LYS C 212 -5.65 -24.83 -0.82
N THR C 213 -5.96 -24.21 0.31
CA THR C 213 -6.68 -24.89 1.37
C THR C 213 -8.07 -24.31 1.48
N VAL C 214 -9.08 -25.13 1.17
CA VAL C 214 -10.48 -24.70 1.23
C VAL C 214 -11.00 -24.72 2.67
N ARG C 215 -11.67 -23.65 3.07
CA ARG C 215 -12.19 -23.53 4.42
C ARG C 215 -13.67 -23.15 4.45
N VAL C 216 -14.53 -24.12 4.71
CA VAL C 216 -15.96 -23.85 4.75
C VAL C 216 -16.68 -24.01 6.12
N PRO C 217 -17.65 -23.14 6.43
CA PRO C 217 -18.35 -23.29 7.71
C PRO C 217 -19.20 -24.55 7.64
N TYR C 218 -18.85 -25.55 8.43
CA TYR C 218 -19.59 -26.79 8.44
C TYR C 218 -19.64 -27.36 9.86
N PRO C 219 -20.83 -27.39 10.49
CA PRO C 219 -20.95 -27.92 11.85
C PRO C 219 -21.18 -29.42 11.89
N LYS C 220 -20.27 -30.11 12.59
CA LYS C 220 -20.33 -31.56 12.73
C LYS C 220 -21.13 -31.86 13.98
N ALA C 221 -21.79 -33.01 14.01
CA ALA C 221 -22.61 -33.43 15.14
C ALA C 221 -22.14 -32.98 16.52
N GLY C 222 -22.84 -32.00 17.08
CA GLY C 222 -22.49 -31.50 18.40
C GLY C 222 -21.96 -30.09 18.45
N ALA C 223 -21.21 -29.73 17.40
CA ALA C 223 -20.59 -28.42 17.27
C ALA C 223 -21.58 -27.27 17.30
N VAL C 224 -21.05 -26.07 17.28
CA VAL C 224 -21.85 -24.86 17.28
C VAL C 224 -22.49 -24.66 15.91
N ASN C 225 -23.82 -24.71 15.87
CA ASN C 225 -24.61 -24.53 14.64
C ASN C 225 -24.84 -23.06 14.35
N PRO C 226 -25.12 -22.75 13.08
CA PRO C 226 -25.37 -21.39 12.61
C PRO C 226 -26.69 -20.83 13.14
N THR C 227 -26.71 -19.55 13.50
CA THR C 227 -27.95 -18.97 13.98
C THR C 227 -28.71 -18.38 12.79
N VAL C 228 -29.98 -18.07 12.99
CA VAL C 228 -30.77 -17.53 11.91
C VAL C 228 -31.76 -16.47 12.35
N LYS C 229 -32.14 -15.62 11.41
CA LYS C 229 -33.10 -14.57 11.66
C LYS C 229 -33.95 -14.42 10.44
N PHE C 230 -35.22 -14.09 10.64
CA PHE C 230 -36.14 -13.90 9.53
C PHE C 230 -36.72 -12.50 9.41
N PHE C 231 -36.76 -11.99 8.19
CA PHE C 231 -37.29 -10.65 7.95
C PHE C 231 -38.27 -10.67 6.78
N VAL C 232 -38.89 -9.51 6.56
CA VAL C 232 -39.82 -9.33 5.46
C VAL C 232 -39.80 -7.84 5.10
N VAL C 233 -39.69 -7.52 3.81
CA VAL C 233 -39.64 -6.13 3.38
C VAL C 233 -40.52 -5.85 2.17
N ASN C 234 -41.34 -4.80 2.29
CA ASN C 234 -42.23 -4.42 1.21
C ASN C 234 -41.42 -3.85 0.07
N THR C 235 -41.45 -4.53 -1.06
CA THR C 235 -40.72 -4.06 -2.22
C THR C 235 -41.44 -2.88 -2.86
N ASP C 236 -42.77 -2.94 -2.89
CA ASP C 236 -43.53 -1.87 -3.47
C ASP C 236 -43.16 -0.48 -2.95
N SER C 237 -42.73 -0.40 -1.69
CA SER C 237 -42.36 0.90 -1.09
C SER C 237 -40.89 1.03 -0.75
N LEU C 238 -40.04 0.99 -1.77
CA LEU C 238 -38.59 1.10 -1.55
C LEU C 238 -38.18 2.51 -1.90
N SER C 239 -37.19 3.04 -1.18
CA SER C 239 -36.69 4.40 -1.39
C SER C 239 -35.25 4.48 -1.91
N SER C 240 -35.02 5.33 -2.91
CA SER C 240 -33.67 5.51 -3.48
C SER C 240 -32.88 6.55 -2.74
N VAL C 241 -33.42 7.08 -1.66
CA VAL C 241 -32.71 8.08 -0.89
C VAL C 241 -32.53 7.60 0.54
N THR C 242 -33.42 6.68 0.95
CA THR C 242 -33.36 6.12 2.30
C THR C 242 -33.36 4.59 2.35
N ASN C 243 -32.48 4.06 3.20
CA ASN C 243 -32.34 2.63 3.35
C ASN C 243 -33.63 1.88 3.66
N ALA C 244 -33.95 0.92 2.79
CA ALA C 244 -35.15 0.11 2.94
C ALA C 244 -35.20 -0.50 4.32
N THR C 245 -36.43 -0.65 4.83
CA THR C 245 -36.64 -1.20 6.16
C THR C 245 -37.32 -2.55 6.14
N SER C 246 -36.61 -3.56 6.62
CA SER C 246 -37.12 -4.92 6.63
C SER C 246 -37.63 -5.25 8.03
N ILE C 247 -38.89 -5.70 8.13
CA ILE C 247 -39.45 -6.05 9.44
C ILE C 247 -39.06 -7.48 9.80
N GLN C 248 -38.60 -7.68 11.02
CA GLN C 248 -38.19 -9.00 11.47
C GLN C 248 -39.34 -9.70 12.14
N ILE C 249 -39.41 -11.00 11.94
CA ILE C 249 -40.44 -11.82 12.56
C ILE C 249 -39.67 -12.81 13.41
N THR C 250 -39.68 -12.60 14.72
CA THR C 250 -38.97 -13.47 15.63
C THR C 250 -39.62 -14.87 15.75
N ALA C 251 -38.84 -15.85 16.19
CA ALA C 251 -39.41 -17.18 16.35
C ALA C 251 -40.16 -17.25 17.68
N PRO C 252 -40.92 -18.33 17.90
CA PRO C 252 -41.67 -18.47 19.15
C PRO C 252 -40.72 -18.60 20.36
N ALA C 253 -41.18 -18.18 21.54
CA ALA C 253 -40.33 -18.26 22.73
C ALA C 253 -39.98 -19.72 23.00
N SER C 254 -40.96 -20.60 22.82
CA SER C 254 -40.72 -22.02 23.00
C SER C 254 -39.54 -22.45 22.11
N MET C 255 -39.30 -21.68 21.05
CA MET C 255 -38.23 -21.99 20.12
C MET C 255 -36.93 -21.31 20.52
N LEU C 256 -37.07 -20.06 20.96
CA LEU C 256 -35.93 -19.23 21.39
C LEU C 256 -35.13 -19.68 22.64
N ILE C 257 -35.74 -20.46 23.52
CA ILE C 257 -35.04 -20.93 24.72
C ILE C 257 -33.80 -21.78 24.43
N GLY C 258 -33.67 -22.26 23.19
CA GLY C 258 -32.51 -23.08 22.85
C GLY C 258 -32.04 -22.97 21.41
N ASP C 259 -31.25 -23.95 20.96
CA ASP C 259 -30.75 -23.94 19.59
C ASP C 259 -31.91 -24.36 18.71
N HIS C 260 -32.06 -23.73 17.54
CA HIS C 260 -33.15 -24.06 16.59
C HIS C 260 -32.92 -23.81 15.09
N TYR C 261 -33.97 -24.02 14.30
CA TYR C 261 -33.90 -23.84 12.86
C TYR C 261 -35.18 -23.27 12.25
N LEU C 262 -35.05 -22.78 11.02
CA LEU C 262 -36.18 -22.29 10.26
C LEU C 262 -36.23 -23.34 9.18
N CYS C 263 -37.18 -24.26 9.29
CA CYS C 263 -37.28 -25.33 8.32
C CYS C 263 -38.23 -25.16 7.15
N ASP C 264 -39.11 -24.15 7.21
CA ASP C 264 -40.05 -23.91 6.11
C ASP C 264 -40.55 -22.48 6.07
N VAL C 265 -40.98 -22.06 4.89
CA VAL C 265 -41.49 -20.72 4.66
C VAL C 265 -42.54 -20.85 3.57
N THR C 266 -43.80 -20.62 3.90
CA THR C 266 -44.82 -20.73 2.88
C THR C 266 -45.81 -19.59 2.97
N TRP C 267 -45.84 -18.76 1.92
CA TRP C 267 -46.79 -17.67 1.91
C TRP C 267 -48.21 -18.24 1.81
N ALA C 268 -49.16 -17.60 2.50
CA ALA C 268 -50.56 -18.05 2.51
C ALA C 268 -51.44 -17.13 1.67
N THR C 269 -51.21 -15.83 1.81
CA THR C 269 -51.97 -14.84 1.08
C THR C 269 -51.03 -13.67 0.94
N GLN C 270 -51.41 -12.66 0.15
CA GLN C 270 -50.56 -11.49 -0.05
C GLN C 270 -50.11 -10.81 1.25
N GLU C 271 -50.85 -11.00 2.35
CA GLU C 271 -50.46 -10.38 3.59
C GLU C 271 -50.29 -11.39 4.71
N ARG C 272 -50.32 -12.67 4.36
CA ARG C 272 -50.15 -13.74 5.34
C ARG C 272 -49.01 -14.68 4.92
N ILE C 273 -48.21 -15.09 5.89
CA ILE C 273 -47.10 -16.00 5.63
C ILE C 273 -46.90 -16.90 6.85
N SER C 274 -46.49 -18.14 6.61
CA SER C 274 -46.28 -19.08 7.69
C SER C 274 -44.81 -19.43 7.75
N LEU C 275 -44.34 -19.74 8.96
CA LEU C 275 -42.96 -20.08 9.19
C LEU C 275 -42.91 -21.30 10.11
N GLN C 276 -42.15 -22.33 9.75
CA GLN C 276 -42.07 -23.49 10.66
C GLN C 276 -40.70 -23.56 11.32
N TRP C 277 -40.69 -23.63 12.65
CA TRP C 277 -39.43 -23.71 13.34
C TRP C 277 -39.22 -25.08 13.96
N LEU C 278 -37.95 -25.49 14.04
CA LEU C 278 -37.56 -26.81 14.58
C LEU C 278 -36.53 -26.69 15.71
N ARG C 279 -36.74 -27.40 16.81
CA ARG C 279 -35.78 -27.35 17.92
C ARG C 279 -34.55 -28.17 17.58
N ARG C 280 -33.38 -27.67 17.94
CA ARG C 280 -32.15 -28.38 17.63
C ARG C 280 -32.34 -29.89 17.84
N ILE C 281 -33.02 -30.28 18.92
CA ILE C 281 -33.30 -31.70 19.12
C ILE C 281 -34.65 -31.82 18.39
N GLN C 282 -34.56 -32.30 17.15
CA GLN C 282 -35.67 -32.41 16.24
C GLN C 282 -36.86 -33.36 16.45
N ASN C 283 -37.47 -33.37 17.63
CA ASN C 283 -38.65 -34.21 17.82
C ASN C 283 -39.82 -33.26 18.15
N TYR C 284 -39.66 -31.99 17.80
CA TYR C 284 -40.63 -30.95 18.12
C TYR C 284 -40.50 -29.70 17.23
N SER C 285 -41.59 -29.34 16.51
CA SER C 285 -41.59 -28.15 15.63
C SER C 285 -42.82 -27.29 15.86
N VAL C 286 -42.77 -26.05 15.37
CA VAL C 286 -43.90 -25.12 15.51
C VAL C 286 -44.09 -24.24 14.29
N MET C 287 -45.35 -24.05 13.90
CA MET C 287 -45.66 -23.22 12.76
C MET C 287 -46.28 -21.94 13.26
N ASP C 288 -45.72 -20.82 12.86
CA ASP C 288 -46.22 -19.52 13.26
C ASP C 288 -47.01 -19.02 12.06
N ILE C 289 -48.17 -18.41 12.30
CA ILE C 289 -48.98 -17.86 11.22
C ILE C 289 -49.06 -16.38 11.49
N CYS C 290 -48.37 -15.63 10.65
CA CYS C 290 -48.27 -14.20 10.81
C CYS C 290 -48.88 -13.45 9.64
N ASP C 291 -49.59 -12.38 9.96
CA ASP C 291 -50.24 -11.55 8.96
C ASP C 291 -49.67 -10.15 9.03
N TYR C 292 -49.77 -9.43 7.92
CA TYR C 292 -49.28 -8.05 7.83
C TYR C 292 -50.30 -7.13 8.49
N ASP C 293 -49.82 -6.15 9.24
CA ASP C 293 -50.76 -5.22 9.84
C ASP C 293 -50.68 -3.89 9.11
N GLU C 294 -51.73 -3.62 8.31
CA GLU C 294 -51.84 -2.41 7.50
C GLU C 294 -51.40 -1.09 8.15
N SER C 295 -51.88 -0.86 9.36
CA SER C 295 -51.60 0.37 10.11
C SER C 295 -50.26 0.36 10.78
N SER C 296 -50.02 -0.70 11.54
CA SER C 296 -48.77 -0.88 12.26
C SER C 296 -47.53 -0.79 11.38
N GLY C 297 -47.54 -1.58 10.30
CA GLY C 297 -46.42 -1.67 9.40
C GLY C 297 -45.50 -2.82 9.82
N ARG C 298 -45.95 -3.62 10.79
CA ARG C 298 -45.15 -4.73 11.26
C ARG C 298 -45.98 -5.98 11.01
N TRP C 299 -45.40 -7.14 11.28
CA TRP C 299 -46.08 -8.40 11.09
C TRP C 299 -46.35 -9.01 12.44
N ASN C 300 -47.52 -9.59 12.63
CA ASN C 300 -47.82 -10.20 13.93
C ASN C 300 -48.20 -11.66 13.82
N CYS C 301 -47.71 -12.47 14.75
CA CYS C 301 -48.07 -13.89 14.76
C CYS C 301 -48.81 -14.12 16.07
N LEU C 302 -50.13 -14.23 15.99
CA LEU C 302 -50.95 -14.48 17.17
C LEU C 302 -50.63 -15.89 17.68
N VAL C 303 -50.48 -16.02 18.99
CA VAL C 303 -50.16 -17.31 19.60
C VAL C 303 -51.34 -18.29 19.61
N ALA C 304 -52.54 -17.84 19.25
CA ALA C 304 -53.68 -18.73 19.20
C ALA C 304 -53.74 -19.28 17.78
N ARG C 305 -52.79 -18.84 16.96
CA ARG C 305 -52.71 -19.26 15.57
C ARG C 305 -51.52 -20.15 15.29
N GLN C 306 -50.82 -20.57 16.34
CA GLN C 306 -49.69 -21.44 16.18
C GLN C 306 -50.18 -22.87 16.06
N HIS C 307 -49.33 -23.72 15.50
CA HIS C 307 -49.66 -25.11 15.36
C HIS C 307 -48.45 -25.92 15.60
N ILE C 308 -48.55 -26.80 16.58
CA ILE C 308 -47.44 -27.65 16.95
C ILE C 308 -47.57 -29.00 16.33
N GLU C 309 -46.42 -29.57 16.01
CA GLU C 309 -46.31 -30.90 15.43
C GLU C 309 -45.13 -31.52 16.15
N MET C 310 -45.37 -32.64 16.84
CA MET C 310 -44.29 -33.30 17.55
C MET C 310 -44.24 -34.81 17.33
N SER C 311 -43.23 -35.46 17.89
CA SER C 311 -43.07 -36.90 17.75
C SER C 311 -42.37 -37.47 18.97
N THR C 312 -42.92 -38.56 19.48
CA THR C 312 -42.37 -39.20 20.66
C THR C 312 -41.59 -40.44 20.28
N THR C 313 -41.76 -40.87 19.02
CA THR C 313 -41.05 -42.06 18.55
C THR C 313 -39.85 -41.72 17.68
N GLY C 314 -39.75 -40.47 17.24
CA GLY C 314 -38.63 -40.10 16.41
C GLY C 314 -38.47 -38.61 16.19
N TRP C 315 -38.12 -38.26 14.95
CA TRP C 315 -37.91 -36.88 14.54
C TRP C 315 -39.15 -36.40 13.77
N VAL C 316 -39.24 -35.10 13.51
CA VAL C 316 -40.40 -34.55 12.83
C VAL C 316 -40.30 -34.55 11.31
N GLY C 317 -41.34 -35.02 10.65
CA GLY C 317 -41.34 -35.05 9.20
C GLY C 317 -40.32 -36.00 8.64
N ARG C 318 -40.59 -36.58 7.49
CA ARG C 318 -39.65 -37.52 6.90
C ARG C 318 -38.19 -37.04 7.01
N PHE C 319 -37.94 -35.77 6.69
CA PHE C 319 -36.60 -35.20 6.79
C PHE C 319 -36.70 -33.90 7.57
N ARG C 320 -37.84 -33.25 7.41
CA ARG C 320 -38.16 -31.99 8.08
C ARG C 320 -39.69 -31.90 7.92
N PRO C 321 -40.39 -31.25 8.87
CA PRO C 321 -41.85 -31.13 8.80
C PRO C 321 -42.31 -30.75 7.39
N SER C 322 -43.37 -31.37 6.91
CA SER C 322 -43.88 -31.10 5.57
C SER C 322 -44.38 -29.69 5.44
N GLU C 323 -44.66 -29.28 4.21
CA GLU C 323 -45.13 -27.93 3.99
C GLU C 323 -46.66 -27.88 3.86
N PRO C 324 -47.26 -26.76 4.25
CA PRO C 324 -48.69 -26.56 4.20
C PRO C 324 -49.16 -26.00 2.86
N HIS C 325 -50.39 -26.35 2.51
CA HIS C 325 -51.01 -25.88 1.28
C HIS C 325 -52.30 -25.25 1.77
N PHE C 326 -52.30 -23.92 1.87
CA PHE C 326 -53.47 -23.17 2.33
C PHE C 326 -54.55 -23.06 1.27
N THR C 327 -55.70 -22.56 1.67
CA THR C 327 -56.82 -22.36 0.76
C THR C 327 -56.76 -20.88 0.41
N LEU C 328 -57.14 -20.58 -0.83
CA LEU C 328 -57.15 -19.22 -1.37
C LEU C 328 -57.21 -18.09 -0.32
N ASP C 329 -58.25 -18.09 0.50
CA ASP C 329 -58.37 -17.05 1.52
C ASP C 329 -57.32 -17.21 2.59
N GLY C 330 -56.80 -18.42 2.72
CA GLY C 330 -55.78 -18.70 3.71
C GLY C 330 -56.25 -18.87 5.16
N ASN C 331 -57.39 -19.51 5.36
CA ASN C 331 -57.90 -19.70 6.70
C ASN C 331 -57.95 -21.20 7.08
N SER C 332 -57.51 -22.03 6.16
CA SER C 332 -57.47 -23.47 6.41
C SER C 332 -56.49 -24.03 5.41
N PHE C 333 -55.63 -24.96 5.84
CA PHE C 333 -54.65 -25.55 4.92
C PHE C 333 -54.55 -27.05 5.09
N TYR C 334 -53.91 -27.71 4.14
CA TYR C 334 -53.72 -29.14 4.20
C TYR C 334 -52.23 -29.46 4.33
N LYS C 335 -51.87 -30.29 5.31
CA LYS C 335 -50.47 -30.63 5.52
C LYS C 335 -50.28 -32.10 5.85
N ILE C 336 -49.23 -32.72 5.31
CA ILE C 336 -48.99 -34.14 5.58
C ILE C 336 -48.28 -34.34 6.88
N ILE C 337 -48.80 -35.27 7.68
CA ILE C 337 -48.22 -35.61 8.97
C ILE C 337 -48.54 -37.07 9.23
N SER C 338 -47.76 -37.71 10.09
CA SER C 338 -48.00 -39.11 10.46
C SER C 338 -49.21 -39.24 11.43
N ASN C 339 -50.17 -40.12 11.12
CA ASN C 339 -51.34 -40.29 11.99
C ASN C 339 -50.99 -41.01 13.30
N GLU C 340 -52.01 -41.56 13.93
CA GLU C 340 -51.84 -42.28 15.18
C GLU C 340 -51.21 -43.64 14.95
N GLU C 341 -51.37 -44.21 13.76
CA GLU C 341 -50.80 -45.51 13.44
C GLU C 341 -49.37 -45.30 12.90
N GLY C 342 -48.98 -44.05 12.75
CA GLY C 342 -47.66 -43.72 12.26
C GLY C 342 -47.55 -43.69 10.75
N TYR C 343 -48.64 -43.39 10.07
CA TYR C 343 -48.62 -43.32 8.62
C TYR C 343 -48.95 -41.89 8.20
N ARG C 344 -48.01 -41.23 7.55
CA ARG C 344 -48.24 -39.86 7.10
C ARG C 344 -49.35 -39.78 6.07
N HIS C 345 -50.34 -38.97 6.38
CA HIS C 345 -51.50 -38.74 5.51
C HIS C 345 -51.77 -37.24 5.47
N ILE C 346 -52.90 -36.88 4.87
CA ILE C 346 -53.22 -35.47 4.76
C ILE C 346 -54.17 -35.04 5.85
N CYS C 347 -53.74 -34.13 6.72
CA CYS C 347 -54.61 -33.63 7.78
C CYS C 347 -55.12 -32.23 7.38
N TYR C 348 -56.34 -31.89 7.77
CA TYR C 348 -56.90 -30.59 7.42
C TYR C 348 -56.95 -29.62 8.60
N PHE C 349 -56.40 -28.44 8.38
CA PHE C 349 -56.29 -27.42 9.43
C PHE C 349 -57.05 -26.13 9.21
N GLN C 350 -57.72 -25.64 10.25
CA GLN C 350 -58.42 -24.35 10.21
C GLN C 350 -57.33 -23.55 10.90
N ILE C 351 -56.94 -22.40 10.36
CA ILE C 351 -55.85 -21.64 10.94
C ILE C 351 -55.81 -21.32 12.44
N ASP C 352 -56.95 -21.36 13.12
CA ASP C 352 -56.93 -21.04 14.55
C ASP C 352 -57.65 -22.09 15.40
N LYS C 353 -57.61 -23.34 14.92
CA LYS C 353 -58.23 -24.49 15.60
C LYS C 353 -57.19 -25.57 15.90
N LYS C 354 -56.78 -25.68 17.16
CA LYS C 354 -55.75 -26.65 17.57
C LYS C 354 -55.75 -28.04 16.97
N ASP C 355 -56.89 -28.69 16.85
CA ASP C 355 -56.87 -30.03 16.26
C ASP C 355 -57.11 -29.97 14.76
N CYS C 356 -56.53 -30.91 14.01
CA CYS C 356 -56.73 -31.02 12.55
C CYS C 356 -57.60 -32.23 12.28
N THR C 357 -57.96 -32.44 11.03
CA THR C 357 -58.76 -33.60 10.71
C THR C 357 -58.17 -34.29 9.49
N PHE C 358 -57.78 -35.54 9.67
CA PHE C 358 -57.20 -36.29 8.57
C PHE C 358 -58.28 -36.50 7.51
N ILE C 359 -57.87 -36.55 6.25
CA ILE C 359 -58.79 -36.78 5.15
C ILE C 359 -58.34 -37.99 4.34
N THR C 360 -57.53 -38.82 4.99
CA THR C 360 -57.05 -40.06 4.42
C THR C 360 -56.62 -40.96 5.58
N LYS C 361 -56.61 -42.26 5.33
CA LYS C 361 -56.19 -43.22 6.32
C LYS C 361 -55.92 -44.54 5.61
N GLY C 362 -55.20 -45.42 6.28
CA GLY C 362 -54.90 -46.71 5.70
C GLY C 362 -53.49 -47.07 6.08
N THR C 363 -53.05 -48.25 5.67
CA THR C 363 -51.70 -48.68 5.97
C THR C 363 -50.85 -48.34 4.76
N TRP C 364 -50.82 -47.05 4.45
CA TRP C 364 -50.04 -46.53 3.34
C TRP C 364 -49.77 -45.08 3.65
N GLU C 365 -49.11 -44.38 2.74
CA GLU C 365 -48.83 -42.99 2.99
C GLU C 365 -48.86 -42.13 1.75
N VAL C 366 -48.92 -40.84 2.03
CA VAL C 366 -48.95 -39.81 1.01
C VAL C 366 -47.54 -39.24 0.86
N ILE C 367 -47.08 -39.22 -0.37
CA ILE C 367 -45.76 -38.69 -0.63
C ILE C 367 -45.86 -37.17 -0.66
N GLY C 368 -46.90 -36.65 -1.29
CA GLY C 368 -47.04 -35.21 -1.34
C GLY C 368 -48.33 -34.70 -1.92
N ILE C 369 -48.77 -33.56 -1.39
CA ILE C 369 -49.98 -32.87 -1.83
C ILE C 369 -49.55 -32.21 -3.12
N GLU C 370 -50.16 -32.57 -4.24
CA GLU C 370 -49.73 -31.98 -5.49
C GLU C 370 -50.39 -30.69 -5.96
N ALA C 371 -51.68 -30.53 -5.71
CA ALA C 371 -52.37 -29.31 -6.13
C ALA C 371 -53.68 -29.16 -5.38
N LEU C 372 -54.05 -27.92 -5.11
CA LEU C 372 -55.30 -27.67 -4.41
C LEU C 372 -56.28 -26.86 -5.27
N THR C 373 -57.50 -27.38 -5.45
CA THR C 373 -58.55 -26.71 -6.20
C THR C 373 -59.63 -26.37 -5.19
N SER C 374 -60.71 -25.74 -5.61
CA SER C 374 -61.75 -25.40 -4.65
C SER C 374 -62.63 -26.61 -4.46
N ASP C 375 -62.42 -27.61 -5.31
CA ASP C 375 -63.19 -28.83 -5.26
C ASP C 375 -62.38 -30.09 -4.99
N TYR C 376 -61.05 -29.99 -5.12
CA TYR C 376 -60.23 -31.16 -4.92
C TYR C 376 -58.82 -30.92 -4.37
N LEU C 377 -58.24 -32.00 -3.85
CA LEU C 377 -56.86 -31.97 -3.39
C LEU C 377 -56.27 -33.11 -4.20
N TYR C 378 -55.15 -32.81 -4.86
CA TYR C 378 -54.47 -33.77 -5.69
C TYR C 378 -53.16 -34.22 -5.02
N TYR C 379 -52.91 -35.53 -5.04
CA TYR C 379 -51.71 -36.04 -4.40
C TYR C 379 -51.21 -37.34 -4.94
N ILE C 380 -49.96 -37.61 -4.60
CA ILE C 380 -49.33 -38.86 -4.99
C ILE C 380 -49.11 -39.66 -3.71
N SER C 381 -49.40 -40.95 -3.77
CA SER C 381 -49.24 -41.83 -2.61
C SER C 381 -48.84 -43.16 -3.18
N ASN C 382 -48.57 -44.12 -2.31
CA ASN C 382 -48.16 -45.45 -2.75
C ASN C 382 -49.18 -46.48 -2.27
N GLU C 383 -50.44 -46.08 -2.34
CA GLU C 383 -51.53 -46.94 -1.93
C GLU C 383 -51.93 -48.03 -2.93
N TYR C 384 -51.75 -47.76 -4.23
CA TYR C 384 -52.16 -48.75 -5.23
C TYR C 384 -51.55 -50.10 -5.05
N LYS C 385 -52.40 -51.12 -5.12
CA LYS C 385 -52.00 -52.49 -4.96
C LYS C 385 -51.13 -52.70 -3.74
N GLY C 386 -51.11 -51.72 -2.84
CA GLY C 386 -50.36 -51.81 -1.60
C GLY C 386 -48.85 -51.92 -1.68
N MET C 387 -48.27 -51.69 -2.84
CA MET C 387 -46.81 -51.77 -3.03
C MET C 387 -46.24 -50.40 -2.74
N PRO C 388 -45.49 -50.26 -1.62
CA PRO C 388 -44.88 -48.99 -1.22
C PRO C 388 -43.91 -48.41 -2.23
N GLY C 389 -43.32 -49.25 -3.07
CA GLY C 389 -42.39 -48.74 -4.04
C GLY C 389 -43.11 -48.19 -5.27
N GLY C 390 -44.44 -48.07 -5.20
CA GLY C 390 -45.19 -47.56 -6.33
C GLY C 390 -45.64 -46.14 -6.11
N ARG C 391 -45.94 -45.42 -7.19
CA ARG C 391 -46.40 -44.03 -7.08
C ARG C 391 -47.60 -43.80 -7.99
N ASN C 392 -48.61 -43.10 -7.46
CA ASN C 392 -49.84 -42.83 -8.22
C ASN C 392 -50.52 -41.51 -7.80
N LEU C 393 -51.09 -40.83 -8.79
CA LEU C 393 -51.78 -39.59 -8.51
C LEU C 393 -53.24 -39.88 -8.09
N TYR C 394 -53.71 -39.13 -7.11
CA TYR C 394 -55.07 -39.27 -6.62
C TYR C 394 -55.70 -37.88 -6.47
N LYS C 395 -57.03 -37.86 -6.47
CA LYS C 395 -57.75 -36.63 -6.26
C LYS C 395 -58.84 -37.03 -5.31
N ILE C 396 -58.99 -36.25 -4.24
CA ILE C 396 -59.96 -36.52 -3.20
C ILE C 396 -60.96 -35.37 -3.14
N GLN C 397 -62.25 -35.70 -3.12
CA GLN C 397 -63.31 -34.70 -3.05
C GLN C 397 -63.39 -34.09 -1.65
N LEU C 398 -62.99 -32.83 -1.57
CA LEU C 398 -62.98 -32.10 -0.32
C LEU C 398 -64.31 -32.07 0.46
N SER C 399 -65.43 -32.09 -0.27
CA SER C 399 -66.73 -32.09 0.40
C SER C 399 -67.02 -33.50 0.93
N ASP C 400 -66.35 -34.49 0.35
CA ASP C 400 -66.54 -35.86 0.78
C ASP C 400 -65.25 -36.67 0.68
N TYR C 401 -64.58 -36.77 1.81
CA TYR C 401 -63.33 -37.49 1.93
C TYR C 401 -63.42 -38.96 1.60
N THR C 402 -64.59 -39.42 1.17
CA THR C 402 -64.75 -40.83 0.81
C THR C 402 -64.82 -40.96 -0.70
N LYS C 403 -64.70 -39.82 -1.36
CA LYS C 403 -64.74 -39.79 -2.80
C LYS C 403 -63.33 -39.51 -3.32
N VAL C 404 -62.54 -40.57 -3.40
CA VAL C 404 -61.17 -40.49 -3.88
C VAL C 404 -61.06 -41.21 -5.22
N THR C 405 -60.42 -40.59 -6.19
CA THR C 405 -60.27 -41.16 -7.52
C THR C 405 -58.81 -41.32 -7.95
N CYS C 406 -58.37 -42.54 -8.25
CA CYS C 406 -57.00 -42.67 -8.69
C CYS C 406 -57.06 -42.22 -10.14
N LEU C 407 -56.22 -41.27 -10.50
CA LEU C 407 -56.21 -40.73 -11.85
C LEU C 407 -55.17 -41.38 -12.76
N SER C 408 -54.37 -42.31 -12.23
CA SER C 408 -53.30 -42.92 -13.04
C SER C 408 -53.19 -44.41 -12.94
N CYS C 409 -53.64 -44.96 -11.83
CA CYS C 409 -53.58 -46.39 -11.57
C CYS C 409 -53.81 -47.26 -12.78
N GLU C 410 -54.86 -46.98 -13.54
CA GLU C 410 -55.18 -47.80 -14.69
C GLU C 410 -54.73 -47.39 -16.08
N LEU C 411 -54.23 -46.18 -16.26
CA LEU C 411 -53.83 -45.75 -17.59
C LEU C 411 -53.02 -46.78 -18.38
N ASN C 412 -52.23 -47.59 -17.67
CA ASN C 412 -51.42 -48.64 -18.29
C ASN C 412 -50.65 -49.37 -17.17
N PRO C 413 -51.41 -50.07 -16.32
CA PRO C 413 -51.00 -50.85 -15.15
C PRO C 413 -49.76 -51.71 -15.33
N GLU C 414 -49.45 -52.07 -16.58
CA GLU C 414 -48.32 -52.94 -16.90
C GLU C 414 -47.05 -52.19 -17.20
N ARG C 415 -47.16 -51.09 -17.94
CA ARG C 415 -45.97 -50.33 -18.25
C ARG C 415 -45.69 -49.26 -17.21
N CYS C 416 -46.71 -48.91 -16.44
CA CYS C 416 -46.53 -47.89 -15.45
C CYS C 416 -47.01 -48.17 -14.03
N GLN C 417 -46.15 -47.84 -13.07
CA GLN C 417 -46.42 -48.06 -11.65
C GLN C 417 -45.86 -46.93 -10.81
N TYR C 418 -45.01 -46.10 -11.42
CA TYR C 418 -44.34 -44.97 -10.75
C TYR C 418 -44.64 -43.66 -11.47
N TYR C 419 -45.57 -42.89 -10.94
CA TYR C 419 -45.95 -41.63 -11.54
C TYR C 419 -45.45 -40.36 -10.82
N SER C 420 -45.40 -39.30 -11.60
CA SER C 420 -44.97 -38.01 -11.14
C SER C 420 -45.87 -37.06 -11.87
N VAL C 421 -46.26 -35.96 -11.22
CA VAL C 421 -47.14 -35.02 -11.90
C VAL C 421 -46.66 -33.58 -11.90
N SER C 422 -47.16 -32.84 -12.90
CA SER C 422 -46.87 -31.43 -13.11
C SER C 422 -48.16 -30.74 -13.50
N PHE C 423 -48.55 -29.71 -12.74
CA PHE C 423 -49.79 -28.99 -13.03
C PHE C 423 -49.65 -27.58 -13.56
N SER C 424 -50.64 -27.20 -14.36
CA SER C 424 -50.67 -25.87 -14.90
C SER C 424 -50.94 -24.96 -13.70
N LYS C 425 -50.89 -23.65 -13.93
CA LYS C 425 -51.10 -22.61 -12.91
C LYS C 425 -52.34 -22.76 -12.03
N GLU C 426 -53.44 -23.21 -12.63
CA GLU C 426 -54.65 -23.40 -11.87
C GLU C 426 -55.02 -24.86 -11.90
N ALA C 427 -54.06 -25.69 -12.27
CA ALA C 427 -54.27 -27.13 -12.31
C ALA C 427 -55.37 -27.47 -13.28
N LYS C 428 -55.46 -26.73 -14.39
CA LYS C 428 -56.46 -26.99 -15.40
C LYS C 428 -55.99 -28.25 -16.15
N TYR C 429 -54.68 -28.32 -16.37
CA TYR C 429 -54.06 -29.46 -17.06
C TYR C 429 -53.01 -30.11 -16.18
N TYR C 430 -52.51 -31.23 -16.67
CA TYR C 430 -51.46 -31.89 -15.95
C TYR C 430 -50.77 -32.89 -16.86
N GLN C 431 -49.49 -33.13 -16.55
CA GLN C 431 -48.66 -34.05 -17.32
C GLN C 431 -48.35 -35.21 -16.37
N LEU C 432 -48.34 -36.43 -16.92
CA LEU C 432 -48.06 -37.62 -16.11
C LEU C 432 -46.73 -38.23 -16.50
N ARG C 433 -45.79 -38.11 -15.59
CA ARG C 433 -44.43 -38.60 -15.77
C ARG C 433 -44.28 -40.02 -15.24
N CYS C 434 -44.60 -41.00 -16.05
CA CYS C 434 -44.48 -42.39 -15.61
C CYS C 434 -43.02 -42.78 -15.77
N SER C 435 -42.35 -43.10 -14.67
CA SER C 435 -40.94 -43.46 -14.74
C SER C 435 -40.67 -44.96 -14.86
N GLY C 436 -41.56 -45.78 -14.31
CA GLY C 436 -41.40 -47.22 -14.41
C GLY C 436 -42.75 -47.92 -14.36
N PRO C 437 -42.76 -49.26 -14.42
CA PRO C 437 -41.54 -50.06 -14.54
C PRO C 437 -41.10 -50.30 -16.00
N GLY C 438 -41.85 -49.75 -16.95
CA GLY C 438 -41.46 -49.89 -18.34
C GLY C 438 -40.86 -48.56 -18.79
N LEU C 439 -40.56 -48.43 -20.07
CA LEU C 439 -40.01 -47.18 -20.58
C LEU C 439 -40.87 -45.98 -20.17
N PRO C 440 -40.24 -44.90 -19.66
CA PRO C 440 -40.99 -43.71 -19.25
C PRO C 440 -42.05 -43.28 -20.26
N LEU C 441 -43.21 -42.86 -19.76
CA LEU C 441 -44.32 -42.47 -20.62
C LEU C 441 -44.96 -41.17 -20.18
N TYR C 442 -44.73 -40.14 -20.99
CA TYR C 442 -45.24 -38.79 -20.73
C TYR C 442 -46.56 -38.56 -21.46
N THR C 443 -47.51 -37.87 -20.81
CA THR C 443 -48.82 -37.58 -21.40
C THR C 443 -49.50 -36.38 -20.74
N LEU C 444 -50.28 -35.63 -21.51
CA LEU C 444 -50.96 -34.47 -20.94
C LEU C 444 -52.42 -34.76 -20.59
N HIS C 445 -53.00 -33.98 -19.69
CA HIS C 445 -54.39 -34.23 -19.29
C HIS C 445 -55.07 -32.94 -18.86
N SER C 446 -56.40 -32.98 -18.87
CA SER C 446 -57.19 -31.83 -18.46
C SER C 446 -57.88 -32.22 -17.15
N SER C 447 -57.69 -31.40 -16.13
CA SER C 447 -58.26 -31.67 -14.82
C SER C 447 -59.77 -31.72 -14.82
N VAL C 448 -60.39 -30.93 -15.71
CA VAL C 448 -61.85 -30.92 -15.80
C VAL C 448 -62.45 -32.32 -15.89
N ASN C 449 -62.01 -33.09 -16.89
CA ASN C 449 -62.51 -34.44 -17.03
C ASN C 449 -61.44 -35.50 -17.04
N ASP C 450 -60.24 -35.17 -16.58
CA ASP C 450 -59.17 -36.16 -16.54
C ASP C 450 -59.20 -36.90 -17.86
N LYS C 451 -59.22 -36.12 -18.94
CA LYS C 451 -59.25 -36.65 -20.30
C LYS C 451 -57.82 -36.84 -20.84
N GLY C 452 -57.60 -37.95 -21.52
CA GLY C 452 -56.29 -38.20 -22.05
C GLY C 452 -55.99 -37.35 -23.26
N LEU C 453 -55.80 -36.05 -23.08
CA LEU C 453 -55.51 -35.17 -24.21
C LEU C 453 -54.61 -35.82 -25.25
N ARG C 454 -53.49 -36.40 -24.85
CA ARG C 454 -52.60 -37.01 -25.82
C ARG C 454 -51.33 -37.60 -25.23
N VAL C 455 -50.44 -38.05 -26.11
CA VAL C 455 -49.16 -38.63 -25.70
C VAL C 455 -48.03 -37.65 -26.05
N LEU C 456 -47.32 -37.23 -25.01
CA LEU C 456 -46.22 -36.32 -25.20
C LEU C 456 -45.01 -37.04 -25.75
N GLU C 457 -44.59 -38.07 -25.03
CA GLU C 457 -43.41 -38.86 -25.37
C GLU C 457 -43.56 -40.28 -24.84
N ASP C 458 -43.17 -41.26 -25.66
CA ASP C 458 -43.28 -42.65 -25.25
C ASP C 458 -41.98 -43.44 -25.43
N ASN C 459 -40.88 -42.73 -25.62
CA ASN C 459 -39.60 -43.40 -25.80
C ASN C 459 -39.71 -44.60 -26.70
N SER C 460 -40.31 -44.39 -27.87
CA SER C 460 -40.53 -45.44 -28.87
C SER C 460 -39.29 -45.76 -29.70
N ALA C 461 -38.37 -44.79 -29.77
CA ALA C 461 -37.12 -44.97 -30.50
C ALA C 461 -36.12 -45.62 -29.58
N LEU C 462 -36.16 -45.32 -28.28
CA LEU C 462 -35.22 -45.97 -27.38
C LEU C 462 -35.60 -47.42 -27.36
N ASP C 463 -36.90 -47.65 -27.25
CA ASP C 463 -37.44 -49.00 -27.22
C ASP C 463 -36.96 -49.80 -28.41
N LYS C 464 -37.01 -49.17 -29.58
CA LYS C 464 -36.59 -49.75 -30.86
C LYS C 464 -35.17 -50.32 -30.80
N MET C 465 -34.26 -49.56 -30.20
CA MET C 465 -32.85 -49.96 -30.03
C MET C 465 -32.66 -51.11 -29.02
N LEU C 466 -33.53 -51.13 -28.02
CA LEU C 466 -33.44 -52.12 -26.97
C LEU C 466 -33.94 -53.52 -27.30
N GLN C 467 -34.85 -53.64 -28.25
CA GLN C 467 -35.29 -54.97 -28.54
C GLN C 467 -34.13 -55.64 -29.21
N ASN C 468 -33.18 -54.83 -29.68
CA ASN C 468 -31.98 -55.32 -30.36
C ASN C 468 -30.82 -55.66 -29.40
N VAL C 469 -31.06 -55.65 -28.11
CA VAL C 469 -30.02 -55.98 -27.14
C VAL C 469 -30.60 -56.94 -26.12
N GLN C 470 -29.72 -57.55 -25.32
CA GLN C 470 -30.09 -58.51 -24.26
C GLN C 470 -30.21 -57.87 -22.87
N MET C 471 -31.27 -57.10 -22.64
CA MET C 471 -31.48 -56.44 -21.35
C MET C 471 -31.93 -57.38 -20.23
N PRO C 472 -31.70 -56.98 -18.96
CA PRO C 472 -32.06 -57.75 -17.78
C PRO C 472 -33.47 -57.38 -17.33
N SER C 473 -34.09 -58.26 -16.56
CA SER C 473 -35.44 -58.05 -16.03
C SER C 473 -35.38 -57.59 -14.60
N LYS C 474 -36.53 -57.23 -14.06
CA LYS C 474 -36.61 -56.78 -12.67
C LYS C 474 -37.66 -57.57 -11.92
N LYS C 475 -37.36 -57.94 -10.67
CA LYS C 475 -38.29 -58.70 -9.87
C LYS C 475 -38.44 -57.95 -8.56
N LEU C 476 -39.63 -57.39 -8.32
CA LEU C 476 -39.88 -56.65 -7.09
C LEU C 476 -40.74 -57.50 -6.16
N ASP C 477 -40.14 -57.98 -5.08
CA ASP C 477 -40.86 -58.83 -4.16
C ASP C 477 -40.66 -58.35 -2.72
N PHE C 478 -40.94 -59.22 -1.74
CA PHE C 478 -40.75 -58.85 -0.35
C PHE C 478 -40.63 -60.06 0.57
N ILE C 479 -39.84 -59.94 1.64
CA ILE C 479 -39.71 -61.02 2.60
C ILE C 479 -40.37 -60.63 3.93
N ILE C 480 -40.83 -61.62 4.67
CA ILE C 480 -41.48 -61.32 5.93
C ILE C 480 -40.67 -61.62 7.17
N LEU C 481 -40.45 -60.57 7.96
CA LEU C 481 -39.70 -60.67 9.20
C LEU C 481 -40.56 -60.15 10.36
N ASN C 482 -40.55 -60.87 11.48
CA ASN C 482 -41.33 -60.48 12.65
C ASN C 482 -42.79 -60.15 12.28
N GLU C 483 -43.31 -60.81 11.24
CA GLU C 483 -44.70 -60.59 10.79
C GLU C 483 -44.92 -59.30 10.03
N THR C 484 -43.86 -58.78 9.45
CA THR C 484 -43.91 -57.53 8.70
C THR C 484 -43.16 -57.74 7.42
N LYS C 485 -43.54 -57.03 6.36
CA LYS C 485 -42.86 -57.19 5.09
C LYS C 485 -41.92 -56.08 4.69
N PHE C 486 -40.78 -56.51 4.17
CA PHE C 486 -39.72 -55.64 3.72
C PHE C 486 -39.46 -56.04 2.29
N TRP C 487 -39.58 -55.07 1.39
CA TRP C 487 -39.44 -55.36 -0.02
C TRP C 487 -38.04 -55.35 -0.58
N TYR C 488 -37.88 -56.05 -1.71
CA TYR C 488 -36.61 -56.12 -2.42
C TYR C 488 -36.88 -56.27 -3.92
N GLN C 489 -35.85 -56.00 -4.73
CA GLN C 489 -35.97 -56.14 -6.18
C GLN C 489 -34.67 -56.77 -6.63
N MET C 490 -34.72 -57.52 -7.71
CA MET C 490 -33.50 -58.16 -8.16
C MET C 490 -33.30 -58.02 -9.64
N ILE C 491 -32.39 -57.14 -10.05
CA ILE C 491 -32.11 -56.96 -11.46
C ILE C 491 -31.61 -58.32 -11.91
N LEU C 492 -32.34 -58.97 -12.80
CA LEU C 492 -31.94 -60.29 -13.24
C LEU C 492 -31.32 -60.29 -14.61
N PRO C 493 -30.29 -61.11 -14.80
CA PRO C 493 -29.62 -61.22 -16.09
C PRO C 493 -30.57 -61.77 -17.16
N PRO C 494 -30.23 -61.56 -18.44
CA PRO C 494 -31.09 -62.06 -19.53
C PRO C 494 -31.06 -63.60 -19.59
N HIS C 495 -32.21 -64.21 -19.86
CA HIS C 495 -32.32 -65.66 -19.95
C HIS C 495 -32.12 -66.26 -18.57
N PHE C 496 -32.65 -65.58 -17.57
CA PHE C 496 -32.50 -66.05 -16.20
C PHE C 496 -32.94 -67.48 -15.97
N ASP C 497 -31.96 -68.34 -15.69
CA ASP C 497 -32.18 -69.78 -15.45
C ASP C 497 -32.03 -70.12 -13.97
N LYS C 498 -33.15 -70.16 -13.24
CA LYS C 498 -33.10 -70.44 -11.81
C LYS C 498 -32.58 -71.84 -11.53
N SER C 499 -32.00 -72.48 -12.53
CA SER C 499 -31.44 -73.81 -12.35
C SER C 499 -29.94 -73.64 -12.05
N LYS C 500 -29.42 -72.49 -12.44
CA LYS C 500 -28.02 -72.15 -12.29
C LYS C 500 -27.78 -71.19 -11.15
N LYS C 501 -26.55 -71.17 -10.67
CA LYS C 501 -26.15 -70.28 -9.59
C LYS C 501 -25.67 -68.95 -10.13
N TYR C 502 -26.07 -67.87 -9.48
CA TYR C 502 -25.67 -66.56 -9.92
C TYR C 502 -25.00 -65.75 -8.82
N PRO C 503 -23.83 -65.19 -9.10
CA PRO C 503 -23.21 -64.40 -8.02
C PRO C 503 -24.24 -63.32 -7.67
N LEU C 504 -23.93 -62.44 -6.73
CA LEU C 504 -24.92 -61.43 -6.38
C LEU C 504 -24.32 -60.23 -5.72
N LEU C 505 -24.68 -59.06 -6.24
CA LEU C 505 -24.20 -57.79 -5.70
C LEU C 505 -25.35 -57.10 -5.00
N LEU C 506 -25.19 -56.88 -3.71
CA LEU C 506 -26.23 -56.22 -2.94
C LEU C 506 -26.05 -54.74 -2.98
N ASP C 507 -26.88 -54.09 -3.79
CA ASP C 507 -26.84 -52.64 -3.92
C ASP C 507 -27.57 -52.12 -2.71
N VAL C 508 -26.87 -51.38 -1.85
CA VAL C 508 -27.49 -50.86 -0.65
C VAL C 508 -27.24 -49.40 -0.30
N TYR C 509 -28.29 -48.73 0.18
CA TYR C 509 -28.13 -47.35 0.63
C TYR C 509 -28.63 -47.33 2.06
N ALA C 510 -29.67 -48.12 2.33
CA ALA C 510 -30.25 -48.26 3.66
C ALA C 510 -30.34 -47.06 4.59
N GLY C 511 -30.23 -45.84 4.06
CA GLY C 511 -30.31 -44.69 4.95
C GLY C 511 -31.67 -44.42 5.56
N PRO C 512 -31.75 -43.60 6.60
CA PRO C 512 -33.03 -43.27 7.24
C PRO C 512 -34.05 -42.88 6.19
N CYS C 513 -35.24 -43.45 6.27
CA CYS C 513 -36.31 -43.16 5.33
C CYS C 513 -35.88 -43.31 3.88
N SER C 514 -35.11 -44.33 3.57
CA SER C 514 -34.70 -44.49 2.21
C SER C 514 -35.63 -45.51 1.61
N GLN C 515 -35.35 -45.89 0.36
CA GLN C 515 -36.14 -46.87 -0.35
C GLN C 515 -35.45 -47.19 -1.65
N LYS C 516 -34.74 -48.31 -1.70
CA LYS C 516 -34.02 -48.68 -2.91
C LYS C 516 -34.82 -49.65 -3.73
N ALA C 517 -35.96 -50.05 -3.18
CA ALA C 517 -36.86 -50.98 -3.86
C ALA C 517 -38.08 -50.20 -4.35
N ASP C 518 -38.23 -50.12 -5.67
CA ASP C 518 -39.33 -49.41 -6.29
C ASP C 518 -39.60 -50.02 -7.62
N THR C 519 -40.50 -49.41 -8.39
CA THR C 519 -40.83 -49.92 -9.71
C THR C 519 -40.30 -49.04 -10.82
N VAL C 520 -39.29 -48.23 -10.53
CA VAL C 520 -38.76 -47.35 -11.56
C VAL C 520 -37.93 -48.18 -12.52
N PHE C 521 -37.75 -47.66 -13.73
CA PHE C 521 -36.97 -48.30 -14.77
C PHE C 521 -35.69 -47.51 -14.90
N ARG C 522 -34.56 -48.12 -14.58
CA ARG C 522 -33.30 -47.42 -14.65
C ARG C 522 -32.32 -48.06 -15.62
N LEU C 523 -31.41 -47.24 -16.13
CA LEU C 523 -30.34 -47.68 -17.00
C LEU C 523 -29.07 -47.25 -16.28
N ASN C 524 -28.38 -48.22 -15.72
CA ASN C 524 -27.18 -47.90 -14.95
C ASN C 524 -26.21 -49.06 -14.75
N TRP C 525 -25.14 -48.79 -14.02
CA TRP C 525 -24.12 -49.76 -13.75
C TRP C 525 -24.71 -51.15 -13.57
N ALA C 526 -25.82 -51.24 -12.85
CA ALA C 526 -26.46 -52.53 -12.62
C ALA C 526 -26.84 -53.19 -13.92
N THR C 527 -27.49 -52.41 -14.77
CA THR C 527 -27.92 -52.92 -16.06
C THR C 527 -26.74 -53.66 -16.66
N TYR C 528 -25.57 -53.03 -16.67
CA TYR C 528 -24.36 -53.65 -17.22
C TYR C 528 -23.98 -54.91 -16.44
N LEU C 529 -23.72 -54.74 -15.14
CA LEU C 529 -23.37 -55.88 -14.31
C LEU C 529 -24.30 -57.05 -14.61
N ALA C 530 -25.61 -56.83 -14.52
CA ALA C 530 -26.59 -57.88 -14.78
C ALA C 530 -26.62 -58.38 -16.22
N SER C 531 -26.69 -57.46 -17.18
CA SER C 531 -26.75 -57.91 -18.55
C SER C 531 -25.51 -58.60 -19.05
N THR C 532 -24.38 -57.91 -18.95
CA THR C 532 -23.10 -58.43 -19.44
C THR C 532 -22.38 -59.43 -18.54
N GLU C 533 -22.19 -59.06 -17.27
CA GLU C 533 -21.50 -59.92 -16.31
C GLU C 533 -22.36 -61.02 -15.75
N ASN C 534 -23.67 -60.99 -16.03
CA ASN C 534 -24.58 -62.02 -15.53
C ASN C 534 -24.59 -62.08 -14.00
N ILE C 535 -24.43 -60.90 -13.39
CA ILE C 535 -24.44 -60.74 -11.95
C ILE C 535 -25.83 -60.28 -11.54
N ILE C 536 -26.41 -60.88 -10.50
CA ILE C 536 -27.73 -60.43 -10.08
C ILE C 536 -27.51 -59.31 -9.09
N VAL C 537 -28.10 -58.16 -9.38
CA VAL C 537 -28.00 -57.00 -8.51
C VAL C 537 -29.30 -56.97 -7.72
N ALA C 538 -29.20 -56.83 -6.41
CA ALA C 538 -30.41 -56.81 -5.61
C ALA C 538 -30.36 -55.72 -4.54
N SER C 539 -31.50 -55.10 -4.28
CA SER C 539 -31.54 -54.10 -3.25
C SER C 539 -32.59 -54.53 -2.27
N PHE C 540 -32.49 -54.05 -1.03
CA PHE C 540 -33.43 -54.43 0.01
C PHE C 540 -33.74 -53.26 0.93
N ASP C 541 -35.03 -53.03 1.21
CA ASP C 541 -35.43 -51.96 2.12
C ASP C 541 -35.85 -52.54 3.48
N GLY C 542 -34.95 -52.45 4.47
CA GLY C 542 -35.21 -52.97 5.80
C GLY C 542 -35.56 -51.94 6.86
N ARG C 543 -35.37 -52.30 8.12
CA ARG C 543 -35.71 -51.40 9.21
C ARG C 543 -35.12 -50.03 9.02
N GLY C 544 -35.99 -49.03 9.08
CA GLY C 544 -35.55 -47.66 8.91
C GLY C 544 -36.04 -47.01 7.62
N SER C 545 -36.23 -47.81 6.57
CA SER C 545 -36.67 -47.28 5.28
C SER C 545 -37.91 -46.42 5.45
N GLY C 546 -38.37 -45.81 4.37
CA GLY C 546 -39.53 -44.95 4.46
C GLY C 546 -40.71 -45.41 3.64
N TYR C 547 -41.78 -44.61 3.67
CA TYR C 547 -43.01 -44.86 2.91
C TYR C 547 -43.76 -46.14 3.31
N GLN C 548 -43.64 -46.52 4.58
CA GLN C 548 -44.30 -47.73 5.12
C GLN C 548 -44.70 -47.53 6.60
N GLY C 549 -44.83 -46.28 7.03
CA GLY C 549 -45.21 -46.01 8.39
C GLY C 549 -44.04 -45.78 9.33
N ASP C 550 -44.32 -45.24 10.50
CA ASP C 550 -43.25 -44.96 11.44
C ASP C 550 -42.72 -46.21 12.10
N LYS C 551 -43.57 -47.21 12.23
CA LYS C 551 -43.20 -48.48 12.85
C LYS C 551 -41.88 -48.97 12.33
N ILE C 552 -41.69 -48.81 11.03
CA ILE C 552 -40.47 -49.23 10.35
C ILE C 552 -39.41 -48.13 10.28
N MET C 553 -39.80 -46.97 9.77
CA MET C 553 -38.87 -45.87 9.60
C MET C 553 -38.16 -45.42 10.86
N HIS C 554 -38.89 -45.30 11.97
CA HIS C 554 -38.27 -44.85 13.22
C HIS C 554 -37.56 -45.94 14.01
N ALA C 555 -37.79 -47.19 13.61
CA ALA C 555 -37.19 -48.34 14.26
C ALA C 555 -35.72 -48.11 14.56
N ILE C 556 -35.05 -47.22 13.80
CA ILE C 556 -33.62 -46.96 14.03
C ILE C 556 -33.36 -45.63 14.71
N ASN C 557 -34.40 -45.05 15.27
CA ASN C 557 -34.28 -43.79 15.97
C ASN C 557 -33.19 -43.98 17.01
N ARG C 558 -32.25 -43.01 17.07
CA ARG C 558 -31.14 -43.01 18.00
C ARG C 558 -30.16 -44.17 17.96
N ARG C 559 -30.33 -45.05 16.98
CA ARG C 559 -29.46 -46.21 16.87
C ARG C 559 -28.99 -46.44 15.44
N LEU C 560 -28.44 -45.41 14.82
CA LEU C 560 -27.98 -45.60 13.48
C LEU C 560 -26.92 -46.69 13.49
N GLY C 561 -26.77 -47.35 12.35
CA GLY C 561 -25.77 -48.38 12.24
C GLY C 561 -26.10 -49.63 12.99
N THR C 562 -27.38 -49.95 13.10
CA THR C 562 -27.77 -51.16 13.81
C THR C 562 -28.72 -52.01 12.99
N PHE C 563 -30.01 -51.71 13.08
CA PHE C 563 -31.01 -52.48 12.37
C PHE C 563 -30.89 -52.45 10.86
N GLU C 564 -30.68 -51.28 10.27
CA GLU C 564 -30.59 -51.23 8.83
C GLU C 564 -29.39 -52.02 8.37
N VAL C 565 -28.41 -52.19 9.25
CA VAL C 565 -27.21 -52.95 8.94
C VAL C 565 -27.54 -54.42 9.10
N GLU C 566 -28.17 -54.74 10.22
CA GLU C 566 -28.53 -56.10 10.53
C GLU C 566 -29.52 -56.67 9.54
N ASP C 567 -30.37 -55.81 9.01
CA ASP C 567 -31.36 -56.25 8.07
C ASP C 567 -30.82 -56.58 6.69
N GLN C 568 -29.90 -55.75 6.18
CA GLN C 568 -29.30 -56.01 4.86
C GLN C 568 -28.69 -57.39 4.87
N ILE C 569 -28.05 -57.72 6.00
CA ILE C 569 -27.41 -58.99 6.17
C ILE C 569 -28.40 -60.13 6.06
N GLU C 570 -29.51 -60.02 6.79
CA GLU C 570 -30.56 -61.04 6.78
C GLU C 570 -31.00 -61.28 5.36
N ALA C 571 -31.22 -60.20 4.65
CA ALA C 571 -31.65 -60.27 3.26
C ALA C 571 -30.67 -61.10 2.46
N ALA C 572 -29.39 -60.72 2.53
CA ALA C 572 -28.34 -61.42 1.79
C ALA C 572 -28.28 -62.88 2.22
N ARG C 573 -28.41 -63.08 3.53
CA ARG C 573 -28.38 -64.42 4.10
C ARG C 573 -29.54 -65.19 3.52
N GLN C 574 -30.67 -64.53 3.41
CA GLN C 574 -31.79 -65.21 2.86
C GLN C 574 -31.55 -65.48 1.39
N PHE C 575 -31.29 -64.46 0.59
CA PHE C 575 -31.06 -64.71 -0.84
C PHE C 575 -29.96 -65.74 -0.96
N SER C 576 -28.98 -65.68 -0.07
CA SER C 576 -27.85 -66.61 -0.08
C SER C 576 -28.27 -68.07 -0.15
N LYS C 577 -29.42 -68.39 0.46
CA LYS C 577 -29.90 -69.76 0.48
C LYS C 577 -30.85 -70.06 -0.66
N MET C 578 -31.09 -69.08 -1.51
CA MET C 578 -31.99 -69.33 -2.64
C MET C 578 -31.29 -70.29 -3.57
N GLY C 579 -32.08 -70.96 -4.41
CA GLY C 579 -31.51 -71.91 -5.34
C GLY C 579 -30.57 -71.36 -6.40
N PHE C 580 -30.86 -70.16 -6.91
CA PHE C 580 -30.09 -69.53 -7.99
C PHE C 580 -29.07 -68.46 -7.59
N VAL C 581 -28.48 -68.57 -6.42
CA VAL C 581 -27.51 -67.59 -6.00
C VAL C 581 -26.36 -68.34 -5.37
N ASP C 582 -25.15 -68.00 -5.79
CA ASP C 582 -23.96 -68.63 -5.29
C ASP C 582 -23.63 -68.00 -3.95
N ASN C 583 -23.71 -68.76 -2.89
CA ASN C 583 -23.41 -68.21 -1.58
C ASN C 583 -21.94 -67.80 -1.50
N LYS C 584 -21.10 -68.55 -2.19
CA LYS C 584 -19.68 -68.29 -2.21
C LYS C 584 -19.31 -67.13 -3.11
N ARG C 585 -20.28 -66.27 -3.40
CA ARG C 585 -20.04 -65.12 -4.28
C ARG C 585 -21.11 -64.05 -4.11
N ILE C 586 -21.14 -63.46 -2.93
CA ILE C 586 -22.08 -62.41 -2.66
C ILE C 586 -21.28 -61.19 -2.21
N ALA C 587 -21.45 -60.11 -2.95
CA ALA C 587 -20.74 -58.89 -2.65
C ALA C 587 -21.73 -57.86 -2.16
N ILE C 588 -21.21 -56.69 -1.82
CA ILE C 588 -22.01 -55.60 -1.30
C ILE C 588 -21.32 -54.28 -1.63
N TRP C 589 -22.06 -53.34 -2.18
CA TRP C 589 -21.46 -52.06 -2.48
C TRP C 589 -22.47 -50.96 -2.17
N GLY C 590 -21.98 -49.78 -1.82
CA GLY C 590 -22.86 -48.67 -1.50
C GLY C 590 -22.12 -47.35 -1.48
N TRP C 591 -22.83 -46.28 -1.84
CA TRP C 591 -22.25 -44.95 -1.90
C TRP C 591 -22.80 -44.16 -0.71
N SER C 592 -22.08 -43.11 -0.34
CA SER C 592 -22.48 -42.23 0.75
C SER C 592 -22.72 -42.99 2.06
N TYR C 593 -23.98 -42.93 2.53
CA TYR C 593 -24.43 -43.60 3.74
C TYR C 593 -24.29 -45.13 3.55
N GLY C 594 -24.69 -45.60 2.37
CA GLY C 594 -24.61 -47.01 2.03
C GLY C 594 -23.19 -47.51 2.12
N GLY C 595 -22.24 -46.60 1.91
CA GLY C 595 -20.84 -46.95 2.00
C GLY C 595 -20.65 -47.32 3.46
N TYR C 596 -21.15 -46.44 4.31
CA TYR C 596 -21.10 -46.67 5.75
C TYR C 596 -21.64 -48.10 5.99
N VAL C 597 -22.91 -48.31 5.65
CA VAL C 597 -23.54 -49.61 5.81
C VAL C 597 -22.68 -50.71 5.23
N THR C 598 -22.34 -50.56 3.96
CA THR C 598 -21.51 -51.55 3.30
C THR C 598 -20.27 -51.83 4.12
N SER C 599 -19.74 -50.78 4.73
CA SER C 599 -18.55 -50.93 5.55
C SER C 599 -18.88 -51.65 6.84
N MET C 600 -19.99 -51.27 7.46
CA MET C 600 -20.39 -51.89 8.69
C MET C 600 -20.68 -53.37 8.47
N VAL C 601 -21.34 -53.66 7.37
CA VAL C 601 -21.66 -55.05 7.05
C VAL C 601 -20.38 -55.81 6.80
N LEU C 602 -19.54 -55.27 5.94
CA LEU C 602 -18.28 -55.92 5.62
C LEU C 602 -17.49 -56.25 6.90
N GLY C 603 -17.68 -55.44 7.95
CA GLY C 603 -16.97 -55.68 9.20
C GLY C 603 -17.84 -56.22 10.33
N SER C 604 -18.92 -56.89 9.97
CA SER C 604 -19.86 -57.46 10.91
C SER C 604 -19.38 -58.75 11.57
N GLY C 605 -18.90 -59.67 10.75
CA GLY C 605 -18.42 -60.94 11.22
C GLY C 605 -19.32 -61.98 10.60
N SER C 606 -20.38 -61.50 9.96
CA SER C 606 -21.37 -62.33 9.31
C SER C 606 -20.83 -63.42 8.38
N GLY C 607 -19.72 -63.11 7.70
CA GLY C 607 -19.10 -64.05 6.77
C GLY C 607 -19.98 -64.36 5.56
N VAL C 608 -21.02 -63.56 5.38
CA VAL C 608 -21.97 -63.73 4.28
C VAL C 608 -21.46 -63.11 3.01
N PHE C 609 -20.63 -62.09 3.16
CA PHE C 609 -20.07 -61.39 2.03
C PHE C 609 -18.60 -61.70 1.81
N LYS C 610 -18.22 -61.80 0.54
CA LYS C 610 -16.86 -62.10 0.15
C LYS C 610 -16.08 -60.81 0.04
N CYS C 611 -16.63 -59.89 -0.73
CA CYS C 611 -16.02 -58.58 -0.95
C CYS C 611 -17.07 -57.47 -0.92
N GLY C 612 -16.61 -56.24 -1.13
CA GLY C 612 -17.50 -55.09 -1.12
C GLY C 612 -16.80 -53.78 -1.43
N ILE C 613 -17.58 -52.76 -1.82
CA ILE C 613 -17.05 -51.44 -2.19
C ILE C 613 -17.74 -50.30 -1.46
N ALA C 614 -16.98 -49.45 -0.79
CA ALA C 614 -17.56 -48.34 -0.05
C ALA C 614 -17.18 -47.02 -0.68
N VAL C 615 -18.16 -46.30 -1.21
CA VAL C 615 -17.84 -45.04 -1.83
C VAL C 615 -18.21 -43.88 -0.91
N ALA C 616 -17.28 -42.92 -0.78
CA ALA C 616 -17.42 -41.73 0.06
C ALA C 616 -18.29 -42.03 1.25
N PRO C 617 -17.95 -43.06 2.01
CA PRO C 617 -18.80 -43.36 3.15
C PRO C 617 -18.52 -42.57 4.42
N VAL C 618 -19.44 -42.74 5.36
CA VAL C 618 -19.36 -42.15 6.67
C VAL C 618 -18.76 -43.29 7.46
N SER C 619 -17.81 -42.97 8.33
CA SER C 619 -17.18 -43.97 9.16
C SER C 619 -17.69 -43.84 10.59
N ARG C 620 -17.86 -42.60 11.08
CA ARG C 620 -18.34 -42.33 12.42
C ARG C 620 -19.19 -41.08 12.39
N TRP C 621 -20.35 -41.12 13.03
CA TRP C 621 -21.30 -40.01 13.02
C TRP C 621 -20.90 -38.67 13.58
N GLU C 622 -19.80 -38.59 14.29
CA GLU C 622 -19.43 -37.30 14.83
C GLU C 622 -18.72 -36.46 13.80
N TYR C 623 -18.38 -37.07 12.67
CA TYR C 623 -17.69 -36.37 11.61
C TYR C 623 -18.68 -35.79 10.64
N TYR C 624 -19.92 -36.23 10.73
CA TYR C 624 -20.95 -35.76 9.83
C TYR C 624 -21.59 -34.45 10.32
N ASP C 625 -22.37 -33.80 9.46
CA ASP C 625 -22.95 -32.51 9.84
C ASP C 625 -24.04 -32.57 10.90
N SER C 626 -24.23 -31.44 11.56
CA SER C 626 -25.19 -31.30 12.64
C SER C 626 -26.60 -31.72 12.35
N VAL C 627 -27.29 -30.90 11.58
CA VAL C 627 -28.68 -31.15 11.24
C VAL C 627 -28.94 -32.58 10.83
N TYR C 628 -28.27 -33.07 9.80
CA TYR C 628 -28.52 -34.44 9.41
C TYR C 628 -28.32 -35.43 10.56
N THR C 629 -27.07 -35.57 11.03
CA THR C 629 -26.73 -36.49 12.11
C THR C 629 -27.66 -36.46 13.34
N GLU C 630 -27.55 -35.41 14.13
CA GLU C 630 -28.37 -35.25 15.34
C GLU C 630 -29.84 -35.57 15.21
N ARG C 631 -30.34 -35.62 13.98
CA ARG C 631 -31.74 -35.91 13.77
C ARG C 631 -32.01 -37.36 14.14
N TYR C 632 -31.12 -38.24 13.71
CA TYR C 632 -31.28 -39.67 13.95
C TYR C 632 -30.49 -40.10 15.17
N MET C 633 -29.62 -39.21 15.65
CA MET C 633 -28.76 -39.55 16.77
C MET C 633 -28.82 -38.69 18.01
N GLY C 634 -29.39 -37.51 17.91
CA GLY C 634 -29.39 -36.69 19.10
C GLY C 634 -27.95 -36.24 19.33
N LEU C 635 -27.67 -35.60 20.46
CA LEU C 635 -26.33 -35.07 20.76
C LEU C 635 -25.29 -36.04 21.33
N PRO C 636 -24.07 -36.00 20.80
CA PRO C 636 -22.95 -36.84 21.18
C PRO C 636 -22.37 -36.65 22.57
N THR C 637 -23.21 -36.28 23.52
CA THR C 637 -22.72 -36.06 24.87
C THR C 637 -23.11 -37.19 25.81
N PRO C 638 -22.44 -37.28 26.96
CA PRO C 638 -22.76 -38.34 27.92
C PRO C 638 -24.18 -38.22 28.50
N GLU C 639 -24.73 -37.00 28.54
CA GLU C 639 -26.08 -36.82 29.05
C GLU C 639 -27.09 -37.14 27.94
N ASP C 640 -26.62 -37.72 26.84
CA ASP C 640 -27.53 -38.02 25.75
C ASP C 640 -27.22 -39.26 24.97
N ASN C 641 -26.55 -39.13 23.83
CA ASN C 641 -26.27 -40.33 23.05
C ASN C 641 -24.81 -40.65 22.73
N LEU C 642 -23.90 -40.13 23.55
CA LEU C 642 -22.50 -40.39 23.33
C LEU C 642 -22.14 -41.85 23.26
N ASP C 643 -22.73 -42.68 24.10
CA ASP C 643 -22.34 -44.08 24.04
C ASP C 643 -22.67 -44.77 22.73
N HIS C 644 -23.73 -44.37 22.03
CA HIS C 644 -24.02 -45.05 20.79
C HIS C 644 -23.18 -44.56 19.63
N TYR C 645 -22.83 -43.28 19.64
CA TYR C 645 -22.00 -42.71 18.58
C TYR C 645 -20.74 -43.54 18.54
N ARG C 646 -20.02 -43.54 19.66
CA ARG C 646 -18.77 -44.26 19.80
C ARG C 646 -18.97 -45.75 19.54
N ASN C 647 -20.22 -46.18 19.57
CA ASN C 647 -20.51 -47.59 19.35
C ASN C 647 -20.72 -47.98 17.91
N SER C 648 -20.99 -46.98 17.06
CA SER C 648 -21.27 -47.27 15.67
C SER C 648 -20.23 -46.82 14.66
N THR C 649 -18.95 -46.86 15.03
CA THR C 649 -17.91 -46.46 14.10
C THR C 649 -17.40 -47.63 13.28
N VAL C 650 -17.04 -47.36 12.04
CA VAL C 650 -16.52 -48.39 11.15
C VAL C 650 -15.16 -48.81 11.67
N MET C 651 -14.45 -47.85 12.24
CA MET C 651 -13.12 -48.07 12.79
C MET C 651 -13.13 -49.25 13.75
N SER C 652 -13.88 -49.13 14.83
CA SER C 652 -13.94 -50.19 15.83
C SER C 652 -14.09 -51.61 15.27
N ARG C 653 -14.62 -51.77 14.06
CA ARG C 653 -14.79 -53.11 13.48
C ARG C 653 -13.68 -53.45 12.51
N ALA C 654 -12.58 -52.72 12.60
CA ALA C 654 -11.44 -52.91 11.72
C ALA C 654 -11.02 -54.36 11.60
N GLU C 655 -10.55 -54.93 12.70
CA GLU C 655 -10.09 -56.30 12.69
C GLU C 655 -10.93 -57.35 11.94
N ASN C 656 -12.23 -57.11 11.85
CA ASN C 656 -13.07 -58.08 11.19
C ASN C 656 -12.79 -58.15 9.71
N PHE C 657 -12.47 -57.01 9.11
CA PHE C 657 -12.19 -56.96 7.69
C PHE C 657 -11.27 -58.05 7.18
N LYS C 658 -10.54 -58.72 8.07
CA LYS C 658 -9.63 -59.75 7.59
C LYS C 658 -10.36 -60.80 6.80
N GLN C 659 -11.67 -60.93 7.01
CA GLN C 659 -12.43 -61.94 6.30
C GLN C 659 -13.07 -61.48 4.98
N VAL C 660 -12.82 -60.24 4.58
CA VAL C 660 -13.38 -59.73 3.32
C VAL C 660 -12.44 -58.92 2.43
N GLU C 661 -12.83 -58.78 1.16
CA GLU C 661 -12.09 -58.02 0.15
C GLU C 661 -12.75 -56.64 0.03
N TYR C 662 -12.13 -55.64 0.65
CA TYR C 662 -12.66 -54.28 0.69
C TYR C 662 -12.04 -53.25 -0.26
N LEU C 663 -12.87 -52.40 -0.85
CA LEU C 663 -12.38 -51.36 -1.75
C LEU C 663 -12.97 -50.04 -1.32
N LEU C 664 -12.17 -49.21 -0.65
CA LEU C 664 -12.60 -47.91 -0.15
C LEU C 664 -12.31 -46.81 -1.16
N ILE C 665 -13.31 -46.04 -1.56
CA ILE C 665 -13.12 -44.96 -2.54
C ILE C 665 -13.60 -43.64 -1.99
N HIS C 666 -12.92 -42.53 -2.28
CA HIS C 666 -13.35 -41.23 -1.72
C HIS C 666 -12.69 -39.98 -2.34
N GLY C 667 -13.53 -39.03 -2.79
CA GLY C 667 -13.01 -37.80 -3.39
C GLY C 667 -12.37 -36.83 -2.40
N THR C 668 -11.17 -36.37 -2.71
CA THR C 668 -10.44 -35.49 -1.81
C THR C 668 -11.08 -34.15 -1.51
N ALA C 669 -11.90 -33.67 -2.43
CA ALA C 669 -12.54 -32.38 -2.24
C ALA C 669 -13.97 -32.57 -1.78
N ASP C 670 -14.23 -33.73 -1.18
CA ASP C 670 -15.55 -34.05 -0.68
C ASP C 670 -15.83 -33.09 0.47
N ASP C 671 -16.82 -32.22 0.28
CA ASP C 671 -17.21 -31.24 1.28
C ASP C 671 -18.34 -31.72 2.15
N ASN C 672 -18.92 -32.84 1.76
CA ASN C 672 -20.05 -33.46 2.46
C ASN C 672 -19.56 -34.47 3.51
N VAL C 673 -19.12 -35.62 3.03
CA VAL C 673 -18.60 -36.67 3.89
C VAL C 673 -17.10 -36.57 3.80
N HIS C 674 -16.53 -35.49 4.33
CA HIS C 674 -15.09 -35.27 4.28
C HIS C 674 -14.19 -36.51 4.09
N PHE C 675 -13.16 -36.36 3.26
CA PHE C 675 -12.19 -37.42 3.01
C PHE C 675 -11.79 -38.02 4.36
N GLN C 676 -11.75 -37.15 5.38
CA GLN C 676 -11.39 -37.50 6.75
C GLN C 676 -11.99 -38.81 7.16
N GLN C 677 -13.24 -39.02 6.76
CA GLN C 677 -13.93 -40.26 7.08
C GLN C 677 -13.12 -41.46 6.55
N SER C 678 -13.12 -41.70 5.25
CA SER C 678 -12.35 -42.81 4.70
C SER C 678 -10.88 -42.71 5.06
N ALA C 679 -10.47 -41.55 5.59
CA ALA C 679 -9.08 -41.38 5.96
C ALA C 679 -8.88 -42.13 7.26
N GLN C 680 -9.82 -41.95 8.17
CA GLN C 680 -9.74 -42.63 9.44
C GLN C 680 -9.99 -44.10 9.27
N ILE C 681 -10.77 -44.50 8.28
CA ILE C 681 -11.04 -45.91 8.08
C ILE C 681 -9.78 -46.65 7.69
N SER C 682 -9.12 -46.20 6.64
CA SER C 682 -7.91 -46.84 6.15
C SER C 682 -6.84 -46.92 7.22
N LYS C 683 -6.83 -45.93 8.11
CA LYS C 683 -5.85 -45.90 9.20
C LYS C 683 -6.06 -47.04 10.16
N ALA C 684 -7.30 -47.31 10.54
CA ALA C 684 -7.52 -48.40 11.46
C ALA C 684 -7.25 -49.73 10.78
N LEU C 685 -7.55 -49.81 9.50
CA LEU C 685 -7.32 -51.04 8.76
C LEU C 685 -5.84 -51.32 8.68
N VAL C 686 -5.06 -50.25 8.77
CA VAL C 686 -3.60 -50.34 8.73
C VAL C 686 -3.09 -50.76 10.10
N ASP C 687 -3.74 -50.21 11.12
CA ASP C 687 -3.34 -50.47 12.48
C ASP C 687 -3.67 -51.88 12.94
N VAL C 688 -4.48 -52.60 12.15
CA VAL C 688 -4.84 -53.95 12.53
C VAL C 688 -4.34 -54.98 11.55
N GLY C 689 -3.66 -54.49 10.52
CA GLY C 689 -3.05 -55.36 9.52
C GLY C 689 -3.96 -56.05 8.55
N VAL C 690 -4.91 -55.32 8.01
CA VAL C 690 -5.81 -55.93 7.05
C VAL C 690 -5.69 -55.22 5.72
N ASP C 691 -5.26 -55.97 4.71
CA ASP C 691 -5.09 -55.43 3.37
C ASP C 691 -6.41 -55.07 2.75
N PHE C 692 -6.38 -54.02 1.94
CA PHE C 692 -7.58 -53.59 1.27
C PHE C 692 -7.20 -52.67 0.13
N GLN C 693 -8.09 -52.50 -0.84
CA GLN C 693 -7.82 -51.62 -1.98
C GLN C 693 -8.39 -50.27 -1.66
N ALA C 694 -7.73 -49.23 -2.14
CA ALA C 694 -8.21 -47.88 -1.94
C ALA C 694 -8.06 -47.15 -3.27
N MET C 695 -8.61 -45.95 -3.34
CA MET C 695 -8.54 -45.21 -4.57
C MET C 695 -9.08 -43.79 -4.39
N TRP C 696 -8.19 -42.84 -4.15
CA TRP C 696 -8.65 -41.47 -3.99
C TRP C 696 -8.85 -40.89 -5.38
N TYR C 697 -9.67 -39.85 -5.46
CA TYR C 697 -9.94 -39.16 -6.70
C TYR C 697 -9.69 -37.69 -6.47
N THR C 698 -8.56 -37.21 -6.97
CA THR C 698 -8.17 -35.82 -6.82
C THR C 698 -9.23 -34.77 -7.18
N ASP C 699 -9.38 -33.77 -6.31
CA ASP C 699 -10.33 -32.68 -6.50
C ASP C 699 -11.79 -33.04 -6.73
N GLU C 700 -12.12 -34.34 -6.71
CA GLU C 700 -13.50 -34.78 -6.90
C GLU C 700 -14.26 -34.57 -5.61
N ASP C 701 -15.58 -34.61 -5.65
CA ASP C 701 -16.34 -34.40 -4.43
C ASP C 701 -17.23 -35.57 -4.03
N HIS C 702 -18.25 -35.27 -3.24
CA HIS C 702 -19.10 -36.33 -2.80
C HIS C 702 -19.70 -36.99 -4.00
N GLY C 703 -19.69 -36.27 -5.11
CA GLY C 703 -20.27 -36.80 -6.33
C GLY C 703 -19.42 -37.66 -7.24
N ILE C 704 -18.13 -37.35 -7.35
CA ILE C 704 -17.27 -38.12 -8.23
C ILE C 704 -18.04 -38.14 -9.54
N ALA C 705 -18.59 -36.97 -9.87
CA ALA C 705 -19.42 -36.79 -11.05
C ALA C 705 -18.75 -36.31 -12.34
N SER C 706 -17.63 -35.61 -12.23
CA SER C 706 -16.95 -35.11 -13.43
C SER C 706 -16.91 -36.24 -14.44
N SER C 707 -17.10 -35.90 -15.69
CA SER C 707 -17.10 -36.89 -16.76
C SER C 707 -16.07 -38.02 -16.64
N THR C 708 -14.80 -37.66 -16.66
CA THR C 708 -13.73 -38.63 -16.58
C THR C 708 -13.62 -39.43 -15.29
N ALA C 709 -13.81 -38.76 -14.15
CA ALA C 709 -13.76 -39.42 -12.84
C ALA C 709 -14.86 -40.46 -12.75
N HIS C 710 -16.02 -40.09 -13.29
CA HIS C 710 -17.18 -40.93 -13.31
C HIS C 710 -16.89 -42.18 -14.09
N GLN C 711 -16.23 -41.99 -15.23
CA GLN C 711 -15.90 -43.09 -16.11
C GLN C 711 -14.84 -43.98 -15.50
N HIS C 712 -13.90 -43.39 -14.75
CA HIS C 712 -12.81 -44.13 -14.14
C HIS C 712 -13.24 -44.96 -12.94
N ILE C 713 -14.05 -44.34 -12.08
CA ILE C 713 -14.53 -45.00 -10.87
C ILE C 713 -15.37 -46.22 -11.15
N TYR C 714 -16.21 -46.15 -12.16
CA TYR C 714 -17.02 -47.30 -12.47
C TYR C 714 -16.21 -48.38 -13.15
N THR C 715 -15.21 -47.96 -13.90
CA THR C 715 -14.34 -48.90 -14.56
C THR C 715 -13.47 -49.58 -13.53
N HIS C 716 -13.18 -48.88 -12.44
CA HIS C 716 -12.33 -49.45 -11.40
C HIS C 716 -13.07 -50.43 -10.49
N MET C 717 -14.35 -50.14 -10.25
CA MET C 717 -15.16 -50.99 -9.41
C MET C 717 -15.57 -52.23 -10.15
N SER C 718 -15.68 -52.12 -11.47
CA SER C 718 -16.09 -53.26 -12.26
C SER C 718 -15.02 -54.33 -12.25
N HIS C 719 -13.76 -53.90 -12.34
CA HIS C 719 -12.65 -54.82 -12.33
C HIS C 719 -12.64 -55.49 -10.97
N PHE C 720 -12.94 -54.69 -9.95
CA PHE C 720 -12.95 -55.19 -8.59
C PHE C 720 -14.02 -56.25 -8.39
N ILE C 721 -15.17 -56.05 -9.02
CA ILE C 721 -16.27 -56.99 -8.93
C ILE C 721 -15.94 -58.20 -9.76
N LYS C 722 -15.63 -57.98 -11.03
CA LYS C 722 -15.29 -59.07 -11.91
C LYS C 722 -14.21 -59.97 -11.31
N GLN C 723 -13.21 -59.34 -10.68
CA GLN C 723 -12.10 -60.02 -10.01
C GLN C 723 -12.68 -60.90 -8.90
N CYS C 724 -13.26 -60.21 -7.92
CA CYS C 724 -13.87 -60.84 -6.77
C CYS C 724 -14.73 -62.02 -7.13
N PHE C 725 -15.27 -62.01 -8.35
CA PHE C 725 -16.15 -63.08 -8.83
C PHE C 725 -15.56 -64.07 -9.84
N SER C 726 -14.25 -63.96 -10.14
CA SER C 726 -13.58 -64.84 -11.12
C SER C 726 -14.28 -64.67 -12.48
N LEU C 727 -14.94 -63.52 -12.66
CA LEU C 727 -15.64 -63.25 -13.89
C LEU C 727 -14.76 -62.80 -15.05
N PRO C 728 -14.89 -63.49 -16.21
CA PRO C 728 -14.08 -63.09 -17.37
C PRO C 728 -14.57 -61.70 -17.77
N THR D 1 14.77 -79.47 1.50
CA THR D 1 15.86 -78.47 1.70
C THR D 1 15.45 -77.41 2.75
N ARG D 2 16.25 -76.36 2.89
CA ARG D 2 16.06 -75.30 3.89
C ARG D 2 14.90 -74.29 3.71
N LYS D 3 14.52 -73.60 4.80
CA LYS D 3 13.44 -72.61 4.71
C LYS D 3 13.97 -71.44 3.91
N THR D 4 13.08 -70.61 3.38
CA THR D 4 13.58 -69.46 2.62
C THR D 4 13.39 -68.19 3.44
N TYR D 5 13.89 -67.08 2.91
CA TYR D 5 13.75 -65.79 3.56
C TYR D 5 12.40 -65.35 3.10
N THR D 6 11.46 -65.28 4.02
CA THR D 6 10.10 -64.91 3.68
C THR D 6 9.86 -63.42 3.84
N LEU D 7 8.68 -62.96 3.46
CA LEU D 7 8.33 -61.55 3.61
C LEU D 7 8.14 -61.33 5.11
N THR D 8 7.52 -62.32 5.76
CA THR D 8 7.27 -62.25 7.19
C THR D 8 8.62 -62.10 7.89
N ASP D 9 9.58 -62.90 7.45
CA ASP D 9 10.92 -62.87 8.04
C ASP D 9 11.53 -61.49 7.94
N TYR D 10 11.08 -60.72 6.96
CA TYR D 10 11.58 -59.38 6.70
C TYR D 10 10.90 -58.34 7.58
N LEU D 11 9.58 -58.35 7.53
CA LEU D 11 8.78 -57.41 8.28
C LEU D 11 8.93 -57.57 9.80
N LYS D 12 9.24 -58.78 10.24
CA LYS D 12 9.41 -59.08 11.65
C LYS D 12 10.83 -59.05 12.14
N ASN D 13 11.77 -58.78 11.25
CA ASN D 13 13.17 -58.73 11.65
C ASN D 13 13.57 -59.98 12.41
N THR D 14 13.31 -61.16 11.86
CA THR D 14 13.66 -62.38 12.57
C THR D 14 15.17 -62.60 12.65
N TYR D 15 15.85 -62.56 11.51
CA TYR D 15 17.30 -62.74 11.50
C TYR D 15 17.92 -61.36 11.69
N ARG D 16 18.07 -60.98 12.95
CA ARG D 16 18.62 -59.67 13.29
C ARG D 16 19.98 -59.43 12.66
N LEU D 17 20.46 -58.22 12.82
CA LEU D 17 21.74 -57.82 12.27
C LEU D 17 22.50 -57.20 13.42
N LYS D 18 23.48 -57.92 13.95
CA LYS D 18 24.29 -57.41 15.05
C LYS D 18 25.27 -56.33 14.59
N LEU D 19 25.27 -55.22 15.30
CA LEU D 19 26.14 -54.08 15.01
C LEU D 19 26.74 -53.62 16.36
N TYR D 20 27.80 -52.79 16.32
CA TYR D 20 28.47 -52.34 17.55
C TYR D 20 28.60 -50.82 17.66
N SER D 21 27.52 -50.15 18.04
CA SER D 21 27.59 -48.71 18.14
C SER D 21 28.28 -48.22 19.41
N LEU D 22 29.43 -47.60 19.23
CA LEU D 22 30.17 -47.07 20.37
C LEU D 22 30.33 -45.56 20.24
N ARG D 23 30.60 -44.90 21.37
CA ARG D 23 30.82 -43.46 21.39
C ARG D 23 32.14 -43.14 22.07
N TRP D 24 33.15 -42.79 21.29
CA TRP D 24 34.43 -42.46 21.89
C TRP D 24 34.26 -41.29 22.85
N ILE D 25 34.64 -41.51 24.11
CA ILE D 25 34.51 -40.46 25.10
C ILE D 25 35.82 -39.68 25.26
N SER D 26 36.93 -40.39 25.17
CA SER D 26 38.24 -39.79 25.31
C SER D 26 39.18 -40.40 24.29
N ASP D 27 40.45 -40.02 24.41
CA ASP D 27 41.50 -40.48 23.54
C ASP D 27 41.64 -41.98 23.53
N HIS D 28 41.15 -42.66 24.56
CA HIS D 28 41.28 -44.13 24.65
C HIS D 28 40.14 -44.87 25.30
N GLU D 29 39.09 -44.12 25.60
CA GLU D 29 37.91 -44.65 26.27
C GLU D 29 36.63 -44.40 25.47
N TYR D 30 35.74 -45.39 25.48
CA TYR D 30 34.49 -45.25 24.76
C TYR D 30 33.29 -45.93 25.43
N LEU D 31 32.19 -45.21 25.43
CA LEU D 31 30.98 -45.73 26.03
C LEU D 31 30.33 -46.68 25.07
N TYR D 32 29.65 -47.69 25.61
CA TYR D 32 28.93 -48.67 24.83
C TYR D 32 27.79 -49.32 25.64
N LYS D 33 26.57 -49.10 25.14
CA LYS D 33 25.33 -49.64 25.73
C LYS D 33 25.40 -51.16 25.79
N GLN D 34 24.59 -51.74 26.67
CA GLN D 34 24.55 -53.18 26.83
C GLN D 34 23.54 -53.46 27.93
N GLU D 35 22.67 -54.43 27.69
CA GLU D 35 21.66 -54.82 28.67
C GLU D 35 21.12 -53.62 29.39
N ASN D 36 21.07 -52.52 28.64
CA ASN D 36 20.57 -51.25 29.12
C ASN D 36 21.45 -50.50 30.12
N ASN D 37 22.72 -50.87 30.18
CA ASN D 37 23.63 -50.18 31.05
C ASN D 37 24.87 -49.80 30.26
N ILE D 38 25.29 -48.54 30.36
CA ILE D 38 26.46 -48.10 29.63
C ILE D 38 27.75 -48.42 30.36
N LEU D 39 28.63 -49.11 29.65
CA LEU D 39 29.96 -49.49 30.14
C LEU D 39 31.04 -48.70 29.40
N VAL D 40 32.11 -48.39 30.10
CA VAL D 40 33.20 -47.68 29.44
C VAL D 40 34.10 -48.83 29.01
N PHE D 41 34.96 -48.58 28.04
CA PHE D 41 35.90 -49.58 27.53
C PHE D 41 37.27 -48.94 27.26
N ASN D 42 38.33 -49.71 27.49
CA ASN D 42 39.68 -49.21 27.23
C ASN D 42 40.12 -49.83 25.93
N ALA D 43 40.43 -48.97 24.97
CA ALA D 43 40.83 -49.41 23.65
C ALA D 43 42.02 -50.37 23.61
N GLU D 44 43.01 -50.12 24.46
CA GLU D 44 44.18 -50.95 24.47
C GLU D 44 43.92 -52.41 24.83
N TYR D 45 43.65 -52.67 26.10
CA TYR D 45 43.43 -54.04 26.58
C TYR D 45 42.07 -54.68 26.27
N GLY D 46 40.98 -53.99 26.57
CA GLY D 46 39.70 -54.59 26.28
C GLY D 46 38.78 -54.67 27.49
N ASN D 47 39.31 -54.47 28.69
CA ASN D 47 38.52 -54.50 29.91
C ASN D 47 37.54 -53.33 29.92
N SER D 48 36.44 -53.50 30.64
CA SER D 48 35.40 -52.48 30.71
C SER D 48 35.02 -52.16 32.15
N SER D 49 34.10 -51.22 32.34
CA SER D 49 33.65 -50.85 33.70
C SER D 49 32.29 -50.12 33.82
N VAL D 50 31.21 -50.88 34.07
CA VAL D 50 29.84 -50.35 34.22
C VAL D 50 29.78 -48.84 34.50
N PHE D 51 29.46 -48.05 33.49
CA PHE D 51 29.41 -46.62 33.68
C PHE D 51 28.05 -46.15 34.16
N LEU D 52 27.03 -46.98 33.98
CA LEU D 52 25.71 -46.58 34.45
C LEU D 52 24.73 -47.74 34.47
N GLU D 53 24.44 -48.20 35.68
CA GLU D 53 23.52 -49.30 35.86
C GLU D 53 22.20 -48.99 35.18
N ASN D 54 21.73 -49.96 34.42
CA ASN D 54 20.47 -49.84 33.73
C ASN D 54 19.34 -49.62 34.75
N SER D 55 19.61 -49.90 36.02
CA SER D 55 18.59 -49.75 37.06
C SER D 55 18.61 -48.37 37.76
N THR D 56 19.29 -47.41 37.14
CA THR D 56 19.39 -46.06 37.67
C THR D 56 18.08 -45.25 37.53
N PHE D 57 17.54 -45.19 36.31
CA PHE D 57 16.32 -44.43 36.07
C PHE D 57 15.03 -45.25 35.98
N ASP D 58 14.85 -46.27 36.82
CA ASP D 58 13.60 -47.03 36.75
C ASP D 58 12.47 -46.15 37.31
N GLU D 59 12.68 -45.62 38.50
CA GLU D 59 11.68 -44.75 39.13
C GLU D 59 11.60 -43.38 38.45
N PHE D 60 11.74 -43.35 37.12
CA PHE D 60 11.67 -42.09 36.38
C PHE D 60 10.27 -41.86 35.81
N GLY D 61 9.54 -42.96 35.61
CA GLY D 61 8.19 -42.88 35.08
C GLY D 61 8.03 -42.14 33.77
N HIS D 62 8.79 -42.57 32.77
CA HIS D 62 8.80 -42.04 31.41
C HIS D 62 9.83 -42.95 30.79
N SER D 63 9.64 -43.46 29.58
CA SER D 63 10.72 -44.27 29.07
C SER D 63 11.74 -43.30 28.51
N ILE D 64 12.99 -43.71 28.46
CA ILE D 64 13.97 -42.82 27.93
C ILE D 64 14.16 -43.24 26.50
N ASN D 65 14.24 -42.27 25.60
CA ASN D 65 14.40 -42.57 24.20
C ASN D 65 15.87 -42.57 23.79
N ASP D 66 16.59 -41.59 24.28
CA ASP D 66 18.01 -41.46 24.00
C ASP D 66 18.64 -40.71 25.20
N TYR D 67 19.96 -40.76 25.29
CA TYR D 67 20.66 -40.10 26.38
C TYR D 67 21.90 -39.48 25.73
N SER D 68 22.48 -38.47 26.36
CA SER D 68 23.67 -37.82 25.82
C SER D 68 24.58 -37.45 26.98
N ILE D 69 25.69 -38.16 27.11
CA ILE D 69 26.61 -37.84 28.20
C ILE D 69 27.47 -36.65 27.88
N SER D 70 27.34 -35.60 28.68
CA SER D 70 28.15 -34.40 28.50
C SER D 70 29.61 -34.85 28.61
N PRO D 71 30.47 -34.42 27.68
CA PRO D 71 31.89 -34.76 27.60
C PRO D 71 32.68 -34.89 28.91
N ASP D 72 32.35 -34.09 29.92
CA ASP D 72 33.08 -34.19 31.18
C ASP D 72 32.54 -35.32 32.05
N GLY D 73 31.93 -36.33 31.43
CA GLY D 73 31.37 -37.45 32.19
C GLY D 73 30.49 -37.08 33.39
N GLN D 74 30.65 -35.86 33.91
CA GLN D 74 29.90 -35.41 35.07
C GLN D 74 28.38 -35.51 34.91
N PHE D 75 27.84 -35.05 33.79
CA PHE D 75 26.40 -35.10 33.60
C PHE D 75 25.92 -35.92 32.42
N ILE D 76 24.62 -36.14 32.38
CA ILE D 76 24.04 -36.91 31.28
C ILE D 76 22.58 -36.44 31.05
N LEU D 77 22.28 -36.13 29.78
CA LEU D 77 20.97 -35.64 29.34
C LEU D 77 20.00 -36.79 29.05
N LEU D 78 18.81 -36.72 29.63
CA LEU D 78 17.80 -37.77 29.43
C LEU D 78 16.70 -37.19 28.56
N GLU D 79 16.31 -37.97 27.55
CA GLU D 79 15.33 -37.52 26.57
C GLU D 79 14.07 -38.38 26.56
N TYR D 80 12.91 -37.75 26.52
CA TYR D 80 11.69 -38.52 26.47
C TYR D 80 10.54 -37.81 25.78
N ASN D 81 9.41 -38.52 25.62
CA ASN D 81 8.23 -38.00 24.92
C ASN D 81 8.63 -37.49 23.54
N TYR D 82 9.32 -38.33 22.80
CA TYR D 82 9.80 -38.04 21.46
C TYR D 82 8.68 -37.95 20.45
N VAL D 83 8.74 -36.98 19.57
CA VAL D 83 7.72 -36.87 18.54
C VAL D 83 8.29 -36.27 17.27
N LYS D 84 8.81 -37.17 16.44
CA LYS D 84 9.41 -36.85 15.16
C LYS D 84 8.70 -35.74 14.47
N GLN D 85 9.47 -34.76 14.02
CA GLN D 85 8.90 -33.64 13.29
C GLN D 85 9.24 -33.91 11.83
N TRP D 86 10.45 -33.55 11.44
CA TRP D 86 10.88 -33.74 10.07
C TRP D 86 11.75 -34.97 9.80
N ARG D 87 12.95 -34.75 9.33
CA ARG D 87 13.86 -35.84 9.01
C ARG D 87 14.82 -36.00 10.14
N HIS D 88 15.28 -34.87 10.63
CA HIS D 88 16.25 -34.86 11.71
C HIS D 88 15.63 -34.15 12.90
N SER D 89 14.76 -33.19 12.64
CA SER D 89 14.16 -32.47 13.75
C SER D 89 13.21 -33.36 14.51
N TYR D 90 12.89 -32.95 15.74
CA TYR D 90 11.97 -33.67 16.62
C TYR D 90 11.67 -32.86 17.89
N THR D 91 10.65 -33.30 18.63
CA THR D 91 10.21 -32.66 19.89
C THR D 91 10.28 -33.64 21.05
N ALA D 92 10.57 -33.14 22.25
CA ALA D 92 10.69 -34.00 23.43
C ALA D 92 11.20 -33.34 24.70
N SER D 93 10.71 -33.83 25.84
CA SER D 93 11.13 -33.30 27.14
C SER D 93 12.55 -33.79 27.45
N TYR D 94 13.29 -32.97 28.17
CA TYR D 94 14.64 -33.39 28.52
C TYR D 94 14.85 -33.24 30.02
N ASP D 95 15.65 -34.12 30.57
CA ASP D 95 15.98 -34.06 31.98
C ASP D 95 17.44 -34.35 32.06
N ILE D 96 18.12 -33.58 32.88
CA ILE D 96 19.55 -33.73 33.00
C ILE D 96 19.81 -34.40 34.34
N TYR D 97 20.80 -35.29 34.40
CA TYR D 97 21.05 -35.99 35.67
C TYR D 97 22.45 -35.86 36.20
N ASP D 98 22.56 -35.54 37.48
CA ASP D 98 23.90 -35.42 38.06
C ASP D 98 24.32 -36.79 38.50
N LEU D 99 25.45 -37.24 37.97
CA LEU D 99 25.99 -38.54 38.33
C LEU D 99 26.43 -38.41 39.79
N ASN D 100 27.26 -37.39 40.04
CA ASN D 100 27.78 -37.06 41.37
C ASN D 100 26.66 -37.22 42.40
N LYS D 101 25.82 -36.19 42.50
CA LYS D 101 24.70 -36.20 43.43
C LYS D 101 23.76 -37.37 43.07
N ARG D 102 24.00 -37.99 41.92
CA ARG D 102 23.16 -39.07 41.49
C ARG D 102 21.71 -38.59 41.67
N GLN D 103 21.45 -37.32 41.35
CA GLN D 103 20.07 -36.80 41.47
C GLN D 103 19.54 -36.01 40.26
N LEU D 104 18.21 -36.00 40.18
CA LEU D 104 17.50 -35.32 39.11
C LEU D 104 17.22 -33.87 39.42
N ILE D 105 17.85 -32.99 38.65
CA ILE D 105 17.70 -31.56 38.82
C ILE D 105 16.23 -31.09 38.79
N THR D 106 15.62 -30.80 39.95
CA THR D 106 14.22 -30.38 39.93
C THR D 106 13.97 -28.91 39.71
N GLU D 107 14.99 -28.09 39.80
CA GLU D 107 14.70 -26.69 39.56
C GLU D 107 15.42 -26.15 38.34
N GLU D 108 14.76 -25.18 37.71
CA GLU D 108 15.29 -24.56 36.52
C GLU D 108 15.61 -25.68 35.51
N ARG D 109 14.52 -26.33 35.09
CA ARG D 109 14.58 -27.42 34.13
C ARG D 109 14.46 -26.83 32.74
N ILE D 110 14.96 -27.58 31.75
CA ILE D 110 14.89 -27.17 30.35
C ILE D 110 13.41 -27.05 30.01
N PRO D 111 12.93 -25.83 29.80
CA PRO D 111 11.53 -25.60 29.48
C PRO D 111 10.82 -26.72 28.72
N ASN D 112 9.52 -26.83 28.95
CA ASN D 112 8.70 -27.82 28.25
C ASN D 112 8.79 -27.39 26.80
N ASN D 113 8.57 -28.33 25.88
CA ASN D 113 8.63 -28.00 24.47
C ASN D 113 9.98 -27.43 24.08
N THR D 114 11.06 -28.12 24.39
CA THR D 114 12.35 -27.59 23.97
C THR D 114 12.74 -28.12 22.56
N GLN D 115 12.73 -27.20 21.61
CA GLN D 115 13.04 -27.54 20.23
C GLN D 115 14.30 -28.36 20.07
N TRP D 116 15.42 -27.85 20.54
CA TRP D 116 16.63 -28.62 20.41
C TRP D 116 17.66 -28.36 21.49
N VAL D 117 18.41 -29.38 21.84
CA VAL D 117 19.40 -29.24 22.87
C VAL D 117 20.77 -29.74 22.42
N THR D 118 21.80 -29.14 22.97
CA THR D 118 23.14 -29.54 22.60
C THR D 118 24.19 -29.14 23.64
N TRP D 119 24.93 -30.15 24.10
CA TRP D 119 25.99 -29.95 25.06
C TRP D 119 27.08 -29.11 24.43
N SER D 120 27.90 -28.47 25.24
CA SER D 120 29.01 -27.73 24.69
C SER D 120 29.95 -28.85 24.19
N PRO D 121 30.99 -28.51 23.43
CA PRO D 121 31.86 -29.59 22.98
C PRO D 121 32.69 -30.10 24.13
N VAL D 122 32.90 -29.24 25.11
CA VAL D 122 33.69 -29.64 26.27
C VAL D 122 33.08 -29.19 27.56
N GLY D 123 33.28 -30.00 28.60
CA GLY D 123 32.75 -29.65 29.91
C GLY D 123 31.32 -30.04 30.21
N HIS D 124 30.45 -29.04 30.41
CA HIS D 124 29.04 -29.27 30.75
C HIS D 124 28.07 -28.14 30.29
N LYS D 125 28.51 -27.26 29.40
CA LYS D 125 27.64 -26.15 28.96
C LYS D 125 26.41 -26.59 28.19
N LEU D 126 25.33 -25.85 28.35
CA LEU D 126 24.12 -26.17 27.64
C LEU D 126 23.61 -25.11 26.70
N ALA D 127 23.31 -25.55 25.48
CA ALA D 127 22.78 -24.71 24.42
C ALA D 127 21.53 -25.38 23.85
N TYR D 128 20.37 -24.75 24.08
CA TYR D 128 19.12 -25.29 23.58
C TYR D 128 18.27 -24.18 22.96
N VAL D 129 17.28 -24.57 22.17
CA VAL D 129 16.40 -23.61 21.54
C VAL D 129 15.04 -23.85 22.08
N TRP D 130 14.33 -22.77 22.38
CA TRP D 130 12.98 -22.86 22.92
C TRP D 130 12.19 -21.71 22.33
N ASN D 131 11.06 -22.02 21.71
CA ASN D 131 10.26 -20.95 21.11
C ASN D 131 11.05 -20.17 20.02
N ASN D 132 12.01 -20.86 19.39
CA ASN D 132 12.84 -20.30 18.32
C ASN D 132 13.95 -19.35 18.74
N ASP D 133 14.43 -19.52 19.98
CA ASP D 133 15.51 -18.71 20.55
C ASP D 133 16.59 -19.59 21.19
N ILE D 134 17.77 -18.99 21.40
CA ILE D 134 18.90 -19.70 21.99
C ILE D 134 19.13 -19.24 23.42
N TYR D 135 19.38 -20.23 24.29
CA TYR D 135 19.60 -20.05 25.72
C TYR D 135 20.89 -20.73 26.18
N VAL D 136 21.65 -20.09 27.05
CA VAL D 136 22.87 -20.72 27.52
C VAL D 136 22.79 -21.06 29.00
N LYS D 137 23.31 -22.24 29.35
CA LYS D 137 23.29 -22.73 30.73
C LYS D 137 24.63 -23.36 31.06
N ILE D 138 25.47 -22.69 31.86
CA ILE D 138 26.78 -23.24 32.21
C ILE D 138 26.74 -24.34 33.31
N GLU D 139 25.63 -24.36 34.07
CA GLU D 139 25.37 -25.37 35.12
C GLU D 139 23.88 -25.63 35.05
N PRO D 140 23.47 -26.87 34.75
CA PRO D 140 22.07 -27.34 34.60
C PRO D 140 20.99 -27.13 35.68
N ASN D 141 21.29 -26.39 36.74
CA ASN D 141 20.32 -26.16 37.84
C ASN D 141 19.62 -24.80 37.96
N LEU D 142 20.14 -23.79 37.29
CA LEU D 142 19.60 -22.44 37.41
C LEU D 142 18.84 -21.92 36.21
N PRO D 143 18.28 -20.69 36.31
CA PRO D 143 17.56 -20.16 35.15
C PRO D 143 18.54 -20.17 34.00
N SER D 144 18.10 -19.69 32.84
CA SER D 144 19.03 -19.69 31.72
C SER D 144 19.34 -18.28 31.24
N TYR D 145 20.34 -18.17 30.37
CA TYR D 145 20.72 -16.88 29.80
C TYR D 145 20.09 -16.76 28.39
N ARG D 146 19.13 -15.87 28.23
CA ARG D 146 18.48 -15.65 26.94
C ARG D 146 19.49 -15.06 25.98
N ILE D 147 19.81 -15.80 24.92
CA ILE D 147 20.75 -15.31 23.93
C ILE D 147 20.03 -14.50 22.87
N THR D 148 18.93 -15.03 22.36
CA THR D 148 18.13 -14.33 21.33
C THR D 148 16.71 -13.97 21.80
N TRP D 149 16.16 -12.87 21.28
CA TRP D 149 14.82 -12.43 21.64
C TRP D 149 13.92 -12.41 20.41
N THR D 150 14.52 -12.18 19.24
CA THR D 150 13.78 -12.13 17.99
C THR D 150 12.97 -13.38 17.59
N GLY D 151 12.99 -14.40 18.43
CA GLY D 151 12.26 -15.62 18.10
C GLY D 151 10.78 -15.46 17.79
N LYS D 152 10.35 -15.96 16.63
CA LYS D 152 8.95 -15.87 16.23
C LYS D 152 8.54 -17.16 15.47
N GLU D 153 7.42 -17.73 15.90
CA GLU D 153 6.92 -19.01 15.37
C GLU D 153 6.69 -19.14 13.88
N ASP D 154 7.59 -19.87 13.22
CA ASP D 154 7.53 -20.06 11.77
C ASP D 154 8.01 -18.83 10.99
N ILE D 155 8.71 -17.92 11.65
CA ILE D 155 9.21 -16.71 11.00
C ILE D 155 10.73 -16.59 11.23
N ILE D 156 11.10 -16.39 12.50
CA ILE D 156 12.49 -16.25 12.88
C ILE D 156 12.97 -17.50 13.59
N TYR D 157 13.98 -18.13 13.02
CA TYR D 157 14.59 -19.33 13.57
C TYR D 157 15.98 -18.97 14.08
N ASN D 158 16.10 -18.85 15.41
CA ASN D 158 17.38 -18.53 16.05
C ASN D 158 17.93 -19.82 16.66
N GLY D 159 19.06 -20.30 16.14
CA GLY D 159 19.62 -21.51 16.69
C GLY D 159 19.09 -22.76 16.01
N ILE D 160 18.10 -22.63 15.15
CA ILE D 160 17.59 -23.79 14.44
C ILE D 160 17.29 -23.49 12.97
N THR D 161 17.31 -24.53 12.13
CA THR D 161 17.07 -24.37 10.70
C THR D 161 15.58 -24.41 10.46
N ASP D 162 15.14 -23.87 9.32
CA ASP D 162 13.73 -23.89 8.95
C ASP D 162 13.54 -25.21 8.20
N TRP D 163 12.53 -25.34 7.34
CA TRP D 163 12.33 -26.61 6.65
C TRP D 163 13.35 -26.92 5.60
N VAL D 164 13.55 -25.97 4.71
CA VAL D 164 14.47 -26.18 3.61
C VAL D 164 15.94 -26.33 3.98
N TYR D 165 16.36 -25.64 5.03
CA TYR D 165 17.76 -25.69 5.46
C TYR D 165 18.09 -26.99 6.21
N GLU D 166 17.09 -27.58 6.86
CA GLU D 166 17.25 -28.82 7.60
C GLU D 166 17.37 -29.98 6.66
N GLU D 167 16.50 -30.00 5.66
CA GLU D 167 16.47 -31.08 4.68
C GLU D 167 17.58 -30.99 3.65
N GLU D 168 17.58 -29.89 2.90
CA GLU D 168 18.52 -29.66 1.81
C GLU D 168 19.90 -29.03 2.05
N VAL D 169 19.97 -27.95 2.83
CA VAL D 169 21.25 -27.29 3.09
C VAL D 169 22.14 -27.92 4.16
N PHE D 170 21.80 -27.71 5.42
CA PHE D 170 22.60 -28.26 6.53
C PHE D 170 22.50 -29.76 6.63
N SER D 171 21.27 -30.26 6.49
CA SER D 171 21.01 -31.68 6.58
C SER D 171 20.95 -32.12 8.06
N ALA D 172 20.57 -31.16 8.91
CA ALA D 172 20.41 -31.36 10.35
C ALA D 172 19.64 -30.19 10.99
N TYR D 173 18.85 -30.47 12.01
CA TYR D 173 18.05 -29.43 12.67
C TYR D 173 18.87 -28.30 13.31
N SER D 174 19.79 -28.67 14.20
CA SER D 174 20.64 -27.74 14.90
C SER D 174 21.31 -26.76 13.95
N ALA D 175 21.22 -25.48 14.30
CA ALA D 175 21.79 -24.39 13.52
C ALA D 175 22.77 -23.56 14.36
N LEU D 176 23.38 -24.19 15.36
CA LEU D 176 24.34 -23.51 16.20
C LEU D 176 25.64 -24.31 16.19
N TRP D 177 26.74 -23.65 16.52
CA TRP D 177 28.04 -24.29 16.49
C TRP D 177 28.96 -23.78 17.58
N TRP D 178 29.24 -24.64 18.55
CA TRP D 178 30.13 -24.30 19.66
C TRP D 178 31.55 -24.18 19.16
N SER D 179 32.33 -23.41 19.89
CA SER D 179 33.74 -23.22 19.62
C SER D 179 34.38 -24.53 20.13
N PRO D 180 35.60 -24.85 19.68
CA PRO D 180 36.28 -26.07 20.13
C PRO D 180 36.31 -26.21 21.66
N ASN D 181 36.70 -25.14 22.36
CA ASN D 181 36.75 -25.17 23.83
C ASN D 181 35.44 -24.62 24.38
N GLY D 182 34.43 -24.52 23.52
CA GLY D 182 33.14 -24.04 23.96
C GLY D 182 33.03 -22.60 24.43
N THR D 183 34.13 -21.86 24.39
CA THR D 183 34.10 -20.45 24.80
C THR D 183 33.04 -19.74 24.00
N PHE D 184 33.13 -19.91 22.69
CA PHE D 184 32.21 -19.27 21.76
C PHE D 184 31.07 -20.17 21.28
N LEU D 185 29.93 -19.54 21.00
CA LEU D 185 28.77 -20.23 20.47
C LEU D 185 28.26 -19.36 19.32
N ALA D 186 28.31 -19.90 18.12
CA ALA D 186 27.84 -19.19 16.93
C ALA D 186 26.54 -19.84 16.51
N TYR D 187 25.72 -19.11 15.78
CA TYR D 187 24.46 -19.64 15.33
C TYR D 187 24.03 -18.87 14.13
N ALA D 188 22.87 -19.21 13.63
CA ALA D 188 22.34 -18.54 12.48
C ALA D 188 20.91 -18.27 12.86
N GLN D 189 20.27 -17.38 12.11
CA GLN D 189 18.88 -17.01 12.34
C GLN D 189 18.22 -16.93 10.99
N PHE D 190 17.25 -17.81 10.74
CA PHE D 190 16.58 -17.80 9.45
C PHE D 190 15.26 -17.03 9.53
N ASN D 191 15.08 -16.07 8.62
CA ASN D 191 13.86 -15.24 8.54
C ASN D 191 12.93 -15.75 7.42
N ASP D 192 11.90 -16.50 7.76
CA ASP D 192 10.98 -17.04 6.75
C ASP D 192 9.70 -16.21 6.54
N THR D 193 9.78 -14.92 6.84
CA THR D 193 8.63 -14.03 6.73
C THR D 193 7.78 -14.20 5.46
N GLU D 194 8.33 -13.85 4.30
CA GLU D 194 7.58 -13.95 3.05
C GLU D 194 7.68 -15.29 2.37
N VAL D 195 8.18 -16.30 3.08
CA VAL D 195 8.28 -17.61 2.50
C VAL D 195 6.86 -18.15 2.44
N PRO D 196 6.47 -18.77 1.33
CA PRO D 196 5.12 -19.31 1.26
C PRO D 196 5.04 -20.60 2.07
N LEU D 197 3.82 -21.00 2.42
CA LEU D 197 3.58 -22.21 3.24
C LEU D 197 2.88 -23.36 2.55
N ILE D 198 3.30 -24.58 2.87
CA ILE D 198 2.68 -25.76 2.29
C ILE D 198 1.62 -26.15 3.32
N GLU D 199 0.37 -26.27 2.88
CA GLU D 199 -0.71 -26.63 3.81
C GLU D 199 -1.39 -27.97 3.52
N TYR D 200 -1.25 -28.94 4.41
CA TYR D 200 -1.93 -30.22 4.21
C TYR D 200 -2.83 -30.54 5.40
N SER D 201 -3.49 -31.69 5.42
CA SER D 201 -4.33 -32.02 6.57
C SER D 201 -3.84 -33.20 7.39
N PHE D 202 -3.90 -33.05 8.71
CA PHE D 202 -3.48 -34.11 9.59
C PHE D 202 -4.76 -34.54 10.29
N TYR D 203 -5.05 -35.83 10.21
CA TYR D 203 -6.27 -36.28 10.81
C TYR D 203 -6.13 -36.54 12.30
N SER D 204 -5.11 -37.31 12.68
CA SER D 204 -4.89 -37.59 14.09
C SER D 204 -5.83 -38.71 14.55
N ASP D 205 -5.73 -39.08 15.82
CA ASP D 205 -6.59 -40.14 16.34
C ASP D 205 -8.00 -39.81 15.94
N GLU D 206 -8.81 -40.84 15.75
CA GLU D 206 -10.17 -40.59 15.35
C GLU D 206 -10.86 -39.76 16.41
N SER D 207 -10.32 -39.76 17.62
CA SER D 207 -10.94 -38.97 18.65
C SER D 207 -10.99 -37.49 18.26
N LEU D 208 -10.42 -37.13 17.11
CA LEU D 208 -10.44 -35.74 16.68
C LEU D 208 -11.50 -35.48 15.62
N GLN D 209 -12.51 -34.70 16.00
CA GLN D 209 -13.65 -34.34 15.17
C GLN D 209 -13.30 -33.58 13.87
N TYR D 210 -12.65 -32.43 14.01
CA TYR D 210 -12.26 -31.64 12.84
C TYR D 210 -10.80 -31.85 12.52
N PRO D 211 -10.49 -32.19 11.26
CA PRO D 211 -9.10 -32.40 10.84
C PRO D 211 -8.22 -31.19 11.17
N LYS D 212 -6.91 -31.39 11.23
CA LYS D 212 -5.98 -30.28 11.51
C LYS D 212 -5.27 -29.94 10.21
N THR D 213 -4.98 -28.67 10.02
CA THR D 213 -4.29 -28.25 8.82
C THR D 213 -2.87 -27.83 9.11
N VAL D 214 -1.94 -28.73 8.81
CA VAL D 214 -0.53 -28.46 9.02
C VAL D 214 -0.12 -27.34 8.07
N ARG D 215 0.70 -26.42 8.56
CA ARG D 215 1.19 -25.30 7.77
C ARG D 215 2.65 -25.00 8.10
N VAL D 216 3.54 -25.24 7.14
CA VAL D 216 4.96 -24.99 7.32
C VAL D 216 5.53 -24.17 6.17
N PRO D 217 6.40 -23.20 6.47
CA PRO D 217 7.02 -22.35 5.44
C PRO D 217 7.92 -23.25 4.63
N TYR D 218 7.70 -23.30 3.32
CA TYR D 218 8.45 -24.21 2.48
C TYR D 218 8.60 -23.62 1.09
N PRO D 219 9.85 -23.40 0.63
CA PRO D 219 10.11 -22.83 -0.70
C PRO D 219 10.10 -23.87 -1.81
N LYS D 220 9.29 -23.62 -2.84
CA LYS D 220 9.21 -24.52 -4.00
C LYS D 220 10.00 -23.86 -5.13
N ALA D 221 10.55 -24.68 -6.01
CA ALA D 221 11.37 -24.20 -7.12
C ALA D 221 11.03 -22.80 -7.61
N GLY D 222 11.94 -21.86 -7.40
CA GLY D 222 11.72 -20.50 -7.86
C GLY D 222 11.06 -19.55 -6.88
N ALA D 223 10.56 -20.06 -5.77
CA ALA D 223 9.88 -19.20 -4.80
C ALA D 223 10.82 -18.33 -3.95
N VAL D 224 10.22 -17.65 -2.97
CA VAL D 224 10.96 -16.79 -2.09
C VAL D 224 11.76 -17.61 -1.07
N ASN D 225 13.08 -17.65 -1.22
CA ASN D 225 13.95 -18.39 -0.29
C ASN D 225 14.03 -17.66 1.03
N PRO D 226 14.49 -18.34 2.09
CA PRO D 226 14.57 -17.61 3.36
C PRO D 226 15.96 -16.98 3.57
N THR D 227 15.97 -15.82 4.19
CA THR D 227 17.21 -15.11 4.43
C THR D 227 17.92 -15.62 5.67
N VAL D 228 19.24 -15.45 5.68
CA VAL D 228 20.04 -15.90 6.78
C VAL D 228 20.99 -14.81 7.32
N LYS D 229 21.35 -14.95 8.59
CA LYS D 229 22.25 -14.04 9.25
C LYS D 229 23.01 -14.87 10.29
N PHE D 230 24.34 -14.76 10.29
CA PHE D 230 25.21 -15.54 11.17
C PHE D 230 25.84 -14.74 12.33
N PHE D 231 25.67 -15.19 13.57
CA PHE D 231 26.23 -14.47 14.71
C PHE D 231 27.11 -15.35 15.57
N VAL D 232 27.94 -14.71 16.39
CA VAL D 232 28.83 -15.43 17.28
C VAL D 232 28.96 -14.73 18.62
N VAL D 233 28.33 -15.32 19.65
CA VAL D 233 28.32 -14.78 21.02
C VAL D 233 29.29 -15.39 21.99
N ASN D 234 29.87 -14.53 22.84
CA ASN D 234 30.84 -14.95 23.83
C ASN D 234 30.17 -15.44 25.11
N THR D 235 30.31 -16.74 25.37
CA THR D 235 29.70 -17.37 26.53
C THR D 235 30.45 -17.19 27.86
N ASP D 236 31.74 -16.87 27.79
CA ASP D 236 32.49 -16.67 29.02
C ASP D 236 32.40 -15.24 29.54
N SER D 237 31.48 -14.47 28.96
CA SER D 237 31.26 -13.10 29.41
C SER D 237 29.76 -12.79 29.47
N LEU D 238 29.00 -13.64 30.15
CA LEU D 238 27.56 -13.44 30.30
C LEU D 238 27.25 -12.92 31.69
N SER D 239 27.76 -13.66 32.68
CA SER D 239 27.55 -13.31 34.09
C SER D 239 28.45 -12.14 34.51
N SER D 240 29.13 -11.54 33.53
CA SER D 240 29.97 -10.38 33.84
C SER D 240 29.25 -9.14 33.31
N VAL D 241 28.27 -9.38 32.43
CA VAL D 241 27.45 -8.28 31.91
C VAL D 241 25.95 -8.61 32.06
N THR D 242 25.13 -7.64 31.63
CA THR D 242 23.68 -7.75 31.63
C THR D 242 23.35 -8.53 30.35
N ASN D 243 22.98 -7.84 29.26
CA ASN D 243 22.65 -8.58 28.03
C ASN D 243 23.85 -8.80 27.11
N ALA D 244 23.99 -10.04 26.62
CA ALA D 244 25.10 -10.43 25.76
C ALA D 244 25.04 -9.81 24.38
N THR D 245 26.20 -9.38 23.89
CA THR D 245 26.29 -8.77 22.57
C THR D 245 26.64 -9.86 21.56
N SER D 246 25.72 -10.20 20.65
CA SER D 246 26.00 -11.21 19.63
C SER D 246 26.69 -10.52 18.44
N ILE D 247 27.83 -11.05 17.98
CA ILE D 247 28.53 -10.44 16.85
C ILE D 247 28.10 -11.08 15.55
N GLN D 248 27.75 -10.24 14.58
CA GLN D 248 27.29 -10.75 13.31
C GLN D 248 28.32 -10.70 12.22
N ILE D 249 28.50 -11.82 11.56
CA ILE D 249 29.45 -11.91 10.47
C ILE D 249 28.61 -11.90 9.19
N THR D 250 28.81 -10.87 8.38
CA THR D 250 28.08 -10.71 7.12
C THR D 250 28.69 -11.57 6.01
N ALA D 251 27.96 -11.75 4.92
CA ALA D 251 28.45 -12.55 3.81
C ALA D 251 29.24 -11.69 2.81
N PRO D 252 30.23 -12.28 2.14
CA PRO D 252 31.04 -11.53 1.17
C PRO D 252 30.14 -10.81 0.17
N ALA D 253 30.55 -9.63 -0.24
CA ALA D 253 29.75 -8.85 -1.18
C ALA D 253 29.33 -9.66 -2.39
N SER D 254 30.19 -10.57 -2.82
CA SER D 254 29.87 -11.39 -3.98
C SER D 254 28.69 -12.29 -3.67
N MET D 255 28.27 -12.28 -2.41
CA MET D 255 27.13 -13.09 -1.99
C MET D 255 25.93 -12.19 -1.67
N LEU D 256 26.17 -10.91 -1.48
CA LEU D 256 25.08 -10.01 -1.15
C LEU D 256 24.38 -9.47 -2.37
N ILE D 257 24.95 -9.61 -3.57
CA ILE D 257 24.26 -9.05 -4.73
C ILE D 257 22.89 -9.68 -4.89
N GLY D 258 22.66 -10.81 -4.22
CA GLY D 258 21.36 -11.45 -4.34
C GLY D 258 21.08 -12.56 -3.36
N ASP D 259 20.22 -13.48 -3.74
CA ASP D 259 19.89 -14.59 -2.88
C ASP D 259 21.09 -15.52 -2.74
N HIS D 260 21.32 -15.98 -1.52
CA HIS D 260 22.42 -16.88 -1.21
C HIS D 260 22.08 -17.73 0.01
N TYR D 261 22.89 -18.74 0.26
CA TYR D 261 22.67 -19.62 1.40
C TYR D 261 23.94 -19.69 2.25
N LEU D 262 23.80 -20.33 3.40
CA LEU D 262 24.91 -20.58 4.34
C LEU D 262 25.03 -22.09 4.25
N CYS D 263 26.03 -22.63 3.57
CA CYS D 263 26.07 -24.09 3.46
C CYS D 263 27.02 -24.83 4.42
N ASP D 264 27.88 -24.09 5.12
CA ASP D 264 28.77 -24.76 6.05
C ASP D 264 29.43 -23.85 7.08
N VAL D 265 29.73 -24.42 8.25
CA VAL D 265 30.37 -23.68 9.33
C VAL D 265 31.35 -24.62 9.97
N THR D 266 32.64 -24.29 9.89
CA THR D 266 33.71 -25.11 10.47
C THR D 266 34.78 -24.35 11.28
N TRP D 267 34.81 -24.60 12.59
CA TRP D 267 35.77 -23.94 13.46
C TRP D 267 37.16 -24.50 13.21
N ALA D 268 38.16 -23.62 13.22
CA ALA D 268 39.56 -23.98 12.96
C ALA D 268 40.41 -23.94 14.21
N THR D 269 40.26 -22.87 14.96
CA THR D 269 40.99 -22.70 16.20
C THR D 269 39.95 -22.29 17.19
N GLN D 270 40.39 -21.85 18.35
CA GLN D 270 39.48 -21.41 19.37
C GLN D 270 39.10 -20.00 19.01
N GLU D 271 39.80 -19.47 18.00
CA GLU D 271 39.61 -18.10 17.51
C GLU D 271 39.48 -17.92 15.99
N ARG D 272 39.44 -19.00 15.23
CA ARG D 272 39.35 -18.83 13.78
C ARG D 272 38.25 -19.68 13.11
N ILE D 273 37.09 -19.07 12.91
CA ILE D 273 35.95 -19.77 12.30
C ILE D 273 35.91 -19.63 10.78
N SER D 274 35.43 -20.66 10.10
CA SER D 274 35.33 -20.59 8.65
C SER D 274 33.87 -20.68 8.23
N LEU D 275 33.46 -19.82 7.31
CA LEU D 275 32.10 -19.81 6.83
C LEU D 275 32.20 -19.98 5.34
N GLN D 276 31.28 -20.74 4.76
CA GLN D 276 31.24 -20.92 3.32
C GLN D 276 29.89 -20.45 2.78
N TRP D 277 29.92 -19.47 1.88
CA TRP D 277 28.67 -18.97 1.32
C TRP D 277 28.49 -19.42 -0.11
N LEU D 278 27.27 -19.83 -0.42
CA LEU D 278 26.88 -20.33 -1.73
C LEU D 278 25.72 -19.50 -2.25
N ARG D 279 25.83 -19.06 -3.50
CA ARG D 279 24.79 -18.26 -4.13
C ARG D 279 23.55 -19.07 -4.49
N ARG D 280 22.42 -18.40 -4.63
CA ARG D 280 21.22 -19.13 -4.99
C ARG D 280 21.44 -19.92 -6.29
N ILE D 281 22.41 -19.53 -7.10
CA ILE D 281 22.71 -20.29 -8.32
C ILE D 281 23.86 -21.22 -7.95
N GLN D 282 23.54 -22.25 -7.19
CA GLN D 282 24.49 -23.22 -6.71
C GLN D 282 25.62 -23.71 -7.61
N ASN D 283 26.43 -22.77 -8.09
CA ASN D 283 27.60 -23.10 -8.93
C ASN D 283 28.74 -22.16 -8.53
N TYR D 284 28.53 -21.38 -7.47
CA TYR D 284 29.56 -20.46 -6.99
C TYR D 284 29.50 -20.31 -5.47
N SER D 285 30.61 -20.64 -4.81
CA SER D 285 30.68 -20.53 -3.37
C SER D 285 31.94 -19.79 -2.93
N VAL D 286 31.88 -19.16 -1.76
CA VAL D 286 33.02 -18.45 -1.22
C VAL D 286 33.19 -18.90 0.22
N MET D 287 34.43 -19.05 0.64
CA MET D 287 34.68 -19.43 1.99
C MET D 287 35.37 -18.26 2.65
N ASP D 288 34.80 -17.75 3.72
CA ASP D 288 35.43 -16.67 4.46
C ASP D 288 36.13 -17.37 5.61
N ILE D 289 37.26 -16.83 6.04
CA ILE D 289 37.95 -17.37 7.19
C ILE D 289 38.03 -16.16 8.12
N CYS D 290 37.26 -16.24 9.21
CA CYS D 290 37.18 -15.14 10.15
C CYS D 290 37.88 -15.32 11.51
N ASP D 291 38.60 -14.29 11.94
CA ASP D 291 39.30 -14.36 13.20
C ASP D 291 38.61 -13.54 14.26
N TYR D 292 39.13 -13.65 15.48
CA TYR D 292 38.57 -12.94 16.61
C TYR D 292 39.53 -11.85 16.95
N ASP D 293 39.00 -10.68 17.21
CA ASP D 293 39.82 -9.54 17.59
C ASP D 293 39.57 -9.26 19.07
N GLU D 294 40.53 -9.64 19.89
CA GLU D 294 40.41 -9.45 21.32
C GLU D 294 40.30 -7.98 21.70
N SER D 295 40.86 -7.10 20.89
CA SER D 295 40.81 -5.67 21.19
C SER D 295 39.38 -5.18 21.16
N SER D 296 38.71 -5.52 20.07
CA SER D 296 37.32 -5.14 19.80
C SER D 296 36.36 -6.16 20.38
N GLY D 297 36.72 -7.42 20.22
CA GLY D 297 35.86 -8.49 20.67
C GLY D 297 34.95 -8.72 19.49
N ARG D 298 35.29 -8.09 18.37
CA ARG D 298 34.52 -8.22 17.15
C ARG D 298 35.13 -9.37 16.36
N TRP D 299 34.59 -9.67 15.17
CA TRP D 299 35.13 -10.74 14.31
C TRP D 299 35.46 -10.17 12.95
N ASN D 300 36.69 -10.42 12.50
CA ASN D 300 37.15 -9.91 11.22
C ASN D 300 37.52 -11.02 10.26
N CYS D 301 37.18 -10.82 8.99
CA CYS D 301 37.53 -11.79 7.97
C CYS D 301 38.36 -11.01 6.96
N LEU D 302 39.57 -11.51 6.69
CA LEU D 302 40.51 -10.91 5.73
C LEU D 302 40.15 -11.40 4.35
N VAL D 303 40.11 -10.48 3.39
CA VAL D 303 39.76 -10.83 2.03
C VAL D 303 40.78 -11.73 1.40
N ALA D 304 42.04 -11.51 1.74
CA ALA D 304 43.14 -12.31 1.21
C ALA D 304 42.93 -13.80 1.45
N ARG D 305 42.22 -14.13 2.52
CA ARG D 305 41.96 -15.51 2.89
C ARG D 305 40.76 -16.12 2.18
N GLN D 306 39.88 -15.27 1.66
CA GLN D 306 38.69 -15.71 0.92
C GLN D 306 38.95 -16.86 -0.05
N HIS D 307 38.26 -17.98 0.10
CA HIS D 307 38.44 -19.06 -0.85
C HIS D 307 37.23 -19.32 -1.68
N ILE D 308 37.46 -19.90 -2.84
CA ILE D 308 36.37 -20.14 -3.77
C ILE D 308 36.21 -21.54 -4.27
N GLU D 309 34.96 -21.86 -4.58
CA GLU D 309 34.63 -23.15 -5.14
C GLU D 309 33.46 -22.96 -6.08
N MET D 310 33.61 -23.48 -7.29
CA MET D 310 32.58 -23.37 -8.28
C MET D 310 32.72 -24.49 -9.28
N SER D 311 31.86 -24.46 -10.29
CA SER D 311 31.84 -25.43 -11.37
C SER D 311 31.26 -24.77 -12.60
N THR D 312 31.64 -25.26 -13.78
CA THR D 312 31.08 -24.73 -15.03
C THR D 312 30.30 -25.83 -15.72
N THR D 313 30.43 -27.05 -15.23
CA THR D 313 29.71 -28.17 -15.81
C THR D 313 28.47 -28.56 -15.00
N GLY D 314 28.44 -28.17 -13.72
CA GLY D 314 27.31 -28.48 -12.88
C GLY D 314 27.14 -27.53 -11.72
N TRP D 315 26.81 -28.10 -10.55
CA TRP D 315 26.62 -27.36 -9.30
C TRP D 315 27.86 -27.56 -8.42
N VAL D 316 27.94 -26.89 -7.28
CA VAL D 316 29.11 -27.04 -6.42
C VAL D 316 28.99 -28.19 -5.43
N GLY D 317 29.96 -29.10 -5.44
CA GLY D 317 29.92 -30.22 -4.53
C GLY D 317 29.03 -31.36 -4.99
N ARG D 318 28.78 -32.31 -4.10
CA ARG D 318 27.92 -33.42 -4.44
C ARG D 318 26.47 -32.99 -4.18
N PHE D 319 26.28 -32.22 -3.11
CA PHE D 319 24.98 -31.69 -2.75
C PHE D 319 25.24 -30.29 -2.19
N ARG D 320 26.46 -30.11 -1.68
CA ARG D 320 26.91 -28.86 -1.10
C ARG D 320 28.41 -28.94 -0.89
N PRO D 321 29.11 -27.82 -1.05
CA PRO D 321 30.57 -27.75 -0.89
C PRO D 321 31.10 -28.59 0.30
N SER D 322 32.21 -29.31 0.10
CA SER D 322 32.76 -30.13 1.18
C SER D 322 33.32 -29.26 2.29
N GLU D 323 33.42 -29.85 3.47
CA GLU D 323 33.87 -29.13 4.63
C GLU D 323 35.36 -29.20 4.81
N PRO D 324 35.97 -28.05 5.12
CA PRO D 324 37.40 -27.99 5.32
C PRO D 324 37.84 -28.88 6.46
N HIS D 325 39.14 -29.01 6.60
CA HIS D 325 39.75 -29.80 7.64
C HIS D 325 41.03 -29.08 7.92
N PHE D 326 40.98 -28.23 8.94
CA PHE D 326 42.14 -27.44 9.32
C PHE D 326 43.23 -28.18 10.09
N THR D 327 44.44 -27.65 9.99
CA THR D 327 45.58 -28.21 10.66
C THR D 327 45.63 -27.44 11.97
N LEU D 328 45.90 -28.14 13.06
CA LEU D 328 45.93 -27.56 14.41
C LEU D 328 46.06 -26.04 14.51
N ASP D 329 47.17 -25.48 14.04
CA ASP D 329 47.37 -24.03 14.11
C ASP D 329 46.36 -23.28 13.23
N GLY D 330 45.54 -24.05 12.53
CA GLY D 330 44.49 -23.52 11.67
C GLY D 330 44.93 -22.54 10.62
N ASN D 331 46.15 -22.71 10.13
CA ASN D 331 46.68 -21.83 9.09
C ASN D 331 46.39 -22.47 7.75
N SER D 332 46.37 -23.78 7.70
CA SER D 332 46.09 -24.44 6.43
C SER D 332 45.02 -25.51 6.69
N PHE D 333 44.38 -25.97 5.62
CA PHE D 333 43.34 -27.00 5.72
C PHE D 333 43.30 -27.92 4.51
N TYR D 334 42.48 -28.98 4.61
CA TYR D 334 42.32 -29.91 3.51
C TYR D 334 40.83 -29.94 3.15
N LYS D 335 40.54 -30.01 1.85
CA LYS D 335 39.17 -30.03 1.39
C LYS D 335 39.11 -30.90 0.16
N ILE D 336 38.04 -31.69 0.07
CA ILE D 336 37.84 -32.57 -1.06
C ILE D 336 37.21 -31.78 -2.17
N ILE D 337 37.85 -31.73 -3.33
CA ILE D 337 37.29 -31.01 -4.46
C ILE D 337 37.59 -31.75 -5.76
N SER D 338 36.95 -31.31 -6.84
CA SER D 338 37.15 -31.95 -8.14
C SER D 338 38.46 -31.52 -8.83
N ASN D 339 39.20 -32.47 -9.37
CA ASN D 339 40.45 -32.14 -10.03
C ASN D 339 40.32 -31.75 -11.51
N GLU D 340 41.45 -31.78 -12.21
CA GLU D 340 41.54 -31.44 -13.63
C GLU D 340 40.63 -32.28 -14.54
N GLU D 341 40.39 -33.54 -14.18
CA GLU D 341 39.51 -34.41 -14.97
C GLU D 341 38.14 -34.48 -14.29
N GLY D 342 38.01 -33.79 -13.18
CA GLY D 342 36.74 -33.80 -12.51
C GLY D 342 36.52 -34.86 -11.45
N TYR D 343 37.57 -35.49 -10.94
CA TYR D 343 37.37 -36.48 -9.88
C TYR D 343 37.65 -35.81 -8.57
N ARG D 344 36.82 -36.07 -7.59
CA ARG D 344 37.04 -35.45 -6.31
C ARG D 344 38.19 -36.11 -5.57
N HIS D 345 39.10 -35.28 -5.07
CA HIS D 345 40.24 -35.72 -4.33
C HIS D 345 40.48 -34.67 -3.25
N ILE D 346 41.49 -34.89 -2.42
CA ILE D 346 41.79 -33.97 -1.31
C ILE D 346 42.82 -32.92 -1.70
N CYS D 347 42.44 -31.64 -1.64
CA CYS D 347 43.35 -30.56 -1.98
C CYS D 347 43.86 -29.90 -0.70
N TYR D 348 45.06 -29.31 -0.77
CA TYR D 348 45.68 -28.66 0.39
C TYR D 348 45.75 -27.14 0.18
N PHE D 349 45.35 -26.36 1.18
CA PHE D 349 45.36 -24.90 1.06
C PHE D 349 46.08 -24.18 2.19
N GLN D 350 46.53 -22.97 1.89
CA GLN D 350 47.15 -22.11 2.89
C GLN D 350 46.05 -21.04 2.93
N ILE D 351 45.50 -20.77 4.12
CA ILE D 351 44.41 -19.82 4.19
C ILE D 351 44.61 -18.53 3.44
N ASP D 352 45.85 -18.22 3.12
CA ASP D 352 46.12 -16.97 2.41
C ASP D 352 46.82 -17.13 1.06
N LYS D 353 46.73 -18.33 0.48
CA LYS D 353 47.30 -18.59 -0.83
C LYS D 353 46.23 -19.27 -1.66
N LYS D 354 45.80 -18.58 -2.71
CA LYS D 354 44.75 -19.04 -3.61
C LYS D 354 44.90 -20.41 -4.28
N ASP D 355 46.12 -20.93 -4.42
CA ASP D 355 46.29 -22.22 -5.07
C ASP D 355 46.21 -23.31 -4.04
N CYS D 356 45.87 -24.53 -4.45
CA CYS D 356 45.85 -25.63 -3.51
C CYS D 356 46.55 -26.82 -4.11
N THR D 357 47.34 -27.53 -3.31
CA THR D 357 48.06 -28.70 -3.81
C THR D 357 47.37 -30.03 -3.55
N PHE D 358 47.07 -30.73 -4.64
CA PHE D 358 46.40 -32.01 -4.55
C PHE D 358 47.30 -33.12 -4.04
N ILE D 359 46.96 -33.67 -2.89
CA ILE D 359 47.73 -34.76 -2.32
C ILE D 359 47.26 -36.09 -2.94
N THR D 360 46.20 -36.05 -3.75
CA THR D 360 45.75 -37.27 -4.41
C THR D 360 45.10 -36.97 -5.74
N LYS D 361 44.91 -38.04 -6.50
CA LYS D 361 44.27 -37.95 -7.79
C LYS D 361 44.20 -39.37 -8.36
N GLY D 362 43.47 -39.49 -9.46
CA GLY D 362 43.30 -40.77 -10.10
C GLY D 362 41.87 -40.74 -10.54
N THR D 363 41.41 -41.84 -11.15
CA THR D 363 40.03 -41.92 -11.60
C THR D 363 39.22 -42.66 -10.58
N TRP D 364 39.12 -42.06 -9.41
CA TRP D 364 38.33 -42.60 -8.34
C TRP D 364 38.11 -41.40 -7.48
N GLU D 365 37.21 -41.48 -6.52
CA GLU D 365 36.94 -40.34 -5.69
C GLU D 365 37.19 -40.57 -4.22
N VAL D 366 37.60 -39.50 -3.56
CA VAL D 366 37.82 -39.48 -2.15
C VAL D 366 36.41 -39.23 -1.64
N ILE D 367 35.91 -40.13 -0.79
CA ILE D 367 34.57 -39.98 -0.25
C ILE D 367 34.58 -38.91 0.83
N GLY D 368 35.52 -39.01 1.76
CA GLY D 368 35.60 -38.02 2.80
C GLY D 368 36.88 -38.15 3.62
N ILE D 369 37.19 -37.08 4.33
CA ILE D 369 38.35 -37.01 5.19
C ILE D 369 37.82 -37.31 6.58
N GLU D 370 38.39 -38.34 7.22
CA GLU D 370 37.98 -38.80 8.53
C GLU D 370 38.69 -38.22 9.75
N ALA D 371 40.02 -38.11 9.67
CA ALA D 371 40.83 -37.60 10.78
C ALA D 371 42.10 -36.95 10.32
N LEU D 372 42.61 -36.04 11.12
CA LEU D 372 43.82 -35.35 10.75
C LEU D 372 44.81 -35.14 11.89
N THR D 373 45.90 -35.89 11.83
CA THR D 373 46.98 -35.81 12.81
C THR D 373 48.18 -35.04 12.23
N SER D 374 49.07 -34.57 13.10
CA SER D 374 50.23 -33.85 12.66
C SER D 374 51.02 -34.65 11.62
N ASP D 375 50.90 -35.97 11.66
CA ASP D 375 51.66 -36.80 10.75
C ASP D 375 50.84 -37.49 9.67
N TYR D 376 49.53 -37.61 9.91
CA TYR D 376 48.67 -38.26 8.93
C TYR D 376 47.34 -37.59 8.66
N LEU D 377 46.76 -37.98 7.53
CA LEU D 377 45.44 -37.54 7.10
C LEU D 377 44.81 -38.87 6.73
N TYR D 378 43.64 -39.15 7.29
CA TYR D 378 42.97 -40.40 7.04
C TYR D 378 41.74 -40.16 6.17
N TYR D 379 41.54 -40.98 5.15
CA TYR D 379 40.40 -40.81 4.26
C TYR D 379 39.78 -42.11 3.72
N ILE D 380 38.59 -42.00 3.15
CA ILE D 380 37.92 -43.16 2.59
C ILE D 380 37.71 -42.94 1.11
N SER D 381 37.98 -43.96 0.31
CA SER D 381 37.82 -43.80 -1.11
C SER D 381 37.37 -45.10 -1.71
N ASN D 382 36.82 -45.02 -2.91
CA ASN D 382 36.37 -46.23 -3.59
C ASN D 382 37.44 -46.72 -4.54
N GLU D 383 38.67 -46.25 -4.30
CA GLU D 383 39.86 -46.56 -5.08
C GLU D 383 40.17 -48.02 -5.35
N TYR D 384 40.31 -48.79 -4.27
CA TYR D 384 40.68 -50.21 -4.35
C TYR D 384 39.94 -50.99 -5.42
N LYS D 385 40.68 -51.86 -6.10
CA LYS D 385 40.15 -52.68 -7.19
C LYS D 385 39.32 -51.86 -8.17
N GLY D 386 39.43 -50.54 -8.07
CA GLY D 386 38.70 -49.67 -8.97
C GLY D 386 37.23 -50.00 -9.05
N MET D 387 36.63 -50.12 -7.87
CA MET D 387 35.22 -50.42 -7.71
C MET D 387 34.58 -49.26 -6.98
N PRO D 388 33.74 -48.50 -7.70
CA PRO D 388 33.02 -47.33 -7.20
C PRO D 388 32.14 -47.64 -6.00
N GLY D 389 31.49 -48.81 -6.01
CA GLY D 389 30.63 -49.21 -4.91
C GLY D 389 31.40 -49.91 -3.79
N GLY D 390 32.52 -49.31 -3.38
CA GLY D 390 33.30 -49.89 -2.32
C GLY D 390 33.85 -48.78 -1.45
N ARG D 391 34.33 -49.15 -0.26
CA ARG D 391 34.90 -48.17 0.63
C ARG D 391 36.00 -48.84 1.42
N ASN D 392 37.05 -48.08 1.70
CA ASN D 392 38.18 -48.55 2.45
C ASN D 392 38.93 -47.38 3.10
N LEU D 393 39.44 -47.60 4.30
CA LEU D 393 40.18 -46.55 4.99
C LEU D 393 41.61 -46.47 4.49
N TYR D 394 42.05 -45.24 4.22
CA TYR D 394 43.39 -45.00 3.73
C TYR D 394 44.13 -44.01 4.63
N LYS D 395 45.46 -44.15 4.65
CA LYS D 395 46.35 -43.32 5.44
C LYS D 395 47.37 -42.67 4.51
N ILE D 396 47.51 -41.36 4.58
CA ILE D 396 48.45 -40.66 3.72
C ILE D 396 49.38 -39.77 4.55
N GLN D 397 50.69 -39.90 4.29
CA GLN D 397 51.74 -39.17 5.02
C GLN D 397 51.90 -37.70 4.66
N LEU D 398 51.58 -36.83 5.61
CA LEU D 398 51.68 -35.38 5.38
C LEU D 398 53.10 -34.94 5.08
N SER D 399 54.07 -35.76 5.45
CA SER D 399 55.47 -35.45 5.18
C SER D 399 55.92 -35.98 3.79
N ASP D 400 55.02 -36.69 3.13
CA ASP D 400 55.30 -37.26 1.81
C ASP D 400 54.03 -37.93 1.27
N TYR D 401 53.39 -37.25 0.32
CA TYR D 401 52.14 -37.70 -0.28
C TYR D 401 52.29 -38.92 -1.16
N THR D 402 53.49 -39.49 -1.24
CA THR D 402 53.70 -40.67 -2.07
C THR D 402 53.46 -41.90 -1.21
N LYS D 403 53.59 -41.70 0.08
CA LYS D 403 53.40 -42.76 1.08
C LYS D 403 51.93 -42.89 1.50
N VAL D 404 51.19 -43.66 0.70
CA VAL D 404 49.77 -43.90 0.93
C VAL D 404 49.53 -45.36 1.30
N THR D 405 48.89 -45.62 2.44
CA THR D 405 48.62 -46.99 2.89
C THR D 405 47.12 -47.26 2.84
N CYS D 406 46.72 -48.51 2.66
CA CYS D 406 45.30 -48.81 2.69
C CYS D 406 45.14 -49.57 4.02
N LEU D 407 44.38 -49.00 4.93
CA LEU D 407 44.20 -49.62 6.22
C LEU D 407 43.13 -50.68 6.33
N SER D 408 42.37 -50.92 5.27
CA SER D 408 41.32 -51.93 5.37
C SER D 408 41.12 -52.79 4.15
N CYS D 409 41.94 -52.60 3.13
CA CYS D 409 41.80 -53.38 1.91
C CYS D 409 41.98 -54.87 2.10
N GLU D 410 43.07 -55.28 2.73
CA GLU D 410 43.31 -56.71 2.90
C GLU D 410 42.86 -57.37 4.20
N LEU D 411 42.33 -56.60 5.15
CA LEU D 411 41.87 -57.17 6.42
C LEU D 411 41.11 -58.48 6.16
N ASN D 412 40.15 -58.41 5.24
CA ASN D 412 39.34 -59.54 4.79
C ASN D 412 38.75 -59.10 3.46
N PRO D 413 39.50 -59.32 2.37
CA PRO D 413 39.12 -58.96 1.00
C PRO D 413 37.93 -59.71 0.47
N GLU D 414 37.55 -60.81 1.12
CA GLU D 414 36.39 -61.55 0.66
C GLU D 414 35.16 -61.00 1.39
N ARG D 415 35.20 -61.06 2.71
CA ARG D 415 34.08 -60.57 3.49
C ARG D 415 33.91 -59.07 3.54
N CYS D 416 34.96 -58.31 3.30
CA CYS D 416 34.84 -56.85 3.42
C CYS D 416 35.40 -55.90 2.37
N GLN D 417 34.49 -55.19 1.70
CA GLN D 417 34.84 -54.23 0.65
C GLN D 417 34.13 -52.89 0.82
N TYR D 418 33.44 -52.74 1.94
CA TYR D 418 32.74 -51.48 2.20
C TYR D 418 32.97 -51.08 3.68
N TYR D 419 33.90 -50.18 3.93
CA TYR D 419 34.18 -49.76 5.30
C TYR D 419 33.80 -48.32 5.62
N SER D 420 33.62 -48.09 6.91
CA SER D 420 33.31 -46.78 7.48
C SER D 420 34.25 -46.82 8.67
N VAL D 421 34.57 -45.68 9.26
CA VAL D 421 35.48 -45.72 10.41
C VAL D 421 35.13 -44.74 11.50
N SER D 422 35.46 -45.10 12.72
CA SER D 422 35.22 -44.24 13.86
C SER D 422 36.47 -44.16 14.72
N PHE D 423 37.09 -42.97 14.76
CA PHE D 423 38.32 -42.71 15.53
C PHE D 423 38.04 -42.18 16.94
N SER D 424 39.05 -42.22 17.80
CA SER D 424 38.89 -41.70 19.17
C SER D 424 39.16 -40.19 19.16
N LYS D 425 39.12 -39.54 20.32
CA LYS D 425 39.34 -38.08 20.37
C LYS D 425 40.65 -37.51 19.77
N GLU D 426 41.77 -38.21 19.89
CA GLU D 426 42.98 -37.64 19.34
C GLU D 426 43.54 -38.54 18.27
N ALA D 427 42.67 -39.37 17.68
CA ALA D 427 43.04 -40.31 16.63
C ALA D 427 44.10 -41.30 17.07
N LYS D 428 43.95 -41.81 18.29
CA LYS D 428 44.88 -42.77 18.87
C LYS D 428 44.43 -44.18 18.48
N TYR D 429 43.13 -44.34 18.31
CA TYR D 429 42.53 -45.62 17.93
C TYR D 429 41.35 -45.35 17.00
N TYR D 430 40.81 -46.41 16.41
CA TYR D 430 39.68 -46.25 15.52
C TYR D 430 38.96 -47.55 15.27
N GLN D 431 37.62 -47.46 15.13
CA GLN D 431 36.81 -48.62 14.85
C GLN D 431 36.35 -48.71 13.40
N LEU D 432 36.87 -49.69 12.67
CA LEU D 432 36.48 -49.91 11.29
C LEU D 432 35.15 -50.60 11.42
N ARG D 433 34.29 -50.46 10.42
CA ARG D 433 32.98 -51.06 10.49
C ARG D 433 32.67 -51.66 9.16
N CYS D 434 33.08 -52.91 8.96
CA CYS D 434 32.85 -53.62 7.71
C CYS D 434 31.36 -53.92 7.56
N SER D 435 30.75 -53.53 6.45
CA SER D 435 29.32 -53.77 6.28
C SER D 435 28.90 -54.41 4.95
N GLY D 436 29.67 -55.41 4.51
CA GLY D 436 29.35 -56.06 3.27
C GLY D 436 30.57 -56.06 2.38
N PRO D 437 30.58 -56.91 1.35
CA PRO D 437 29.53 -57.87 0.98
C PRO D 437 29.25 -58.98 1.98
N GLY D 438 30.22 -59.38 2.76
CA GLY D 438 29.95 -60.43 3.74
C GLY D 438 29.13 -59.80 4.84
N LEU D 439 28.79 -60.55 5.88
CA LEU D 439 28.01 -60.00 6.99
C LEU D 439 28.80 -58.87 7.65
N PRO D 440 28.13 -57.99 8.41
CA PRO D 440 28.86 -56.89 9.06
C PRO D 440 29.88 -57.41 10.07
N LEU D 441 31.05 -56.79 10.07
CA LEU D 441 32.16 -57.17 10.93
C LEU D 441 32.77 -55.92 11.59
N TYR D 442 32.92 -55.96 12.90
CA TYR D 442 33.46 -54.82 13.64
C TYR D 442 34.76 -55.15 14.34
N THR D 443 35.72 -54.22 14.29
CA THR D 443 37.03 -54.43 14.93
C THR D 443 37.76 -53.16 15.37
N LEU D 444 38.51 -53.28 16.46
CA LEU D 444 39.27 -52.17 17.04
C LEU D 444 40.73 -52.20 16.55
N HIS D 445 41.30 -51.00 16.36
CA HIS D 445 42.65 -50.86 15.84
C HIS D 445 43.45 -49.76 16.51
N SER D 446 44.72 -50.05 16.79
CA SER D 446 45.67 -49.12 17.40
C SER D 446 46.28 -48.35 16.24
N SER D 447 46.14 -47.01 16.24
CA SER D 447 46.64 -46.15 15.16
C SER D 447 48.15 -46.04 15.00
N VAL D 448 48.85 -45.87 16.11
CA VAL D 448 50.31 -45.76 16.10
C VAL D 448 50.89 -46.86 15.20
N ASN D 449 50.45 -48.09 15.42
CA ASN D 449 50.96 -49.19 14.61
C ASN D 449 49.96 -49.86 13.69
N ASP D 450 48.75 -49.32 13.61
CA ASP D 450 47.72 -49.88 12.75
C ASP D 450 47.57 -51.38 12.96
N LYS D 451 47.47 -51.78 14.22
CA LYS D 451 47.33 -53.19 14.60
C LYS D 451 45.89 -53.54 14.81
N GLY D 452 45.59 -54.82 14.73
CA GLY D 452 44.23 -55.24 14.95
C GLY D 452 44.17 -55.59 16.42
N LEU D 453 43.63 -54.70 17.22
CA LEU D 453 43.55 -55.02 18.62
C LEU D 453 42.67 -56.24 18.77
N ARG D 454 41.39 -56.13 18.39
CA ARG D 454 40.48 -57.25 18.54
C ARG D 454 39.24 -57.12 17.64
N VAL D 455 38.30 -58.04 17.83
CA VAL D 455 37.01 -58.06 17.10
C VAL D 455 35.89 -57.70 18.08
N LEU D 456 35.13 -56.67 17.73
CA LEU D 456 34.03 -56.19 18.58
C LEU D 456 32.65 -56.83 18.28
N GLU D 457 32.52 -57.44 17.12
CA GLU D 457 31.28 -58.08 16.72
C GLU D 457 31.49 -58.69 15.34
N ASP D 458 31.40 -60.01 15.29
CA ASP D 458 31.60 -60.77 14.06
C ASP D 458 30.34 -61.38 13.51
N ASN D 459 29.19 -60.98 14.03
CA ASN D 459 27.91 -61.50 13.54
C ASN D 459 27.89 -63.00 13.30
N SER D 460 28.63 -63.73 14.12
CA SER D 460 28.68 -65.17 13.96
C SER D 460 27.32 -65.83 14.20
N ALA D 461 26.52 -65.27 15.09
CA ALA D 461 25.20 -65.83 15.39
C ALA D 461 24.30 -65.83 14.16
N LEU D 462 24.20 -64.67 13.54
CA LEU D 462 23.43 -64.49 12.34
C LEU D 462 23.93 -65.43 11.26
N ASP D 463 25.24 -65.64 11.21
CA ASP D 463 25.80 -66.51 10.20
C ASP D 463 25.29 -67.92 10.39
N LYS D 464 25.25 -68.37 11.64
CA LYS D 464 24.80 -69.72 11.98
C LYS D 464 23.34 -69.90 11.53
N MET D 465 22.49 -68.94 11.86
CA MET D 465 21.08 -69.02 11.48
C MET D 465 20.88 -68.97 9.97
N LEU D 466 21.59 -68.05 9.32
CA LEU D 466 21.47 -67.87 7.89
C LEU D 466 21.86 -69.10 7.10
N GLN D 467 22.58 -69.99 7.75
CA GLN D 467 23.02 -71.23 7.10
C GLN D 467 21.85 -72.15 6.77
N ASN D 468 20.81 -72.04 7.59
CA ASN D 468 19.63 -72.87 7.47
C ASN D 468 18.56 -72.32 6.53
N VAL D 469 18.82 -71.19 5.88
CA VAL D 469 17.85 -70.59 4.98
C VAL D 469 18.41 -70.46 3.55
N GLN D 470 17.54 -70.45 2.54
CA GLN D 470 17.99 -70.30 1.14
C GLN D 470 18.06 -68.80 0.86
N MET D 471 19.26 -68.25 0.92
CA MET D 471 19.49 -66.84 0.69
C MET D 471 19.87 -66.51 -0.74
N PRO D 472 19.55 -65.30 -1.17
CA PRO D 472 19.90 -64.99 -2.55
C PRO D 472 21.33 -64.52 -2.59
N SER D 473 21.94 -64.57 -3.76
CA SER D 473 23.29 -64.11 -3.96
C SER D 473 23.15 -62.72 -4.52
N LYS D 474 24.29 -62.05 -4.72
CA LYS D 474 24.29 -60.69 -5.26
C LYS D 474 25.47 -60.55 -6.17
N LYS D 475 25.24 -60.02 -7.35
CA LYS D 475 26.33 -59.84 -8.30
C LYS D 475 26.59 -58.36 -8.42
N LEU D 476 27.85 -57.97 -8.43
CA LEU D 476 28.21 -56.55 -8.56
C LEU D 476 29.24 -56.44 -9.69
N ASP D 477 28.74 -56.19 -10.89
CA ASP D 477 29.58 -56.09 -12.08
C ASP D 477 29.03 -55.03 -13.04
N PHE D 478 29.85 -54.60 -14.00
CA PHE D 478 29.41 -53.56 -14.89
C PHE D 478 29.24 -53.96 -16.35
N ILE D 479 28.58 -53.08 -17.08
CA ILE D 479 28.38 -53.25 -18.51
C ILE D 479 28.99 -51.98 -19.05
N ILE D 480 29.41 -52.01 -20.32
CA ILE D 480 29.99 -50.83 -20.91
C ILE D 480 29.12 -50.21 -22.01
N LEU D 481 28.63 -49.02 -21.72
CA LEU D 481 27.82 -48.30 -22.66
C LEU D 481 28.67 -47.11 -23.01
N ASN D 482 28.87 -46.86 -24.29
CA ASN D 482 29.63 -45.68 -24.70
C ASN D 482 31.07 -45.53 -24.15
N GLU D 483 31.89 -46.56 -24.34
CA GLU D 483 33.27 -46.54 -23.89
C GLU D 483 33.42 -46.20 -22.42
N THR D 484 32.31 -45.97 -21.74
CA THR D 484 32.38 -45.67 -20.33
C THR D 484 31.68 -46.83 -19.65
N LYS D 485 32.18 -47.25 -18.50
CA LYS D 485 31.55 -48.39 -17.86
C LYS D 485 30.60 -48.03 -16.72
N PHE D 486 29.39 -48.59 -16.79
CA PHE D 486 28.39 -48.36 -15.79
C PHE D 486 28.15 -49.65 -15.00
N TRP D 487 28.09 -49.50 -13.68
CA TRP D 487 27.92 -50.60 -12.76
C TRP D 487 26.47 -50.93 -12.39
N TYR D 488 26.28 -52.14 -11.87
CA TYR D 488 24.97 -52.64 -11.44
C TYR D 488 25.09 -53.75 -10.40
N GLN D 489 23.95 -54.27 -9.96
CA GLN D 489 23.94 -55.36 -9.01
C GLN D 489 22.62 -56.06 -9.15
N MET D 490 22.62 -57.38 -9.02
CA MET D 490 21.38 -58.12 -9.12
C MET D 490 21.30 -58.97 -7.87
N ILE D 491 20.11 -59.07 -7.30
CA ILE D 491 19.95 -59.90 -6.13
C ILE D 491 19.35 -61.17 -6.66
N LEU D 492 20.22 -62.14 -6.91
CA LEU D 492 19.84 -63.43 -7.49
C LEU D 492 19.29 -64.42 -6.52
N PRO D 493 18.21 -65.11 -6.90
CA PRO D 493 17.53 -66.12 -6.10
C PRO D 493 18.44 -67.32 -5.89
N PRO D 494 18.26 -68.05 -4.78
CA PRO D 494 19.07 -69.23 -4.49
C PRO D 494 19.08 -70.15 -5.71
N HIS D 495 19.99 -71.11 -5.73
CA HIS D 495 20.07 -72.03 -6.85
C HIS D 495 19.81 -71.30 -8.15
N PHE D 496 20.40 -70.12 -8.29
CA PHE D 496 20.20 -69.37 -9.51
C PHE D 496 20.65 -70.24 -10.65
N ASP D 497 19.88 -70.20 -11.72
CA ASP D 497 20.16 -70.97 -12.91
C ASP D 497 20.06 -70.03 -14.10
N LYS D 498 21.19 -69.66 -14.67
CA LYS D 498 21.21 -68.77 -15.80
C LYS D 498 20.51 -69.39 -17.01
N SER D 499 20.24 -70.69 -16.95
CA SER D 499 19.59 -71.36 -18.07
C SER D 499 18.12 -71.03 -18.23
N LYS D 500 17.48 -70.61 -17.15
CA LYS D 500 16.06 -70.29 -17.16
C LYS D 500 15.75 -68.80 -17.31
N LYS D 501 14.46 -68.48 -17.31
CA LYS D 501 14.05 -67.09 -17.43
C LYS D 501 13.35 -66.69 -16.15
N TYR D 502 14.03 -65.81 -15.42
CA TYR D 502 13.55 -65.30 -14.14
C TYR D 502 12.86 -63.99 -14.35
N PRO D 503 11.86 -63.70 -13.50
CA PRO D 503 11.14 -62.42 -13.63
C PRO D 503 12.13 -61.39 -13.06
N LEU D 504 12.06 -60.14 -13.50
CA LEU D 504 13.01 -59.14 -13.01
C LEU D 504 12.37 -57.87 -12.52
N LEU D 505 12.83 -57.39 -11.36
CA LEU D 505 12.34 -56.16 -10.75
C LEU D 505 13.48 -55.15 -10.63
N LEU D 506 13.47 -54.15 -11.49
CA LEU D 506 14.50 -53.14 -11.45
C LEU D 506 14.23 -52.20 -10.29
N ASP D 507 15.00 -52.37 -9.23
CA ASP D 507 14.91 -51.52 -8.06
C ASP D 507 15.66 -50.29 -8.53
N VAL D 508 15.09 -49.10 -8.38
CA VAL D 508 15.76 -47.90 -8.89
C VAL D 508 15.58 -46.58 -8.18
N TYR D 509 16.68 -45.88 -7.92
CA TYR D 509 16.57 -44.59 -7.27
C TYR D 509 16.95 -43.51 -8.29
N ALA D 510 18.17 -43.58 -8.81
CA ALA D 510 18.63 -42.67 -9.86
C ALA D 510 18.93 -41.18 -9.56
N GLY D 511 18.59 -40.68 -8.39
CA GLY D 511 18.88 -39.28 -8.12
C GLY D 511 20.34 -38.92 -8.31
N PRO D 512 20.65 -37.65 -8.63
CA PRO D 512 22.02 -37.17 -8.83
C PRO D 512 22.96 -37.67 -7.75
N CYS D 513 24.16 -38.04 -8.15
CA CYS D 513 25.14 -38.52 -7.19
C CYS D 513 24.54 -39.65 -6.38
N SER D 514 23.95 -40.62 -7.06
CA SER D 514 23.35 -41.73 -6.36
C SER D 514 24.14 -42.96 -6.68
N GLN D 515 24.06 -43.94 -5.79
CA GLN D 515 24.75 -45.22 -5.95
C GLN D 515 23.81 -46.32 -5.42
N LYS D 516 23.40 -47.21 -6.32
CA LYS D 516 22.51 -48.32 -5.99
C LYS D 516 23.24 -49.64 -6.17
N ALA D 517 24.45 -49.57 -6.72
CA ALA D 517 25.27 -50.73 -6.90
C ALA D 517 26.36 -50.49 -5.86
N ASP D 518 26.45 -51.36 -4.86
CA ASP D 518 27.45 -51.22 -3.82
C ASP D 518 27.65 -52.58 -3.19
N THR D 519 28.83 -52.79 -2.59
CA THR D 519 29.22 -54.05 -1.94
C THR D 519 28.57 -54.29 -0.59
N VAL D 520 27.56 -53.48 -0.28
CA VAL D 520 26.84 -53.54 0.99
C VAL D 520 25.86 -54.71 1.12
N PHE D 521 25.89 -55.37 2.28
CA PHE D 521 25.02 -56.51 2.57
C PHE D 521 23.73 -56.02 3.14
N ARG D 522 22.62 -56.36 2.51
CA ARG D 522 21.32 -55.93 2.98
C ARG D 522 20.30 -57.05 3.04
N LEU D 523 19.51 -57.03 4.11
CA LEU D 523 18.44 -57.98 4.35
C LEU D 523 17.21 -57.12 4.24
N ASN D 524 16.59 -57.09 3.07
CA ASN D 524 15.42 -56.26 2.88
C ASN D 524 14.42 -56.94 2.00
N TRP D 525 13.48 -56.14 1.51
CA TRP D 525 12.40 -56.62 0.67
C TRP D 525 12.90 -57.45 -0.49
N ALA D 526 14.03 -57.05 -1.06
CA ALA D 526 14.61 -57.75 -2.18
C ALA D 526 15.05 -59.13 -1.77
N THR D 527 15.51 -59.26 -0.53
CA THR D 527 15.97 -60.56 -0.04
C THR D 527 14.83 -61.55 -0.04
N TYR D 528 13.64 -61.07 0.29
CA TYR D 528 12.45 -61.93 0.31
C TYR D 528 12.01 -62.21 -1.12
N LEU D 529 11.96 -61.18 -1.94
CA LEU D 529 11.55 -61.36 -3.34
C LEU D 529 12.41 -62.41 -4.04
N ALA D 530 13.72 -62.29 -3.89
CA ALA D 530 14.61 -63.24 -4.52
C ALA D 530 14.53 -64.61 -3.83
N SER D 531 14.71 -64.64 -2.52
CA SER D 531 14.71 -65.90 -1.77
C SER D 531 13.42 -66.72 -1.82
N THR D 532 12.29 -66.04 -1.85
CA THR D 532 11.01 -66.72 -1.86
C THR D 532 10.31 -66.77 -3.20
N GLU D 533 10.19 -65.60 -3.82
CA GLU D 533 9.50 -65.46 -5.11
C GLU D 533 10.37 -65.61 -6.35
N ASN D 534 11.59 -66.13 -6.18
CA ASN D 534 12.49 -66.28 -7.32
C ASN D 534 12.30 -65.21 -8.36
N ILE D 535 12.69 -64.00 -7.96
CA ILE D 535 12.62 -62.81 -8.77
C ILE D 535 14.00 -62.17 -8.72
N ILE D 536 14.59 -61.87 -9.87
CA ILE D 536 15.89 -61.26 -9.92
C ILE D 536 15.74 -59.77 -9.66
N VAL D 537 16.13 -59.29 -8.49
CA VAL D 537 16.02 -57.86 -8.24
C VAL D 537 17.35 -57.26 -8.66
N ALA D 538 17.33 -56.07 -9.23
CA ALA D 538 18.56 -55.45 -9.71
C ALA D 538 18.54 -53.93 -9.75
N SER D 539 19.71 -53.33 -9.66
CA SER D 539 19.81 -51.90 -9.70
C SER D 539 20.87 -51.51 -10.71
N PHE D 540 20.93 -50.23 -11.05
CA PHE D 540 21.89 -49.76 -12.04
C PHE D 540 22.24 -48.31 -11.87
N ASP D 541 23.51 -48.01 -11.67
CA ASP D 541 23.94 -46.61 -11.53
C ASP D 541 24.37 -46.05 -12.88
N GLY D 542 23.49 -45.30 -13.52
CA GLY D 542 23.84 -44.74 -14.81
C GLY D 542 24.27 -43.28 -14.76
N ARG D 543 23.90 -42.54 -15.81
CA ARG D 543 24.23 -41.14 -15.92
C ARG D 543 23.59 -40.32 -14.85
N GLY D 544 24.43 -39.71 -14.01
CA GLY D 544 23.92 -38.91 -12.94
C GLY D 544 24.29 -39.52 -11.61
N SER D 545 24.71 -40.78 -11.60
CA SER D 545 25.08 -41.42 -10.33
C SER D 545 26.28 -40.69 -9.81
N GLY D 546 26.79 -41.10 -8.67
CA GLY D 546 27.93 -40.37 -8.15
C GLY D 546 29.19 -41.14 -7.87
N TYR D 547 30.15 -40.45 -7.28
CA TYR D 547 31.39 -41.07 -6.90
C TYR D 547 32.03 -41.72 -8.12
N GLN D 548 32.03 -41.01 -9.24
CA GLN D 548 32.62 -41.51 -10.48
C GLN D 548 33.13 -40.36 -11.34
N GLY D 549 33.62 -39.31 -10.71
CA GLY D 549 34.08 -38.16 -11.48
C GLY D 549 32.89 -37.28 -11.82
N ASP D 550 33.13 -36.09 -12.33
CA ASP D 550 32.03 -35.20 -12.63
C ASP D 550 31.40 -35.43 -13.97
N LYS D 551 32.12 -36.09 -14.87
CA LYS D 551 31.57 -36.31 -16.19
C LYS D 551 30.29 -37.12 -16.10
N ILE D 552 30.32 -38.20 -15.35
CA ILE D 552 29.15 -39.03 -15.23
C ILE D 552 28.10 -38.35 -14.39
N MET D 553 28.51 -37.65 -13.34
CA MET D 553 27.54 -37.04 -12.46
C MET D 553 26.83 -35.81 -12.95
N HIS D 554 27.55 -34.94 -13.64
CA HIS D 554 26.98 -33.71 -14.16
C HIS D 554 26.23 -33.86 -15.47
N ALA D 555 26.19 -35.07 -16.01
CA ALA D 555 25.51 -35.32 -17.28
C ALA D 555 24.08 -34.80 -17.34
N ILE D 556 23.35 -34.89 -16.22
CA ILE D 556 21.96 -34.42 -16.20
C ILE D 556 21.78 -33.05 -15.62
N ASN D 557 22.84 -32.27 -15.56
CA ASN D 557 22.73 -30.94 -15.04
C ASN D 557 21.70 -30.23 -15.90
N ARG D 558 20.68 -29.69 -15.24
CA ARG D 558 19.62 -28.94 -15.90
C ARG D 558 18.73 -29.84 -16.74
N ARG D 559 18.94 -31.14 -16.62
CA ARG D 559 18.19 -32.11 -17.39
C ARG D 559 17.65 -33.26 -16.56
N LEU D 560 16.83 -32.97 -15.56
CA LEU D 560 16.27 -34.04 -14.73
C LEU D 560 15.12 -34.69 -15.45
N GLY D 561 14.98 -35.99 -15.28
CA GLY D 561 13.89 -36.69 -15.93
C GLY D 561 14.27 -37.05 -17.34
N THR D 562 15.56 -37.15 -17.61
CA THR D 562 16.04 -37.48 -18.96
C THR D 562 17.07 -38.61 -19.07
N PHE D 563 18.33 -38.33 -18.77
CA PHE D 563 19.34 -39.39 -18.88
C PHE D 563 19.25 -40.52 -17.85
N GLU D 564 18.99 -40.17 -16.60
CA GLU D 564 18.90 -41.19 -15.58
C GLU D 564 17.68 -42.07 -15.82
N VAL D 565 16.73 -41.52 -16.56
CA VAL D 565 15.51 -42.25 -16.88
C VAL D 565 15.72 -43.12 -18.09
N GLU D 566 16.32 -42.57 -19.14
CA GLU D 566 16.58 -43.32 -20.36
C GLU D 566 17.48 -44.52 -20.07
N ASP D 567 18.59 -44.24 -19.40
CA ASP D 567 19.59 -45.24 -19.05
C ASP D 567 19.05 -46.42 -18.23
N GLN D 568 18.12 -46.14 -17.35
CA GLN D 568 17.52 -47.15 -16.50
C GLN D 568 16.73 -48.10 -17.39
N ILE D 569 16.11 -47.57 -18.43
CA ILE D 569 15.35 -48.38 -19.37
C ILE D 569 16.39 -49.24 -20.09
N GLU D 570 17.42 -48.58 -20.58
CA GLU D 570 18.52 -49.24 -21.28
C GLU D 570 19.10 -50.40 -20.46
N ALA D 571 19.12 -50.23 -19.13
CA ALA D 571 19.67 -51.27 -18.29
C ALA D 571 18.86 -52.52 -18.49
N ALA D 572 17.54 -52.39 -18.41
CA ALA D 572 16.68 -53.53 -18.58
C ALA D 572 17.02 -54.32 -19.84
N ARG D 573 17.07 -53.60 -20.96
CA ARG D 573 17.40 -54.21 -22.24
C ARG D 573 18.72 -54.99 -22.09
N GLN D 574 19.73 -54.33 -21.55
CA GLN D 574 21.01 -54.99 -21.31
C GLN D 574 20.74 -56.24 -20.49
N PHE D 575 20.24 -56.07 -19.28
CA PHE D 575 19.97 -57.23 -18.45
C PHE D 575 19.22 -58.30 -19.21
N SER D 576 18.33 -57.93 -20.11
CA SER D 576 17.59 -58.98 -20.78
C SER D 576 18.45 -59.74 -21.78
N LYS D 577 19.42 -59.05 -22.37
CA LYS D 577 20.31 -59.67 -23.33
C LYS D 577 21.26 -60.66 -22.69
N MET D 578 21.18 -60.78 -21.36
CA MET D 578 22.02 -61.70 -20.60
C MET D 578 21.39 -63.10 -20.61
N GLY D 579 20.15 -63.19 -21.08
CA GLY D 579 19.47 -64.48 -21.20
C GLY D 579 18.88 -65.24 -20.02
N PHE D 580 18.87 -64.66 -18.82
CA PHE D 580 18.29 -65.35 -17.68
C PHE D 580 17.08 -64.57 -17.19
N VAL D 581 16.71 -63.58 -18.00
CA VAL D 581 15.58 -62.70 -17.73
C VAL D 581 14.38 -62.98 -18.64
N ASP D 582 13.19 -63.14 -18.04
CA ASP D 582 11.97 -63.35 -18.82
C ASP D 582 11.54 -61.97 -19.31
N ASN D 583 11.66 -61.74 -20.61
CA ASN D 583 11.31 -60.46 -21.21
C ASN D 583 9.84 -60.13 -21.07
N LYS D 584 9.06 -61.06 -20.54
CA LYS D 584 7.62 -60.85 -20.40
C LYS D 584 7.15 -60.30 -19.05
N ARG D 585 8.01 -60.39 -18.06
CA ARG D 585 7.69 -59.92 -16.71
C ARG D 585 8.87 -59.11 -16.23
N ILE D 586 8.91 -57.84 -16.58
CA ILE D 586 9.99 -56.97 -16.15
C ILE D 586 9.40 -55.73 -15.52
N ALA D 587 9.29 -55.72 -14.20
CA ALA D 587 8.73 -54.59 -13.48
C ALA D 587 9.78 -53.58 -13.01
N ILE D 588 9.32 -52.45 -12.48
CA ILE D 588 10.22 -51.41 -11.99
C ILE D 588 9.53 -50.70 -10.82
N TRP D 589 10.27 -50.39 -9.77
CA TRP D 589 9.67 -49.67 -8.65
C TRP D 589 10.73 -48.75 -8.02
N GLY D 590 10.28 -47.70 -7.36
CA GLY D 590 11.23 -46.77 -6.75
C GLY D 590 10.51 -45.91 -5.75
N TRP D 591 11.26 -45.24 -4.89
CA TRP D 591 10.70 -44.40 -3.84
C TRP D 591 11.22 -42.96 -3.92
N SER D 592 10.37 -41.98 -3.62
CA SER D 592 10.83 -40.61 -3.64
C SER D 592 11.21 -40.15 -5.06
N TYR D 593 12.51 -40.04 -5.33
CA TYR D 593 12.99 -39.64 -6.66
C TYR D 593 12.92 -40.92 -7.47
N GLY D 594 13.17 -42.02 -6.79
CA GLY D 594 13.11 -43.31 -7.47
C GLY D 594 11.69 -43.47 -7.92
N GLY D 595 10.76 -42.95 -7.12
CA GLY D 595 9.36 -43.04 -7.44
C GLY D 595 9.05 -42.17 -8.63
N TYR D 596 9.88 -41.16 -8.81
CA TYR D 596 9.74 -40.24 -9.92
C TYR D 596 10.27 -40.89 -11.19
N VAL D 597 11.40 -41.58 -11.09
CA VAL D 597 11.97 -42.25 -12.26
C VAL D 597 11.08 -43.39 -12.73
N THR D 598 10.55 -44.15 -11.77
CA THR D 598 9.67 -45.26 -12.11
C THR D 598 8.54 -44.72 -12.96
N SER D 599 7.96 -43.64 -12.50
CA SER D 599 6.83 -43.02 -13.17
C SER D 599 7.16 -42.50 -14.51
N MET D 600 8.41 -42.10 -14.72
CA MET D 600 8.84 -41.56 -16.01
C MET D 600 9.12 -42.68 -16.98
N VAL D 601 9.55 -43.82 -16.43
CA VAL D 601 9.84 -45.01 -17.21
C VAL D 601 8.55 -45.77 -17.56
N LEU D 602 7.60 -45.77 -16.64
CA LEU D 602 6.33 -46.44 -16.87
C LEU D 602 5.48 -45.68 -17.88
N GLY D 603 5.80 -44.40 -18.04
CA GLY D 603 5.06 -43.59 -18.99
C GLY D 603 5.90 -43.29 -20.19
N SER D 604 6.93 -44.09 -20.41
CA SER D 604 7.80 -43.85 -21.54
C SER D 604 7.38 -44.62 -22.80
N GLY D 605 6.30 -45.39 -22.67
CA GLY D 605 5.84 -46.19 -23.79
C GLY D 605 7.02 -46.82 -24.51
N SER D 606 7.84 -47.55 -23.75
CA SER D 606 9.02 -48.21 -24.29
C SER D 606 8.77 -49.71 -24.42
N GLY D 607 7.61 -50.14 -23.93
CA GLY D 607 7.25 -51.55 -24.00
C GLY D 607 8.20 -52.55 -23.38
N VAL D 608 9.05 -52.08 -22.48
CA VAL D 608 10.00 -52.97 -21.81
C VAL D 608 9.40 -53.55 -20.52
N PHE D 609 8.80 -52.67 -19.73
CA PHE D 609 8.22 -53.03 -18.45
C PHE D 609 6.74 -53.30 -18.51
N LYS D 610 6.31 -54.20 -17.64
CA LYS D 610 4.93 -54.61 -17.56
C LYS D 610 4.14 -53.90 -16.50
N CYS D 611 4.77 -53.67 -15.35
CA CYS D 611 4.09 -52.98 -14.26
C CYS D 611 5.12 -52.30 -13.38
N GLY D 612 4.63 -51.51 -12.43
CA GLY D 612 5.54 -50.81 -11.55
C GLY D 612 4.88 -50.07 -10.40
N ILE D 613 5.61 -49.95 -9.31
CA ILE D 613 5.10 -49.28 -8.12
C ILE D 613 5.91 -48.02 -7.94
N ALA D 614 5.30 -46.97 -7.42
CA ALA D 614 6.05 -45.73 -7.21
C ALA D 614 5.65 -45.09 -5.90
N VAL D 615 6.45 -45.24 -4.87
CA VAL D 615 6.10 -44.66 -3.59
C VAL D 615 6.55 -43.23 -3.37
N ALA D 616 5.60 -42.39 -3.01
CA ALA D 616 5.85 -40.98 -2.76
C ALA D 616 6.74 -40.33 -3.82
N PRO D 617 6.33 -40.34 -5.08
CA PRO D 617 7.17 -39.74 -6.11
C PRO D 617 6.92 -38.27 -6.43
N VAL D 618 7.87 -37.69 -7.16
CA VAL D 618 7.84 -36.33 -7.66
C VAL D 618 7.11 -36.42 -9.00
N SER D 619 6.23 -35.47 -9.31
CA SER D 619 5.52 -35.52 -10.57
C SER D 619 5.87 -34.33 -11.44
N ARG D 620 6.49 -33.33 -10.81
CA ARG D 620 6.90 -32.12 -11.49
C ARG D 620 7.78 -31.33 -10.55
N TRP D 621 8.95 -30.93 -11.06
CA TRP D 621 9.96 -30.20 -10.30
C TRP D 621 9.62 -28.85 -9.66
N GLU D 622 8.55 -28.21 -10.11
CA GLU D 622 8.18 -26.93 -9.51
C GLU D 622 7.49 -27.29 -8.21
N TYR D 623 7.15 -28.56 -8.09
CA TYR D 623 6.49 -29.03 -6.90
C TYR D 623 7.43 -29.33 -5.74
N TYR D 624 8.73 -29.40 -6.01
CA TYR D 624 9.68 -29.71 -4.95
C TYR D 624 10.34 -28.47 -4.38
N ASP D 625 11.07 -28.62 -3.27
CA ASP D 625 11.71 -27.48 -2.63
C ASP D 625 12.67 -26.70 -3.54
N SER D 626 12.96 -25.47 -3.15
CA SER D 626 13.84 -24.63 -3.93
C SER D 626 15.27 -25.08 -3.92
N VAL D 627 15.79 -25.31 -2.73
CA VAL D 627 17.18 -25.68 -2.61
C VAL D 627 17.60 -26.91 -3.36
N TYR D 628 16.77 -27.94 -3.40
CA TYR D 628 17.19 -29.13 -4.12
C TYR D 628 16.90 -29.06 -5.60
N THR D 629 15.68 -28.66 -5.94
CA THR D 629 15.32 -28.55 -7.33
C THR D 629 16.35 -27.71 -8.09
N GLU D 630 16.35 -26.41 -7.81
CA GLU D 630 17.23 -25.48 -8.46
C GLU D 630 18.66 -25.92 -8.54
N ARG D 631 19.08 -26.71 -7.57
CA ARG D 631 20.45 -27.17 -7.59
C ARG D 631 20.74 -27.74 -8.97
N TYR D 632 19.90 -28.70 -9.38
CA TYR D 632 20.05 -29.41 -10.64
C TYR D 632 19.20 -28.93 -11.81
N MET D 633 18.21 -28.09 -11.58
CA MET D 633 17.32 -27.63 -12.66
C MET D 633 17.29 -26.12 -12.94
N GLY D 634 18.11 -25.33 -12.27
CA GLY D 634 18.07 -23.89 -12.49
C GLY D 634 16.70 -23.35 -12.07
N LEU D 635 16.29 -22.21 -12.61
CA LEU D 635 14.99 -21.62 -12.25
C LEU D 635 13.90 -21.81 -13.31
N PRO D 636 12.62 -22.01 -12.88
CA PRO D 636 11.49 -22.19 -13.81
C PRO D 636 11.00 -20.90 -14.44
N THR D 637 11.87 -20.24 -15.19
CA THR D 637 11.52 -19.00 -15.87
C THR D 637 11.95 -19.09 -17.34
N PRO D 638 11.17 -18.48 -18.24
CA PRO D 638 11.48 -18.50 -19.68
C PRO D 638 12.92 -18.11 -19.90
N GLU D 639 13.31 -17.08 -19.17
CA GLU D 639 14.66 -16.57 -19.25
C GLU D 639 15.68 -17.60 -18.87
N ASP D 640 15.24 -18.69 -18.25
CA ASP D 640 16.19 -19.72 -17.85
C ASP D 640 15.83 -21.13 -18.27
N ASN D 641 15.51 -21.98 -17.31
CA ASN D 641 15.21 -23.36 -17.62
C ASN D 641 13.75 -23.82 -17.64
N LEU D 642 12.82 -22.89 -17.49
CA LEU D 642 11.38 -23.19 -17.48
C LEU D 642 10.97 -24.21 -18.54
N ASP D 643 11.60 -24.13 -19.69
CA ASP D 643 11.34 -25.03 -20.81
C ASP D 643 11.50 -26.50 -20.42
N HIS D 644 12.61 -26.88 -19.78
CA HIS D 644 12.79 -28.26 -19.40
C HIS D 644 11.93 -28.64 -18.22
N TYR D 645 11.67 -27.70 -17.33
CA TYR D 645 10.80 -27.99 -16.21
C TYR D 645 9.55 -28.55 -16.88
N ARG D 646 8.74 -27.67 -17.46
CA ARG D 646 7.51 -28.04 -18.13
C ARG D 646 7.58 -29.26 -19.03
N ASN D 647 8.76 -29.57 -19.53
CA ASN D 647 8.91 -30.67 -20.46
C ASN D 647 9.40 -31.96 -19.83
N SER D 648 9.38 -32.02 -18.50
CA SER D 648 9.87 -33.20 -17.78
C SER D 648 8.96 -33.61 -16.63
N THR D 649 7.65 -33.60 -16.85
CA THR D 649 6.69 -33.96 -15.83
C THR D 649 6.05 -35.31 -16.07
N VAL D 650 5.74 -36.04 -15.01
CA VAL D 650 5.12 -37.35 -15.18
C VAL D 650 3.78 -37.20 -15.89
N MET D 651 2.97 -36.26 -15.41
CA MET D 651 1.64 -36.01 -15.93
C MET D 651 1.50 -36.00 -17.42
N SER D 652 2.40 -35.29 -18.10
CA SER D 652 2.34 -35.21 -19.55
C SER D 652 2.61 -36.53 -20.25
N ARG D 653 2.79 -37.60 -19.47
CA ARG D 653 3.07 -38.91 -20.02
C ARG D 653 1.96 -39.89 -19.74
N ALA D 654 0.92 -39.41 -19.07
CA ALA D 654 -0.20 -40.25 -18.68
C ALA D 654 -0.79 -41.15 -19.76
N GLU D 655 -0.88 -40.65 -20.98
CA GLU D 655 -1.43 -41.44 -22.08
C GLU D 655 -0.63 -42.75 -22.28
N ASN D 656 0.60 -42.81 -21.79
CA ASN D 656 1.42 -44.01 -21.98
C ASN D 656 1.38 -45.06 -20.88
N PHE D 657 0.83 -44.67 -19.73
CA PHE D 657 0.71 -45.59 -18.61
C PHE D 657 -0.24 -46.70 -19.05
N LYS D 658 -1.02 -46.38 -20.08
CA LYS D 658 -2.02 -47.28 -20.64
C LYS D 658 -1.45 -48.59 -21.14
N GLN D 659 -0.13 -48.69 -21.17
CA GLN D 659 0.56 -49.90 -21.63
C GLN D 659 1.09 -50.70 -20.44
N VAL D 660 0.99 -50.13 -19.24
CA VAL D 660 1.51 -50.84 -18.09
C VAL D 660 0.67 -50.76 -16.85
N GLU D 661 0.84 -51.76 -15.99
CA GLU D 661 0.15 -51.84 -14.73
C GLU D 661 0.93 -50.93 -13.75
N TYR D 662 0.20 -50.07 -13.04
CA TYR D 662 0.80 -49.08 -12.13
C TYR D 662 0.19 -49.05 -10.72
N LEU D 663 1.03 -48.79 -9.72
CA LEU D 663 0.53 -48.66 -8.36
C LEU D 663 1.13 -47.41 -7.77
N LEU D 664 0.29 -46.45 -7.46
CA LEU D 664 0.79 -45.19 -6.90
C LEU D 664 0.50 -45.06 -5.40
N ILE D 665 1.55 -44.89 -4.59
CA ILE D 665 1.32 -44.74 -3.16
C ILE D 665 1.95 -43.45 -2.62
N HIS D 666 1.31 -42.85 -1.62
CA HIS D 666 1.80 -41.61 -1.04
C HIS D 666 1.11 -41.31 0.29
N GLY D 667 1.90 -40.92 1.28
CA GLY D 667 1.34 -40.60 2.58
C GLY D 667 0.70 -39.24 2.52
N THR D 668 -0.45 -39.09 3.15
CA THR D 668 -1.16 -37.81 3.14
C THR D 668 -0.50 -36.72 3.98
N ALA D 669 0.58 -37.06 4.67
CA ALA D 669 1.26 -36.08 5.51
C ALA D 669 2.72 -36.04 5.14
N ASP D 670 2.99 -35.94 3.85
CA ASP D 670 4.37 -35.91 3.39
C ASP D 670 4.93 -34.49 3.27
N ASP D 671 5.57 -34.00 4.32
CA ASP D 671 6.13 -32.67 4.27
C ASP D 671 7.15 -32.49 3.14
N ASN D 672 7.94 -33.51 2.89
CA ASN D 672 8.97 -33.48 1.86
C ASN D 672 8.32 -33.43 0.46
N VAL D 673 7.98 -34.59 -0.07
CA VAL D 673 7.34 -34.71 -1.36
C VAL D 673 5.83 -34.64 -1.15
N HIS D 674 5.30 -33.45 -0.91
CA HIS D 674 3.86 -33.30 -0.65
C HIS D 674 2.97 -34.24 -1.45
N PHE D 675 1.83 -34.58 -0.88
CA PHE D 675 0.87 -35.48 -1.53
C PHE D 675 0.50 -34.94 -2.91
N GLN D 676 0.37 -33.62 -2.96
CA GLN D 676 0.03 -32.89 -4.16
C GLN D 676 0.63 -33.54 -5.40
N GLN D 677 1.84 -34.08 -5.25
CA GLN D 677 2.55 -34.71 -6.36
C GLN D 677 1.83 -35.93 -6.97
N SER D 678 1.42 -36.87 -6.13
CA SER D 678 0.72 -38.04 -6.62
C SER D 678 -0.67 -37.60 -7.02
N ALA D 679 -1.26 -36.72 -6.21
CA ALA D 679 -2.60 -36.23 -6.49
C ALA D 679 -2.69 -35.65 -7.89
N GLN D 680 -1.58 -35.15 -8.43
CA GLN D 680 -1.57 -34.56 -9.79
C GLN D 680 -1.30 -35.63 -10.84
N ILE D 681 -0.68 -36.72 -10.42
CA ILE D 681 -0.39 -37.83 -11.31
C ILE D 681 -1.71 -38.54 -11.48
N SER D 682 -2.38 -38.78 -10.37
CA SER D 682 -3.67 -39.46 -10.38
C SER D 682 -4.66 -38.74 -11.29
N LYS D 683 -5.02 -37.52 -10.91
CA LYS D 683 -5.97 -36.72 -11.68
C LYS D 683 -5.61 -36.73 -13.15
N ALA D 684 -4.32 -36.79 -13.45
CA ALA D 684 -3.87 -36.81 -14.83
C ALA D 684 -4.15 -38.13 -15.51
N LEU D 685 -4.02 -39.23 -14.78
CA LEU D 685 -4.28 -40.54 -15.36
C LEU D 685 -5.78 -40.68 -15.57
N VAL D 686 -6.56 -40.07 -14.68
CA VAL D 686 -8.00 -40.10 -14.80
C VAL D 686 -8.41 -39.36 -16.07
N ASP D 687 -7.90 -38.14 -16.23
CA ASP D 687 -8.19 -37.34 -17.41
C ASP D 687 -8.05 -38.14 -18.69
N VAL D 688 -7.12 -39.08 -18.74
CA VAL D 688 -6.95 -39.87 -19.95
C VAL D 688 -7.51 -41.25 -19.84
N GLY D 689 -8.35 -41.46 -18.83
CA GLY D 689 -8.97 -42.76 -18.65
C GLY D 689 -8.03 -43.94 -18.53
N VAL D 690 -6.98 -43.78 -17.75
CA VAL D 690 -6.01 -44.84 -17.54
C VAL D 690 -6.26 -45.53 -16.20
N ASP D 691 -6.50 -46.84 -16.19
CA ASP D 691 -6.71 -47.51 -14.91
C ASP D 691 -5.37 -47.66 -14.19
N PHE D 692 -5.41 -47.80 -12.88
CA PHE D 692 -4.20 -48.00 -12.11
C PHE D 692 -4.62 -48.25 -10.67
N GLN D 693 -3.73 -48.80 -9.84
CA GLN D 693 -4.07 -49.02 -8.45
C GLN D 693 -3.50 -47.87 -7.67
N ALA D 694 -4.21 -47.45 -6.62
CA ALA D 694 -3.75 -46.36 -5.76
C ALA D 694 -3.73 -46.82 -4.32
N MET D 695 -3.21 -45.97 -3.44
CA MET D 695 -3.17 -46.33 -2.04
C MET D 695 -2.56 -45.22 -1.25
N TRP D 696 -3.35 -44.59 -0.40
CA TRP D 696 -2.82 -43.50 0.40
C TRP D 696 -2.55 -44.03 1.77
N TYR D 697 -1.80 -43.29 2.56
CA TYR D 697 -1.55 -43.72 3.93
C TYR D 697 -1.70 -42.56 4.87
N THR D 698 -2.90 -42.49 5.43
CA THR D 698 -3.32 -41.49 6.39
C THR D 698 -2.23 -41.08 7.38
N ASP D 699 -1.87 -39.81 7.36
CA ASP D 699 -0.85 -39.25 8.24
C ASP D 699 0.54 -39.87 8.23
N GLU D 700 0.90 -40.58 7.16
CA GLU D 700 2.26 -41.14 7.07
C GLU D 700 3.07 -40.09 6.32
N ASP D 701 4.34 -39.92 6.69
CA ASP D 701 5.10 -38.94 5.98
C ASP D 701 5.83 -39.51 4.79
N HIS D 702 6.94 -38.86 4.43
CA HIS D 702 7.73 -39.23 3.27
C HIS D 702 8.34 -40.59 3.41
N GLY D 703 8.38 -41.09 4.64
CA GLY D 703 8.96 -42.39 4.87
C GLY D 703 8.01 -43.52 5.12
N ILE D 704 6.71 -43.25 5.31
CA ILE D 704 5.73 -44.30 5.61
C ILE D 704 6.48 -45.33 6.43
N ALA D 705 6.90 -44.89 7.61
CA ALA D 705 7.69 -45.74 8.46
C ALA D 705 6.99 -46.26 9.69
N SER D 706 5.90 -45.64 10.09
CA SER D 706 5.22 -46.16 11.26
C SER D 706 5.23 -47.66 11.11
N SER D 707 5.33 -48.37 12.23
CA SER D 707 5.42 -49.82 12.21
C SER D 707 4.38 -50.60 11.41
N THR D 708 3.12 -50.21 11.57
CA THR D 708 2.03 -50.88 10.87
C THR D 708 1.95 -50.53 9.39
N ALA D 709 2.16 -49.27 9.05
CA ALA D 709 2.14 -48.82 7.68
C ALA D 709 3.28 -49.55 6.99
N HIS D 710 4.48 -49.45 7.56
CA HIS D 710 5.67 -50.10 7.00
C HIS D 710 5.32 -51.52 6.59
N GLN D 711 4.70 -52.25 7.51
CA GLN D 711 4.30 -53.60 7.26
C GLN D 711 3.24 -53.64 6.16
N HIS D 712 2.22 -52.80 6.29
CA HIS D 712 1.13 -52.75 5.34
C HIS D 712 1.58 -52.44 3.92
N ILE D 713 2.39 -51.40 3.76
CA ILE D 713 2.85 -51.06 2.42
C ILE D 713 3.59 -52.26 1.79
N TYR D 714 4.65 -52.74 2.43
CA TYR D 714 5.38 -53.86 1.86
C TYR D 714 4.53 -55.07 1.50
N THR D 715 3.36 -55.20 2.10
CA THR D 715 2.47 -56.34 1.83
C THR D 715 1.57 -56.03 0.66
N HIS D 716 1.19 -54.76 0.54
CA HIS D 716 0.33 -54.35 -0.54
C HIS D 716 1.14 -54.44 -1.83
N MET D 717 2.38 -53.96 -1.78
CA MET D 717 3.28 -53.98 -2.94
C MET D 717 3.67 -55.39 -3.31
N SER D 718 3.82 -56.24 -2.31
CA SER D 718 4.19 -57.62 -2.53
C SER D 718 3.12 -58.34 -3.33
N HIS D 719 1.86 -58.08 -3.06
CA HIS D 719 0.79 -58.74 -3.80
C HIS D 719 0.83 -58.22 -5.24
N PHE D 720 1.01 -56.90 -5.38
CA PHE D 720 1.10 -56.24 -6.68
C PHE D 720 2.12 -56.91 -7.59
N ILE D 721 3.19 -57.40 -6.99
CA ILE D 721 4.27 -58.03 -7.72
C ILE D 721 4.00 -59.49 -8.01
N LYS D 722 3.53 -60.23 -7.02
CA LYS D 722 3.27 -61.64 -7.24
C LYS D 722 2.18 -61.76 -8.24
N GLN D 723 1.26 -60.82 -8.18
CA GLN D 723 0.14 -60.83 -9.10
C GLN D 723 0.63 -60.50 -10.51
N CYS D 724 1.38 -59.41 -10.67
CA CYS D 724 1.92 -58.98 -11.97
C CYS D 724 2.77 -60.09 -12.61
N PHE D 725 3.51 -60.83 -11.80
CA PHE D 725 4.33 -61.92 -12.34
C PHE D 725 3.61 -63.27 -12.31
N SER D 726 2.29 -63.23 -12.11
CA SER D 726 1.44 -64.44 -12.02
C SER D 726 2.28 -65.70 -11.68
N LEU D 727 2.63 -65.85 -10.39
CA LEU D 727 3.43 -67.02 -9.97
C LEU D 727 2.56 -68.21 -9.52
N PRO D 728 1.61 -67.97 -8.59
CA PRO D 728 1.30 -66.70 -7.94
C PRO D 728 2.12 -66.39 -6.67
C1 13Z E . 24.21 40.64 1.10
C2 13Z E . 23.49 42.00 1.16
C3 13Z E . 24.52 42.95 1.74
C4 13Z E . 25.49 42.12 2.56
C5 13Z E . 25.84 39.58 2.77
C6 13Z E . 26.88 39.76 3.86
C7 13Z E . 24.82 40.36 -0.33
N1 13Z E . 25.24 40.71 2.19
N2 13Z E . 25.32 37.85 -0.07
N3 13Z E . 26.36 37.06 -0.50
N4 13Z E . 27.70 38.51 3.99
C8 13Z E . 25.57 39.06 -0.49
C10 13Z E . 28.48 37.57 -1.88
F1 13Z E . 25.13 43.55 0.71
O1 13Z E . 25.56 38.44 2.46
O2 13Z E . 25.72 41.39 -0.72
C9 13Z E . 27.17 37.85 -1.17
O3 13Z E . 26.74 39.13 -1.20
C12 13Z E . 29.64 38.30 -1.16
C14 13Z E . 28.39 38.07 -3.34
C16 13Z E . 28.77 36.06 -1.92
C11 13Z E . 29.22 38.50 3.85
C13 13Z E . 29.80 39.84 3.37
C15 13Z E . 29.80 38.09 5.23
C17 13Z E . 29.56 37.42 2.81
O4 13Z E . 28.83 37.38 6.00
C1 13Z F . -12.38 32.55 -5.85
C2 13Z F . -11.71 31.20 -6.14
C3 13Z F . -12.83 30.21 -6.14
C4 13Z F . -13.89 30.78 -5.23
C5 13Z F . -14.28 33.08 -4.18
C6 13Z F . -15.47 32.53 -3.40
C7 13Z F . -12.67 33.36 -7.18
N1 13Z F . -13.58 32.19 -5.04
N2 13Z F . -13.26 35.61 -6.11
N3 13Z F . -14.05 36.68 -6.52
N4 13Z F . -16.65 32.29 -4.29
C8 13Z F . -13.32 34.71 -7.06
C10 13Z F . -15.45 37.15 -8.64
F1 13Z F . -13.27 30.12 -7.41
O1 13Z F . -13.97 34.24 -4.03
O2 13Z F . -13.58 32.61 -8.00
C9 13Z F . -14.53 36.37 -7.71
O3 13Z F . -14.10 35.13 -8.11
C12 13Z F . -16.88 36.59 -8.59
C14 13Z F . -14.93 37.07 -10.09
C16 13Z F . -15.49 38.64 -8.25
C11 13Z F . -17.95 33.02 -4.13
C13 13Z F . -19.04 32.19 -4.80
C15 13Z F . -18.29 33.21 -2.63
C17 13Z F . -17.81 34.39 -4.85
O4 13Z F . -17.63 34.36 -2.10
C1 13Z G . -24.49 -38.57 2.90
C2 13Z G . -23.89 -39.22 4.17
C3 13Z G . -24.96 -39.23 5.20
C4 13Z G . -25.92 -38.16 4.83
C5 13Z G . -26.31 -36.76 2.72
C6 13Z G . -27.46 -36.05 3.44
C7 13Z G . -24.92 -39.64 1.80
N1 13Z G . -25.63 -37.76 3.44
N2 13Z G . -25.09 -38.05 -0.18
N3 13Z G . -25.94 -37.93 -1.27
N4 13Z G . -28.13 -35.02 2.58
C8 13Z G . -25.50 -39.08 0.51
C10 13Z G . -28.00 -39.26 -2.12
F1 13Z G . -25.53 -40.44 5.15
O1 13Z G . -26.05 -36.44 1.55
O2 13Z G . -25.88 -40.60 2.30
C9 13Z G . -26.83 -38.91 -1.18
O3 13Z G . -26.61 -39.69 -0.05
C12 13Z G . -29.31 -39.39 -1.33
C14 13Z G . -27.73 -40.58 -2.84
C16 13Z G . -28.17 -38.17 -3.19
C11 13Z G . -29.54 -35.20 2.08
C13 13Z G . -30.38 -36.12 2.96
C15 13Z G . -30.16 -33.80 1.99
C17 13Z G . -29.44 -35.83 0.69
O4 13Z G . -29.35 -32.93 1.21
C1 13Z H . 13.04 -36.79 -2.37
C2 13Z H . 12.50 -36.32 -3.73
C3 13Z H . 13.66 -35.69 -4.44
C4 13Z H . 14.62 -35.23 -3.37
C5 13Z H . 14.81 -35.68 -0.89
C6 13Z H . 15.98 -34.74 -0.84
C7 13Z H . 13.39 -38.32 -2.37
N1 13Z H . 14.21 -35.89 -2.13
N2 13Z H . 13.52 -38.81 0.15
N3 13Z H . 14.33 -39.60 0.94
N4 13Z H . 16.79 -35.00 0.38
C8 13Z H . 13.91 -38.95 -1.07
C10 13Z H . 16.34 -41.10 0.44
F1 13Z H . 14.22 -36.61 -5.21
O1 13Z H . 14.44 -36.22 0.16
O2 13Z H . 14.45 -38.53 -3.34
C9 13Z H . 15.20 -40.16 0.14
O3 13Z H . 15.00 -39.80 -1.15
C12 13Z H . 17.65 -40.57 -0.17
C14 13Z H . 16.03 -42.50 -0.13
C16 13Z H . 16.55 -41.24 1.97
C11 13Z H . 18.17 -35.57 0.31
C13 13Z H . 18.56 -35.93 -1.12
C15 13Z H . 19.12 -34.53 0.92
C17 13Z H . 18.15 -36.86 1.15
O4 13Z H . 18.49 -33.25 1.00
#